data_6UAP
#
_entry.id   6UAP
#
_cell.length_a   134.777
_cell.length_b   157.877
_cell.length_c   166.690
_cell.angle_alpha   90.000
_cell.angle_beta   90.000
_cell.angle_gamma   90.000
#
_symmetry.space_group_name_H-M   'P 21 21 21'
#
loop_
_entity.id
_entity.type
_entity.pdbx_description
1 polymer 'Tryptophan synthase alpha chain'
2 polymer 'Tryptophan synthase beta chain'
3 non-polymer 'FORMIC ACID'
4 non-polymer 1,2-ETHANEDIOL
5 non-polymer "(2R,3S,4R)-3-(4'-chloro-2',6'-difluoro[1,1'-biphenyl]-4-yl)-4-(fluoromethyl)azetidine-2-carbonitrile"
6 non-polymer 'MALONIC ACID'
7 non-polymer D-MALATE
8 non-polymer 'ACETATE ION'
9 water water
#
loop_
_entity_poly.entity_id
_entity_poly.type
_entity_poly.pdbx_seq_one_letter_code
_entity_poly.pdbx_strand_id
1 'polypeptide(L)'
;MVAVEQSEASRLGPVFDSCRANNRAALIGYLPTGYPDVPASVAAMTALVESGCDIIEVGVPYSDPGMDGPTIARATEAAL
RGGVRVRDTLAAVEAISIAGGRAVVMTYWNPVLRYGVDAFARDLAAAGGLGLITPDLIPDEAQQWLAASEEHRLDRIFLV
APSSTPERLAATVEASRGFVYAASTMGVTGARDAVSQAAPELVGRVKAVSDIPVGVGLGVRSRAQAAQIAQYADGVIVGS
ALVTALTEGLPRLRALTGELAAGVRLGMSAHHHHHH
;
A,C,E,G
2 'polypeptide(L)'
;MSAAIAEPTSHDPDSGGHFGGPSGWGGRYVPEALMAVIEEVTAAYQKERVSQDFLDDLDRLQANYAGRPSPLYEATRLSQ
HAGSARIFLKREDLNHTGSH(LLP)INNVLGQALLARRMGKTRVIAETGAGQHGVATATACALLGLDCVIYMGGIDTARQ
ALNVARMRLLGAEVVAVQTGSKTLKDAINEAFRDWVANADNTYYCFGTAAGPHPFPTMVRDFQRIIGMEARVQIQGQAGR
LPDAVVACVGGGSNAIGIFHAFLDDPGVRLVGFEAAGDGVETGRHAATFTAGSPGAFHGSFSYLLQDEDGQTIESHSISA
GLDYPGVGPEHAWLKEAGRVDYRPITDSEAMDAFGLLCRMEGIIPAIESAHAVAGALKLGVELGRGAVIVVNLSGRGDKD
VETAAKWFGLLGND
;
B,D,F,H
#
# COMPACT_ATOMS: atom_id res chain seq x y z
N GLU A 8 -23.86 32.50 -49.04
CA GLU A 8 -23.26 31.95 -50.24
C GLU A 8 -23.43 30.43 -50.28
N ALA A 9 -23.59 29.87 -51.48
CA ALA A 9 -23.87 28.46 -51.65
C ALA A 9 -22.58 27.67 -51.89
N SER A 10 -22.63 26.39 -51.52
CA SER A 10 -21.48 25.52 -51.67
C SER A 10 -21.30 25.14 -53.15
N ARG A 11 -20.12 24.57 -53.46
CA ARG A 11 -19.83 24.18 -54.83
C ARG A 11 -20.69 23.01 -55.28
N LEU A 12 -20.98 22.09 -54.37
CA LEU A 12 -21.81 20.92 -54.69
C LEU A 12 -23.29 21.17 -54.47
N GLY A 13 -23.66 22.35 -53.98
CA GLY A 13 -25.04 22.72 -53.75
C GLY A 13 -25.95 22.52 -54.96
N PRO A 14 -25.63 23.15 -56.09
CA PRO A 14 -26.50 23.02 -57.27
C PRO A 14 -26.63 21.60 -57.80
N VAL A 15 -25.67 20.73 -57.51
CA VAL A 15 -25.74 19.35 -58.01
C VAL A 15 -26.87 18.60 -57.31
N PHE A 16 -26.97 18.73 -55.98
CA PHE A 16 -28.04 18.07 -55.25
C PHE A 16 -29.39 18.73 -55.52
N ASP A 17 -29.40 20.05 -55.74
CA ASP A 17 -30.63 20.73 -56.14
C ASP A 17 -31.18 20.14 -57.43
N SER A 18 -30.29 19.93 -58.43
CA SER A 18 -30.71 19.36 -59.69
C SER A 18 -31.15 17.92 -59.51
N CYS A 19 -30.43 17.15 -58.69
CA CYS A 19 -30.81 15.76 -58.44
C CYS A 19 -32.16 15.67 -57.74
N ARG A 20 -32.40 16.56 -56.77
CA ARG A 20 -33.68 16.57 -56.07
C ARG A 20 -34.83 16.95 -56.99
N ALA A 21 -34.57 17.83 -57.98
CA ALA A 21 -35.62 18.23 -58.91
C ALA A 21 -36.02 17.09 -59.84
N ASN A 22 -35.06 16.21 -60.18
CA ASN A 22 -35.34 15.07 -61.04
C ASN A 22 -35.70 13.82 -60.24
N ASN A 23 -36.04 13.98 -58.96
CA ASN A 23 -36.52 12.89 -58.10
C ASN A 23 -35.51 11.74 -58.07
N ARG A 24 -34.28 12.07 -57.67
CA ARG A 24 -33.24 11.07 -57.59
C ARG A 24 -32.19 11.52 -56.58
N ALA A 25 -31.28 10.61 -56.27
CA ALA A 25 -30.12 10.90 -55.45
C ALA A 25 -28.88 11.02 -56.33
N ALA A 26 -27.89 11.75 -55.83
CA ALA A 26 -26.63 11.89 -56.53
C ALA A 26 -25.84 10.59 -56.42
N LEU A 27 -25.28 10.13 -57.54
CA LEU A 27 -24.38 8.99 -57.53
C LEU A 27 -22.96 9.50 -57.33
N ILE A 28 -22.31 9.05 -56.27
CA ILE A 28 -20.97 9.51 -55.91
C ILE A 28 -20.05 8.30 -55.98
N GLY A 29 -19.10 8.34 -56.91
CA GLY A 29 -18.20 7.23 -57.17
C GLY A 29 -16.78 7.54 -56.74
N TYR A 30 -16.14 6.57 -56.10
CA TYR A 30 -14.78 6.68 -55.61
C TYR A 30 -13.84 5.81 -56.44
N LEU A 31 -12.66 6.33 -56.73
CA LEU A 31 -11.59 5.58 -57.37
C LEU A 31 -10.26 6.12 -56.88
N PRO A 32 -9.32 5.26 -56.53
CA PRO A 32 -8.00 5.73 -56.09
C PRO A 32 -7.08 6.03 -57.28
N THR A 33 -6.37 7.15 -57.19
CA THR A 33 -5.45 7.53 -58.25
C THR A 33 -4.33 6.53 -58.38
N GLY A 34 -4.01 6.14 -59.60
CA GLY A 34 -2.85 5.32 -59.88
C GLY A 34 -3.08 3.83 -59.83
N TYR A 35 -4.32 3.36 -59.73
CA TYR A 35 -4.61 1.94 -59.80
C TYR A 35 -5.35 1.62 -61.09
N PRO A 36 -4.86 0.70 -61.93
CA PRO A 36 -3.61 -0.06 -61.77
C PRO A 36 -2.37 0.80 -61.98
N ASP A 37 -2.45 1.72 -62.92
CA ASP A 37 -1.45 2.77 -63.10
C ASP A 37 -2.19 4.10 -63.20
N VAL A 38 -1.42 5.19 -63.28
CA VAL A 38 -2.00 6.52 -63.28
C VAL A 38 -2.83 6.76 -64.54
N PRO A 39 -2.32 6.48 -65.75
CA PRO A 39 -3.18 6.65 -66.93
C PRO A 39 -4.43 5.78 -66.91
N ALA A 40 -4.32 4.53 -66.45
CA ALA A 40 -5.47 3.63 -66.45
C ALA A 40 -6.53 4.10 -65.46
N SER A 41 -6.11 4.66 -64.31
CA SER A 41 -7.08 5.17 -63.35
C SER A 41 -7.76 6.43 -63.88
N VAL A 42 -7.01 7.28 -64.59
CA VAL A 42 -7.60 8.48 -65.18
C VAL A 42 -8.63 8.09 -66.24
N ALA A 43 -8.33 7.06 -67.03
CA ALA A 43 -9.30 6.57 -67.99
C ALA A 43 -10.55 6.05 -67.29
N ALA A 44 -10.39 5.40 -66.14
CA ALA A 44 -11.53 4.87 -65.41
C ALA A 44 -12.35 5.99 -64.78
N MET A 45 -11.68 7.00 -64.23
CA MET A 45 -12.41 8.15 -63.69
C MET A 45 -13.15 8.89 -64.79
N THR A 46 -12.56 8.96 -65.99
CA THR A 46 -13.26 9.54 -67.13
C THR A 46 -14.47 8.70 -67.51
N ALA A 47 -14.33 7.37 -67.46
CA ALA A 47 -15.45 6.49 -67.78
C ALA A 47 -16.59 6.67 -66.79
N LEU A 48 -16.28 6.94 -65.52
CA LEU A 48 -17.32 7.17 -64.53
C LEU A 48 -18.17 8.37 -64.89
N VAL A 49 -17.53 9.46 -65.35
CA VAL A 49 -18.27 10.64 -65.78
C VAL A 49 -19.15 10.29 -66.97
N GLU A 50 -18.61 9.54 -67.94
CA GLU A 50 -19.37 9.17 -69.12
C GLU A 50 -20.54 8.26 -68.81
N SER A 51 -20.50 7.54 -67.69
CA SER A 51 -21.49 6.52 -67.37
C SER A 51 -22.51 6.95 -66.33
N GLY A 52 -22.53 8.22 -65.97
CA GLY A 52 -23.56 8.76 -65.11
C GLY A 52 -23.19 9.03 -63.66
N CYS A 53 -21.92 9.23 -63.34
CA CYS A 53 -21.50 9.58 -61.99
C CYS A 53 -21.61 11.09 -61.81
N ASP A 54 -22.41 11.52 -60.83
CA ASP A 54 -22.62 12.95 -60.62
C ASP A 54 -21.40 13.58 -59.95
N ILE A 55 -20.80 12.89 -58.98
CA ILE A 55 -19.61 13.36 -58.28
C ILE A 55 -18.59 12.23 -58.26
N ILE A 56 -17.32 12.59 -58.48
CA ILE A 56 -16.22 11.64 -58.43
C ILE A 56 -15.41 11.91 -57.17
N GLU A 57 -15.10 10.85 -56.42
CA GLU A 57 -14.19 10.91 -55.29
C GLU A 57 -12.82 10.43 -55.77
N VAL A 58 -11.86 11.35 -55.82
CA VAL A 58 -10.51 11.04 -56.25
C VAL A 58 -9.69 10.74 -55.00
N GLY A 59 -9.36 9.46 -54.81
CA GLY A 59 -8.67 9.03 -53.60
C GLY A 59 -7.16 9.14 -53.75
N VAL A 60 -6.53 9.76 -52.76
CA VAL A 60 -5.07 9.86 -52.70
C VAL A 60 -4.56 8.62 -51.95
N PRO A 61 -3.84 7.72 -52.61
CA PRO A 61 -3.33 6.53 -51.92
C PRO A 61 -2.39 6.92 -50.78
N TYR A 62 -2.59 6.30 -49.63
CA TYR A 62 -1.82 6.59 -48.43
C TYR A 62 -1.24 5.29 -47.88
N SER A 63 -0.02 5.38 -47.34
CA SER A 63 0.70 4.19 -46.91
C SER A 63 0.04 3.48 -45.74
N ASP A 64 -0.74 4.19 -44.93
CA ASP A 64 -1.38 3.62 -43.74
C ASP A 64 -2.84 4.06 -43.70
N PRO A 65 -3.68 3.49 -44.58
CA PRO A 65 -5.08 3.90 -44.62
C PRO A 65 -5.97 3.04 -43.71
N GLY A 66 -6.21 3.52 -42.49
CA GLY A 66 -6.92 2.72 -41.52
C GLY A 66 -8.41 2.61 -41.78
N MET A 67 -9.01 3.64 -42.37
CA MET A 67 -10.45 3.61 -42.65
C MET A 67 -10.79 2.82 -43.91
N ASP A 68 -9.80 2.44 -44.71
CA ASP A 68 -10.06 1.75 -45.96
C ASP A 68 -10.26 0.26 -45.75
N GLY A 69 -11.23 -0.31 -46.47
CA GLY A 69 -11.44 -1.73 -46.46
C GLY A 69 -10.41 -2.46 -47.28
N PRO A 70 -10.49 -3.79 -47.26
CA PRO A 70 -9.45 -4.60 -47.94
C PRO A 70 -9.36 -4.34 -49.43
N THR A 71 -10.48 -4.08 -50.10
CA THR A 71 -10.44 -3.84 -51.53
C THR A 71 -9.71 -2.54 -51.86
N ILE A 72 -10.03 -1.46 -51.16
CA ILE A 72 -9.33 -0.20 -51.36
C ILE A 72 -7.89 -0.31 -50.88
N ALA A 73 -7.67 -1.05 -49.80
CA ALA A 73 -6.32 -1.14 -49.22
C ALA A 73 -5.37 -1.86 -50.18
N ARG A 74 -5.80 -2.96 -50.78
CA ARG A 74 -4.95 -3.65 -51.75
C ARG A 74 -4.76 -2.81 -53.01
N ALA A 75 -5.75 -2.01 -53.38
CA ALA A 75 -5.63 -1.19 -54.58
C ALA A 75 -4.70 -0.01 -54.35
N THR A 76 -4.75 0.60 -53.15
CA THR A 76 -3.83 1.70 -52.87
C THR A 76 -2.42 1.21 -52.62
N GLU A 77 -2.26 0.00 -52.08
CA GLU A 77 -0.93 -0.60 -51.96
C GLU A 77 -0.29 -0.76 -53.33
N ALA A 78 -1.04 -1.34 -54.28
CA ALA A 78 -0.52 -1.54 -55.63
C ALA A 78 -0.24 -0.21 -56.32
N ALA A 79 -1.03 0.82 -56.03
CA ALA A 79 -0.81 2.11 -56.65
C ALA A 79 0.47 2.76 -56.14
N LEU A 80 0.77 2.58 -54.85
CA LEU A 80 2.00 3.12 -54.29
C LEU A 80 3.22 2.34 -54.74
N ARG A 81 3.06 1.02 -54.92
CA ARG A 81 4.13 0.22 -55.51
C ARG A 81 4.47 0.71 -56.92
N GLY A 82 3.46 1.16 -57.66
CA GLY A 82 3.67 1.76 -58.97
C GLY A 82 4.26 3.15 -58.95
N GLY A 83 4.45 3.74 -57.75
CA GLY A 83 5.07 5.04 -57.65
C GLY A 83 4.14 6.21 -57.80
N VAL A 84 2.86 6.06 -57.43
CA VAL A 84 1.91 7.15 -57.59
C VAL A 84 2.30 8.31 -56.67
N ARG A 85 2.05 9.53 -57.15
CA ARG A 85 2.36 10.73 -56.41
C ARG A 85 1.10 11.50 -56.08
N VAL A 86 1.21 12.43 -55.13
CA VAL A 86 0.07 13.28 -54.79
C VAL A 86 -0.30 14.18 -55.96
N ARG A 87 0.69 14.65 -56.70
CA ARG A 87 0.41 15.49 -57.86
C ARG A 87 -0.36 14.73 -58.93
N ASP A 88 -0.25 13.40 -58.95
CA ASP A 88 -1.05 12.61 -59.87
C ASP A 88 -2.53 12.73 -59.57
N THR A 89 -2.89 12.99 -58.31
CA THR A 89 -4.29 13.18 -57.96
C THR A 89 -4.81 14.52 -58.49
N LEU A 90 -3.98 15.57 -58.41
CA LEU A 90 -4.38 16.86 -58.97
C LEU A 90 -4.53 16.77 -60.48
N ALA A 91 -3.68 15.98 -61.14
CA ALA A 91 -3.82 15.79 -62.57
C ALA A 91 -5.10 15.06 -62.92
N ALA A 92 -5.46 14.07 -62.10
CA ALA A 92 -6.73 13.36 -62.30
C ALA A 92 -7.92 14.31 -62.15
N VAL A 93 -7.84 15.24 -61.20
CA VAL A 93 -8.91 16.22 -61.03
C VAL A 93 -9.03 17.11 -62.26
N GLU A 94 -7.89 17.49 -62.86
CA GLU A 94 -7.92 18.24 -64.11
C GLU A 94 -8.62 17.45 -65.21
N ALA A 95 -8.26 16.16 -65.34
CA ALA A 95 -8.86 15.33 -66.38
C ALA A 95 -10.36 15.18 -66.18
N ILE A 96 -10.80 15.05 -64.92
CA ILE A 96 -12.23 14.91 -64.65
C ILE A 96 -12.96 16.21 -64.96
N SER A 97 -12.35 17.35 -64.64
CA SER A 97 -12.94 18.64 -65.00
C SER A 97 -13.01 18.80 -66.52
N ILE A 98 -11.95 18.39 -67.22
CA ILE A 98 -11.95 18.46 -68.68
C ILE A 98 -13.03 17.58 -69.27
N ALA A 99 -13.21 16.38 -68.71
CA ALA A 99 -14.27 15.49 -69.20
C ALA A 99 -15.66 15.96 -68.82
N GLY A 100 -15.83 17.16 -68.27
CA GLY A 100 -17.15 17.64 -67.91
C GLY A 100 -17.72 17.04 -66.63
N GLY A 101 -16.85 16.64 -65.71
CA GLY A 101 -17.28 16.05 -64.45
C GLY A 101 -17.05 16.98 -63.28
N ARG A 102 -17.40 16.45 -62.10
CA ARG A 102 -17.24 17.17 -60.84
C ARG A 102 -16.49 16.26 -59.87
N ALA A 103 -15.35 16.74 -59.38
CA ALA A 103 -14.44 15.92 -58.60
C ALA A 103 -14.15 16.57 -57.25
N VAL A 104 -14.23 15.77 -56.19
CA VAL A 104 -13.67 16.12 -54.90
C VAL A 104 -12.56 15.10 -54.59
N VAL A 105 -11.70 15.46 -53.65
CA VAL A 105 -10.56 14.61 -53.28
C VAL A 105 -10.78 14.07 -51.87
N MET A 106 -10.72 12.76 -51.73
CA MET A 106 -10.72 12.10 -50.43
C MET A 106 -9.29 11.70 -50.10
N THR A 107 -8.82 12.11 -48.93
CA THR A 107 -7.42 11.91 -48.58
C THR A 107 -7.25 11.99 -47.07
N TYR A 108 -6.31 11.20 -46.58
CA TYR A 108 -5.87 11.35 -45.19
C TYR A 108 -5.08 12.66 -45.06
N TRP A 109 -5.00 13.16 -43.82
CA TRP A 109 -4.57 14.53 -43.65
C TRP A 109 -3.07 14.73 -43.74
N ASN A 110 -2.28 13.69 -43.48
CA ASN A 110 -0.82 13.88 -43.52
C ASN A 110 -0.29 14.25 -44.90
N PRO A 111 -0.72 13.62 -46.01
CA PRO A 111 -0.30 14.12 -47.33
C PRO A 111 -0.63 15.59 -47.54
N VAL A 112 -1.77 16.05 -47.05
CA VAL A 112 -2.12 17.47 -47.18
C VAL A 112 -1.17 18.32 -46.35
N LEU A 113 -0.88 17.90 -45.12
CA LEU A 113 0.08 18.62 -44.28
C LEU A 113 1.45 18.66 -44.94
N ARG A 114 1.88 17.54 -45.53
CA ARG A 114 3.15 17.52 -46.24
C ARG A 114 3.15 18.49 -47.41
N TYR A 115 2.11 18.42 -48.24
CA TYR A 115 1.98 19.33 -49.37
C TYR A 115 1.90 20.79 -48.92
N GLY A 116 1.35 21.03 -47.74
CA GLY A 116 1.00 22.37 -47.33
C GLY A 116 -0.49 22.59 -47.50
N VAL A 117 -1.19 22.91 -46.41
CA VAL A 117 -2.65 22.94 -46.45
C VAL A 117 -3.14 24.02 -47.38
N ASP A 118 -2.71 25.27 -47.17
CA ASP A 118 -3.15 26.35 -48.04
C ASP A 118 -2.70 26.14 -49.48
N ALA A 119 -1.49 25.59 -49.66
CA ALA A 119 -1.00 25.31 -51.00
C ALA A 119 -1.84 24.24 -51.68
N PHE A 120 -2.21 23.20 -50.95
CA PHE A 120 -3.00 22.12 -51.54
C PHE A 120 -4.41 22.60 -51.89
N ALA A 121 -5.00 23.44 -51.03
CA ALA A 121 -6.31 23.99 -51.35
C ALA A 121 -6.26 24.86 -52.60
N ARG A 122 -5.20 25.65 -52.74
CA ARG A 122 -5.04 26.50 -53.91
C ARG A 122 -4.89 25.68 -55.19
N ASP A 123 -3.98 24.71 -55.19
CA ASP A 123 -3.71 23.93 -56.39
C ASP A 123 -4.90 23.05 -56.75
N LEU A 124 -5.60 22.51 -55.75
CA LEU A 124 -6.78 21.70 -56.03
C LEU A 124 -7.90 22.56 -56.63
N ALA A 125 -8.11 23.75 -56.08
CA ALA A 125 -9.13 24.64 -56.62
C ALA A 125 -8.77 25.06 -58.05
N ALA A 126 -7.48 25.27 -58.31
CA ALA A 126 -7.06 25.60 -59.67
C ALA A 126 -7.33 24.44 -60.63
N ALA A 127 -7.06 23.22 -60.20
CA ALA A 127 -7.28 22.02 -61.00
C ALA A 127 -8.75 21.71 -61.24
N GLY A 128 -9.67 22.57 -60.79
CA GLY A 128 -11.09 22.33 -60.96
C GLY A 128 -11.75 21.55 -59.86
N GLY A 129 -11.02 21.24 -58.78
CA GLY A 129 -11.62 20.53 -57.67
C GLY A 129 -12.69 21.35 -56.98
N LEU A 130 -13.71 20.66 -56.47
CA LEU A 130 -14.83 21.32 -55.81
C LEU A 130 -14.83 21.17 -54.30
N GLY A 131 -14.16 20.17 -53.76
CA GLY A 131 -14.19 19.96 -52.33
C GLY A 131 -13.18 18.94 -51.88
N LEU A 132 -13.25 18.60 -50.59
CA LEU A 132 -12.29 17.73 -49.95
C LEU A 132 -12.99 16.88 -48.90
N ILE A 133 -12.79 15.57 -48.97
CA ILE A 133 -13.31 14.64 -47.97
C ILE A 133 -12.14 14.23 -47.08
N THR A 134 -12.30 14.45 -45.76
CA THR A 134 -11.22 14.27 -44.79
C THR A 134 -11.64 13.22 -43.77
N PRO A 135 -11.29 11.95 -44.00
CA PRO A 135 -11.76 10.88 -43.09
C PRO A 135 -11.08 10.86 -41.74
N ASP A 136 -9.87 11.42 -41.62
CA ASP A 136 -9.17 11.42 -40.33
C ASP A 136 -8.89 12.86 -39.86
N LEU A 137 -9.68 13.81 -40.33
CA LEU A 137 -9.63 15.19 -39.84
C LEU A 137 -11.00 15.52 -39.27
N ILE A 138 -11.08 15.62 -37.96
CA ILE A 138 -12.32 16.04 -37.29
C ILE A 138 -12.31 17.56 -37.20
N PRO A 139 -13.45 18.21 -36.97
CA PRO A 139 -13.44 19.68 -36.88
C PRO A 139 -12.54 20.23 -35.79
N ASP A 140 -12.16 19.43 -34.81
CA ASP A 140 -11.33 19.95 -33.71
C ASP A 140 -9.94 20.32 -34.18
N GLU A 141 -9.46 19.70 -35.26
CA GLU A 141 -8.13 19.95 -35.79
C GLU A 141 -8.16 20.68 -37.13
N ALA A 142 -9.30 21.25 -37.51
CA ALA A 142 -9.52 21.74 -38.87
C ALA A 142 -9.39 23.26 -38.99
N GLN A 143 -8.67 23.90 -38.07
CA GLN A 143 -8.58 25.37 -38.11
C GLN A 143 -7.91 25.83 -39.40
N GLN A 144 -6.76 25.23 -39.74
CA GLN A 144 -6.10 25.59 -41.00
C GLN A 144 -6.98 25.23 -42.20
N TRP A 145 -7.67 24.09 -42.13
CA TRP A 145 -8.48 23.64 -43.26
C TRP A 145 -9.71 24.53 -43.45
N LEU A 146 -10.33 24.96 -42.35
CA LEU A 146 -11.45 25.87 -42.47
C LEU A 146 -11.05 27.17 -43.15
N ALA A 147 -9.89 27.71 -42.79
CA ALA A 147 -9.44 28.97 -43.40
C ALA A 147 -9.13 28.77 -44.87
N ALA A 148 -8.54 27.63 -45.24
CA ALA A 148 -8.17 27.40 -46.63
C ALA A 148 -9.40 27.09 -47.49
N SER A 149 -10.40 26.41 -46.93
CA SER A 149 -11.61 26.12 -47.70
C SER A 149 -12.42 27.38 -47.96
N GLU A 150 -12.39 28.35 -47.05
CA GLU A 150 -13.05 29.62 -47.30
C GLU A 150 -12.24 30.47 -48.27
N GLU A 151 -10.92 30.37 -48.22
CA GLU A 151 -10.07 31.16 -49.13
C GLU A 151 -10.27 30.73 -50.57
N HIS A 152 -10.33 29.42 -50.82
CA HIS A 152 -10.34 28.89 -52.18
C HIS A 152 -11.68 28.24 -52.54
N ARG A 153 -12.74 28.55 -51.81
CA ARG A 153 -14.11 28.16 -52.14
C ARG A 153 -14.21 26.65 -52.41
N LEU A 154 -13.77 25.87 -51.42
CA LEU A 154 -13.82 24.41 -51.48
C LEU A 154 -14.78 23.89 -50.44
N ASP A 155 -15.56 22.89 -50.81
CA ASP A 155 -16.46 22.23 -49.87
C ASP A 155 -15.69 21.32 -48.92
N ARG A 156 -16.16 21.24 -47.69
CA ARG A 156 -15.50 20.47 -46.64
C ARG A 156 -16.46 19.38 -46.17
N ILE A 157 -16.21 18.15 -46.59
CA ILE A 157 -17.07 17.01 -46.28
C ILE A 157 -16.44 16.28 -45.10
N PHE A 158 -17.00 16.48 -43.91
CA PHE A 158 -16.62 15.71 -42.74
C PHE A 158 -17.49 14.47 -42.63
N LEU A 159 -17.10 13.56 -41.74
CA LEU A 159 -17.79 12.29 -41.57
C LEU A 159 -18.50 12.24 -40.22
N VAL A 160 -19.68 11.63 -40.22
CA VAL A 160 -20.40 11.27 -39.00
C VAL A 160 -20.59 9.77 -39.00
N ALA A 161 -20.79 9.22 -37.81
CA ALA A 161 -20.89 7.78 -37.60
C ALA A 161 -22.09 7.46 -36.73
N PRO A 162 -22.55 6.19 -36.74
CA PRO A 162 -23.65 5.82 -35.85
C PRO A 162 -23.37 6.09 -34.40
N SER A 163 -22.12 5.94 -33.96
CA SER A 163 -21.74 6.15 -32.57
C SER A 163 -21.49 7.61 -32.23
N SER A 164 -21.71 8.54 -33.16
CA SER A 164 -21.46 9.95 -32.88
C SER A 164 -22.41 10.45 -31.80
N THR A 165 -21.86 11.20 -30.85
CA THR A 165 -22.67 11.82 -29.82
C THR A 165 -23.52 12.93 -30.42
N PRO A 166 -24.66 13.26 -29.79
CA PRO A 166 -25.49 14.36 -30.33
C PRO A 166 -24.76 15.68 -30.40
N GLU A 167 -23.82 15.94 -29.49
CA GLU A 167 -23.07 17.18 -29.52
C GLU A 167 -22.07 17.19 -30.66
N ARG A 168 -21.30 16.10 -30.81
CA ARG A 168 -20.30 16.05 -31.87
C ARG A 168 -20.95 15.98 -33.25
N LEU A 169 -22.12 15.34 -33.36
CA LEU A 169 -22.80 15.27 -34.64
C LEU A 169 -23.23 16.66 -35.12
N ALA A 170 -23.83 17.44 -34.22
CA ALA A 170 -24.25 18.78 -34.60
C ALA A 170 -23.04 19.67 -34.92
N ALA A 171 -21.96 19.53 -34.16
CA ALA A 171 -20.76 20.30 -34.45
C ALA A 171 -20.15 19.91 -35.78
N THR A 172 -20.20 18.62 -36.12
CA THR A 172 -19.64 18.17 -37.39
C THR A 172 -20.50 18.63 -38.57
N VAL A 173 -21.83 18.55 -38.43
CA VAL A 173 -22.71 19.01 -39.51
C VAL A 173 -22.56 20.52 -39.69
N GLU A 174 -22.54 21.27 -38.58
CA GLU A 174 -22.35 22.71 -38.64
C GLU A 174 -21.06 23.09 -39.37
N ALA A 175 -20.02 22.29 -39.22
CA ALA A 175 -18.71 22.58 -39.79
C ALA A 175 -18.56 22.10 -41.24
N SER A 176 -19.56 21.45 -41.80
CA SER A 176 -19.47 20.88 -43.13
C SER A 176 -20.15 21.77 -44.16
N ARG A 177 -19.57 21.83 -45.36
CA ARG A 177 -20.18 22.46 -46.52
C ARG A 177 -20.20 21.46 -47.67
N GLY A 178 -21.23 21.56 -48.50
CA GLY A 178 -21.41 20.65 -49.62
C GLY A 178 -22.33 19.50 -49.27
N PHE A 179 -21.77 18.46 -48.63
CA PHE A 179 -22.57 17.41 -48.04
C PHE A 179 -21.80 16.81 -46.87
N VAL A 180 -22.49 16.06 -46.02
CA VAL A 180 -21.88 15.40 -44.88
C VAL A 180 -21.89 13.90 -45.14
N TYR A 181 -20.75 13.25 -44.87
CA TYR A 181 -20.54 11.85 -45.17
C TYR A 181 -20.97 11.01 -43.98
N ALA A 182 -21.98 10.15 -44.20
CA ALA A 182 -22.47 9.23 -43.17
C ALA A 182 -21.90 7.85 -43.47
N ALA A 183 -20.89 7.45 -42.71
CA ALA A 183 -20.16 6.21 -42.95
C ALA A 183 -20.65 5.13 -42.00
N SER A 184 -21.00 3.97 -42.56
CA SER A 184 -21.48 2.84 -41.77
C SER A 184 -21.05 1.52 -42.39
N SER A 196 -27.66 -2.73 -39.52
CA SER A 196 -28.96 -3.06 -40.09
C SER A 196 -29.74 -1.80 -40.43
N GLN A 197 -30.22 -1.10 -39.40
CA GLN A 197 -30.95 0.14 -39.56
C GLN A 197 -30.15 1.36 -39.11
N ALA A 198 -28.82 1.23 -39.03
CA ALA A 198 -28.00 2.31 -38.53
C ALA A 198 -27.93 3.46 -39.52
N ALA A 199 -27.87 3.15 -40.83
CA ALA A 199 -27.70 4.20 -41.83
C ALA A 199 -28.92 5.12 -41.91
N PRO A 200 -30.16 4.62 -42.00
CA PRO A 200 -31.30 5.56 -42.01
C PRO A 200 -31.44 6.35 -40.72
N GLU A 201 -31.16 5.73 -39.57
CA GLU A 201 -31.21 6.45 -38.30
C GLU A 201 -30.14 7.54 -38.24
N LEU A 202 -28.98 7.30 -38.84
CA LEU A 202 -27.94 8.32 -38.84
C LEU A 202 -28.33 9.50 -39.71
N VAL A 203 -28.95 9.25 -40.86
CA VAL A 203 -29.40 10.34 -41.72
C VAL A 203 -30.51 11.13 -41.04
N GLY A 204 -31.40 10.43 -40.32
CA GLY A 204 -32.45 11.14 -39.60
C GLY A 204 -31.91 12.08 -38.55
N ARG A 205 -30.80 11.71 -37.90
CA ARG A 205 -30.20 12.57 -36.89
C ARG A 205 -29.60 13.82 -37.52
N VAL A 206 -28.97 13.68 -38.69
CA VAL A 206 -28.39 14.84 -39.37
C VAL A 206 -29.49 15.76 -39.86
N LYS A 207 -30.52 15.20 -40.51
CA LYS A 207 -31.61 16.02 -41.04
C LYS A 207 -32.46 16.63 -39.93
N ALA A 208 -32.35 16.14 -38.70
CA ALA A 208 -33.07 16.74 -37.58
C ALA A 208 -32.46 18.05 -37.12
N VAL A 209 -31.22 18.34 -37.50
CA VAL A 209 -30.54 19.56 -37.08
C VAL A 209 -30.13 20.44 -38.26
N SER A 210 -30.19 19.94 -39.49
CA SER A 210 -29.75 20.72 -40.64
C SER A 210 -30.40 20.19 -41.90
N ASP A 211 -30.37 21.01 -42.94
CA ASP A 211 -30.88 20.64 -44.26
C ASP A 211 -29.75 20.34 -45.25
N ILE A 212 -28.54 20.11 -44.74
CA ILE A 212 -27.40 19.83 -45.62
C ILE A 212 -27.59 18.48 -46.28
N PRO A 213 -27.20 18.29 -47.53
CA PRO A 213 -27.26 16.96 -48.15
C PRO A 213 -26.41 15.96 -47.37
N VAL A 214 -26.86 14.70 -47.40
CA VAL A 214 -26.17 13.61 -46.70
C VAL A 214 -25.89 12.51 -47.71
N GLY A 215 -24.62 12.13 -47.83
CA GLY A 215 -24.22 10.99 -48.63
C GLY A 215 -24.01 9.78 -47.73
N VAL A 216 -24.43 8.61 -48.21
CA VAL A 216 -24.35 7.38 -47.45
C VAL A 216 -23.46 6.40 -48.18
N GLY A 217 -22.40 5.94 -47.51
CA GLY A 217 -21.60 4.83 -47.97
C GLY A 217 -21.93 3.61 -47.15
N LEU A 218 -22.20 2.49 -47.83
CA LEU A 218 -22.72 1.31 -47.15
C LEU A 218 -22.26 0.02 -47.83
N GLY A 219 -21.09 0.03 -48.45
CA GLY A 219 -20.67 -1.13 -49.22
C GLY A 219 -21.59 -1.43 -50.37
N VAL A 220 -22.05 -0.38 -51.07
CA VAL A 220 -23.00 -0.56 -52.16
C VAL A 220 -22.35 -1.37 -53.28
N ARG A 221 -23.07 -2.38 -53.75
CA ARG A 221 -22.54 -3.35 -54.70
C ARG A 221 -23.50 -3.67 -55.83
N SER A 222 -24.77 -3.31 -55.72
CA SER A 222 -25.76 -3.62 -56.75
C SER A 222 -26.71 -2.43 -56.91
N ARG A 223 -27.55 -2.53 -57.95
CA ARG A 223 -28.52 -1.46 -58.20
C ARG A 223 -29.58 -1.39 -57.09
N ALA A 224 -29.98 -2.54 -56.55
CA ALA A 224 -31.01 -2.56 -55.53
C ALA A 224 -30.55 -1.91 -54.23
N GLN A 225 -29.26 -2.04 -53.90
CA GLN A 225 -28.74 -1.39 -52.71
C GLN A 225 -28.72 0.13 -52.87
N ALA A 226 -28.38 0.61 -54.06
CA ALA A 226 -28.39 2.05 -54.31
C ALA A 226 -29.81 2.61 -54.21
N ALA A 227 -30.80 1.82 -54.63
CA ALA A 227 -32.19 2.29 -54.58
C ALA A 227 -32.69 2.39 -53.13
N GLN A 228 -32.28 1.45 -52.28
CA GLN A 228 -32.67 1.52 -50.87
C GLN A 228 -32.13 2.77 -50.20
N ILE A 229 -30.89 3.14 -50.52
CA ILE A 229 -30.26 4.30 -49.89
C ILE A 229 -30.86 5.60 -50.44
N ALA A 230 -31.20 5.62 -51.73
CA ALA A 230 -31.77 6.82 -52.33
C ALA A 230 -33.13 7.19 -51.76
N GLN A 231 -33.78 6.29 -51.02
CA GLN A 231 -35.07 6.63 -50.41
C GLN A 231 -34.91 7.71 -49.34
N TYR A 232 -33.84 7.65 -48.56
CA TYR A 232 -33.66 8.55 -47.42
C TYR A 232 -32.42 9.44 -47.52
N ALA A 233 -31.50 9.17 -48.45
CA ALA A 233 -30.26 9.92 -48.55
C ALA A 233 -30.25 10.77 -49.83
N ASP A 234 -29.48 11.86 -49.79
CA ASP A 234 -29.33 12.72 -50.95
C ASP A 234 -28.28 12.18 -51.93
N GLY A 235 -27.32 11.41 -51.44
CA GLY A 235 -26.29 10.86 -52.29
C GLY A 235 -25.91 9.44 -51.92
N VAL A 236 -25.63 8.61 -52.93
CA VAL A 236 -25.19 7.25 -52.74
C VAL A 236 -23.71 7.17 -53.07
N ILE A 237 -22.91 6.68 -52.13
CA ILE A 237 -21.45 6.65 -52.24
C ILE A 237 -21.03 5.21 -52.51
N VAL A 238 -20.38 5.00 -53.65
CA VAL A 238 -19.89 3.68 -54.07
C VAL A 238 -18.39 3.80 -54.31
N GLY A 239 -17.62 2.89 -53.72
CA GLY A 239 -16.18 2.91 -53.88
C GLY A 239 -15.55 1.54 -54.05
N SER A 240 -15.76 0.65 -53.07
CA SER A 240 -15.13 -0.66 -53.12
C SER A 240 -15.63 -1.47 -54.32
N ALA A 241 -16.92 -1.38 -54.62
CA ALA A 241 -17.45 -2.13 -55.76
C ALA A 241 -16.92 -1.62 -57.08
N LEU A 242 -16.57 -0.33 -57.16
CA LEU A 242 -16.01 0.20 -58.40
C LEU A 242 -14.59 -0.27 -58.62
N VAL A 243 -13.78 -0.32 -57.55
CA VAL A 243 -12.42 -0.84 -57.67
C VAL A 243 -12.43 -2.28 -58.13
N THR A 244 -13.35 -3.09 -57.57
CA THR A 244 -13.47 -4.48 -57.98
C THR A 244 -13.83 -4.59 -59.46
N ALA A 245 -14.73 -3.72 -59.93
CA ALA A 245 -15.12 -3.75 -61.34
C ALA A 245 -13.99 -3.29 -62.24
N LEU A 246 -13.23 -2.28 -61.80
CA LEU A 246 -12.09 -1.83 -62.60
C LEU A 246 -11.02 -2.90 -62.71
N THR A 247 -10.84 -3.70 -61.66
CA THR A 247 -9.90 -4.82 -61.74
C THR A 247 -10.32 -5.81 -62.82
N GLU A 248 -11.63 -5.95 -63.06
CA GLU A 248 -12.10 -6.74 -64.19
C GLU A 248 -11.81 -6.04 -65.51
N GLY A 249 -12.12 -4.75 -65.59
CA GLY A 249 -11.87 -3.97 -66.79
C GLY A 249 -12.83 -2.81 -66.89
N LEU A 250 -12.52 -1.90 -67.81
CA LEU A 250 -13.40 -0.76 -68.06
C LEU A 250 -14.79 -1.17 -68.53
N PRO A 251 -14.98 -2.17 -69.41
CA PRO A 251 -16.35 -2.56 -69.77
C PRO A 251 -17.20 -2.97 -68.58
N ARG A 252 -16.62 -3.69 -67.61
N ARG A 252 -16.63 -3.68 -67.61
CA ARG A 252 -17.35 -4.07 -66.41
CA ARG A 252 -17.39 -4.05 -66.43
C ARG A 252 -17.64 -2.86 -65.54
C ARG A 252 -17.62 -2.88 -65.49
N LEU A 253 -16.72 -1.89 -65.49
CA LEU A 253 -16.92 -0.69 -64.69
C LEU A 253 -18.03 0.17 -65.27
N ARG A 254 -18.05 0.31 -66.60
CA ARG A 254 -19.12 1.06 -67.25
C ARG A 254 -20.47 0.40 -67.02
N ALA A 255 -20.51 -0.93 -67.05
CA ALA A 255 -21.76 -1.65 -66.84
C ALA A 255 -22.28 -1.43 -65.42
N LEU A 256 -21.41 -1.57 -64.42
CA LEU A 256 -21.84 -1.41 -63.04
C LEU A 256 -22.29 0.02 -62.74
N THR A 257 -21.57 1.01 -63.27
CA THR A 257 -21.96 2.40 -63.03
C THR A 257 -23.32 2.72 -63.63
N GLY A 258 -23.65 2.10 -64.76
CA GLY A 258 -24.98 2.30 -65.33
C GLY A 258 -26.08 1.74 -64.44
N GLU A 259 -25.84 0.55 -63.86
CA GLU A 259 -26.79 -0.01 -62.92
C GLU A 259 -26.97 0.89 -61.70
N LEU A 260 -25.86 1.43 -61.18
CA LEU A 260 -25.95 2.31 -60.02
C LEU A 260 -26.62 3.62 -60.36
N ALA A 261 -26.37 4.15 -61.57
CA ALA A 261 -27.07 5.35 -62.00
C ALA A 261 -28.57 5.10 -62.12
N ALA A 262 -28.97 3.89 -62.51
CA ALA A 262 -30.38 3.56 -62.57
C ALA A 262 -30.98 3.41 -61.18
N GLY A 263 -30.18 2.96 -60.21
CA GLY A 263 -30.71 2.73 -58.87
C GLY A 263 -31.07 4.01 -58.13
N VAL A 264 -30.24 5.05 -58.28
CA VAL A 264 -30.50 6.30 -57.57
C VAL A 264 -31.74 7.01 -58.10
N ARG A 265 -32.16 6.70 -59.32
CA ARG A 265 -33.33 7.35 -59.91
C ARG A 265 -34.59 6.63 -59.46
N LEU A 266 -35.46 7.37 -58.75
CA LEU A 266 -36.71 6.81 -58.23
C LEU A 266 -37.90 7.08 -59.12
N GLY A 267 -37.81 8.01 -60.04
CA GLY A 267 -38.91 8.33 -60.93
C GLY A 267 -38.84 9.72 -61.53
N ILE B 5 -1.30 10.34 -3.93
CA ILE B 5 -1.68 11.71 -4.24
C ILE B 5 -1.46 12.00 -5.71
N ALA B 6 -2.44 12.66 -6.34
CA ALA B 6 -2.32 13.03 -7.74
C ALA B 6 -1.26 14.12 -7.89
N GLU B 7 -0.25 13.84 -8.70
CA GLU B 7 0.81 14.80 -8.94
C GLU B 7 0.31 15.91 -9.86
N PRO B 8 0.89 17.12 -9.76
CA PRO B 8 0.35 18.27 -10.48
C PRO B 8 0.39 18.10 -11.99
N THR B 9 -0.27 19.03 -12.67
CA THR B 9 -0.42 19.00 -14.12
C THR B 9 0.18 20.24 -14.78
N SER B 10 1.45 20.53 -14.47
CA SER B 10 2.06 21.75 -14.98
C SER B 10 2.47 21.62 -16.44
N HIS B 11 2.73 20.40 -16.91
CA HIS B 11 3.22 20.18 -18.27
C HIS B 11 2.18 19.46 -19.15
N ASP B 12 0.92 19.48 -18.75
CA ASP B 12 -0.13 18.80 -19.49
C ASP B 12 -0.50 19.56 -20.76
N PRO B 13 -1.08 18.88 -21.73
CA PRO B 13 -1.60 19.57 -22.92
C PRO B 13 -2.94 20.23 -22.60
N ASP B 14 -3.50 20.92 -23.60
CA ASP B 14 -4.80 21.54 -23.43
C ASP B 14 -5.89 20.49 -23.50
N SER B 15 -7.16 20.93 -23.37
CA SER B 15 -8.27 20.01 -23.36
C SER B 15 -8.39 19.22 -24.66
N GLY B 16 -7.85 19.76 -25.76
CA GLY B 16 -7.79 19.04 -27.01
C GLY B 16 -6.60 18.14 -27.17
N GLY B 17 -5.72 18.08 -26.18
CA GLY B 17 -4.55 17.23 -26.24
C GLY B 17 -3.36 17.84 -26.95
N HIS B 18 -3.29 19.16 -27.04
CA HIS B 18 -2.24 19.84 -27.79
C HIS B 18 -1.18 20.38 -26.84
N PHE B 19 0.08 20.11 -27.17
CA PHE B 19 1.23 20.60 -26.40
C PHE B 19 1.76 21.88 -27.03
N GLY B 20 1.92 22.91 -26.22
CA GLY B 20 2.52 24.15 -26.68
C GLY B 20 1.71 24.94 -27.69
N GLY B 21 0.40 25.07 -27.47
CA GLY B 21 -0.44 25.84 -28.34
C GLY B 21 -1.63 25.05 -28.84
N PRO B 22 -2.71 25.74 -29.20
CA PRO B 22 -3.93 25.05 -29.67
C PRO B 22 -3.78 24.40 -31.04
N SER B 23 -2.67 24.64 -31.74
CA SER B 23 -2.36 23.97 -33.00
C SER B 23 -0.99 23.32 -32.94
N GLY B 24 -0.55 22.94 -31.75
CA GLY B 24 0.75 22.35 -31.54
C GLY B 24 0.75 20.85 -31.73
N TRP B 25 1.61 20.17 -30.97
CA TRP B 25 1.80 18.75 -31.10
C TRP B 25 0.71 17.98 -30.36
N GLY B 26 0.42 16.78 -30.85
CA GLY B 26 -0.56 15.93 -30.20
C GLY B 26 -1.92 15.96 -30.86
N GLY B 27 -2.94 16.37 -30.10
CA GLY B 27 -4.28 16.42 -30.63
C GLY B 27 -4.86 15.04 -30.88
N ARG B 28 -5.90 15.01 -31.71
CA ARG B 28 -6.61 13.78 -32.05
C ARG B 28 -6.79 13.74 -33.57
N TYR B 29 -5.91 13.00 -34.25
CA TYR B 29 -6.05 12.79 -35.70
C TYR B 29 -6.61 11.40 -35.94
N VAL B 30 -7.89 11.26 -35.59
CA VAL B 30 -8.62 10.01 -35.69
C VAL B 30 -9.93 10.28 -36.41
N PRO B 31 -10.56 9.25 -36.96
CA PRO B 31 -11.88 9.43 -37.57
C PRO B 31 -12.97 9.69 -36.53
N GLU B 32 -14.05 10.30 -37.00
CA GLU B 32 -15.18 10.59 -36.11
C GLU B 32 -15.80 9.33 -35.53
N ALA B 33 -15.73 8.22 -36.28
CA ALA B 33 -16.26 6.95 -35.80
C ALA B 33 -15.61 6.47 -34.51
N LEU B 34 -14.49 7.07 -34.12
CA LEU B 34 -13.76 6.68 -32.93
C LEU B 34 -13.87 7.69 -31.79
N MET B 35 -14.42 8.87 -32.04
CA MET B 35 -14.39 9.94 -31.04
C MET B 35 -15.27 9.62 -29.83
N ALA B 36 -16.28 8.77 -30.00
CA ALA B 36 -17.14 8.43 -28.87
C ALA B 36 -16.38 7.65 -27.81
N VAL B 37 -15.60 6.65 -28.22
CA VAL B 37 -14.86 5.84 -27.26
C VAL B 37 -13.66 6.61 -26.72
N ILE B 38 -13.13 7.56 -27.48
CA ILE B 38 -12.00 8.35 -27.01
C ILE B 38 -12.46 9.36 -25.97
N GLU B 39 -13.62 9.99 -26.18
CA GLU B 39 -14.17 10.87 -25.15
C GLU B 39 -14.57 10.09 -23.91
N GLU B 40 -14.96 8.82 -24.08
CA GLU B 40 -15.29 7.99 -22.92
C GLU B 40 -14.04 7.63 -22.14
N VAL B 41 -12.97 7.24 -22.83
CA VAL B 41 -11.71 6.93 -22.16
C VAL B 41 -11.14 8.16 -21.49
N THR B 42 -11.23 9.32 -22.17
CA THR B 42 -10.71 10.55 -21.59
C THR B 42 -11.45 10.92 -20.31
N ALA B 43 -12.78 10.81 -20.32
CA ALA B 43 -13.55 11.12 -19.13
C ALA B 43 -13.27 10.12 -18.01
N ALA B 44 -13.15 8.84 -18.36
CA ALA B 44 -12.84 7.84 -17.35
C ALA B 44 -11.47 8.08 -16.73
N TYR B 45 -10.49 8.46 -17.55
CA TYR B 45 -9.14 8.65 -17.03
C TYR B 45 -9.06 9.90 -16.15
N GLN B 46 -9.74 10.99 -16.55
CA GLN B 46 -9.70 12.20 -15.74
C GLN B 46 -10.38 12.00 -14.40
N LYS B 47 -11.37 11.11 -14.33
CA LYS B 47 -12.02 10.81 -13.06
C LYS B 47 -11.12 9.95 -12.18
N GLU B 48 -10.43 8.97 -12.77
CA GLU B 48 -9.67 8.00 -11.98
C GLU B 48 -8.28 8.51 -11.62
N ARG B 49 -7.70 9.41 -12.41
CA ARG B 49 -6.36 9.91 -12.11
C ARG B 49 -6.33 10.71 -10.82
N VAL B 50 -7.48 11.14 -10.32
CA VAL B 50 -7.60 11.87 -9.06
C VAL B 50 -8.38 11.08 -8.02
N SER B 51 -8.70 9.82 -8.31
CA SER B 51 -9.40 8.95 -7.37
C SER B 51 -8.38 8.23 -6.51
N GLN B 52 -8.40 8.49 -5.20
CA GLN B 52 -7.44 7.85 -4.30
C GLN B 52 -7.61 6.33 -4.29
N ASP B 53 -8.84 5.85 -4.53
CA ASP B 53 -9.06 4.41 -4.60
C ASP B 53 -8.36 3.80 -5.80
N PHE B 54 -8.30 4.53 -6.91
CA PHE B 54 -7.62 4.03 -8.10
C PHE B 54 -6.10 4.04 -7.91
N LEU B 55 -5.58 5.14 -7.36
CA LEU B 55 -4.14 5.23 -7.12
C LEU B 55 -3.69 4.25 -6.05
N ASP B 56 -4.56 3.91 -5.10
CA ASP B 56 -4.23 2.87 -4.13
C ASP B 56 -4.22 1.50 -4.78
N ASP B 57 -5.21 1.20 -5.63
CA ASP B 57 -5.22 -0.06 -6.36
C ASP B 57 -3.97 -0.19 -7.22
N LEU B 58 -3.59 0.87 -7.92
CA LEU B 58 -2.41 0.82 -8.78
C LEU B 58 -1.14 0.68 -7.96
N ASP B 59 -1.03 1.43 -6.87
CA ASP B 59 0.13 1.32 -5.99
C ASP B 59 0.25 -0.10 -5.44
N ARG B 60 -0.88 -0.69 -5.04
CA ARG B 60 -0.87 -2.05 -4.51
C ARG B 60 -0.37 -3.05 -5.54
N LEU B 61 -0.75 -2.86 -6.81
CA LEU B 61 -0.28 -3.74 -7.86
C LEU B 61 1.18 -3.45 -8.21
N GLN B 62 1.58 -2.18 -8.22
CA GLN B 62 2.96 -1.85 -8.52
C GLN B 62 3.90 -2.41 -7.46
N ALA B 63 3.48 -2.39 -6.19
CA ALA B 63 4.36 -2.81 -5.10
C ALA B 63 4.44 -4.32 -4.99
N ASN B 64 3.31 -4.99 -4.75
CA ASN B 64 3.30 -6.41 -4.43
C ASN B 64 3.31 -7.31 -5.65
N TYR B 65 2.86 -6.84 -6.81
CA TYR B 65 2.79 -7.66 -8.00
C TYR B 65 3.91 -7.37 -9.00
N ALA B 66 4.19 -6.09 -9.26
CA ALA B 66 5.21 -5.71 -10.22
C ALA B 66 6.62 -5.68 -9.64
N GLY B 67 6.74 -5.50 -8.33
CA GLY B 67 8.04 -5.47 -7.68
C GLY B 67 8.61 -4.08 -7.43
N ARG B 68 7.82 -3.04 -7.59
CA ARG B 68 8.30 -1.68 -7.37
C ARG B 68 8.52 -1.43 -5.88
N PRO B 69 9.46 -0.53 -5.52
CA PRO B 69 10.32 0.23 -6.43
C PRO B 69 11.50 -0.55 -6.99
N SER B 70 11.86 -0.26 -8.24
CA SER B 70 13.07 -0.84 -8.80
C SER B 70 14.30 -0.11 -8.26
N PRO B 71 15.41 -0.80 -8.08
CA PRO B 71 16.59 -0.17 -7.49
C PRO B 71 17.30 0.74 -8.49
N LEU B 72 18.16 1.60 -7.94
CA LEU B 72 19.07 2.43 -8.70
C LEU B 72 20.49 1.92 -8.41
N TYR B 73 21.13 1.33 -9.42
CA TYR B 73 22.43 0.71 -9.25
C TYR B 73 23.50 1.55 -9.95
N GLU B 74 24.60 1.81 -9.25
CA GLU B 74 25.73 2.54 -9.80
C GLU B 74 26.69 1.54 -10.43
N ALA B 75 26.75 1.51 -11.77
CA ALA B 75 27.61 0.59 -12.50
C ALA B 75 29.04 1.13 -12.45
N THR B 76 29.75 0.77 -11.37
CA THR B 76 31.08 1.30 -11.15
C THR B 76 32.07 0.81 -12.20
N ARG B 77 31.90 -0.40 -12.70
CA ARG B 77 32.83 -0.97 -13.67
C ARG B 77 32.61 -0.44 -15.09
N LEU B 78 31.61 0.41 -15.29
CA LEU B 78 31.43 1.10 -16.56
C LEU B 78 32.11 2.46 -16.60
N SER B 79 32.55 2.97 -15.44
CA SER B 79 33.07 4.34 -15.37
C SER B 79 34.29 4.52 -16.28
N GLN B 80 35.12 3.49 -16.39
CA GLN B 80 36.34 3.61 -17.19
C GLN B 80 36.03 3.85 -18.66
N HIS B 81 34.88 3.37 -19.15
CA HIS B 81 34.48 3.59 -20.53
C HIS B 81 33.61 4.81 -20.72
N ALA B 82 33.19 5.47 -19.64
CA ALA B 82 32.35 6.66 -19.71
C ALA B 82 33.10 7.92 -19.30
N GLY B 83 34.38 7.99 -19.66
CA GLY B 83 35.19 9.15 -19.30
C GLY B 83 35.32 9.37 -17.81
N SER B 84 35.31 8.29 -17.03
CA SER B 84 35.36 8.33 -15.56
C SER B 84 34.13 9.01 -14.96
N ALA B 85 33.05 9.15 -15.72
CA ALA B 85 31.80 9.60 -15.15
C ALA B 85 31.16 8.47 -14.36
N ARG B 86 30.08 8.81 -13.65
CA ARG B 86 29.40 7.86 -12.76
C ARG B 86 28.05 7.50 -13.36
N ILE B 87 27.87 6.23 -13.72
CA ILE B 87 26.68 5.75 -14.40
C ILE B 87 25.78 5.07 -13.39
N PHE B 88 24.56 5.59 -13.24
CA PHE B 88 23.54 5.00 -12.38
C PHE B 88 22.44 4.43 -13.27
N LEU B 89 22.09 3.17 -13.03
CA LEU B 89 21.12 2.45 -13.85
C LEU B 89 19.81 2.30 -13.09
N LYS B 90 18.75 2.90 -13.63
CA LYS B 90 17.40 2.67 -13.13
C LYS B 90 16.95 1.29 -13.60
N ARG B 91 16.81 0.36 -12.67
CA ARG B 91 16.72 -1.07 -13.00
C ARG B 91 15.28 -1.49 -13.29
N GLU B 92 14.70 -0.89 -14.33
CA GLU B 92 13.40 -1.35 -14.79
C GLU B 92 13.45 -2.75 -15.38
N ASP B 93 14.65 -3.25 -15.68
CA ASP B 93 14.80 -4.64 -16.13
C ASP B 93 14.35 -5.64 -15.07
N LEU B 94 14.25 -5.22 -13.81
CA LEU B 94 13.85 -6.10 -12.73
C LEU B 94 12.35 -6.11 -12.48
N ASN B 95 11.58 -5.35 -13.27
CA ASN B 95 10.14 -5.40 -13.14
C ASN B 95 9.61 -6.77 -13.56
N HIS B 96 8.41 -7.09 -13.08
CA HIS B 96 7.71 -8.25 -13.57
C HIS B 96 7.52 -8.13 -15.08
N THR B 97 7.71 -9.25 -15.79
CA THR B 97 7.71 -9.37 -17.24
C THR B 97 8.98 -8.79 -17.87
N GLY B 98 9.74 -8.00 -17.12
CA GLY B 98 11.09 -7.64 -17.51
C GLY B 98 11.28 -6.30 -18.20
N SER B 99 10.26 -5.44 -18.21
CA SER B 99 10.43 -4.12 -18.80
C SER B 99 9.53 -3.12 -18.09
N HIS B 100 9.71 -1.85 -18.43
CA HIS B 100 8.90 -0.76 -17.90
C HIS B 100 7.45 -0.86 -18.34
N ILE B 102 5.22 -2.87 -17.97
CA ILE B 102 4.27 -3.39 -17.00
C ILE B 102 3.59 -2.23 -16.27
N ASN B 103 4.31 -1.12 -16.11
CA ASN B 103 3.71 0.06 -15.50
C ASN B 103 2.54 0.56 -16.31
N ASN B 104 2.66 0.52 -17.64
CA ASN B 104 1.61 1.03 -18.52
C ASN B 104 0.38 0.11 -18.49
N VAL B 105 0.58 -1.19 -18.71
CA VAL B 105 -0.55 -2.09 -18.86
C VAL B 105 -1.31 -2.28 -17.55
N LEU B 106 -0.67 -2.07 -16.40
CA LEU B 106 -1.37 -2.22 -15.13
C LEU B 106 -2.40 -1.10 -14.95
N GLY B 107 -2.01 0.14 -15.24
CA GLY B 107 -2.95 1.25 -15.11
C GLY B 107 -4.09 1.17 -16.11
N GLN B 108 -3.77 0.85 -17.37
CA GLN B 108 -4.80 0.82 -18.41
C GLN B 108 -5.76 -0.36 -18.19
N ALA B 109 -5.25 -1.49 -17.73
CA ALA B 109 -6.13 -2.62 -17.45
C ALA B 109 -7.02 -2.34 -16.25
N LEU B 110 -6.47 -1.70 -15.22
CA LEU B 110 -7.31 -1.21 -14.13
C LEU B 110 -8.36 -0.24 -14.64
N LEU B 111 -7.98 0.62 -15.58
CA LEU B 111 -8.94 1.58 -16.13
C LEU B 111 -10.01 0.88 -16.94
N ALA B 112 -9.63 -0.16 -17.69
CA ALA B 112 -10.62 -0.92 -18.45
C ALA B 112 -11.63 -1.59 -17.54
N ARG B 113 -11.18 -2.08 -16.37
CA ARG B 113 -12.11 -2.64 -15.39
C ARG B 113 -13.03 -1.55 -14.84
N ARG B 114 -12.48 -0.39 -14.51
CA ARG B 114 -13.30 0.70 -13.99
C ARG B 114 -14.38 1.12 -14.98
N MET B 115 -14.10 1.00 -16.28
CA MET B 115 -15.05 1.39 -17.33
C MET B 115 -16.07 0.30 -17.65
N GLY B 116 -15.93 -0.89 -17.08
CA GLY B 116 -16.82 -1.97 -17.46
C GLY B 116 -16.52 -2.61 -18.78
N LYS B 117 -15.38 -2.29 -19.40
CA LYS B 117 -14.96 -3.00 -20.60
C LYS B 117 -14.57 -4.43 -20.23
N THR B 118 -14.92 -5.37 -21.09
CA THR B 118 -14.63 -6.78 -20.86
C THR B 118 -13.61 -7.34 -21.84
N ARG B 119 -13.22 -6.58 -22.87
CA ARG B 119 -12.32 -7.05 -23.91
C ARG B 119 -11.23 -6.01 -24.11
N VAL B 120 -9.99 -6.48 -24.19
CA VAL B 120 -8.83 -5.61 -24.36
C VAL B 120 -8.06 -6.05 -25.60
N ILE B 121 -7.75 -5.10 -26.48
CA ILE B 121 -6.94 -5.35 -27.65
C ILE B 121 -5.67 -4.52 -27.53
N ALA B 122 -4.62 -4.97 -28.21
CA ALA B 122 -3.33 -4.29 -28.17
C ALA B 122 -2.47 -4.76 -29.33
N GLU B 123 -1.54 -3.89 -29.71
CA GLU B 123 -0.52 -4.20 -30.71
C GLU B 123 0.76 -4.67 -30.02
N THR B 124 1.68 -5.23 -30.81
CA THR B 124 2.99 -5.56 -30.29
C THR B 124 3.97 -5.68 -31.46
N GLY B 125 5.21 -5.28 -31.20
CA GLY B 125 6.24 -5.40 -32.22
C GLY B 125 6.71 -6.84 -32.38
N ALA B 126 7.71 -7.23 -31.60
CA ALA B 126 8.19 -8.60 -31.55
C ALA B 126 7.63 -9.37 -30.36
N GLY B 127 6.71 -8.77 -29.60
CA GLY B 127 6.01 -9.53 -28.58
C GLY B 127 6.01 -8.95 -27.17
N GLN B 128 6.83 -7.91 -26.93
CA GLN B 128 7.03 -7.46 -25.56
C GLN B 128 5.77 -6.87 -24.96
N HIS B 129 5.11 -5.95 -25.67
CA HIS B 129 3.92 -5.32 -25.12
C HIS B 129 2.71 -6.25 -25.15
N GLY B 130 2.64 -7.15 -26.13
CA GLY B 130 1.56 -8.12 -26.14
C GLY B 130 1.62 -9.05 -24.94
N VAL B 131 2.82 -9.48 -24.56
CA VAL B 131 2.98 -10.29 -23.36
C VAL B 131 2.59 -9.48 -22.12
N ALA B 132 2.99 -8.20 -22.08
CA ALA B 132 2.64 -7.35 -20.96
C ALA B 132 1.13 -7.17 -20.84
N THR B 133 0.47 -6.90 -21.97
CA THR B 133 -0.98 -6.74 -21.95
C THR B 133 -1.66 -8.03 -21.52
N ALA B 134 -1.27 -9.16 -22.11
CA ALA B 134 -1.87 -10.44 -21.74
C ALA B 134 -1.67 -10.75 -20.27
N THR B 135 -0.54 -10.31 -19.70
CA THR B 135 -0.29 -10.52 -18.28
C THR B 135 -1.32 -9.79 -17.43
N ALA B 136 -1.51 -8.49 -17.67
CA ALA B 136 -2.47 -7.72 -16.90
C ALA B 136 -3.90 -8.22 -17.14
N CYS B 137 -4.20 -8.64 -18.37
CA CYS B 137 -5.54 -9.14 -18.68
C CYS B 137 -5.82 -10.46 -17.98
N ALA B 138 -4.79 -11.30 -17.78
CA ALA B 138 -4.98 -12.50 -16.97
C ALA B 138 -5.19 -12.14 -15.51
N LEU B 139 -4.44 -11.15 -15.01
CA LEU B 139 -4.52 -10.79 -13.60
C LEU B 139 -5.88 -10.19 -13.25
N LEU B 140 -6.52 -9.51 -14.20
CA LEU B 140 -7.76 -8.79 -13.94
C LEU B 140 -8.96 -9.38 -14.67
N GLY B 141 -8.84 -10.61 -15.16
CA GLY B 141 -9.97 -11.31 -15.74
C GLY B 141 -10.49 -10.74 -17.03
N LEU B 142 -9.67 -9.98 -17.77
CA LEU B 142 -10.09 -9.36 -19.02
C LEU B 142 -9.76 -10.27 -20.19
N ASP B 143 -10.67 -10.33 -21.16
CA ASP B 143 -10.38 -11.02 -22.40
C ASP B 143 -9.38 -10.21 -23.22
N CYS B 144 -8.40 -10.90 -23.81
CA CYS B 144 -7.29 -10.24 -24.46
C CYS B 144 -7.14 -10.73 -25.90
N VAL B 145 -6.90 -9.80 -26.81
CA VAL B 145 -6.62 -10.10 -28.21
C VAL B 145 -5.43 -9.25 -28.64
N ILE B 146 -4.35 -9.90 -29.06
CA ILE B 146 -3.12 -9.22 -29.44
C ILE B 146 -2.99 -9.25 -30.96
N TYR B 147 -2.73 -8.10 -31.55
CA TYR B 147 -2.50 -8.00 -32.99
C TYR B 147 -0.99 -7.89 -33.24
N MET B 148 -0.50 -8.69 -34.18
CA MET B 148 0.92 -8.82 -34.42
C MET B 148 1.15 -9.07 -35.91
N GLY B 149 2.21 -8.46 -36.45
CA GLY B 149 2.50 -8.63 -37.86
C GLY B 149 2.83 -10.06 -38.21
N GLY B 150 2.44 -10.46 -39.43
CA GLY B 150 2.70 -11.81 -39.87
C GLY B 150 4.18 -12.14 -39.99
N ILE B 151 5.00 -11.13 -40.27
CA ILE B 151 6.44 -11.33 -40.28
C ILE B 151 6.95 -11.59 -38.86
N ASP B 152 6.39 -10.87 -37.88
CA ASP B 152 6.83 -11.03 -36.50
C ASP B 152 6.30 -12.29 -35.85
N THR B 153 5.09 -12.73 -36.24
CA THR B 153 4.55 -13.96 -35.66
C THR B 153 5.35 -15.18 -36.11
N ALA B 154 5.77 -15.21 -37.37
CA ALA B 154 6.58 -16.32 -37.86
C ALA B 154 7.97 -16.31 -37.24
N ARG B 155 8.48 -15.13 -36.89
CA ARG B 155 9.82 -15.00 -36.34
C ARG B 155 9.84 -15.06 -34.81
N GLN B 156 8.70 -14.88 -34.15
CA GLN B 156 8.63 -14.89 -32.69
C GLN B 156 7.66 -15.96 -32.21
N ALA B 157 7.97 -17.23 -32.46
CA ALA B 157 7.03 -18.30 -32.14
C ALA B 157 6.83 -18.46 -30.64
N LEU B 158 7.86 -18.20 -29.84
CA LEU B 158 7.76 -18.42 -28.40
C LEU B 158 6.94 -17.33 -27.72
N ASN B 159 7.05 -16.08 -28.19
CA ASN B 159 6.24 -15.02 -27.61
C ASN B 159 4.76 -15.22 -27.88
N VAL B 160 4.41 -15.83 -29.01
CA VAL B 160 3.01 -16.12 -29.31
C VAL B 160 2.48 -17.15 -28.32
N ALA B 161 3.24 -18.22 -28.09
CA ALA B 161 2.84 -19.22 -27.10
C ALA B 161 2.82 -18.63 -25.70
N ARG B 162 3.76 -17.74 -25.40
CA ARG B 162 3.76 -17.04 -24.12
C ARG B 162 2.44 -16.30 -23.91
N MET B 163 1.93 -15.64 -24.96
CA MET B 163 0.66 -14.93 -24.86
C MET B 163 -0.52 -15.89 -24.77
N ARG B 164 -0.44 -17.05 -25.44
CA ARG B 164 -1.54 -18.01 -25.36
C ARG B 164 -1.58 -18.68 -23.99
N LEU B 165 -0.41 -18.93 -23.39
CA LEU B 165 -0.38 -19.46 -22.03
C LEU B 165 -1.09 -18.53 -21.07
N LEU B 166 -0.98 -17.21 -21.31
CA LEU B 166 -1.65 -16.22 -20.48
C LEU B 166 -3.12 -16.04 -20.81
N GLY B 167 -3.66 -16.85 -21.73
CA GLY B 167 -5.07 -16.82 -22.05
C GLY B 167 -5.47 -15.86 -23.15
N ALA B 168 -4.51 -15.26 -23.85
CA ALA B 168 -4.80 -14.27 -24.87
C ALA B 168 -4.86 -14.92 -26.25
N GLU B 169 -5.44 -14.19 -27.19
CA GLU B 169 -5.57 -14.63 -28.57
C GLU B 169 -4.69 -13.76 -29.46
N VAL B 170 -3.96 -14.39 -30.37
CA VAL B 170 -3.02 -13.71 -31.26
C VAL B 170 -3.56 -13.76 -32.68
N VAL B 171 -3.58 -12.62 -33.35
CA VAL B 171 -4.05 -12.50 -34.73
C VAL B 171 -2.90 -11.98 -35.58
N ALA B 172 -2.61 -12.69 -36.66
CA ALA B 172 -1.51 -12.34 -37.56
C ALA B 172 -2.00 -11.33 -38.60
N VAL B 173 -1.33 -10.18 -38.66
CA VAL B 173 -1.68 -9.12 -39.61
C VAL B 173 -0.87 -9.35 -40.88
N GLN B 174 -1.54 -9.78 -41.94
CA GLN B 174 -0.89 -10.08 -43.21
C GLN B 174 -1.13 -9.00 -44.25
N THR B 175 -1.39 -7.76 -43.82
CA THR B 175 -1.62 -6.64 -44.71
C THR B 175 -0.53 -5.58 -44.50
N GLY B 176 -0.34 -4.77 -45.53
CA GLY B 176 0.69 -3.73 -45.45
C GLY B 176 2.08 -4.33 -45.42
N SER B 177 2.95 -3.73 -44.60
CA SER B 177 4.31 -4.23 -44.43
C SER B 177 4.40 -5.32 -43.37
N LYS B 178 3.28 -5.73 -42.79
CA LYS B 178 3.19 -6.91 -41.92
C LYS B 178 4.14 -6.81 -40.72
N THR B 179 4.17 -5.63 -40.08
CA THR B 179 5.00 -5.46 -38.89
C THR B 179 4.28 -4.60 -37.86
N LEU B 180 5.05 -3.86 -37.05
CA LEU B 180 4.48 -3.15 -35.90
C LEU B 180 3.45 -2.11 -36.34
N LYS B 181 3.81 -1.26 -37.30
CA LYS B 181 2.93 -0.15 -37.67
C LYS B 181 1.65 -0.63 -38.36
N ASP B 182 1.64 -1.87 -38.86
CA ASP B 182 0.43 -2.42 -39.45
C ASP B 182 -0.41 -3.20 -38.43
N ALA B 183 0.20 -3.70 -37.35
CA ALA B 183 -0.58 -4.26 -36.26
C ALA B 183 -1.39 -3.17 -35.56
N ILE B 184 -0.81 -1.97 -35.42
CA ILE B 184 -1.54 -0.85 -34.85
C ILE B 184 -2.74 -0.50 -35.72
N ASN B 185 -2.55 -0.53 -37.05
CA ASN B 185 -3.65 -0.22 -37.96
C ASN B 185 -4.78 -1.24 -37.83
N GLU B 186 -4.43 -2.51 -37.61
CA GLU B 186 -5.46 -3.54 -37.45
C GLU B 186 -6.16 -3.42 -36.10
N ALA B 187 -5.40 -3.13 -35.04
CA ALA B 187 -6.02 -2.92 -33.74
C ALA B 187 -6.93 -1.71 -33.76
N PHE B 188 -6.54 -0.66 -34.49
CA PHE B 188 -7.38 0.51 -34.65
C PHE B 188 -8.69 0.16 -35.34
N ARG B 189 -8.63 -0.69 -36.37
CA ARG B 189 -9.85 -1.10 -37.07
C ARG B 189 -10.72 -1.97 -36.17
N ASP B 190 -10.10 -2.80 -35.33
CA ASP B 190 -10.87 -3.60 -34.38
C ASP B 190 -11.64 -2.70 -33.41
N TRP B 191 -11.01 -1.62 -32.95
CA TRP B 191 -11.65 -0.74 -31.97
C TRP B 191 -12.86 -0.04 -32.57
N VAL B 192 -12.76 0.40 -33.83
CA VAL B 192 -13.88 1.08 -34.48
C VAL B 192 -15.10 0.19 -34.54
N ALA B 193 -14.90 -1.13 -34.62
CA ALA B 193 -16.01 -2.07 -34.74
C ALA B 193 -16.54 -2.55 -33.40
N ASN B 194 -15.71 -2.54 -32.35
CA ASN B 194 -16.10 -3.16 -31.09
C ASN B 194 -15.93 -2.20 -29.90
N ALA B 195 -16.04 -0.89 -30.15
CA ALA B 195 -15.81 0.09 -29.08
C ALA B 195 -16.78 -0.07 -27.93
N ASP B 196 -17.91 -0.74 -28.12
CA ASP B 196 -18.93 -0.82 -27.09
C ASP B 196 -18.41 -1.56 -25.84
N ASN B 197 -17.57 -2.57 -26.04
CA ASN B 197 -17.08 -3.39 -24.94
C ASN B 197 -15.57 -3.60 -24.96
N THR B 198 -14.84 -2.92 -25.84
CA THR B 198 -13.42 -3.17 -26.03
C THR B 198 -12.60 -1.95 -25.65
N TYR B 199 -11.52 -2.19 -24.92
CA TYR B 199 -10.55 -1.16 -24.57
C TYR B 199 -9.26 -1.39 -25.36
N TYR B 200 -8.72 -0.33 -25.94
CA TYR B 200 -7.46 -0.40 -26.67
C TYR B 200 -6.33 -0.04 -25.70
N CYS B 201 -5.49 -1.01 -25.39
CA CYS B 201 -4.31 -0.80 -24.53
C CYS B 201 -3.13 -0.46 -25.43
N PHE B 202 -2.89 0.83 -25.62
CA PHE B 202 -1.80 1.28 -26.47
C PHE B 202 -0.47 1.19 -25.73
N GLY B 203 0.58 0.82 -26.46
CA GLY B 203 1.83 0.41 -25.86
C GLY B 203 2.92 1.44 -25.72
N THR B 204 2.65 2.71 -25.99
CA THR B 204 3.68 3.74 -25.87
C THR B 204 3.01 5.09 -25.68
N ALA B 205 3.83 6.12 -25.49
CA ALA B 205 3.35 7.47 -25.20
C ALA B 205 3.07 8.25 -26.48
N ALA B 206 2.29 7.65 -27.37
CA ALA B 206 1.91 8.30 -28.62
C ALA B 206 0.39 8.12 -28.78
N GLY B 207 -0.09 8.32 -30.01
CA GLY B 207 -1.49 8.15 -30.29
C GLY B 207 -2.29 9.40 -30.00
N PRO B 208 -3.60 9.32 -30.17
CA PRO B 208 -4.45 10.49 -29.92
C PRO B 208 -4.61 10.75 -28.43
N HIS B 209 -5.00 11.98 -28.11
CA HIS B 209 -5.35 12.33 -26.76
C HIS B 209 -6.45 11.39 -26.26
N PRO B 210 -6.36 10.88 -25.02
CA PRO B 210 -5.44 11.23 -23.93
C PRO B 210 -4.28 10.26 -23.73
N PHE B 211 -3.91 9.50 -24.75
CA PHE B 211 -2.96 8.41 -24.56
C PHE B 211 -1.52 8.88 -24.32
N PRO B 212 -1.02 9.92 -25.00
CA PRO B 212 0.32 10.41 -24.65
C PRO B 212 0.44 10.87 -23.21
N THR B 213 -0.60 11.51 -22.67
CA THR B 213 -0.58 11.93 -21.28
C THR B 213 -0.81 10.74 -20.34
N MET B 214 -1.77 9.88 -20.66
CA MET B 214 -2.10 8.77 -19.78
C MET B 214 -0.92 7.81 -19.65
N VAL B 215 -0.30 7.44 -20.77
CA VAL B 215 0.84 6.54 -20.74
C VAL B 215 2.00 7.18 -19.99
N ARG B 216 2.19 8.48 -20.18
CA ARG B 216 3.25 9.18 -19.46
C ARG B 216 3.01 9.11 -17.95
N ASP B 217 1.76 9.30 -17.52
CA ASP B 217 1.47 9.30 -16.09
C ASP B 217 1.74 7.94 -15.46
N PHE B 218 1.38 6.86 -16.14
CA PHE B 218 1.63 5.53 -15.61
C PHE B 218 3.12 5.18 -15.58
N GLN B 219 3.95 5.94 -16.28
CA GLN B 219 5.40 5.73 -16.26
C GLN B 219 6.15 6.77 -15.43
N ARG B 220 5.47 7.81 -14.97
CA ARG B 220 6.13 8.86 -14.18
C ARG B 220 6.72 8.33 -12.89
N ILE B 221 6.24 7.18 -12.41
CA ILE B 221 6.77 6.60 -11.17
C ILE B 221 8.26 6.31 -11.32
N ILE B 222 8.72 6.01 -12.53
CA ILE B 222 10.14 5.75 -12.76
C ILE B 222 10.97 6.97 -12.36
N GLY B 223 10.62 8.13 -12.91
CA GLY B 223 11.35 9.35 -12.59
C GLY B 223 11.18 9.79 -11.15
N MET B 224 10.00 9.57 -10.58
CA MET B 224 9.77 9.96 -9.18
C MET B 224 10.67 9.16 -8.24
N GLU B 225 10.74 7.85 -8.46
CA GLU B 225 11.64 7.01 -7.66
C GLU B 225 13.10 7.39 -7.90
N ALA B 226 13.48 7.52 -9.18
CA ALA B 226 14.88 7.78 -9.51
C ALA B 226 15.36 9.10 -8.92
N ARG B 227 14.50 10.12 -8.93
CA ARG B 227 14.90 11.43 -8.42
C ARG B 227 15.18 11.38 -6.92
N VAL B 228 14.46 10.53 -6.18
CA VAL B 228 14.75 10.36 -4.76
C VAL B 228 16.00 9.50 -4.57
N GLN B 229 16.10 8.41 -5.35
CA GLN B 229 17.20 7.47 -5.17
C GLN B 229 18.54 8.11 -5.53
N ILE B 230 18.57 8.94 -6.58
CA ILE B 230 19.83 9.55 -6.99
C ILE B 230 20.31 10.55 -5.96
N GLN B 231 19.39 11.22 -5.26
CA GLN B 231 19.80 12.14 -4.21
C GLN B 231 20.31 11.41 -2.99
N GLY B 232 19.79 10.21 -2.72
CA GLY B 232 20.27 9.45 -1.58
C GLY B 232 21.64 8.84 -1.81
N GLN B 233 21.91 8.40 -3.05
CA GLN B 233 23.15 7.70 -3.34
C GLN B 233 24.26 8.62 -3.83
N ALA B 234 23.92 9.71 -4.54
CA ALA B 234 24.91 10.63 -5.04
C ALA B 234 25.02 11.91 -4.22
N GLY B 235 24.00 12.23 -3.41
CA GLY B 235 24.00 13.43 -2.62
C GLY B 235 23.55 14.69 -3.34
N ARG B 236 23.18 14.58 -4.61
CA ARG B 236 22.76 15.74 -5.39
C ARG B 236 21.96 15.26 -6.58
N LEU B 237 21.30 16.22 -7.24
CA LEU B 237 20.63 15.91 -8.50
C LEU B 237 21.66 15.56 -9.56
N PRO B 238 21.33 14.66 -10.49
CA PRO B 238 22.30 14.26 -11.50
C PRO B 238 22.57 15.37 -12.51
N ASP B 239 23.70 15.24 -13.19
CA ASP B 239 24.02 16.15 -14.29
C ASP B 239 23.24 15.82 -15.55
N ALA B 240 22.71 14.61 -15.67
CA ALA B 240 21.98 14.20 -16.86
C ALA B 240 21.16 12.97 -16.56
N VAL B 241 19.97 12.91 -17.15
CA VAL B 241 19.13 11.71 -17.17
C VAL B 241 18.92 11.33 -18.62
N VAL B 242 19.20 10.08 -18.96
CA VAL B 242 19.13 9.62 -20.34
C VAL B 242 18.27 8.36 -20.42
N ALA B 243 17.74 8.12 -21.62
CA ALA B 243 16.91 6.96 -21.89
C ALA B 243 16.78 6.79 -23.39
N CYS B 244 16.48 5.57 -23.81
CA CYS B 244 16.22 5.30 -25.22
C CYS B 244 14.80 5.72 -25.58
N VAL B 245 14.60 6.07 -26.85
CA VAL B 245 13.34 6.66 -27.31
C VAL B 245 12.86 5.88 -28.52
N GLY B 246 11.88 5.01 -28.33
CA GLY B 246 11.13 4.46 -29.44
C GLY B 246 9.89 5.30 -29.66
N GLY B 247 8.77 4.87 -29.09
CA GLY B 247 7.61 5.74 -29.01
C GLY B 247 7.75 6.80 -27.94
N GLY B 248 8.48 6.49 -26.87
CA GLY B 248 8.85 7.49 -25.88
C GLY B 248 8.32 7.28 -24.47
N SER B 249 7.73 6.12 -24.20
CA SER B 249 7.07 5.92 -22.91
C SER B 249 8.08 5.83 -21.77
N ASN B 250 9.13 5.03 -21.95
CA ASN B 250 10.10 4.87 -20.86
C ASN B 250 10.95 6.13 -20.69
N ALA B 251 11.22 6.86 -21.77
CA ALA B 251 11.98 8.09 -21.66
C ALA B 251 11.18 9.16 -20.94
N ILE B 252 9.92 9.36 -21.35
CA ILE B 252 9.11 10.39 -20.72
C ILE B 252 8.80 10.03 -19.28
N GLY B 253 8.82 8.74 -18.94
CA GLY B 253 8.53 8.34 -17.57
C GLY B 253 9.62 8.73 -16.60
N ILE B 254 10.88 8.63 -17.04
CA ILE B 254 11.99 9.03 -16.19
C ILE B 254 12.34 10.50 -16.36
N PHE B 255 12.01 11.09 -17.51
CA PHE B 255 12.33 12.50 -17.73
C PHE B 255 11.47 13.42 -16.87
N HIS B 256 10.22 13.03 -16.60
CA HIS B 256 9.22 14.00 -16.16
C HIS B 256 9.57 14.60 -14.80
N ALA B 257 10.09 13.79 -13.87
CA ALA B 257 10.38 14.30 -12.54
C ALA B 257 11.48 15.35 -12.54
N PHE B 258 12.28 15.42 -13.61
CA PHE B 258 13.43 16.31 -13.67
C PHE B 258 13.19 17.53 -14.57
N LEU B 259 11.97 17.73 -15.06
CA LEU B 259 11.73 18.79 -16.03
C LEU B 259 12.01 20.17 -15.45
N ASP B 260 11.58 20.40 -14.21
CA ASP B 260 11.76 21.69 -13.56
C ASP B 260 13.08 21.81 -12.81
N ASP B 261 13.95 20.81 -12.93
CA ASP B 261 15.28 20.88 -12.32
C ASP B 261 16.22 21.57 -13.29
N PRO B 262 16.72 22.77 -12.97
CA PRO B 262 17.36 23.60 -14.02
C PRO B 262 18.62 23.02 -14.61
N GLY B 263 19.47 22.37 -13.82
CA GLY B 263 20.76 21.90 -14.27
C GLY B 263 20.84 20.45 -14.69
N VAL B 264 19.71 19.78 -14.88
CA VAL B 264 19.69 18.36 -15.20
C VAL B 264 19.47 18.22 -16.71
N ARG B 265 20.52 17.82 -17.43
CA ARG B 265 20.39 17.57 -18.85
C ARG B 265 19.46 16.38 -19.10
N LEU B 266 18.66 16.47 -20.15
CA LEU B 266 17.77 15.39 -20.56
C LEU B 266 18.09 15.02 -21.99
N VAL B 267 18.54 13.78 -22.20
CA VAL B 267 18.98 13.32 -23.51
C VAL B 267 18.28 12.00 -23.82
N GLY B 268 17.52 11.97 -24.92
CA GLY B 268 16.94 10.74 -25.43
C GLY B 268 17.73 10.24 -26.62
N PHE B 269 17.97 8.94 -26.66
CA PHE B 269 18.75 8.30 -27.72
C PHE B 269 17.85 7.41 -28.56
N GLU B 270 17.84 7.65 -29.87
CA GLU B 270 17.02 6.89 -30.80
C GLU B 270 17.90 6.01 -31.68
N ALA B 271 17.26 5.03 -32.31
CA ALA B 271 17.98 4.00 -33.06
C ALA B 271 18.34 4.50 -34.44
N ALA B 272 19.63 4.52 -34.75
CA ALA B 272 20.13 4.92 -36.05
C ALA B 272 20.39 3.74 -36.98
N GLY B 273 20.13 2.52 -36.54
CA GLY B 273 20.26 1.35 -37.40
C GLY B 273 21.67 1.23 -37.97
N ASP B 274 21.74 1.15 -39.30
CA ASP B 274 23.03 1.13 -40.00
C ASP B 274 23.66 2.50 -40.10
N GLY B 275 22.94 3.56 -39.73
CA GLY B 275 23.43 4.92 -39.89
C GLY B 275 22.37 5.82 -40.49
N VAL B 276 22.33 7.07 -40.04
CA VAL B 276 21.27 7.98 -40.47
C VAL B 276 21.39 8.32 -41.95
N GLU B 277 22.58 8.18 -42.54
CA GLU B 277 22.77 8.46 -43.95
C GLU B 277 22.48 7.26 -44.84
N THR B 278 22.23 6.10 -44.27
CA THR B 278 22.05 4.87 -45.04
C THR B 278 20.59 4.58 -45.39
N GLY B 279 19.65 5.34 -44.84
CA GLY B 279 18.24 5.06 -45.05
C GLY B 279 17.71 3.84 -44.33
N ARG B 280 18.57 3.06 -43.69
CA ARG B 280 18.15 1.91 -42.88
C ARG B 280 18.33 2.31 -41.41
N HIS B 281 17.35 3.02 -40.88
CA HIS B 281 17.43 3.56 -39.54
C HIS B 281 16.02 3.78 -39.00
N ALA B 282 15.94 4.30 -37.78
CA ALA B 282 14.69 4.69 -37.16
C ALA B 282 14.85 5.96 -36.34
N ALA B 283 15.75 6.85 -36.77
CA ALA B 283 16.06 8.10 -36.05
C ALA B 283 15.01 9.13 -36.41
N THR B 284 13.90 9.11 -35.66
CA THR B 284 12.75 9.95 -35.99
C THR B 284 13.09 11.42 -35.89
N PHE B 285 13.69 11.85 -34.79
CA PHE B 285 14.01 13.26 -34.62
C PHE B 285 15.18 13.69 -35.50
N THR B 286 16.14 12.78 -35.74
CA THR B 286 17.35 13.16 -36.47
C THR B 286 17.11 13.26 -37.97
N ALA B 287 16.30 12.37 -38.54
CA ALA B 287 16.09 12.34 -39.98
C ALA B 287 14.62 12.44 -40.39
N GLY B 288 13.73 12.74 -39.46
CA GLY B 288 12.31 12.87 -39.75
C GLY B 288 11.85 14.32 -39.73
N SER B 289 10.57 14.49 -40.02
CA SER B 289 9.94 15.79 -40.13
C SER B 289 8.57 15.72 -39.48
N PRO B 290 8.00 16.87 -39.10
CA PRO B 290 6.68 16.86 -38.46
C PRO B 290 5.59 16.34 -39.38
N GLY B 291 4.54 15.81 -38.77
CA GLY B 291 3.40 15.30 -39.53
C GLY B 291 2.46 14.55 -38.61
N ALA B 292 1.29 14.25 -39.16
CA ALA B 292 0.25 13.53 -38.43
C ALA B 292 0.38 12.04 -38.69
N PHE B 293 0.45 11.25 -37.62
CA PHE B 293 0.62 9.81 -37.75
C PHE B 293 0.10 9.12 -36.50
N HIS B 294 -0.66 8.05 -36.71
CA HIS B 294 -1.18 7.21 -35.63
C HIS B 294 -1.91 8.05 -34.57
N GLY B 295 -2.62 9.08 -35.03
CA GLY B 295 -3.52 9.83 -34.17
C GLY B 295 -2.95 11.09 -33.55
N SER B 296 -1.67 11.38 -33.76
CA SER B 296 -1.06 12.56 -33.15
C SER B 296 -0.20 13.28 -34.17
N PHE B 297 -0.10 14.60 -34.01
CA PHE B 297 0.83 15.42 -34.79
C PHE B 297 2.17 15.43 -34.06
N SER B 298 3.19 14.84 -34.67
CA SER B 298 4.49 14.73 -34.04
C SER B 298 5.55 14.60 -35.14
N TYR B 299 6.62 13.88 -34.85
CA TYR B 299 7.65 13.58 -35.83
C TYR B 299 7.48 12.16 -36.35
N LEU B 300 7.76 11.96 -37.63
CA LEU B 300 7.74 10.63 -38.22
C LEU B 300 8.66 10.61 -39.44
N LEU B 301 9.08 9.41 -39.80
CA LEU B 301 9.88 9.22 -41.01
C LEU B 301 8.95 9.15 -42.21
N GLN B 302 9.04 10.14 -43.09
CA GLN B 302 8.14 10.23 -44.23
C GLN B 302 8.88 10.80 -45.43
N ASP B 303 8.41 10.45 -46.62
CA ASP B 303 9.04 10.90 -47.86
C ASP B 303 8.46 12.26 -48.25
N GLU B 304 8.63 12.65 -49.52
CA GLU B 304 8.21 13.98 -49.96
C GLU B 304 6.70 14.12 -50.05
N ASP B 305 5.97 13.02 -50.24
CA ASP B 305 4.52 13.07 -50.40
C ASP B 305 3.76 12.87 -49.09
N GLY B 306 4.46 12.56 -48.00
CA GLY B 306 3.81 12.27 -46.74
C GLY B 306 3.56 10.81 -46.46
N GLN B 307 4.17 9.91 -47.24
CA GLN B 307 4.03 8.48 -47.02
C GLN B 307 5.02 8.01 -45.95
N THR B 308 4.61 7.00 -45.18
CA THR B 308 5.44 6.49 -44.11
C THR B 308 6.59 5.66 -44.67
N ILE B 309 7.80 5.97 -44.24
CA ILE B 309 9.00 5.22 -44.63
C ILE B 309 9.20 4.08 -43.64
N GLU B 310 9.52 2.89 -44.18
CA GLU B 310 9.84 1.77 -43.31
C GLU B 310 11.10 2.05 -42.50
N SER B 311 11.07 1.67 -41.23
CA SER B 311 12.18 1.88 -40.33
C SER B 311 12.91 0.56 -40.07
N HIS B 312 14.20 0.66 -39.74
CA HIS B 312 15.02 -0.51 -39.48
C HIS B 312 15.86 -0.27 -38.24
N SER B 313 15.99 -1.32 -37.42
CA SER B 313 16.81 -1.26 -36.22
C SER B 313 17.07 -2.70 -35.77
N ILE B 314 18.25 -2.92 -35.18
CA ILE B 314 18.56 -4.23 -34.65
C ILE B 314 17.70 -4.53 -33.42
N SER B 315 17.16 -3.50 -32.77
CA SER B 315 16.20 -3.68 -31.70
C SER B 315 14.80 -3.58 -32.27
N ALA B 316 13.88 -4.39 -31.74
CA ALA B 316 12.51 -4.35 -32.21
C ALA B 316 11.71 -3.23 -31.55
N GLY B 317 12.10 -2.82 -30.33
CA GLY B 317 11.34 -1.82 -29.62
C GLY B 317 11.54 -0.40 -30.13
N LEU B 318 12.73 -0.10 -30.65
CA LEU B 318 12.99 1.20 -31.24
C LEU B 318 12.64 1.23 -32.72
N ASP B 319 12.21 0.11 -33.29
CA ASP B 319 11.87 0.01 -34.72
C ASP B 319 10.44 0.51 -34.90
N TYR B 320 10.32 1.83 -35.01
CA TYR B 320 9.03 2.49 -35.14
C TYR B 320 9.22 3.84 -35.84
N PRO B 321 8.44 4.14 -36.89
CA PRO B 321 8.73 5.34 -37.69
C PRO B 321 8.38 6.65 -37.00
N GLY B 322 7.59 6.64 -35.94
CA GLY B 322 7.13 7.84 -35.28
C GLY B 322 7.69 8.01 -33.88
N VAL B 323 7.13 9.01 -33.18
CA VAL B 323 7.52 9.30 -31.82
C VAL B 323 6.39 10.08 -31.16
N GLY B 324 6.30 10.01 -29.84
CA GLY B 324 5.25 10.65 -29.10
C GLY B 324 5.29 12.17 -29.20
N PRO B 325 4.13 12.81 -29.09
CA PRO B 325 4.09 14.26 -29.29
C PRO B 325 4.69 15.07 -28.14
N GLU B 326 4.64 14.56 -26.90
CA GLU B 326 5.24 15.31 -25.80
C GLU B 326 6.76 15.40 -25.96
N HIS B 327 7.37 14.41 -26.61
CA HIS B 327 8.80 14.50 -26.91
C HIS B 327 9.07 15.56 -27.96
N ALA B 328 8.24 15.63 -28.99
CA ALA B 328 8.40 16.66 -30.02
C ALA B 328 8.29 18.06 -29.41
N TRP B 329 7.38 18.23 -28.45
CA TRP B 329 7.26 19.51 -27.76
C TRP B 329 8.52 19.82 -26.96
N LEU B 330 9.02 18.82 -26.23
CA LEU B 330 10.22 19.05 -25.42
C LEU B 330 11.45 19.28 -26.30
N LYS B 331 11.46 18.75 -27.52
CA LYS B 331 12.55 19.06 -28.43
C LYS B 331 12.46 20.50 -28.93
N GLU B 332 11.28 20.91 -29.38
CA GLU B 332 11.09 22.27 -29.87
C GLU B 332 11.36 23.28 -28.77
N ALA B 333 10.98 22.96 -27.53
CA ALA B 333 11.18 23.86 -26.41
C ALA B 333 12.62 23.87 -25.90
N GLY B 334 13.47 22.97 -26.41
CA GLY B 334 14.86 22.92 -26.00
C GLY B 334 15.12 22.26 -24.67
N ARG B 335 14.13 21.60 -24.07
CA ARG B 335 14.33 20.96 -22.78
C ARG B 335 15.10 19.65 -22.91
N VAL B 336 14.87 18.91 -23.98
CA VAL B 336 15.48 17.60 -24.19
C VAL B 336 16.21 17.60 -25.53
N ASP B 337 17.42 17.06 -25.53
CA ASP B 337 18.17 16.82 -26.75
C ASP B 337 18.00 15.36 -27.18
N TYR B 338 17.88 15.15 -28.49
CA TYR B 338 17.68 13.82 -29.04
C TYR B 338 18.81 13.50 -30.02
N ARG B 339 19.57 12.45 -29.72
CA ARG B 339 20.77 12.07 -30.44
C ARG B 339 20.66 10.63 -30.93
N PRO B 340 21.28 10.30 -32.06
CA PRO B 340 21.19 8.93 -32.60
C PRO B 340 22.28 8.00 -32.08
N ILE B 341 21.93 6.71 -32.04
CA ILE B 341 22.84 5.64 -31.67
C ILE B 341 22.66 4.50 -32.66
N THR B 342 23.77 4.03 -33.23
CA THR B 342 23.71 3.01 -34.27
C THR B 342 23.57 1.61 -33.65
N ASP B 343 23.34 0.63 -34.52
CA ASP B 343 23.29 -0.76 -34.10
C ASP B 343 24.59 -1.17 -33.41
N SER B 344 25.72 -0.81 -34.02
CA SER B 344 27.02 -1.24 -33.51
C SER B 344 27.32 -0.61 -32.16
N GLU B 345 27.06 0.70 -32.02
CA GLU B 345 27.25 1.35 -30.73
C GLU B 345 26.43 0.68 -29.63
N ALA B 346 25.21 0.29 -29.95
CA ALA B 346 24.35 -0.34 -28.95
C ALA B 346 24.84 -1.74 -28.59
N MET B 347 25.16 -2.55 -29.61
CA MET B 347 25.65 -3.90 -29.34
C MET B 347 26.98 -3.86 -28.61
N ASP B 348 27.82 -2.86 -28.90
CA ASP B 348 29.05 -2.68 -28.14
C ASP B 348 28.75 -2.43 -26.67
N ALA B 349 27.75 -1.59 -26.40
CA ALA B 349 27.35 -1.34 -25.02
C ALA B 349 26.62 -2.53 -24.42
N PHE B 350 25.87 -3.28 -25.24
CA PHE B 350 25.23 -4.51 -24.77
C PHE B 350 26.26 -5.45 -24.16
N GLY B 351 27.30 -5.76 -24.92
CA GLY B 351 28.33 -6.67 -24.42
C GLY B 351 29.13 -6.11 -23.27
N LEU B 352 29.39 -4.80 -23.27
CA LEU B 352 30.13 -4.19 -22.18
C LEU B 352 29.38 -4.32 -20.87
N LEU B 353 28.07 -4.05 -20.88
CA LEU B 353 27.28 -4.18 -19.66
C LEU B 353 27.21 -5.63 -19.21
N CYS B 354 27.34 -6.57 -20.13
CA CYS B 354 27.37 -7.98 -19.75
C CYS B 354 28.67 -8.33 -19.05
N ARG B 355 29.81 -7.95 -19.63
CA ARG B 355 31.10 -8.34 -19.08
C ARG B 355 31.43 -7.59 -17.79
N MET B 356 30.95 -6.37 -17.65
CA MET B 356 31.40 -5.52 -16.55
C MET B 356 30.48 -5.58 -15.32
N GLU B 357 29.17 -5.68 -15.53
CA GLU B 357 28.22 -5.62 -14.43
C GLU B 357 27.34 -6.86 -14.32
N GLY B 358 27.46 -7.82 -15.24
CA GLY B 358 26.62 -8.99 -15.18
C GLY B 358 25.16 -8.74 -15.47
N ILE B 359 24.84 -7.60 -16.08
CA ILE B 359 23.47 -7.23 -16.43
C ILE B 359 23.32 -7.37 -17.93
N ILE B 360 22.41 -8.24 -18.36
CA ILE B 360 22.11 -8.42 -19.78
C ILE B 360 20.97 -7.48 -20.14
N PRO B 361 21.24 -6.36 -20.79
CA PRO B 361 20.19 -5.38 -21.06
C PRO B 361 19.42 -5.71 -22.33
N ALA B 362 18.19 -5.19 -22.39
CA ALA B 362 17.49 -5.20 -23.66
C ALA B 362 18.27 -4.36 -24.67
N ILE B 363 18.22 -4.80 -25.94
CA ILE B 363 18.95 -4.07 -26.97
C ILE B 363 18.42 -2.65 -27.09
N GLU B 364 17.13 -2.44 -26.84
CA GLU B 364 16.59 -1.09 -26.74
C GLU B 364 17.31 -0.29 -25.66
N SER B 365 17.47 -0.90 -24.48
CA SER B 365 18.16 -0.22 -23.39
C SER B 365 19.64 -0.02 -23.69
N ALA B 366 20.23 -0.89 -24.51
CA ALA B 366 21.65 -0.77 -24.82
C ALA B 366 21.94 0.53 -25.59
N HIS B 367 20.96 1.03 -26.35
CA HIS B 367 21.13 2.32 -27.00
C HIS B 367 21.32 3.43 -25.97
N ALA B 368 20.54 3.39 -24.89
CA ALA B 368 20.68 4.40 -23.84
C ALA B 368 22.01 4.25 -23.11
N VAL B 369 22.42 3.02 -22.82
CA VAL B 369 23.72 2.78 -22.20
C VAL B 369 24.84 3.31 -23.08
N ALA B 370 24.76 3.03 -24.38
CA ALA B 370 25.79 3.49 -25.31
C ALA B 370 25.88 5.01 -25.31
N GLY B 371 24.73 5.69 -25.34
CA GLY B 371 24.73 7.14 -25.32
C GLY B 371 25.22 7.71 -24.00
N ALA B 372 24.98 6.99 -22.90
CA ALA B 372 25.48 7.44 -21.60
C ALA B 372 27.00 7.43 -21.57
N LEU B 373 27.62 6.39 -22.15
CA LEU B 373 29.07 6.34 -22.23
C LEU B 373 29.62 7.52 -23.03
N LYS B 374 29.02 7.80 -24.19
CA LYS B 374 29.43 8.96 -24.98
C LYS B 374 29.22 10.25 -24.21
N LEU B 375 28.09 10.36 -23.50
CA LEU B 375 27.83 11.57 -22.73
C LEU B 375 28.80 11.70 -21.56
N GLY B 376 29.24 10.59 -20.98
CA GLY B 376 30.21 10.66 -19.90
C GLY B 376 31.56 11.19 -20.37
N VAL B 377 31.96 10.84 -21.59
CA VAL B 377 33.19 11.39 -22.15
C VAL B 377 33.06 12.90 -22.35
N GLU B 378 31.88 13.34 -22.79
CA GLU B 378 31.67 14.77 -23.01
C GLU B 378 31.61 15.53 -21.69
N LEU B 379 31.03 14.91 -20.65
CA LEU B 379 30.85 15.59 -19.37
C LEU B 379 32.05 15.45 -18.44
N GLY B 380 32.75 14.32 -18.49
CA GLY B 380 34.02 14.19 -17.81
C GLY B 380 33.92 13.51 -16.46
N ARG B 381 35.07 13.47 -15.78
CA ARG B 381 35.19 12.75 -14.51
C ARG B 381 34.26 13.34 -13.46
N GLY B 382 33.59 12.46 -12.72
CA GLY B 382 32.72 12.86 -11.64
C GLY B 382 31.30 13.17 -12.04
N ALA B 383 31.00 13.26 -13.33
CA ALA B 383 29.64 13.54 -13.76
C ALA B 383 28.70 12.40 -13.33
N VAL B 384 27.48 12.77 -12.98
CA VAL B 384 26.48 11.81 -12.51
C VAL B 384 25.40 11.70 -13.57
N ILE B 385 25.33 10.52 -14.20
CA ILE B 385 24.37 10.26 -15.27
C ILE B 385 23.44 9.14 -14.83
N VAL B 386 22.13 9.39 -14.87
CA VAL B 386 21.12 8.38 -14.59
C VAL B 386 20.65 7.80 -15.91
N VAL B 387 20.70 6.48 -16.03
CA VAL B 387 20.32 5.77 -17.25
C VAL B 387 19.10 4.92 -16.94
N ASN B 388 18.06 5.05 -17.75
CA ASN B 388 16.89 4.18 -17.62
C ASN B 388 17.18 2.87 -18.33
N LEU B 389 17.53 1.85 -17.54
CA LEU B 389 17.69 0.50 -18.08
C LEU B 389 16.29 -0.07 -18.24
N SER B 390 15.68 0.21 -19.40
CA SER B 390 14.25 -0.01 -19.57
C SER B 390 13.85 -1.48 -19.55
N GLY B 391 14.76 -2.40 -19.88
CA GLY B 391 14.39 -3.80 -19.89
C GLY B 391 15.59 -4.72 -19.85
N ARG B 392 15.31 -5.98 -19.56
CA ARG B 392 16.32 -7.03 -19.59
C ARG B 392 16.41 -7.66 -20.98
N GLY B 393 17.55 -8.27 -21.25
CA GLY B 393 17.83 -8.75 -22.59
C GLY B 393 17.70 -10.24 -22.81
N ASP B 394 16.94 -10.93 -21.95
CA ASP B 394 16.72 -12.35 -22.15
C ASP B 394 16.07 -12.63 -23.50
N LYS B 395 15.18 -11.72 -23.94
CA LYS B 395 14.55 -11.84 -25.25
C LYS B 395 15.53 -11.62 -26.39
N ASP B 396 16.63 -10.90 -26.13
CA ASP B 396 17.58 -10.52 -27.17
C ASP B 396 18.85 -11.36 -27.18
N VAL B 397 18.90 -12.43 -26.39
CA VAL B 397 20.12 -13.23 -26.29
C VAL B 397 20.46 -13.87 -27.62
N GLU B 398 19.45 -14.41 -28.32
CA GLU B 398 19.71 -15.08 -29.59
C GLU B 398 20.25 -14.10 -30.62
N THR B 399 19.72 -12.88 -30.65
CA THR B 399 20.23 -11.87 -31.57
C THR B 399 21.66 -11.48 -31.20
N ALA B 400 21.92 -11.28 -29.91
CA ALA B 400 23.25 -10.87 -29.48
C ALA B 400 24.27 -11.97 -29.70
N ALA B 401 23.87 -13.23 -29.51
CA ALA B 401 24.78 -14.35 -29.74
C ALA B 401 25.21 -14.43 -31.20
N LYS B 402 24.27 -14.27 -32.12
CA LYS B 402 24.62 -14.24 -33.54
C LYS B 402 25.53 -13.06 -33.86
N TRP B 403 25.29 -11.92 -33.21
CA TRP B 403 26.13 -10.75 -33.44
C TRP B 403 27.57 -11.01 -33.05
N PHE B 404 27.79 -11.67 -31.91
CA PHE B 404 29.13 -11.92 -31.39
C PHE B 404 29.65 -13.33 -31.73
N GLY B 405 29.04 -13.98 -32.71
CA GLY B 405 29.55 -15.27 -33.17
C GLY B 405 29.53 -16.36 -32.14
N LEU B 406 28.57 -16.34 -31.21
CA LEU B 406 28.47 -17.36 -30.18
C LEU B 406 27.59 -18.54 -30.60
N LEU B 407 26.98 -18.48 -31.78
CA LEU B 407 26.18 -19.59 -32.28
C LEU B 407 26.78 -20.30 -33.48
N GLY B 408 27.66 -19.64 -34.24
CA GLY B 408 28.27 -20.28 -35.38
C GLY B 408 27.28 -20.47 -36.51
N ASN B 409 27.48 -21.55 -37.26
CA ASN B 409 26.59 -21.87 -38.38
C ASN B 409 26.20 -23.36 -38.34
N ALA C 9 48.89 12.06 38.14
CA ALA C 9 48.23 11.64 39.37
C ALA C 9 46.99 12.50 39.64
N SER C 10 45.91 11.86 40.05
CA SER C 10 44.65 12.56 40.31
C SER C 10 44.71 13.28 41.65
N ARG C 11 43.75 14.19 41.86
CA ARG C 11 43.65 14.90 43.13
C ARG C 11 43.15 14.01 44.25
N LEU C 12 42.41 12.96 43.93
CA LEU C 12 41.88 12.02 44.92
C LEU C 12 42.74 10.78 45.10
N GLY C 13 43.77 10.60 44.26
CA GLY C 13 44.68 9.49 44.38
C GLY C 13 45.30 9.33 45.76
N PRO C 14 45.85 10.42 46.32
CA PRO C 14 46.39 10.34 47.69
C PRO C 14 45.39 9.80 48.71
N VAL C 15 44.10 10.10 48.56
CA VAL C 15 43.10 9.62 49.52
C VAL C 15 42.97 8.10 49.42
N PHE C 16 42.78 7.59 48.20
CA PHE C 16 42.63 6.15 48.03
C PHE C 16 43.92 5.40 48.34
N ASP C 17 45.07 6.04 48.14
CA ASP C 17 46.34 5.43 48.55
C ASP C 17 46.43 5.34 50.07
N SER C 18 46.01 6.39 50.77
CA SER C 18 46.01 6.36 52.23
C SER C 18 45.05 5.31 52.76
N CYS C 19 43.89 5.16 52.12
CA CYS C 19 42.92 4.15 52.54
C CYS C 19 43.44 2.74 52.28
N ARG C 20 44.07 2.53 51.11
CA ARG C 20 44.57 1.20 50.78
C ARG C 20 45.69 0.78 51.73
N ALA C 21 46.58 1.72 52.07
CA ALA C 21 47.65 1.41 53.02
C ALA C 21 47.13 1.12 54.41
N ASN C 22 45.91 1.57 54.73
CA ASN C 22 45.28 1.28 56.00
C ASN C 22 44.25 0.16 55.91
N ASN C 23 44.27 -0.61 54.82
CA ASN C 23 43.40 -1.77 54.62
C ASN C 23 41.93 -1.40 54.85
N ARG C 24 41.45 -0.44 54.07
CA ARG C 24 40.09 0.02 54.18
C ARG C 24 39.68 0.74 52.91
N ALA C 25 38.38 0.87 52.72
CA ALA C 25 37.83 1.67 51.63
C ALA C 25 37.51 3.07 52.11
N ALA C 26 37.37 3.99 51.16
CA ALA C 26 37.07 5.37 51.49
C ALA C 26 35.57 5.56 51.66
N LEU C 27 35.19 6.29 52.70
CA LEU C 27 33.80 6.67 52.92
C LEU C 27 33.54 7.98 52.19
N ILE C 28 32.57 7.96 51.28
CA ILE C 28 32.23 9.11 50.45
C ILE C 28 30.79 9.50 50.75
N GLY C 29 30.60 10.68 51.35
CA GLY C 29 29.29 11.12 51.81
C GLY C 29 28.75 12.25 50.96
N TYR C 30 27.48 12.11 50.56
CA TYR C 30 26.80 13.08 49.73
C TYR C 30 25.78 13.86 50.56
N LEU C 31 25.73 15.17 50.34
CA LEU C 31 24.72 16.03 50.94
C LEU C 31 24.38 17.15 49.96
N PRO C 32 23.11 17.41 49.70
CA PRO C 32 22.75 18.54 48.83
C PRO C 32 22.88 19.87 49.56
N THR C 33 23.34 20.88 48.82
CA THR C 33 23.49 22.21 49.39
C THR C 33 22.12 22.82 49.64
N GLY C 34 21.97 23.47 50.80
CA GLY C 34 20.76 24.21 51.09
C GLY C 34 19.61 23.43 51.66
N TYR C 35 19.86 22.24 52.20
CA TYR C 35 18.82 21.47 52.86
C TYR C 35 19.22 21.21 54.32
N PRO C 36 18.37 21.58 55.30
CA PRO C 36 17.07 22.23 55.16
C PRO C 36 17.16 23.70 54.73
N ASP C 37 18.30 24.33 55.04
CA ASP C 37 18.66 25.60 54.41
C ASP C 37 20.18 25.62 54.26
N VAL C 38 20.70 26.72 53.74
CA VAL C 38 22.12 26.79 53.36
C VAL C 38 23.03 26.74 54.59
N PRO C 39 22.79 27.53 55.65
CA PRO C 39 23.69 27.42 56.82
C PRO C 39 23.66 26.06 57.48
N ALA C 40 22.50 25.41 57.55
CA ALA C 40 22.43 24.10 58.18
C ALA C 40 23.11 23.03 57.32
N SER C 41 23.06 23.17 55.99
CA SER C 41 23.75 22.21 55.14
C SER C 41 25.26 22.34 55.28
N VAL C 42 25.76 23.57 55.45
CA VAL C 42 27.19 23.77 55.66
C VAL C 42 27.64 23.17 56.98
N ALA C 43 26.84 23.35 58.04
CA ALA C 43 27.15 22.71 59.31
C ALA C 43 27.04 21.20 59.21
N ALA C 44 26.08 20.71 58.42
CA ALA C 44 25.93 19.27 58.24
C ALA C 44 27.13 18.68 57.51
N MET C 45 27.60 19.35 56.45
CA MET C 45 28.77 18.87 55.73
C MET C 45 30.03 18.99 56.56
N THR C 46 30.13 20.03 57.39
CA THR C 46 31.25 20.12 58.32
C THR C 46 31.23 18.96 59.31
N ALA C 47 30.03 18.57 59.77
CA ALA C 47 29.92 17.41 60.65
C ALA C 47 30.31 16.13 59.94
N LEU C 48 30.15 16.07 58.61
CA LEU C 48 30.59 14.90 57.86
C LEU C 48 32.11 14.75 57.93
N VAL C 49 32.83 15.86 57.83
CA VAL C 49 34.29 15.81 57.93
C VAL C 49 34.72 15.39 59.33
N GLU C 50 34.05 15.92 60.35
CA GLU C 50 34.40 15.62 61.73
C GLU C 50 34.07 14.19 62.11
N SER C 51 33.17 13.55 61.39
CA SER C 51 32.70 12.20 61.73
C SER C 51 33.37 11.10 60.91
N GLY C 52 34.24 11.41 59.97
CA GLY C 52 35.04 10.37 59.37
C GLY C 52 34.95 10.22 57.86
N CYS C 53 34.20 11.12 57.22
CA CYS C 53 34.08 11.08 55.77
C CYS C 53 35.40 11.48 55.11
N ASP C 54 35.92 10.59 54.27
CA ASP C 54 37.16 10.88 53.54
C ASP C 54 36.92 11.84 52.40
N ILE C 55 35.79 11.71 51.71
CA ILE C 55 35.42 12.57 50.59
C ILE C 55 33.96 12.96 50.76
N ILE C 56 33.64 14.21 50.45
CA ILE C 56 32.27 14.72 50.54
C ILE C 56 31.80 15.12 49.14
N GLU C 57 30.61 14.65 48.77
CA GLU C 57 29.97 15.04 47.52
C GLU C 57 28.98 16.16 47.81
N VAL C 58 29.33 17.38 47.40
CA VAL C 58 28.46 18.53 47.57
C VAL C 58 27.51 18.56 46.37
N GLY C 59 26.22 18.34 46.63
CA GLY C 59 25.24 18.23 45.57
C GLY C 59 24.60 19.56 45.23
N VAL C 60 24.52 19.86 43.93
CA VAL C 60 23.88 21.06 43.43
C VAL C 60 22.41 20.73 43.16
N PRO C 61 21.47 21.27 43.92
CA PRO C 61 20.05 20.96 43.68
C PRO C 61 19.61 21.44 42.30
N TYR C 62 18.99 20.52 41.56
CA TYR C 62 18.52 20.79 40.22
C TYR C 62 17.00 20.63 40.17
N SER C 63 16.36 21.43 39.31
CA SER C 63 14.90 21.45 39.27
C SER C 63 14.31 20.16 38.72
N ASP C 64 15.06 19.44 37.88
CA ASP C 64 14.59 18.21 37.25
C ASP C 64 15.65 17.12 37.40
N PRO C 65 15.82 16.57 38.61
CA PRO C 65 16.86 15.56 38.81
C PRO C 65 16.37 14.15 38.52
N GLY C 66 16.67 13.64 37.33
CA GLY C 66 16.12 12.36 36.92
C GLY C 66 16.78 11.18 37.61
N MET C 67 18.10 11.25 37.79
CA MET C 67 18.82 10.14 38.40
C MET C 67 18.62 10.04 39.91
N ASP C 68 18.15 11.12 40.55
CA ASP C 68 17.99 11.13 41.99
C ASP C 68 16.77 10.34 42.41
N GLY C 69 16.88 9.63 43.53
CA GLY C 69 15.78 8.89 44.08
C GLY C 69 14.81 9.78 44.83
N PRO C 70 13.82 9.15 45.46
CA PRO C 70 12.75 9.94 46.10
C PRO C 70 13.24 10.77 47.26
N THR C 71 14.12 10.22 48.10
CA THR C 71 14.60 10.95 49.27
C THR C 71 15.40 12.19 48.85
N ILE C 72 16.34 12.02 47.93
CA ILE C 72 17.15 13.15 47.48
C ILE C 72 16.30 14.15 46.71
N ALA C 73 15.28 13.68 45.99
CA ALA C 73 14.47 14.58 45.18
C ALA C 73 13.63 15.50 46.05
N ARG C 74 13.09 14.97 47.16
CA ARG C 74 12.34 15.82 48.09
C ARG C 74 13.24 16.87 48.71
N ALA C 75 14.48 16.50 49.04
CA ALA C 75 15.39 17.42 49.70
C ALA C 75 15.80 18.56 48.78
N THR C 76 16.10 18.25 47.51
CA THR C 76 16.51 19.30 46.58
C THR C 76 15.36 20.22 46.21
N GLU C 77 14.14 19.67 46.11
CA GLU C 77 12.97 20.52 45.93
C GLU C 77 12.80 21.48 47.10
N ALA C 78 12.95 20.97 48.32
CA ALA C 78 12.92 21.84 49.50
C ALA C 78 14.02 22.89 49.43
N ALA C 79 15.24 22.47 49.08
CA ALA C 79 16.35 23.40 48.98
C ALA C 79 16.07 24.47 47.94
N LEU C 80 15.48 24.09 46.80
CA LEU C 80 15.16 25.06 45.76
C LEU C 80 14.03 25.98 46.19
N ARG C 81 13.05 25.45 46.93
CA ARG C 81 12.01 26.30 47.51
C ARG C 81 12.63 27.35 48.43
N GLY C 82 13.68 26.98 49.16
CA GLY C 82 14.39 27.90 50.03
C GLY C 82 15.28 28.89 49.34
N GLY C 83 15.44 28.78 48.02
CA GLY C 83 16.21 29.75 47.27
C GLY C 83 17.69 29.46 47.16
N VAL C 84 18.10 28.19 47.19
CA VAL C 84 19.51 27.87 47.11
C VAL C 84 20.03 28.26 45.73
N ARG C 85 21.23 28.83 45.70
CA ARG C 85 21.89 29.22 44.47
C ARG C 85 23.08 28.32 44.22
N VAL C 86 23.55 28.31 42.96
CA VAL C 86 24.69 27.49 42.61
C VAL C 86 25.94 27.95 43.36
N ARG C 87 26.09 29.26 43.55
CA ARG C 87 27.23 29.78 44.28
C ARG C 87 27.22 29.36 45.75
N ASP C 88 26.07 28.93 46.28
CA ASP C 88 26.06 28.38 47.63
C ASP C 88 26.81 27.05 47.70
N THR C 89 26.79 26.27 46.62
CA THR C 89 27.58 25.05 46.58
C THR C 89 29.07 25.37 46.62
N LEU C 90 29.50 26.40 45.88
CA LEU C 90 30.89 26.83 45.94
C LEU C 90 31.27 27.29 47.33
N ALA C 91 30.31 27.88 48.07
CA ALA C 91 30.58 28.29 49.44
C ALA C 91 30.70 27.08 50.36
N ALA C 92 29.86 26.06 50.15
CA ALA C 92 29.95 24.84 50.94
C ALA C 92 31.25 24.10 50.68
N VAL C 93 31.75 24.16 49.44
CA VAL C 93 33.04 23.52 49.13
C VAL C 93 34.17 24.21 49.87
N GLU C 94 34.15 25.56 49.90
CA GLU C 94 35.19 26.29 50.60
C GLU C 94 35.13 26.02 52.10
N ALA C 95 33.92 25.94 52.67
CA ALA C 95 33.79 25.64 54.09
C ALA C 95 34.34 24.26 54.40
N ILE C 96 34.15 23.30 53.50
CA ILE C 96 34.64 21.95 53.72
C ILE C 96 36.17 21.91 53.65
N SER C 97 36.76 22.70 52.75
CA SER C 97 38.21 22.74 52.63
C SER C 97 38.85 23.40 53.85
N ILE C 98 38.23 24.46 54.37
CA ILE C 98 38.76 25.12 55.56
C ILE C 98 38.71 24.19 56.76
N ALA C 99 37.65 23.40 56.87
CA ALA C 99 37.50 22.45 57.96
C ALA C 99 38.39 21.22 57.80
N GLY C 100 39.20 21.15 56.75
CA GLY C 100 40.11 20.05 56.55
C GLY C 100 39.60 18.90 55.71
N GLY C 101 38.41 19.04 55.11
CA GLY C 101 37.85 17.98 54.30
C GLY C 101 38.19 18.11 52.83
N ARG C 102 37.86 17.05 52.09
CA ARG C 102 38.06 17.01 50.65
C ARG C 102 36.71 16.91 49.97
N ALA C 103 36.43 17.83 49.04
CA ALA C 103 35.11 17.98 48.47
C ALA C 103 35.14 17.86 46.96
N VAL C 104 34.22 17.09 46.40
CA VAL C 104 33.88 17.11 44.99
C VAL C 104 32.43 17.56 44.87
N VAL C 105 32.09 18.06 43.69
CA VAL C 105 30.73 18.54 43.42
C VAL C 105 30.04 17.56 42.49
N MET C 106 28.85 17.13 42.86
CA MET C 106 28.00 16.34 42.00
C MET C 106 26.88 17.23 41.48
N THR C 107 26.74 17.29 40.15
CA THR C 107 25.79 18.21 39.54
C THR C 107 25.37 17.68 38.18
N TYR C 108 24.14 18.00 37.80
CA TYR C 108 23.72 17.81 36.42
C TYR C 108 24.39 18.87 35.55
N TRP C 109 24.36 18.64 34.24
CA TRP C 109 25.25 19.42 33.38
C TRP C 109 24.71 20.80 33.04
N ASN C 110 23.39 20.97 32.99
CA ASN C 110 22.84 22.26 32.58
C ASN C 110 23.24 23.41 33.51
N PRO C 111 23.21 23.28 34.84
CA PRO C 111 23.73 24.38 35.67
C PRO C 111 25.18 24.74 35.37
N VAL C 112 25.99 23.76 34.98
CA VAL C 112 27.38 24.05 34.62
C VAL C 112 27.45 24.79 33.30
N LEU C 113 26.64 24.38 32.32
CA LEU C 113 26.58 25.09 31.05
C LEU C 113 26.13 26.53 31.26
N ARG C 114 25.05 26.73 32.04
CA ARG C 114 24.57 28.07 32.31
C ARG C 114 25.64 28.91 33.02
N TYR C 115 26.38 28.29 33.93
CA TYR C 115 27.46 28.99 34.62
C TYR C 115 28.63 29.25 33.68
N GLY C 116 28.88 28.35 32.74
CA GLY C 116 30.11 28.37 31.97
C GLY C 116 31.03 27.27 32.43
N VAL C 117 31.43 26.37 31.53
CA VAL C 117 32.21 25.21 31.92
C VAL C 117 33.57 25.63 32.44
N ASP C 118 34.30 26.43 31.66
CA ASP C 118 35.61 26.89 32.10
C ASP C 118 35.51 27.72 33.38
N ALA C 119 34.50 28.60 33.45
CA ALA C 119 34.34 29.45 34.62
C ALA C 119 34.03 28.64 35.87
N PHE C 120 33.11 27.67 35.74
CA PHE C 120 32.76 26.85 36.91
C PHE C 120 33.93 25.99 37.35
N ALA C 121 34.75 25.52 36.40
CA ALA C 121 35.94 24.77 36.77
C ALA C 121 36.92 25.64 37.56
N ARG C 122 37.09 26.90 37.14
CA ARG C 122 37.99 27.80 37.85
C ARG C 122 37.49 28.10 39.25
N ASP C 123 36.21 28.48 39.37
CA ASP C 123 35.66 28.81 40.68
C ASP C 123 35.67 27.60 41.61
N LEU C 124 35.38 26.42 41.07
CA LEU C 124 35.44 25.22 41.88
C LEU C 124 36.86 24.95 42.39
N ALA C 125 37.85 25.11 41.52
CA ALA C 125 39.24 24.96 41.95
C ALA C 125 39.62 26.04 42.94
N ALA C 126 39.16 27.27 42.70
CA ALA C 126 39.49 28.37 43.61
C ALA C 126 38.81 28.19 44.97
N ALA C 127 37.70 27.47 45.00
CA ALA C 127 37.03 27.17 46.26
C ALA C 127 37.63 25.96 46.98
N GLY C 128 38.69 25.37 46.43
CA GLY C 128 39.27 24.18 47.01
C GLY C 128 38.69 22.88 46.53
N GLY C 129 37.79 22.91 45.55
CA GLY C 129 37.22 21.68 45.04
C GLY C 129 38.27 20.82 44.35
N LEU C 130 38.05 19.51 44.39
CA LEU C 130 38.99 18.56 43.83
C LEU C 130 38.49 17.87 42.57
N GLY C 131 37.18 17.79 42.36
CA GLY C 131 36.68 17.10 41.20
C GLY C 131 35.22 17.40 40.95
N LEU C 132 34.65 16.68 40.00
CA LEU C 132 33.27 16.90 39.58
C LEU C 132 32.65 15.56 39.18
N ILE C 133 31.49 15.27 39.74
CA ILE C 133 30.73 14.07 39.40
C ILE C 133 29.59 14.50 38.47
N THR C 134 29.54 13.89 37.28
CA THR C 134 28.61 14.29 36.23
C THR C 134 27.69 13.13 35.88
N PRO C 135 26.55 13.00 36.56
CA PRO C 135 25.67 11.85 36.29
C PRO C 135 24.97 11.89 34.94
N ASP C 136 24.68 13.07 34.37
CA ASP C 136 24.00 13.14 33.09
C ASP C 136 24.92 13.65 31.98
N LEU C 137 26.23 13.57 32.17
CA LEU C 137 27.21 13.92 31.15
C LEU C 137 28.06 12.69 30.85
N ILE C 138 27.96 12.19 29.63
CA ILE C 138 28.77 11.06 29.18
C ILE C 138 29.99 11.62 28.46
N PRO C 139 31.09 10.85 28.36
CA PRO C 139 32.28 11.37 27.66
C PRO C 139 32.03 11.85 26.25
N ASP C 140 30.99 11.33 25.59
CA ASP C 140 30.72 11.70 24.20
C ASP C 140 30.33 13.16 24.06
N GLU C 141 29.98 13.83 25.17
CA GLU C 141 29.60 15.24 25.16
C GLU C 141 30.53 16.08 26.04
N ALA C 142 31.69 15.55 26.42
CA ALA C 142 32.52 16.14 27.45
C ALA C 142 33.76 16.85 26.90
N GLN C 143 33.72 17.32 25.66
CA GLN C 143 34.90 17.93 25.06
C GLN C 143 35.31 19.19 25.83
N GLN C 144 34.32 20.06 26.13
CA GLN C 144 34.61 21.24 26.94
C GLN C 144 35.12 20.85 28.32
N TRP C 145 34.49 19.86 28.95
CA TRP C 145 34.82 19.51 30.33
C TRP C 145 36.15 18.77 30.40
N LEU C 146 36.45 17.93 29.41
CA LEU C 146 37.75 17.26 29.40
C LEU C 146 38.89 18.26 29.30
N ALA C 147 38.66 19.41 28.64
CA ALA C 147 39.70 20.42 28.54
C ALA C 147 39.81 21.22 29.82
N ALA C 148 38.67 21.65 30.39
CA ALA C 148 38.70 22.42 31.62
C ALA C 148 39.22 21.59 32.79
N SER C 149 38.90 20.29 32.81
CA SER C 149 39.41 19.42 33.86
C SER C 149 40.92 19.31 33.80
N GLU C 150 41.47 19.14 32.59
CA GLU C 150 42.92 19.01 32.44
C GLU C 150 43.64 20.31 32.77
N GLU C 151 43.09 21.45 32.35
CA GLU C 151 43.81 22.70 32.51
C GLU C 151 43.77 23.19 33.96
N HIS C 152 42.70 22.90 34.69
CA HIS C 152 42.52 23.41 36.04
C HIS C 152 42.70 22.34 37.11
N ARG C 153 43.23 21.18 36.74
CA ARG C 153 43.62 20.13 37.68
C ARG C 153 42.46 19.70 38.57
N LEU C 154 41.38 19.29 37.92
CA LEU C 154 40.21 18.74 38.59
C LEU C 154 39.98 17.30 38.14
N ASP C 155 39.53 16.47 39.07
CA ASP C 155 39.17 15.11 38.73
C ASP C 155 37.80 15.08 38.07
N ARG C 156 37.59 14.08 37.22
CA ARG C 156 36.33 13.92 36.49
C ARG C 156 35.82 12.50 36.72
N ILE C 157 34.73 12.39 37.48
CA ILE C 157 34.16 11.11 37.85
C ILE C 157 32.95 10.85 36.96
N PHE C 158 33.11 9.96 35.99
CA PHE C 158 31.98 9.50 35.19
C PHE C 158 31.36 8.27 35.81
N LEU C 159 30.14 7.96 35.37
CA LEU C 159 29.38 6.84 35.90
C LEU C 159 29.35 5.69 34.92
N VAL C 160 29.35 4.47 35.46
CA VAL C 160 29.13 3.25 34.70
C VAL C 160 27.96 2.50 35.32
N ALA C 161 27.34 1.65 34.52
CA ALA C 161 26.13 0.93 34.92
C ALA C 161 26.31 -0.55 34.65
N PRO C 162 25.48 -1.39 35.28
CA PRO C 162 25.50 -2.83 34.94
C PRO C 162 25.18 -3.09 33.47
N SER C 163 24.32 -2.27 32.87
CA SER C 163 23.97 -2.42 31.46
C SER C 163 25.02 -1.85 30.52
N SER C 164 26.10 -1.29 31.05
CA SER C 164 27.13 -0.69 30.20
C SER C 164 27.76 -1.75 29.30
N THR C 165 27.84 -1.44 28.01
CA THR C 165 28.47 -2.34 27.06
C THR C 165 29.97 -2.40 27.31
N PRO C 166 30.62 -3.49 26.87
CA PRO C 166 32.08 -3.58 27.07
C PRO C 166 32.85 -2.43 26.44
N GLU C 167 32.42 -1.97 25.26
CA GLU C 167 33.12 -0.87 24.59
C GLU C 167 32.95 0.43 25.35
N ARG C 168 31.71 0.73 25.78
CA ARG C 168 31.46 2.00 26.46
C ARG C 168 32.07 2.03 27.86
N LEU C 169 32.12 0.89 28.54
CA LEU C 169 32.75 0.85 29.86
C LEU C 169 34.23 1.21 29.77
N ALA C 170 34.93 0.62 28.80
CA ALA C 170 36.36 0.92 28.64
C ALA C 170 36.58 2.39 28.31
N ALA C 171 35.74 2.96 27.44
CA ALA C 171 35.89 4.36 27.09
C ALA C 171 35.57 5.27 28.27
N THR C 172 34.56 4.91 29.07
CA THR C 172 34.21 5.73 30.23
C THR C 172 35.32 5.69 31.27
N VAL C 173 35.90 4.51 31.52
CA VAL C 173 36.98 4.40 32.50
C VAL C 173 38.21 5.17 32.03
N GLU C 174 38.53 5.08 30.74
CA GLU C 174 39.71 5.76 30.21
C GLU C 174 39.59 7.27 30.30
N ALA C 175 38.37 7.81 30.33
CA ALA C 175 38.15 9.24 30.40
C ALA C 175 38.03 9.77 31.83
N SER C 176 37.93 8.88 32.82
CA SER C 176 37.75 9.30 34.20
C SER C 176 39.09 9.50 34.90
N ARG C 177 39.13 10.48 35.79
CA ARG C 177 40.26 10.71 36.68
C ARG C 177 39.75 10.80 38.11
N GLY C 178 40.53 10.28 39.05
CA GLY C 178 40.11 10.24 40.44
C GLY C 178 39.51 8.90 40.81
N PHE C 179 38.24 8.70 40.47
CA PHE C 179 37.62 7.39 40.59
C PHE C 179 36.44 7.33 39.62
N VAL C 180 35.96 6.12 39.37
CA VAL C 180 34.80 5.89 38.52
C VAL C 180 33.64 5.46 39.41
N TYR C 181 32.47 6.06 39.16
CA TYR C 181 31.29 5.87 39.97
C TYR C 181 30.47 4.72 39.38
N ALA C 182 30.48 3.57 40.06
CA ALA C 182 29.70 2.41 39.64
C ALA C 182 28.34 2.48 40.33
N ALA C 183 27.33 2.94 39.60
CA ALA C 183 26.00 3.15 40.15
C ALA C 183 25.07 2.02 39.72
N SER C 184 24.27 1.53 40.68
N SER C 184 24.31 1.50 40.68
CA SER C 184 23.36 0.42 40.42
CA SER C 184 23.33 0.46 40.36
C SER C 184 22.08 0.52 41.25
C SER C 184 22.12 0.49 41.27
N THR C 185 22.06 1.40 42.23
CA THR C 185 20.90 1.53 43.11
C THR C 185 19.69 2.07 42.35
N VAL C 195 20.42 -8.80 40.44
CA VAL C 195 20.33 -7.43 40.95
C VAL C 195 21.12 -7.32 42.25
N SER C 196 21.39 -8.45 42.89
CA SER C 196 22.13 -8.43 44.14
C SER C 196 23.63 -8.46 43.88
N GLN C 197 24.07 -9.32 42.97
CA GLN C 197 25.49 -9.44 42.62
C GLN C 197 25.88 -8.55 41.45
N ALA C 198 25.03 -7.60 41.07
CA ALA C 198 25.34 -6.74 39.94
C ALA C 198 26.48 -5.79 40.25
N ALA C 199 26.54 -5.30 41.50
CA ALA C 199 27.60 -4.34 41.86
C ALA C 199 28.99 -4.96 41.83
N PRO C 200 29.25 -6.12 42.46
CA PRO C 200 30.62 -6.68 42.38
C PRO C 200 31.02 -7.06 40.97
N GLU C 201 30.08 -7.61 40.19
CA GLU C 201 30.40 -7.96 38.80
C GLU C 201 30.79 -6.74 38.00
N LEU C 202 30.16 -5.59 38.27
CA LEU C 202 30.50 -4.36 37.56
C LEU C 202 31.89 -3.87 37.96
N VAL C 203 32.19 -3.88 39.27
CA VAL C 203 33.51 -3.49 39.73
C VAL C 203 34.59 -4.39 39.14
N GLY C 204 34.28 -5.68 38.99
CA GLY C 204 35.23 -6.59 38.36
C GLY C 204 35.50 -6.24 36.91
N ARG C 205 34.48 -5.71 36.21
CA ARG C 205 34.67 -5.33 34.81
C ARG C 205 35.55 -4.09 34.70
N VAL C 206 35.44 -3.16 35.64
CA VAL C 206 36.28 -1.96 35.60
C VAL C 206 37.72 -2.31 35.93
N LYS C 207 37.92 -3.12 36.97
CA LYS C 207 39.27 -3.47 37.39
C LYS C 207 39.97 -4.41 36.42
N ALA C 208 39.24 -4.97 35.46
CA ALA C 208 39.87 -5.79 34.44
C ALA C 208 40.51 -4.97 33.33
N VAL C 209 40.32 -3.65 33.32
CA VAL C 209 40.82 -2.80 32.25
C VAL C 209 41.60 -1.61 32.81
N SER C 210 41.53 -1.40 34.12
CA SER C 210 42.19 -0.23 34.69
C SER C 210 42.37 -0.41 36.20
N ASP C 211 43.36 0.29 36.74
CA ASP C 211 43.65 0.31 38.16
C ASP C 211 43.04 1.51 38.87
N ILE C 212 42.16 2.25 38.19
CA ILE C 212 41.56 3.44 38.80
C ILE C 212 40.67 3.01 39.96
N PRO C 213 40.59 3.78 41.05
CA PRO C 213 39.65 3.43 42.13
C PRO C 213 38.21 3.42 41.64
N VAL C 214 37.38 2.62 42.30
CA VAL C 214 35.98 2.48 41.95
C VAL C 214 35.15 2.74 43.19
N GLY C 215 34.22 3.70 43.09
CA GLY C 215 33.26 3.97 44.16
C GLY C 215 31.92 3.35 43.80
N VAL C 216 31.25 2.81 44.81
CA VAL C 216 30.01 2.06 44.62
C VAL C 216 28.91 2.71 45.46
N GLY C 217 27.89 3.23 44.79
CA GLY C 217 26.67 3.67 45.44
C GLY C 217 25.59 2.63 45.23
N LEU C 218 25.01 2.16 46.35
CA LEU C 218 24.11 1.02 46.31
C LEU C 218 22.92 1.21 47.25
N GLY C 219 22.57 2.46 47.56
CA GLY C 219 21.51 2.73 48.50
C GLY C 219 21.87 2.24 49.89
N VAL C 220 23.10 2.54 50.33
CA VAL C 220 23.59 2.06 51.61
C VAL C 220 22.93 2.83 52.73
N ARG C 221 22.49 2.11 53.77
CA ARG C 221 21.90 2.73 54.94
C ARG C 221 22.44 2.19 56.26
N SER C 222 23.21 1.11 56.27
CA SER C 222 23.69 0.50 57.50
C SER C 222 25.20 0.34 57.46
N ARG C 223 25.78 0.12 58.65
CA ARG C 223 27.20 -0.18 58.74
C ARG C 223 27.55 -1.48 58.04
N ALA C 224 26.67 -2.49 58.17
CA ALA C 224 26.94 -3.79 57.55
C ALA C 224 27.02 -3.67 56.03
N GLN C 225 26.13 -2.89 55.42
CA GLN C 225 26.16 -2.74 53.97
C GLN C 225 27.43 -2.04 53.51
N ALA C 226 27.88 -1.03 54.25
CA ALA C 226 29.15 -0.38 53.92
C ALA C 226 30.32 -1.35 54.03
N ALA C 227 30.24 -2.30 54.97
CA ALA C 227 31.30 -3.28 55.12
C ALA C 227 31.31 -4.27 53.95
N GLN C 228 30.12 -4.65 53.46
CA GLN C 228 30.03 -5.57 52.34
C GLN C 228 30.67 -4.98 51.09
N ILE C 229 30.42 -3.69 50.83
CA ILE C 229 30.92 -3.06 49.61
C ILE C 229 32.43 -2.85 49.70
N ALA C 230 32.94 -2.55 50.90
CA ALA C 230 34.36 -2.30 51.09
C ALA C 230 35.23 -3.53 50.81
N GLN C 231 34.63 -4.71 50.65
CA GLN C 231 35.41 -5.90 50.35
C GLN C 231 35.89 -5.93 48.90
N TYR C 232 35.20 -5.24 48.00
CA TYR C 232 35.57 -5.22 46.59
C TYR C 232 35.66 -3.83 45.98
N ALA C 233 35.18 -2.79 46.66
CA ALA C 233 35.22 -1.43 46.13
C ALA C 233 36.31 -0.62 46.83
N ASP C 234 36.81 0.39 46.12
CA ASP C 234 37.79 1.30 46.70
C ASP C 234 37.12 2.36 47.55
N GLY C 235 35.91 2.77 47.20
CA GLY C 235 35.18 3.76 47.99
C GLY C 235 33.73 3.37 48.10
N VAL C 236 33.13 3.69 49.26
CA VAL C 236 31.73 3.42 49.53
C VAL C 236 31.00 4.75 49.56
N ILE C 237 29.99 4.88 48.70
CA ILE C 237 29.25 6.13 48.51
C ILE C 237 27.90 6.01 49.20
N VAL C 238 27.64 6.90 50.14
CA VAL C 238 26.38 6.95 50.87
C VAL C 238 25.76 8.32 50.65
N GLY C 239 24.48 8.32 50.25
CA GLY C 239 23.81 9.57 49.95
C GLY C 239 22.42 9.69 50.55
N SER C 240 21.51 8.79 50.16
CA SER C 240 20.13 8.87 50.63
C SER C 240 20.03 8.74 52.14
N ALA C 241 20.80 7.82 52.71
CA ALA C 241 20.73 7.61 54.16
C ALA C 241 21.26 8.80 54.93
N LEU C 242 22.18 9.58 54.34
CA LEU C 242 22.70 10.76 55.03
C LEU C 242 21.67 11.88 55.04
N VAL C 243 20.91 12.03 53.95
CA VAL C 243 19.85 13.02 53.91
C VAL C 243 18.74 12.65 54.90
N THR C 244 18.43 11.35 55.00
CA THR C 244 17.41 10.92 55.94
C THR C 244 17.88 11.12 57.38
N ALA C 245 19.17 10.91 57.66
CA ALA C 245 19.68 11.13 59.00
C ALA C 245 19.63 12.61 59.37
N LEU C 246 19.91 13.49 58.41
CA LEU C 246 19.87 14.93 58.69
C LEU C 246 18.46 15.41 58.96
N THR C 247 17.46 14.79 58.32
CA THR C 247 16.07 15.16 58.59
C THR C 247 15.70 14.84 60.03
N GLU C 248 16.20 13.73 60.56
CA GLU C 248 16.01 13.41 61.98
C GLU C 248 16.69 14.44 62.85
N GLY C 249 17.85 14.91 62.45
CA GLY C 249 18.59 15.91 63.18
C GLY C 249 20.10 15.72 63.00
N LEU C 250 20.83 16.80 63.20
CA LEU C 250 22.28 16.76 63.08
C LEU C 250 22.95 15.75 64.02
N PRO C 251 22.51 15.57 65.27
CA PRO C 251 23.10 14.50 66.10
C PRO C 251 22.93 13.12 65.49
N ARG C 252 21.83 12.85 64.80
CA ARG C 252 21.66 11.55 64.15
C ARG C 252 22.62 11.37 62.98
N LEU C 253 22.95 12.46 62.29
CA LEU C 253 23.90 12.36 61.18
C LEU C 253 25.28 11.95 61.67
N ARG C 254 25.71 12.48 62.81
CA ARG C 254 27.02 12.12 63.35
C ARG C 254 27.07 10.64 63.73
N ALA C 255 25.96 10.11 64.24
CA ALA C 255 25.95 8.71 64.64
C ALA C 255 25.99 7.78 63.44
N LEU C 256 25.18 8.06 62.41
CA LEU C 256 25.17 7.22 61.22
C LEU C 256 26.50 7.27 60.49
N THR C 257 27.12 8.45 60.42
CA THR C 257 28.40 8.58 59.75
C THR C 257 29.49 7.80 60.47
N GLY C 258 29.48 7.83 61.81
CA GLY C 258 30.47 7.07 62.56
C GLY C 258 30.36 5.58 62.34
N GLU C 259 29.14 5.06 62.26
CA GLU C 259 28.95 3.65 61.97
C GLU C 259 29.45 3.30 60.58
N LEU C 260 29.15 4.16 59.59
CA LEU C 260 29.60 3.90 58.23
C LEU C 260 31.11 3.97 58.13
N ALA C 261 31.74 4.90 58.85
CA ALA C 261 33.20 5.00 58.85
C ALA C 261 33.82 3.74 59.44
N ALA C 262 33.23 3.19 60.48
CA ALA C 262 33.71 1.94 61.03
C ALA C 262 33.43 0.77 60.10
N GLY C 263 32.40 0.89 59.25
CA GLY C 263 32.06 -0.22 58.37
C GLY C 263 33.08 -0.44 57.27
N VAL C 264 33.67 0.64 56.76
CA VAL C 264 34.53 0.56 55.58
C VAL C 264 35.92 0.10 56.00
N ARG C 265 36.07 -0.23 57.28
CA ARG C 265 37.33 -0.69 57.81
C ARG C 265 37.37 -2.19 58.06
N LEU C 266 36.22 -2.85 58.10
CA LEU C 266 36.18 -4.28 58.39
C LEU C 266 36.70 -5.10 57.21
N GLY C 267 37.15 -6.31 57.51
CA GLY C 267 37.66 -7.21 56.49
C GLY C 267 37.38 -8.67 56.78
N ALA D 4 7.17 4.20 -1.71
CA ALA D 4 7.80 4.56 -0.45
C ALA D 4 9.28 4.17 -0.44
N ILE D 5 10.15 5.18 -0.54
CA ILE D 5 11.60 4.96 -0.56
C ILE D 5 12.22 5.78 0.57
N ALA D 6 13.41 5.37 0.98
CA ALA D 6 14.15 6.09 2.00
C ALA D 6 14.60 7.45 1.46
N GLU D 7 14.19 8.52 2.13
CA GLU D 7 14.51 9.87 1.72
C GLU D 7 15.97 10.20 2.04
N PRO D 8 16.55 11.22 1.37
CA PRO D 8 17.97 11.54 1.58
C PRO D 8 18.35 11.88 3.01
N THR D 9 19.66 12.09 3.22
CA THR D 9 20.25 12.27 4.53
C THR D 9 20.98 13.60 4.64
N SER D 10 20.49 14.62 3.93
CA SER D 10 21.24 15.87 3.82
C SER D 10 21.20 16.68 5.13
N HIS D 11 20.03 16.78 5.74
CA HIS D 11 19.84 17.61 6.93
C HIS D 11 19.94 16.82 8.23
N ASP D 12 20.45 15.60 8.17
CA ASP D 12 20.55 14.76 9.36
C ASP D 12 21.78 15.14 10.19
N PRO D 13 21.77 14.82 11.48
CA PRO D 13 22.92 15.12 12.34
C PRO D 13 24.05 14.12 12.09
N ASP D 14 25.13 14.29 12.85
CA ASP D 14 26.28 13.39 12.75
C ASP D 14 25.96 12.10 13.50
N SER D 15 26.97 11.23 13.63
CA SER D 15 26.77 9.97 14.31
C SER D 15 26.40 10.16 15.77
N GLY D 16 26.88 11.25 16.39
CA GLY D 16 26.53 11.57 17.76
C GLY D 16 25.23 12.31 17.96
N GLY D 17 24.52 12.61 16.87
CA GLY D 17 23.24 13.30 16.98
C GLY D 17 23.34 14.80 17.10
N HIS D 18 24.35 15.42 16.49
CA HIS D 18 24.58 16.85 16.59
C HIS D 18 24.24 17.53 15.28
N PHE D 19 23.41 18.57 15.35
CA PHE D 19 23.06 19.38 14.20
C PHE D 19 23.97 20.60 14.12
N GLY D 20 24.52 20.86 12.94
CA GLY D 20 25.32 22.05 12.74
C GLY D 20 26.74 21.98 13.25
N GLY D 21 27.34 20.80 13.26
CA GLY D 21 28.72 20.67 13.68
C GLY D 21 28.90 19.61 14.76
N PRO D 22 30.17 19.33 15.10
CA PRO D 22 30.44 18.27 16.09
C PRO D 22 29.95 18.61 17.49
N SER D 23 30.01 19.88 17.89
CA SER D 23 29.54 20.31 19.21
C SER D 23 28.22 21.08 19.10
N GLY D 24 27.39 20.75 18.12
CA GLY D 24 26.18 21.50 17.83
C GLY D 24 25.00 21.13 18.70
N TRP D 25 23.82 21.31 18.14
CA TRP D 25 22.58 21.08 18.88
C TRP D 25 22.23 19.59 18.90
N GLY D 26 21.54 19.18 19.97
CA GLY D 26 21.13 17.80 20.09
C GLY D 26 22.01 16.98 21.00
N GLY D 27 22.72 16.00 20.43
CA GLY D 27 23.58 15.16 21.23
C GLY D 27 22.79 14.17 22.08
N ARG D 28 23.44 13.71 23.15
CA ARG D 28 22.85 12.74 24.08
C ARG D 28 23.24 13.16 25.50
N TYR D 29 22.39 13.94 26.14
CA TYR D 29 22.62 14.37 27.52
C TYR D 29 21.79 13.49 28.46
N VAL D 30 22.22 12.23 28.54
CA VAL D 30 21.55 11.20 29.32
C VAL D 30 22.59 10.52 30.20
N PRO D 31 22.17 9.81 31.23
CA PRO D 31 23.12 9.04 32.04
C PRO D 31 23.62 7.82 31.27
N GLU D 32 24.80 7.35 31.67
CA GLU D 32 25.38 6.16 31.05
C GLU D 32 24.46 4.96 31.20
N ALA D 33 23.68 4.91 32.29
CA ALA D 33 22.77 3.80 32.52
C ALA D 33 21.78 3.59 31.38
N LEU D 34 21.54 4.63 30.57
CA LEU D 34 20.56 4.58 29.50
C LEU D 34 21.18 4.39 28.12
N MET D 35 22.51 4.46 28.01
CA MET D 35 23.14 4.45 26.69
C MET D 35 22.99 3.11 25.99
N ALA D 36 22.86 2.02 26.74
CA ALA D 36 22.72 0.71 26.11
C ALA D 36 21.42 0.62 25.31
N VAL D 37 20.29 0.98 25.93
CA VAL D 37 19.03 0.90 25.22
C VAL D 37 18.94 2.00 24.16
N ILE D 38 19.64 3.12 24.36
CA ILE D 38 19.63 4.18 23.37
C ILE D 38 20.41 3.75 22.12
N GLU D 39 21.55 3.07 22.32
CA GLU D 39 22.27 2.52 21.17
C GLU D 39 21.48 1.39 20.52
N GLU D 40 20.71 0.63 21.30
CA GLU D 40 19.88 -0.41 20.73
C GLU D 40 18.77 0.17 19.86
N VAL D 41 18.13 1.26 20.33
CA VAL D 41 17.10 1.91 19.54
C VAL D 41 17.71 2.59 18.33
N THR D 42 18.90 3.18 18.49
CA THR D 42 19.56 3.82 17.36
C THR D 42 19.91 2.81 16.27
N ALA D 43 20.47 1.67 16.67
CA ALA D 43 20.85 0.65 15.68
C ALA D 43 19.62 0.07 14.99
N ALA D 44 18.55 -0.17 15.75
CA ALA D 44 17.34 -0.74 15.15
C ALA D 44 16.70 0.23 14.19
N TYR D 45 16.70 1.53 14.52
CA TYR D 45 16.06 2.50 13.64
C TYR D 45 16.87 2.73 12.37
N GLN D 46 18.21 2.75 12.48
CA GLN D 46 19.04 2.89 11.29
C GLN D 46 18.78 1.74 10.31
N LYS D 47 18.47 0.55 10.82
CA LYS D 47 18.19 -0.60 9.98
C LYS D 47 16.80 -0.52 9.36
N GLU D 48 15.79 -0.18 10.16
CA GLU D 48 14.42 -0.20 9.67
C GLU D 48 14.06 1.00 8.82
N ARG D 49 14.77 2.13 8.98
CA ARG D 49 14.44 3.32 8.20
C ARG D 49 14.76 3.16 6.73
N VAL D 50 15.64 2.22 6.38
CA VAL D 50 15.96 1.92 4.99
C VAL D 50 15.40 0.56 4.56
N SER D 51 14.57 -0.06 5.40
CA SER D 51 13.95 -1.34 5.09
C SER D 51 12.67 -1.10 4.32
N GLN D 52 12.57 -1.67 3.11
CA GLN D 52 11.36 -1.52 2.32
C GLN D 52 10.18 -2.19 2.99
N ASP D 53 10.42 -3.27 3.74
CA ASP D 53 9.32 -3.93 4.45
C ASP D 53 8.79 -3.07 5.58
N PHE D 54 9.68 -2.35 6.27
CA PHE D 54 9.23 -1.46 7.33
C PHE D 54 8.45 -0.28 6.77
N LEU D 55 8.93 0.30 5.67
CA LEU D 55 8.23 1.42 5.07
C LEU D 55 6.88 0.99 4.50
N ASP D 56 6.82 -0.22 3.94
CA ASP D 56 5.53 -0.72 3.45
C ASP D 56 4.57 -0.97 4.60
N ASP D 57 5.08 -1.46 5.73
CA ASP D 57 4.22 -1.67 6.90
C ASP D 57 3.70 -0.35 7.45
N LEU D 58 4.57 0.66 7.53
CA LEU D 58 4.14 1.96 8.04
C LEU D 58 3.19 2.65 7.07
N ASP D 59 3.50 2.60 5.77
CA ASP D 59 2.63 3.22 4.78
C ASP D 59 1.26 2.55 4.74
N ARG D 60 1.21 1.23 4.96
CA ARG D 60 -0.08 0.53 4.97
C ARG D 60 -0.93 0.98 6.14
N LEU D 61 -0.32 1.19 7.31
CA LEU D 61 -1.07 1.65 8.47
C LEU D 61 -1.49 3.10 8.33
N GLN D 62 -0.64 3.94 7.72
CA GLN D 62 -1.01 5.32 7.50
C GLN D 62 -2.21 5.44 6.58
N ALA D 63 -2.28 4.57 5.56
CA ALA D 63 -3.31 4.72 4.53
C ALA D 63 -4.65 4.15 4.97
N ASN D 64 -4.66 2.93 5.49
CA ASN D 64 -5.90 2.25 5.81
C ASN D 64 -6.37 2.48 7.25
N TYR D 65 -5.44 2.66 8.19
CA TYR D 65 -5.79 2.82 9.60
C TYR D 65 -5.83 4.28 10.02
N ALA D 66 -4.81 5.06 9.66
CA ALA D 66 -4.74 6.46 10.09
C ALA D 66 -5.55 7.39 9.20
N GLY D 67 -5.79 7.02 7.94
CA GLY D 67 -6.57 7.84 7.03
C GLY D 67 -5.77 8.72 6.10
N ARG D 68 -4.45 8.58 6.06
CA ARG D 68 -3.66 9.36 5.13
C ARG D 68 -4.02 8.98 3.69
N PRO D 69 -3.89 9.92 2.73
CA PRO D 69 -3.42 11.29 2.89
C PRO D 69 -4.43 12.22 3.56
N SER D 70 -3.95 13.14 4.38
CA SER D 70 -4.83 14.18 4.86
C SER D 70 -5.00 15.24 3.78
N PRO D 71 -6.20 15.80 3.62
CA PRO D 71 -6.43 16.77 2.55
C PRO D 71 -5.75 18.10 2.84
N LEU D 72 -5.64 18.91 1.79
CA LEU D 72 -5.20 20.29 1.88
C LEU D 72 -6.37 21.18 1.45
N TYR D 73 -6.90 21.95 2.39
CA TYR D 73 -8.10 22.74 2.17
C TYR D 73 -7.78 24.22 2.18
N GLU D 74 -8.22 24.93 1.13
CA GLU D 74 -8.06 26.38 1.06
C GLU D 74 -9.25 27.02 1.76
N ALA D 75 -8.97 27.71 2.87
CA ALA D 75 -10.02 28.37 3.66
C ALA D 75 -10.28 29.75 3.05
N THR D 76 -11.10 29.76 2.01
CA THR D 76 -11.34 30.99 1.25
C THR D 76 -11.98 32.07 2.12
N ARG D 77 -12.74 31.68 3.12
CA ARG D 77 -13.43 32.65 3.98
C ARG D 77 -12.54 33.19 5.09
N LEU D 78 -11.32 32.66 5.24
CA LEU D 78 -10.33 33.28 6.12
C LEU D 78 -9.56 34.39 5.42
N SER D 79 -9.63 34.47 4.09
CA SER D 79 -8.74 35.33 3.33
C SER D 79 -8.90 36.79 3.73
N GLN D 80 -10.11 37.21 4.08
CA GLN D 80 -10.36 38.61 4.42
C GLN D 80 -9.55 39.03 5.66
N HIS D 81 -9.34 38.12 6.61
CA HIS D 81 -8.61 38.43 7.82
C HIS D 81 -7.11 38.18 7.70
N ALA D 82 -6.65 37.68 6.55
CA ALA D 82 -5.22 37.46 6.31
C ALA D 82 -4.71 38.36 5.19
N GLY D 83 -5.22 39.58 5.09
CA GLY D 83 -4.79 40.50 4.06
C GLY D 83 -5.06 40.01 2.65
N SER D 84 -6.16 39.28 2.46
CA SER D 84 -6.53 38.69 1.16
C SER D 84 -5.50 37.69 0.66
N ALA D 85 -4.65 37.18 1.54
CA ALA D 85 -3.79 36.06 1.18
C ALA D 85 -4.62 34.78 1.13
N ARG D 86 -4.02 33.73 0.57
CA ARG D 86 -4.71 32.45 0.39
C ARG D 86 -4.17 31.46 1.41
N ILE D 87 -5.01 31.09 2.37
CA ILE D 87 -4.64 30.21 3.47
C ILE D 87 -5.05 28.79 3.12
N PHE D 88 -4.07 27.90 3.06
CA PHE D 88 -4.30 26.48 2.80
C PHE D 88 -4.04 25.71 4.09
N LEU D 89 -5.06 24.99 4.56
CA LEU D 89 -4.97 24.22 5.79
C LEU D 89 -4.60 22.78 5.47
N LYS D 90 -3.47 22.32 6.01
CA LYS D 90 -3.10 20.91 5.94
C LYS D 90 -3.83 20.19 7.06
N ARG D 91 -4.81 19.36 6.68
CA ARG D 91 -5.83 18.88 7.62
C ARG D 91 -5.36 17.67 8.41
N GLU D 92 -4.34 17.87 9.24
CA GLU D 92 -3.95 16.81 10.18
C GLU D 92 -5.00 16.58 11.25
N ASP D 93 -5.94 17.51 11.41
CA ASP D 93 -7.04 17.33 12.35
C ASP D 93 -7.93 16.15 11.98
N LEU D 94 -7.83 15.67 10.75
CA LEU D 94 -8.66 14.56 10.28
C LEU D 94 -8.02 13.20 10.47
N ASN D 95 -6.79 13.15 10.99
CA ASN D 95 -6.16 11.88 11.25
C ASN D 95 -6.89 11.13 12.35
N HIS D 96 -6.72 9.81 12.36
CA HIS D 96 -7.21 9.01 13.47
C HIS D 96 -6.58 9.50 14.77
N THR D 97 -7.40 9.53 15.83
CA THR D 97 -7.10 10.15 17.12
C THR D 97 -7.14 11.68 17.02
N GLY D 98 -7.28 12.21 15.81
CA GLY D 98 -7.50 13.63 15.63
C GLY D 98 -6.27 14.50 15.72
N SER D 99 -5.08 13.96 15.49
CA SER D 99 -3.86 14.72 15.65
C SER D 99 -2.77 14.12 14.79
N HIS D 100 -1.67 14.85 14.67
CA HIS D 100 -0.51 14.40 13.90
C HIS D 100 0.28 13.37 14.67
N ILE D 102 -0.40 10.62 15.71
CA ILE D 102 -0.63 9.24 15.29
C ILE D 102 0.48 8.79 14.33
N ASN D 103 1.00 9.74 13.54
CA ASN D 103 2.12 9.41 12.66
C ASN D 103 3.33 8.94 13.46
N ASN D 104 3.60 9.60 14.58
CA ASN D 104 4.77 9.28 15.38
C ASN D 104 4.60 7.94 16.09
N VAL D 105 3.44 7.72 16.71
CA VAL D 105 3.25 6.52 17.51
C VAL D 105 3.09 5.27 16.65
N LEU D 106 2.70 5.42 15.38
CA LEU D 106 2.62 4.25 14.52
C LEU D 106 4.00 3.76 14.13
N GLY D 107 4.90 4.69 13.79
CA GLY D 107 6.25 4.29 13.43
C GLY D 107 7.02 3.71 14.60
N GLN D 108 6.90 4.32 15.78
CA GLN D 108 7.66 3.86 16.93
C GLN D 108 7.11 2.56 17.49
N ALA D 109 5.79 2.37 17.45
CA ALA D 109 5.22 1.12 17.90
C ALA D 109 5.61 -0.03 16.97
N LEU D 110 5.62 0.22 15.65
CA LEU D 110 6.17 -0.76 14.73
C LEU D 110 7.62 -1.05 15.04
N LEU D 111 8.41 0.00 15.33
CA LEU D 111 9.81 -0.19 15.70
C LEU D 111 9.94 -1.03 16.97
N ALA D 112 9.09 -0.76 17.96
CA ALA D 112 9.14 -1.52 19.21
C ALA D 112 8.86 -3.00 18.95
N ARG D 113 7.93 -3.30 18.06
CA ARG D 113 7.67 -4.69 17.69
C ARG D 113 8.87 -5.31 16.97
N ARG D 114 9.52 -4.53 16.09
CA ARG D 114 10.70 -5.03 15.40
C ARG D 114 11.81 -5.38 16.39
N MET D 115 11.98 -4.57 17.43
CA MET D 115 13.03 -4.79 18.41
C MET D 115 12.71 -5.91 19.39
N GLY D 116 11.50 -6.45 19.35
CA GLY D 116 11.11 -7.50 20.28
C GLY D 116 10.68 -7.02 21.64
N LYS D 117 10.53 -5.71 21.84
CA LYS D 117 10.01 -5.21 23.10
C LYS D 117 8.53 -5.60 23.25
N THR D 118 8.12 -5.82 24.49
CA THR D 118 6.74 -6.15 24.79
C THR D 118 6.02 -5.09 25.61
N ARG D 119 6.74 -4.07 26.07
CA ARG D 119 6.19 -3.04 26.94
C ARG D 119 6.55 -1.67 26.39
N VAL D 120 5.61 -0.74 26.43
CA VAL D 120 5.79 0.60 25.92
C VAL D 120 5.36 1.61 26.98
N ILE D 121 6.22 2.58 27.25
CA ILE D 121 5.92 3.63 28.21
C ILE D 121 5.95 4.98 27.49
N ALA D 122 5.21 5.94 28.03
CA ALA D 122 5.13 7.26 27.41
C ALA D 122 4.67 8.28 28.45
N GLU D 123 5.03 9.53 28.20
CA GLU D 123 4.55 10.66 28.97
C GLU D 123 3.32 11.27 28.29
N THR D 124 2.62 12.13 29.02
CA THR D 124 1.56 12.93 28.41
C THR D 124 1.25 14.13 29.28
N GLY D 125 0.87 15.22 28.62
CA GLY D 125 0.45 16.42 29.32
C GLY D 125 -1.01 16.38 29.67
N ALA D 126 -1.88 16.85 28.78
CA ALA D 126 -3.32 16.77 29.02
C ALA D 126 -3.91 15.43 28.57
N GLY D 127 -3.13 14.59 27.90
CA GLY D 127 -3.59 13.27 27.49
C GLY D 127 -3.50 12.99 26.01
N GLN D 128 -3.08 13.93 25.16
CA GLN D 128 -3.15 13.71 23.73
C GLN D 128 -2.16 12.64 23.28
N HIS D 129 -0.89 12.79 23.65
CA HIS D 129 0.11 11.78 23.25
C HIS D 129 -0.15 10.45 23.93
N GLY D 130 -0.59 10.49 25.20
CA GLY D 130 -0.86 9.25 25.91
C GLY D 130 -1.97 8.43 25.27
N VAL D 131 -3.03 9.10 24.82
CA VAL D 131 -4.10 8.39 24.10
C VAL D 131 -3.56 7.82 22.79
N ALA D 132 -2.71 8.57 22.10
CA ALA D 132 -2.16 8.10 20.84
C ALA D 132 -1.22 6.91 21.05
N THR D 133 -0.41 6.94 22.11
CA THR D 133 0.46 5.82 22.42
C THR D 133 -0.35 4.57 22.75
N ALA D 134 -1.38 4.74 23.58
CA ALA D 134 -2.25 3.61 23.89
C ALA D 134 -2.97 3.09 22.66
N THR D 135 -3.31 3.98 21.72
CA THR D 135 -3.96 3.56 20.49
C THR D 135 -3.05 2.65 19.66
N ALA D 136 -1.78 3.02 19.53
CA ALA D 136 -0.85 2.19 18.77
C ALA D 136 -0.56 0.88 19.49
N CYS D 137 -0.50 0.91 20.82
CA CYS D 137 -0.18 -0.30 21.56
C CYS D 137 -1.33 -1.30 21.51
N ALA D 138 -2.57 -0.82 21.52
CA ALA D 138 -3.70 -1.73 21.38
C ALA D 138 -3.72 -2.36 19.99
N LEU D 139 -3.35 -1.57 18.96
CA LEU D 139 -3.33 -2.09 17.61
C LEU D 139 -2.31 -3.21 17.45
N LEU D 140 -1.11 -3.00 18.00
CA LEU D 140 0.01 -3.92 17.81
C LEU D 140 0.20 -4.89 18.97
N GLY D 141 -0.75 -4.96 19.89
CA GLY D 141 -0.69 -5.91 20.99
C GLY D 141 0.51 -5.71 21.90
N LEU D 142 0.74 -4.47 22.33
CA LEU D 142 1.84 -4.14 23.22
C LEU D 142 1.28 -3.64 24.55
N ASP D 143 1.86 -4.12 25.65
CA ASP D 143 1.51 -3.61 26.96
C ASP D 143 1.95 -2.16 27.08
N CYS D 144 1.06 -1.30 27.57
CA CYS D 144 1.25 0.14 27.56
C CYS D 144 1.11 0.71 28.95
N VAL D 145 2.04 1.59 29.33
CA VAL D 145 1.97 2.34 30.59
C VAL D 145 2.18 3.81 30.27
N ILE D 146 1.24 4.65 30.70
CA ILE D 146 1.29 6.08 30.46
C ILE D 146 1.58 6.79 31.77
N TYR D 147 2.47 7.78 31.72
CA TYR D 147 2.81 8.59 32.88
C TYR D 147 2.24 9.99 32.70
N MET D 148 1.60 10.50 33.74
CA MET D 148 0.84 11.74 33.67
C MET D 148 0.87 12.41 35.03
N GLY D 149 1.11 13.73 35.04
CA GLY D 149 1.17 14.44 36.30
C GLY D 149 -0.16 14.43 37.04
N GLY D 150 -0.07 14.41 38.37
CA GLY D 150 -1.27 14.34 39.19
C GLY D 150 -2.20 15.53 39.00
N ILE D 151 -1.64 16.70 38.70
CA ILE D 151 -2.46 17.87 38.39
C ILE D 151 -3.29 17.60 37.14
N ASP D 152 -2.73 16.88 36.17
CA ASP D 152 -3.42 16.61 34.92
C ASP D 152 -4.36 15.41 35.01
N THR D 153 -4.04 14.42 35.84
CA THR D 153 -4.92 13.25 35.96
C THR D 153 -6.24 13.61 36.61
N ALA D 154 -6.19 14.44 37.66
CA ALA D 154 -7.43 14.90 38.29
C ALA D 154 -8.21 15.87 37.40
N ARG D 155 -7.54 16.47 36.43
CA ARG D 155 -8.17 17.45 35.55
C ARG D 155 -8.66 16.82 34.24
N GLN D 156 -8.08 15.70 33.82
CA GLN D 156 -8.47 15.06 32.56
C GLN D 156 -8.99 13.65 32.82
N ALA D 157 -10.14 13.55 33.51
CA ALA D 157 -10.66 12.24 33.87
C ALA D 157 -11.12 11.45 32.65
N LEU D 158 -11.59 12.14 31.61
CA LEU D 158 -12.08 11.43 30.42
C LEU D 158 -10.94 10.92 29.55
N ASN D 159 -9.81 11.63 29.50
CA ASN D 159 -8.67 11.11 28.75
C ASN D 159 -8.03 9.93 29.45
N VAL D 160 -8.03 9.92 30.78
CA VAL D 160 -7.57 8.74 31.51
C VAL D 160 -8.45 7.55 31.21
N ALA D 161 -9.77 7.77 31.11
CA ALA D 161 -10.69 6.69 30.78
C ALA D 161 -10.45 6.17 29.37
N ARG D 162 -10.12 7.05 28.43
CA ARG D 162 -9.80 6.63 27.07
C ARG D 162 -8.64 5.64 27.07
N MET D 163 -7.53 6.02 27.71
CA MET D 163 -6.36 5.17 27.73
C MET D 163 -6.66 3.83 28.39
N ARG D 164 -7.44 3.84 29.48
CA ARG D 164 -7.81 2.59 30.13
C ARG D 164 -8.78 1.78 29.28
N LEU D 165 -9.64 2.45 28.50
CA LEU D 165 -10.47 1.73 27.55
C LEU D 165 -9.65 1.08 26.46
N LEU D 166 -8.55 1.71 26.06
CA LEU D 166 -7.64 1.15 25.06
C LEU D 166 -6.70 0.10 25.64
N GLY D 167 -6.89 -0.29 26.91
CA GLY D 167 -6.11 -1.32 27.53
C GLY D 167 -4.83 -0.87 28.20
N ALA D 168 -4.61 0.44 28.35
CA ALA D 168 -3.39 0.95 28.94
C ALA D 168 -3.56 1.18 30.43
N GLU D 169 -2.44 1.14 31.14
CA GLU D 169 -2.38 1.48 32.56
C GLU D 169 -1.85 2.90 32.70
N VAL D 170 -2.56 3.73 33.45
CA VAL D 170 -2.18 5.11 33.69
C VAL D 170 -1.55 5.22 35.07
N VAL D 171 -0.52 6.04 35.20
CA VAL D 171 0.18 6.26 36.45
C VAL D 171 0.27 7.76 36.71
N ALA D 172 -0.19 8.18 37.88
CA ALA D 172 -0.19 9.59 38.26
C ALA D 172 1.09 9.92 39.03
N VAL D 173 1.78 10.97 38.61
CA VAL D 173 3.07 11.36 39.17
C VAL D 173 2.85 12.54 40.12
N GLN D 174 3.34 12.40 41.36
CA GLN D 174 3.18 13.42 42.38
C GLN D 174 4.50 14.08 42.77
N THR D 175 5.54 13.92 41.96
CA THR D 175 6.83 14.54 42.21
C THR D 175 6.98 15.80 41.37
N GLY D 176 7.71 16.77 41.91
CA GLY D 176 7.92 18.01 41.19
C GLY D 176 6.65 18.82 41.10
N SER D 177 6.42 19.44 39.95
CA SER D 177 5.24 20.24 39.70
C SER D 177 4.06 19.42 39.15
N LYS D 178 4.21 18.10 39.11
CA LYS D 178 3.11 17.18 38.76
C LYS D 178 2.47 17.54 37.43
N THR D 179 3.31 17.78 36.42
CA THR D 179 2.82 18.13 35.09
C THR D 179 3.64 17.38 34.05
N LEU D 180 3.48 17.78 32.78
CA LEU D 180 4.15 17.11 31.67
C LEU D 180 5.65 17.01 31.90
N LYS D 181 6.26 18.09 32.39
CA LYS D 181 7.71 18.12 32.57
C LYS D 181 8.16 17.02 33.53
N ASP D 182 7.40 16.80 34.60
CA ASP D 182 7.78 15.80 35.61
C ASP D 182 7.28 14.41 35.28
N ALA D 183 6.28 14.28 34.40
CA ALA D 183 5.91 12.97 33.90
C ALA D 183 7.03 12.37 33.05
N ILE D 184 7.67 13.21 32.23
CA ILE D 184 8.80 12.75 31.42
C ILE D 184 9.91 12.22 32.31
N ASN D 185 10.15 12.90 33.44
CA ASN D 185 11.22 12.46 34.34
C ASN D 185 10.89 11.11 35.00
N GLU D 186 9.62 10.82 35.21
CA GLU D 186 9.25 9.54 35.82
C GLU D 186 9.28 8.41 34.80
N ALA D 187 8.85 8.68 33.56
CA ALA D 187 9.03 7.68 32.50
C ALA D 187 10.50 7.45 32.20
N PHE D 188 11.32 8.49 32.35
CA PHE D 188 12.76 8.31 32.22
C PHE D 188 13.30 7.34 33.26
N ARG D 189 12.82 7.46 34.50
CA ARG D 189 13.24 6.53 35.55
C ARG D 189 12.71 5.12 35.29
N ASP D 190 11.56 5.01 34.63
CA ASP D 190 11.03 3.69 34.28
C ASP D 190 11.94 2.99 33.27
N TRP D 191 12.40 3.72 32.25
CA TRP D 191 13.20 3.12 31.20
C TRP D 191 14.54 2.61 31.75
N VAL D 192 15.12 3.34 32.70
CA VAL D 192 16.40 2.93 33.28
C VAL D 192 16.29 1.56 33.94
N ALA D 193 15.13 1.24 34.51
CA ALA D 193 14.94 -0.02 35.21
C ALA D 193 14.54 -1.16 34.30
N ASN D 194 13.66 -0.91 33.33
CA ASN D 194 13.04 -1.98 32.54
C ASN D 194 13.49 -1.95 31.08
N ALA D 195 14.70 -1.46 30.80
CA ALA D 195 15.15 -1.29 29.43
C ALA D 195 15.25 -2.60 28.65
N ASP D 196 15.15 -3.75 29.32
CA ASP D 196 15.30 -5.02 28.62
C ASP D 196 14.07 -5.33 27.75
N ASN D 197 12.87 -5.02 28.24
CA ASN D 197 11.65 -5.33 27.52
C ASN D 197 10.79 -4.10 27.25
N THR D 198 11.24 -2.90 27.59
CA THR D 198 10.43 -1.69 27.51
C THR D 198 10.98 -0.75 26.45
N TYR D 199 10.07 -0.21 25.65
CA TYR D 199 10.38 0.85 24.68
C TYR D 199 9.76 2.15 25.16
N TYR D 200 10.53 3.24 25.07
CA TYR D 200 10.05 4.57 25.41
C TYR D 200 9.58 5.26 24.13
N CYS D 201 8.28 5.53 24.06
CA CYS D 201 7.66 6.20 22.91
C CYS D 201 7.55 7.68 23.24
N PHE D 202 8.56 8.45 22.87
CA PHE D 202 8.58 9.88 23.14
C PHE D 202 7.67 10.62 22.16
N GLY D 203 7.01 11.66 22.65
CA GLY D 203 5.92 12.30 21.93
C GLY D 203 6.23 13.56 21.17
N THR D 204 7.51 13.91 20.98
CA THR D 204 7.86 15.09 20.20
C THR D 204 9.26 14.92 19.65
N ALA D 205 9.67 15.89 18.83
CA ALA D 205 10.96 15.83 18.15
C ALA D 205 12.08 16.36 19.03
N ALA D 206 12.17 15.84 20.26
CA ALA D 206 13.20 16.28 21.18
C ALA D 206 13.82 15.02 21.79
N GLY D 207 14.55 15.19 22.89
CA GLY D 207 15.19 14.07 23.53
C GLY D 207 16.58 13.79 22.99
N PRO D 208 17.23 12.76 23.52
CA PRO D 208 18.54 12.38 23.02
C PRO D 208 18.42 11.69 21.67
N HIS D 209 19.51 11.77 20.91
CA HIS D 209 19.61 11.04 19.65
C HIS D 209 19.31 9.56 19.91
N PRO D 210 18.53 8.90 19.06
CA PRO D 210 18.05 9.29 17.73
C PRO D 210 16.66 9.91 17.68
N PHE D 211 16.09 10.27 18.83
CA PHE D 211 14.67 10.60 18.89
C PHE D 211 14.29 11.87 18.13
N PRO D 212 15.09 12.95 18.16
CA PRO D 212 14.77 14.10 17.30
C PRO D 212 14.68 13.73 15.82
N THR D 213 15.63 12.93 15.32
CA THR D 213 15.60 12.55 13.91
C THR D 213 14.48 11.56 13.63
N MET D 214 14.31 10.56 14.50
CA MET D 214 13.35 9.50 14.25
C MET D 214 11.92 10.03 14.23
N VAL D 215 11.58 10.89 15.19
CA VAL D 215 10.24 11.46 15.23
C VAL D 215 10.00 12.36 14.01
N ARG D 216 11.02 13.13 13.63
CA ARG D 216 10.90 13.98 12.44
C ARG D 216 10.61 13.15 11.20
N ASP D 217 11.27 12.00 11.07
CA ASP D 217 11.06 11.15 9.90
C ASP D 217 9.64 10.61 9.86
N PHE D 218 9.08 10.24 11.01
CA PHE D 218 7.71 9.75 11.06
C PHE D 218 6.70 10.84 10.79
N GLN D 219 7.08 12.11 10.91
CA GLN D 219 6.20 13.22 10.58
C GLN D 219 6.54 13.85 9.23
N ARG D 220 7.60 13.41 8.56
CA ARG D 220 7.95 13.95 7.25
C ARG D 220 6.82 13.80 6.24
N ILE D 221 5.95 12.81 6.45
CA ILE D 221 4.89 12.52 5.48
C ILE D 221 3.95 13.72 5.33
N ILE D 222 3.84 14.56 6.36
CA ILE D 222 2.97 15.73 6.27
C ILE D 222 3.45 16.68 5.19
N GLY D 223 4.71 17.11 5.28
CA GLY D 223 5.24 18.05 4.31
C GLY D 223 5.44 17.45 2.93
N MET D 224 5.72 16.15 2.86
CA MET D 224 5.81 15.50 1.56
C MET D 224 4.47 15.53 0.84
N GLU D 225 3.39 15.24 1.57
CA GLU D 225 2.05 15.35 0.99
C GLU D 225 1.72 16.79 0.64
N ALA D 226 1.98 17.72 1.57
CA ALA D 226 1.57 19.10 1.37
C ALA D 226 2.28 19.73 0.17
N ARG D 227 3.54 19.36 -0.06
CA ARG D 227 4.29 19.96 -1.16
C ARG D 227 3.74 19.54 -2.50
N VAL D 228 3.25 18.31 -2.63
CA VAL D 228 2.60 17.88 -3.86
C VAL D 228 1.23 18.53 -3.99
N GLN D 229 0.47 18.58 -2.89
CA GLN D 229 -0.90 19.09 -2.96
C GLN D 229 -0.93 20.57 -3.27
N ILE D 230 -0.01 21.35 -2.69
CA ILE D 230 -0.05 22.80 -2.89
C ILE D 230 0.31 23.14 -4.34
N GLN D 231 1.20 22.36 -4.95
CA GLN D 231 1.53 22.60 -6.35
C GLN D 231 0.38 22.24 -7.28
N GLY D 232 -0.53 21.38 -6.84
CA GLY D 232 -1.69 21.03 -7.64
C GLY D 232 -2.82 22.02 -7.51
N GLN D 233 -3.04 22.53 -6.30
CA GLN D 233 -4.16 23.43 -6.05
C GLN D 233 -3.81 24.89 -6.28
N ALA D 234 -2.55 25.27 -6.15
CA ALA D 234 -2.11 26.64 -6.36
C ALA D 234 -1.24 26.82 -7.60
N GLY D 235 -0.74 25.73 -8.18
CA GLY D 235 0.08 25.81 -9.38
C GLY D 235 1.52 26.22 -9.13
N ARG D 236 1.93 26.39 -7.87
CA ARG D 236 3.29 26.80 -7.56
C ARG D 236 3.57 26.46 -6.10
N LEU D 237 4.85 26.53 -5.74
CA LEU D 237 5.23 26.36 -4.35
C LEU D 237 4.73 27.53 -3.52
N PRO D 238 4.41 27.29 -2.24
CA PRO D 238 3.84 28.36 -1.43
C PRO D 238 4.86 29.45 -1.10
N ASP D 239 4.35 30.61 -0.73
CA ASP D 239 5.19 31.68 -0.25
C ASP D 239 5.65 31.46 1.18
N ALA D 240 4.91 30.68 1.97
CA ALA D 240 5.30 30.39 3.34
C ALA D 240 4.60 29.11 3.80
N VAL D 241 5.26 28.41 4.71
CA VAL D 241 4.71 27.23 5.39
C VAL D 241 4.86 27.46 6.88
N VAL D 242 3.74 27.40 7.61
CA VAL D 242 3.74 27.74 9.03
C VAL D 242 3.12 26.61 9.83
N ALA D 243 3.45 26.59 11.12
CA ALA D 243 2.94 25.59 12.06
C ALA D 243 3.26 26.06 13.47
N CYS D 244 2.49 25.53 14.43
CA CYS D 244 2.77 25.78 15.83
C CYS D 244 3.91 24.90 16.31
N VAL D 245 4.66 25.39 17.29
CA VAL D 245 5.89 24.75 17.76
C VAL D 245 5.79 24.58 19.27
N GLY D 246 5.41 23.39 19.71
CA GLY D 246 5.56 23.02 21.11
C GLY D 246 6.93 22.39 21.31
N GLY D 247 6.97 21.06 21.40
CA GLY D 247 8.24 20.36 21.31
C GLY D 247 8.82 20.45 19.91
N GLY D 248 7.97 20.34 18.89
CA GLY D 248 8.39 20.66 17.53
C GLY D 248 8.13 19.59 16.48
N SER D 249 7.28 18.61 16.78
CA SER D 249 7.16 17.46 15.88
C SER D 249 6.32 17.80 14.65
N ASN D 250 5.17 18.46 14.84
CA ASN D 250 4.32 18.76 13.69
C ASN D 250 4.93 19.83 12.81
N ALA D 251 5.66 20.78 13.39
CA ALA D 251 6.29 21.82 12.59
C ALA D 251 7.41 21.23 11.73
N ILE D 252 8.31 20.46 12.33
CA ILE D 252 9.42 19.88 11.58
C ILE D 252 8.90 18.92 10.52
N GLY D 253 7.74 18.29 10.77
CA GLY D 253 7.20 17.36 9.79
C GLY D 253 6.74 18.04 8.52
N ILE D 254 6.11 19.21 8.66
CA ILE D 254 5.64 19.91 7.47
C ILE D 254 6.75 20.78 6.87
N PHE D 255 7.73 21.20 7.69
CA PHE D 255 8.79 22.06 7.19
C PHE D 255 9.76 21.31 6.28
N HIS D 256 9.99 20.02 6.54
CA HIS D 256 11.18 19.36 6.04
C HIS D 256 11.21 19.27 4.52
N ALA D 257 10.07 19.00 3.89
CA ALA D 257 10.04 18.87 2.45
C ALA D 257 10.34 20.19 1.74
N PHE D 258 10.26 21.32 2.45
CA PHE D 258 10.46 22.64 1.87
C PHE D 258 11.81 23.25 2.23
N LEU D 259 12.69 22.50 2.90
CA LEU D 259 13.93 23.09 3.39
C LEU D 259 14.81 23.58 2.24
N ASP D 260 14.89 22.81 1.16
CA ASP D 260 15.74 23.15 0.02
C ASP D 260 15.03 24.00 -1.02
N ASP D 261 13.77 24.39 -0.78
CA ASP D 261 13.06 25.28 -1.68
C ASP D 261 13.43 26.72 -1.35
N PRO D 262 14.11 27.43 -2.26
CA PRO D 262 14.72 28.71 -1.86
C PRO D 262 13.72 29.80 -1.54
N GLY D 263 12.58 29.84 -2.23
CA GLY D 263 11.63 30.93 -2.07
C GLY D 263 10.57 30.74 -1.02
N VAL D 264 10.63 29.65 -0.25
CA VAL D 264 9.56 29.30 0.68
C VAL D 264 9.98 29.74 2.08
N ARG D 265 9.25 30.73 2.62
CA ARG D 265 9.46 31.13 4.00
C ARG D 265 8.95 30.04 4.94
N LEU D 266 9.65 29.85 6.05
CA LEU D 266 9.26 28.88 7.07
C LEU D 266 9.16 29.59 8.41
N VAL D 267 7.95 29.63 8.98
CA VAL D 267 7.70 30.33 10.22
C VAL D 267 7.02 29.37 11.20
N GLY D 268 7.58 29.26 12.39
CA GLY D 268 6.97 28.50 13.48
C GLY D 268 6.45 29.46 14.53
N PHE D 269 5.32 29.12 15.13
CA PHE D 269 4.67 29.97 16.12
C PHE D 269 4.60 29.25 17.46
N GLU D 270 5.11 29.90 18.49
CA GLU D 270 5.14 29.35 19.84
C GLU D 270 4.18 30.11 20.75
N ALA D 271 3.88 29.49 21.89
CA ALA D 271 2.88 30.04 22.81
C ALA D 271 3.49 31.16 23.63
N ALA D 272 2.89 32.34 23.56
CA ALA D 272 3.31 33.49 24.34
C ALA D 272 2.49 33.68 25.61
N GLY D 273 1.53 32.80 25.88
CA GLY D 273 0.80 32.85 27.14
C GLY D 273 0.09 34.18 27.32
N ASP D 274 0.26 34.77 28.50
CA ASP D 274 -0.27 36.11 28.78
C ASP D 274 0.53 37.21 28.10
N GLY D 275 1.70 36.89 27.57
CA GLY D 275 2.60 37.88 27.01
C GLY D 275 4.04 37.58 27.37
N VAL D 276 4.96 37.79 26.43
CA VAL D 276 6.35 37.42 26.64
C VAL D 276 6.95 38.20 27.81
N GLU D 277 6.52 39.45 28.01
CA GLU D 277 7.07 40.28 29.07
C GLU D 277 6.41 40.03 30.42
N THR D 278 5.51 39.05 30.53
CA THR D 278 4.77 38.81 31.76
C THR D 278 5.27 37.61 32.54
N GLY D 279 6.19 36.82 31.98
CA GLY D 279 6.69 35.63 32.64
C GLY D 279 5.77 34.42 32.57
N ARG D 280 4.48 34.62 32.34
CA ARG D 280 3.53 33.51 32.20
C ARG D 280 3.35 33.22 30.71
N HIS D 281 4.29 32.46 30.16
CA HIS D 281 4.32 32.19 28.73
C HIS D 281 5.03 30.86 28.50
N ALA D 282 5.22 30.50 27.22
CA ALA D 282 5.98 29.31 26.85
C ALA D 282 6.78 29.54 25.57
N ALA D 283 7.21 30.77 25.32
CA ALA D 283 7.93 31.14 24.10
C ALA D 283 9.41 30.78 24.29
N THR D 284 9.76 29.56 23.90
CA THR D 284 11.11 29.05 24.17
C THR D 284 12.16 29.82 23.37
N PHE D 285 11.93 30.03 22.08
CA PHE D 285 12.91 30.73 21.27
C PHE D 285 12.91 32.24 21.53
N THR D 286 11.76 32.81 21.89
CA THR D 286 11.67 34.26 22.05
C THR D 286 12.25 34.72 23.37
N ALA D 287 12.11 33.93 24.44
CA ALA D 287 12.55 34.35 25.77
C ALA D 287 13.49 33.36 26.43
N GLY D 288 13.74 32.20 25.83
CA GLY D 288 14.59 31.19 26.43
C GLY D 288 16.04 31.35 26.04
N SER D 289 16.84 30.36 26.43
CA SER D 289 18.29 30.40 26.29
C SER D 289 18.80 29.00 26.04
N PRO D 290 19.94 28.86 25.35
CA PRO D 290 20.50 27.52 25.11
C PRO D 290 20.87 26.82 26.41
N GLY D 291 20.86 25.50 26.36
CA GLY D 291 21.15 24.69 27.53
C GLY D 291 20.71 23.26 27.31
N ALA D 292 21.15 22.40 28.23
CA ALA D 292 20.86 20.97 28.16
C ALA D 292 19.59 20.65 28.95
N PHE D 293 18.67 19.94 28.32
CA PHE D 293 17.39 19.63 28.95
C PHE D 293 16.75 18.45 28.23
N HIS D 294 16.31 17.47 29.02
CA HIS D 294 15.60 16.28 28.51
C HIS D 294 16.38 15.58 27.42
N GLY D 295 17.70 15.45 27.62
CA GLY D 295 18.53 14.62 26.79
C GLY D 295 19.18 15.31 25.59
N SER D 296 18.84 16.56 25.31
CA SER D 296 19.38 17.25 24.15
C SER D 296 19.84 18.64 24.55
N PHE D 297 20.73 19.20 23.73
CA PHE D 297 21.15 20.59 23.85
C PHE D 297 20.32 21.41 22.86
N SER D 298 19.45 22.27 23.38
CA SER D 298 18.57 23.08 22.54
C SER D 298 18.26 24.39 23.25
N TYR D 299 17.08 24.94 23.02
CA TYR D 299 16.63 26.13 23.72
C TYR D 299 15.71 25.72 24.87
N LEU D 300 15.70 26.54 25.92
CA LEU D 300 15.08 26.15 27.19
C LEU D 300 14.73 27.40 27.98
N LEU D 301 13.57 27.36 28.63
CA LEU D 301 13.20 28.41 29.58
C LEU D 301 13.87 28.13 30.91
N GLN D 302 14.86 28.93 31.27
CA GLN D 302 15.65 28.69 32.48
C GLN D 302 15.99 30.01 33.14
N ASP D 303 16.31 29.94 34.43
CA ASP D 303 16.68 31.12 35.20
C ASP D 303 18.20 31.31 35.17
N GLU D 304 18.72 32.14 36.06
CA GLU D 304 20.15 32.48 36.04
C GLU D 304 21.01 31.29 36.43
N ASP D 305 20.48 30.34 37.20
CA ASP D 305 21.23 29.19 37.65
C ASP D 305 21.12 27.99 36.72
N GLY D 306 20.26 28.05 35.71
CA GLY D 306 20.00 26.91 34.86
C GLY D 306 18.81 26.07 35.28
N GLN D 307 18.09 26.48 36.33
CA GLN D 307 16.89 25.77 36.74
C GLN D 307 15.77 26.03 35.75
N THR D 308 14.91 25.03 35.57
CA THR D 308 13.82 25.15 34.61
C THR D 308 12.74 26.09 35.13
N ILE D 309 12.27 26.97 34.26
CA ILE D 309 11.15 27.86 34.54
C ILE D 309 9.86 27.16 34.16
N GLU D 310 8.85 27.28 35.02
CA GLU D 310 7.55 26.70 34.70
C GLU D 310 6.86 27.53 33.61
N SER D 311 6.43 26.86 32.56
CA SER D 311 5.77 27.52 31.44
C SER D 311 4.27 27.55 31.63
N HIS D 312 3.62 28.49 30.93
CA HIS D 312 2.18 28.67 31.02
C HIS D 312 1.61 28.97 29.64
N SER D 313 0.46 28.38 29.35
CA SER D 313 -0.21 28.59 28.08
C SER D 313 -1.65 28.13 28.20
N ILE D 314 -2.52 28.74 27.38
CA ILE D 314 -3.91 28.30 27.34
C ILE D 314 -3.99 26.90 26.74
N SER D 315 -3.06 26.54 25.85
CA SER D 315 -3.02 25.23 25.24
C SER D 315 -2.03 24.34 25.99
N ALA D 316 -2.37 23.06 26.11
CA ALA D 316 -1.52 22.12 26.83
C ALA D 316 -0.37 21.62 25.96
N GLY D 317 -0.64 21.38 24.67
CA GLY D 317 0.36 20.87 23.76
C GLY D 317 1.55 21.79 23.55
N LEU D 318 1.37 23.09 23.70
CA LEU D 318 2.46 24.06 23.58
C LEU D 318 3.02 24.48 24.94
N ASP D 319 2.45 23.97 26.03
CA ASP D 319 2.88 24.30 27.40
C ASP D 319 4.07 23.41 27.74
N TYR D 320 5.24 23.77 27.17
CA TYR D 320 6.46 23.01 27.35
C TYR D 320 7.63 23.99 27.35
N PRO D 321 8.56 23.87 28.31
CA PRO D 321 9.67 24.82 28.39
C PRO D 321 10.76 24.60 27.35
N GLY D 322 10.78 23.47 26.66
CA GLY D 322 11.83 23.15 25.72
C GLY D 322 11.36 23.16 24.27
N VAL D 323 12.29 22.77 23.39
CA VAL D 323 12.03 22.69 21.96
C VAL D 323 13.11 21.79 21.36
N GLY D 324 12.75 21.10 20.27
CA GLY D 324 13.63 20.16 19.64
C GLY D 324 14.90 20.79 19.09
N PRO D 325 15.99 20.02 19.09
CA PRO D 325 17.28 20.60 18.68
C PRO D 325 17.36 20.98 17.21
N GLU D 326 16.64 20.27 16.33
CA GLU D 326 16.71 20.63 14.91
C GLU D 326 16.10 22.00 14.66
N HIS D 327 15.11 22.40 15.46
CA HIS D 327 14.57 23.75 15.34
C HIS D 327 15.60 24.78 15.78
N ALA D 328 16.39 24.47 16.82
CA ALA D 328 17.45 25.38 17.25
C ALA D 328 18.48 25.56 16.15
N TRP D 329 18.76 24.50 15.40
CA TRP D 329 19.72 24.60 14.29
C TRP D 329 19.15 25.39 13.13
N LEU D 330 17.89 25.15 12.78
CA LEU D 330 17.27 25.90 11.69
C LEU D 330 17.14 27.38 12.03
N LYS D 331 16.98 27.71 13.31
CA LYS D 331 16.94 29.13 13.71
C LYS D 331 18.31 29.76 13.56
N GLU D 332 19.35 29.10 14.07
CA GLU D 332 20.71 29.63 13.95
C GLU D 332 21.12 29.76 12.50
N ALA D 333 20.69 28.82 11.65
CA ALA D 333 21.01 28.86 10.24
C ALA D 333 20.20 29.89 9.48
N GLY D 334 19.17 30.48 10.09
CA GLY D 334 18.33 31.45 9.43
C GLY D 334 17.29 30.87 8.51
N ARG D 335 17.11 29.55 8.50
CA ARG D 335 16.16 28.92 7.60
C ARG D 335 14.72 29.07 8.08
N VAL D 336 14.50 29.16 9.39
CA VAL D 336 13.16 29.25 9.96
C VAL D 336 13.13 30.39 10.98
N ASP D 337 12.05 31.17 10.94
CA ASP D 337 11.79 32.20 11.93
C ASP D 337 10.77 31.67 12.94
N TYR D 338 10.95 32.06 14.20
CA TYR D 338 10.07 31.61 15.28
C TYR D 338 9.51 32.82 16.00
N ARG D 339 8.19 32.97 15.95
CA ARG D 339 7.49 34.15 16.45
C ARG D 339 6.47 33.75 17.51
N PRO D 340 6.26 34.60 18.52
CA PRO D 340 5.31 34.28 19.59
C PRO D 340 3.88 34.70 19.29
N ILE D 341 2.95 33.92 19.82
CA ILE D 341 1.51 34.17 19.70
C ILE D 341 0.88 34.02 21.08
N THR D 342 0.10 35.02 21.49
CA THR D 342 -0.47 35.04 22.82
C THR D 342 -1.71 34.15 22.91
N ASP D 343 -2.16 33.92 24.15
CA ASP D 343 -3.41 33.21 24.37
C ASP D 343 -4.57 33.89 23.66
N SER D 344 -4.61 35.23 23.69
CA SER D 344 -5.71 35.96 23.10
C SER D 344 -5.70 35.86 21.58
N GLU D 345 -4.52 35.97 20.96
CA GLU D 345 -4.42 35.85 19.51
C GLU D 345 -4.84 34.46 19.05
N ALA D 346 -4.53 33.43 19.85
CA ALA D 346 -4.89 32.07 19.48
C ALA D 346 -6.40 31.84 19.58
N MET D 347 -7.00 32.26 20.70
CA MET D 347 -8.44 32.08 20.87
C MET D 347 -9.22 32.91 19.85
N ASP D 348 -8.70 34.08 19.50
CA ASP D 348 -9.34 34.88 18.46
C ASP D 348 -9.36 34.12 17.13
N ALA D 349 -8.27 33.45 16.79
CA ALA D 349 -8.23 32.65 15.58
C ALA D 349 -9.04 31.37 15.71
N PHE D 350 -9.09 30.79 16.92
CA PHE D 350 -9.92 29.62 17.16
C PHE D 350 -11.36 29.87 16.74
N GLY D 351 -11.95 30.93 17.28
CA GLY D 351 -13.34 31.24 16.95
C GLY D 351 -13.52 31.63 15.50
N LEU D 352 -12.55 32.35 14.93
CA LEU D 352 -12.64 32.75 13.54
C LEU D 352 -12.69 31.53 12.61
N LEU D 353 -11.87 30.52 12.91
CA LEU D 353 -11.90 29.29 12.12
C LEU D 353 -13.21 28.55 12.32
N CYS D 354 -13.82 28.67 13.50
CA CYS D 354 -15.10 28.02 13.74
C CYS D 354 -16.23 28.69 12.96
N ARG D 355 -16.26 30.01 12.95
CA ARG D 355 -17.36 30.74 12.31
C ARG D 355 -17.22 30.75 10.80
N MET D 356 -15.99 30.87 10.29
CA MET D 356 -15.78 31.07 8.86
C MET D 356 -15.70 29.77 8.07
N GLU D 357 -15.16 28.71 8.65
CA GLU D 357 -14.97 27.46 7.92
C GLU D 357 -15.62 26.26 8.59
N GLY D 358 -16.22 26.43 9.77
CA GLY D 358 -16.82 25.30 10.47
C GLY D 358 -15.81 24.26 10.91
N ILE D 359 -14.57 24.66 11.14
CA ILE D 359 -13.51 23.76 11.58
C ILE D 359 -13.12 24.16 13.00
N ILE D 360 -13.34 23.26 13.95
CA ILE D 360 -12.97 23.50 15.34
C ILE D 360 -11.54 23.02 15.53
N PRO D 361 -10.57 23.91 15.65
CA PRO D 361 -9.16 23.49 15.72
C PRO D 361 -8.70 23.29 17.15
N ALA D 362 -7.65 22.48 17.29
CA ALA D 362 -6.96 22.43 18.56
C ALA D 362 -6.38 23.80 18.89
N ILE D 363 -6.41 24.17 20.17
CA ILE D 363 -5.89 25.47 20.57
C ILE D 363 -4.42 25.58 20.20
N GLU D 364 -3.70 24.47 20.19
CA GLU D 364 -2.33 24.48 19.66
C GLU D 364 -2.32 24.93 18.21
N SER D 365 -3.13 24.29 17.37
CA SER D 365 -3.20 24.65 15.95
C SER D 365 -3.66 26.08 15.76
N ALA D 366 -4.51 26.59 16.67
CA ALA D 366 -5.02 27.95 16.53
C ALA D 366 -3.90 28.98 16.65
N HIS D 367 -2.81 28.65 17.34
CA HIS D 367 -1.64 29.53 17.35
C HIS D 367 -1.06 29.67 15.95
N ALA D 368 -1.05 28.58 15.18
CA ALA D 368 -0.52 28.63 13.82
C ALA D 368 -1.45 29.40 12.90
N VAL D 369 -2.76 29.21 13.05
CA VAL D 369 -3.72 29.96 12.25
C VAL D 369 -3.61 31.44 12.57
N ALA D 370 -3.49 31.79 13.86
CA ALA D 370 -3.35 33.18 14.26
C ALA D 370 -2.12 33.82 13.63
N GLY D 371 -1.01 33.08 13.60
CA GLY D 371 0.20 33.61 12.98
C GLY D 371 0.12 33.68 11.47
N ALA D 372 -0.62 32.76 10.85
CA ALA D 372 -0.80 32.80 9.41
C ALA D 372 -1.59 34.05 9.00
N LEU D 373 -2.57 34.45 9.82
CA LEU D 373 -3.30 35.67 9.54
C LEU D 373 -2.39 36.89 9.56
N LYS D 374 -1.52 36.97 10.57
CA LYS D 374 -0.55 38.07 10.63
C LYS D 374 0.39 38.03 9.43
N LEU D 375 0.88 36.83 9.07
CA LEU D 375 1.79 36.72 7.94
C LEU D 375 1.10 37.06 6.63
N GLY D 376 -0.19 36.75 6.50
CA GLY D 376 -0.91 37.10 5.29
C GLY D 376 -1.03 38.61 5.11
N VAL D 377 -1.18 39.34 6.21
CA VAL D 377 -1.17 40.80 6.13
C VAL D 377 0.21 41.30 5.76
N GLU D 378 1.26 40.61 6.23
CA GLU D 378 2.62 41.01 5.92
C GLU D 378 2.97 40.72 4.46
N LEU D 379 2.51 39.60 3.92
CA LEU D 379 2.84 39.21 2.56
C LEU D 379 1.90 39.76 1.51
N GLY D 380 0.67 40.11 1.90
CA GLY D 380 -0.22 40.82 0.99
C GLY D 380 -1.15 39.93 0.21
N ARG D 381 -1.91 40.60 -0.68
CA ARG D 381 -2.94 39.92 -1.46
C ARG D 381 -2.34 38.87 -2.39
N GLY D 382 -2.94 37.68 -2.39
CA GLY D 382 -2.57 36.63 -3.30
C GLY D 382 -1.49 35.69 -2.80
N ALA D 383 -0.83 36.01 -1.69
CA ALA D 383 0.22 35.15 -1.17
C ALA D 383 -0.35 33.81 -0.74
N VAL D 384 0.40 32.74 -1.00
CA VAL D 384 -0.02 31.38 -0.70
C VAL D 384 0.69 30.94 0.57
N ILE D 385 -0.08 30.70 1.63
CA ILE D 385 0.45 30.26 2.91
C ILE D 385 -0.16 28.91 3.25
N VAL D 386 0.69 27.93 3.51
CA VAL D 386 0.26 26.60 3.95
C VAL D 386 0.35 26.55 5.47
N VAL D 387 -0.72 26.10 6.11
CA VAL D 387 -0.81 26.04 7.56
C VAL D 387 -1.02 24.59 7.98
N ASN D 388 -0.20 24.13 8.92
CA ASN D 388 -0.34 22.78 9.45
C ASN D 388 -1.39 22.82 10.56
N LEU D 389 -2.63 22.50 10.21
CA LEU D 389 -3.71 22.37 11.19
C LEU D 389 -3.52 21.04 11.89
N SER D 390 -2.75 21.05 12.97
CA SER D 390 -2.16 19.83 13.52
C SER D 390 -3.15 18.96 14.30
N GLY D 391 -4.32 19.46 14.64
CA GLY D 391 -5.26 18.64 15.39
C GLY D 391 -6.61 19.31 15.53
N ARG D 392 -7.63 18.47 15.73
CA ARG D 392 -8.98 18.96 15.93
C ARG D 392 -9.19 19.41 17.37
N GLY D 393 -10.16 20.30 17.56
CA GLY D 393 -10.34 20.93 18.86
C GLY D 393 -11.49 20.39 19.68
N ASP D 394 -11.90 19.15 19.41
CA ASP D 394 -12.92 18.52 20.25
C ASP D 394 -12.48 18.47 21.70
N LYS D 395 -11.17 18.31 21.93
CA LYS D 395 -10.64 18.29 23.29
C LYS D 395 -10.65 19.65 23.96
N ASP D 396 -10.88 20.73 23.22
CA ASP D 396 -10.73 22.09 23.73
C ASP D 396 -12.05 22.86 23.77
N VAL D 397 -13.18 22.19 23.58
CA VAL D 397 -14.47 22.89 23.52
C VAL D 397 -14.78 23.53 24.86
N GLU D 398 -14.60 22.78 25.95
CA GLU D 398 -14.94 23.31 27.28
C GLU D 398 -14.09 24.52 27.62
N THR D 399 -12.78 24.47 27.32
CA THR D 399 -11.93 25.62 27.55
C THR D 399 -12.37 26.81 26.69
N ALA D 400 -12.64 26.56 25.41
CA ALA D 400 -13.05 27.64 24.52
C ALA D 400 -14.43 28.17 24.86
N ALA D 401 -15.31 27.31 25.39
CA ALA D 401 -16.65 27.77 25.76
C ALA D 401 -16.59 28.73 26.94
N LYS D 402 -15.78 28.42 27.94
CA LYS D 402 -15.61 29.33 29.07
C LYS D 402 -14.96 30.64 28.62
N TRP D 403 -14.05 30.56 27.65
CA TRP D 403 -13.39 31.76 27.15
C TRP D 403 -14.37 32.72 26.51
N PHE D 404 -15.32 32.19 25.72
CA PHE D 404 -16.28 33.02 25.00
C PHE D 404 -17.62 33.11 25.73
N GLY D 405 -17.66 32.79 27.02
CA GLY D 405 -18.86 32.95 27.82
C GLY D 405 -20.05 32.11 27.38
N LEU D 406 -19.82 30.95 26.78
CA LEU D 406 -20.90 30.11 26.31
C LEU D 406 -21.40 29.12 27.35
N LEU D 407 -20.76 29.05 28.53
CA LEU D 407 -21.20 28.15 29.58
C LEU D 407 -21.72 28.88 30.82
N GLY D 408 -21.38 30.15 31.01
CA GLY D 408 -21.84 30.86 32.17
C GLY D 408 -21.17 30.35 33.45
N ASN D 409 -21.76 30.76 34.57
CA ASN D 409 -21.23 30.40 35.88
C ASN D 409 -22.19 29.47 36.62
N ALA E 9 -74.28 14.45 -4.67
CA ALA E 9 -74.56 15.68 -3.94
C ALA E 9 -73.50 15.92 -2.88
N SER E 10 -73.94 16.02 -1.62
CA SER E 10 -73.04 16.19 -0.49
C SER E 10 -73.71 15.57 0.73
N ARG E 11 -73.20 15.90 1.91
CA ARG E 11 -73.83 15.46 3.16
C ARG E 11 -73.88 16.54 4.23
N LEU E 12 -72.86 17.39 4.34
CA LEU E 12 -73.00 18.64 5.08
C LEU E 12 -73.65 19.74 4.24
N GLY E 13 -73.89 19.47 2.95
CA GLY E 13 -74.57 20.39 2.06
C GLY E 13 -75.91 20.86 2.57
N PRO E 14 -76.78 19.94 2.99
CA PRO E 14 -78.05 20.36 3.61
C PRO E 14 -77.87 21.28 4.80
N VAL E 15 -76.74 21.21 5.49
CA VAL E 15 -76.54 22.08 6.66
C VAL E 15 -76.16 23.48 6.22
N PHE E 16 -75.32 23.61 5.20
CA PHE E 16 -74.97 24.92 4.66
C PHE E 16 -76.08 25.54 3.83
N ASP E 17 -76.97 24.73 3.25
CA ASP E 17 -78.12 25.29 2.56
C ASP E 17 -79.08 25.95 3.53
N SER E 18 -79.34 25.32 4.67
CA SER E 18 -80.19 25.93 5.69
C SER E 18 -79.54 27.16 6.32
N CYS E 19 -78.22 27.31 6.18
CA CYS E 19 -77.54 28.50 6.66
C CYS E 19 -77.57 29.63 5.63
N ARG E 20 -77.33 29.32 4.36
CA ARG E 20 -77.45 30.32 3.31
C ARG E 20 -78.88 30.83 3.17
N ALA E 21 -79.87 30.08 3.65
CA ALA E 21 -81.26 30.51 3.62
C ALA E 21 -81.63 31.38 4.83
N ASN E 22 -80.87 31.31 5.91
CA ASN E 22 -81.10 32.13 7.09
C ASN E 22 -80.16 33.33 7.16
N ASN E 23 -79.51 33.68 6.04
CA ASN E 23 -78.62 34.83 5.95
C ASN E 23 -77.54 34.78 7.03
N ARG E 24 -76.95 33.59 7.19
CA ARG E 24 -75.90 33.39 8.18
C ARG E 24 -74.97 32.29 7.69
N ALA E 25 -73.86 32.14 8.38
CA ALA E 25 -72.89 31.08 8.11
C ALA E 25 -72.96 30.02 9.21
N ALA E 26 -72.24 28.93 8.99
CA ALA E 26 -72.26 27.83 9.94
C ALA E 26 -71.26 28.06 11.06
N LEU E 27 -71.59 27.52 12.24
CA LEU E 27 -70.73 27.56 13.42
C LEU E 27 -70.18 26.16 13.62
N ILE E 28 -68.88 26.00 13.40
CA ILE E 28 -68.21 24.71 13.45
C ILE E 28 -67.30 24.69 14.67
N GLY E 29 -67.68 23.92 15.70
CA GLY E 29 -66.97 23.89 16.96
C GLY E 29 -66.14 22.63 17.11
N TYR E 30 -64.90 22.82 17.59
CA TYR E 30 -63.97 21.72 17.82
C TYR E 30 -63.79 21.50 19.32
N LEU E 31 -63.74 20.22 19.71
CA LEU E 31 -63.40 19.82 21.07
C LEU E 31 -62.72 18.46 20.99
N PRO E 32 -61.69 18.22 21.79
CA PRO E 32 -61.01 16.92 21.76
C PRO E 32 -61.63 15.92 22.74
N THR E 33 -61.69 14.67 22.28
CA THR E 33 -62.24 13.61 23.13
C THR E 33 -61.34 13.36 24.33
N GLY E 34 -61.94 13.23 25.50
CA GLY E 34 -61.21 12.85 26.69
C GLY E 34 -60.57 13.97 27.47
N TYR E 35 -60.87 15.22 27.16
CA TYR E 35 -60.38 16.34 27.96
C TYR E 35 -61.55 17.03 28.63
N PRO E 36 -61.55 17.19 29.97
CA PRO E 36 -60.50 16.72 30.90
C PRO E 36 -60.54 15.20 31.12
N ASP E 37 -61.72 14.61 30.95
CA ASP E 37 -61.88 13.16 30.90
C ASP E 37 -62.92 12.83 29.85
N VAL E 38 -63.16 11.54 29.64
CA VAL E 38 -64.00 11.09 28.53
C VAL E 38 -65.46 11.51 28.74
N PRO E 39 -66.10 11.22 29.88
CA PRO E 39 -67.50 11.67 30.03
C PRO E 39 -67.65 13.17 30.14
N ALA E 40 -66.66 13.88 30.68
CA ALA E 40 -66.76 15.34 30.77
C ALA E 40 -66.66 15.98 29.40
N SER E 41 -65.84 15.42 28.52
CA SER E 41 -65.76 15.94 27.16
C SER E 41 -67.02 15.66 26.37
N VAL E 42 -67.70 14.54 26.66
CA VAL E 42 -68.98 14.25 26.03
C VAL E 42 -70.05 15.22 26.54
N ALA E 43 -69.99 15.59 27.82
CA ALA E 43 -70.92 16.60 28.33
C ALA E 43 -70.69 17.94 27.66
N ALA E 44 -69.44 18.25 27.32
CA ALA E 44 -69.14 19.53 26.69
C ALA E 44 -69.56 19.55 25.22
N MET E 45 -69.49 18.40 24.55
CA MET E 45 -69.87 18.34 23.14
C MET E 45 -71.38 18.44 22.97
N THR E 46 -72.14 17.76 23.83
CA THR E 46 -73.60 17.91 23.80
C THR E 46 -74.01 19.32 24.18
N ALA E 47 -73.26 19.96 25.08
CA ALA E 47 -73.54 21.35 25.42
C ALA E 47 -73.36 22.27 24.22
N LEU E 48 -72.43 21.92 23.32
CA LEU E 48 -72.26 22.70 22.10
C LEU E 48 -73.51 22.64 21.24
N VAL E 49 -74.07 21.44 21.07
CA VAL E 49 -75.31 21.29 20.29
C VAL E 49 -76.44 22.07 20.96
N GLU E 50 -76.51 22.01 22.29
CA GLU E 50 -77.53 22.76 23.01
C GLU E 50 -77.36 24.26 22.81
N SER E 51 -76.11 24.74 22.85
CA SER E 51 -75.83 26.16 22.75
C SER E 51 -75.79 26.66 21.31
N GLY E 52 -76.31 25.89 20.36
CA GLY E 52 -76.44 26.36 18.98
C GLY E 52 -75.20 26.23 18.14
N CYS E 53 -74.69 25.01 18.00
CA CYS E 53 -73.53 24.72 17.17
C CYS E 53 -73.98 23.86 16.00
N ASP E 54 -73.76 24.37 14.78
CA ASP E 54 -74.26 23.67 13.60
C ASP E 54 -73.50 22.37 13.35
N ILE E 55 -72.18 22.38 13.50
CA ILE E 55 -71.35 21.21 13.25
C ILE E 55 -70.35 21.07 14.39
N ILE E 56 -70.16 19.84 14.86
CA ILE E 56 -69.22 19.53 15.93
C ILE E 56 -68.00 18.85 15.33
N GLU E 57 -66.82 19.41 15.58
CA GLU E 57 -65.56 18.78 15.21
C GLU E 57 -65.06 17.97 16.40
N VAL E 58 -65.17 16.65 16.31
CA VAL E 58 -64.72 15.75 17.37
C VAL E 58 -63.25 15.42 17.09
N GLY E 59 -62.36 15.86 17.97
CA GLY E 59 -60.94 15.65 17.78
C GLY E 59 -60.47 14.33 18.37
N VAL E 60 -59.61 13.65 17.62
CA VAL E 60 -58.94 12.43 18.08
C VAL E 60 -57.56 12.84 18.61
N PRO E 61 -57.32 12.76 19.91
CA PRO E 61 -56.00 13.14 20.42
C PRO E 61 -54.90 12.26 19.85
N TYR E 62 -53.80 12.90 19.45
CA TYR E 62 -52.65 12.24 18.86
C TYR E 62 -51.39 12.70 19.56
N SER E 63 -50.43 11.78 19.72
CA SER E 63 -49.25 12.05 20.54
C SER E 63 -48.31 13.05 19.91
N ASP E 64 -48.35 13.24 18.59
CA ASP E 64 -47.46 14.16 17.89
C ASP E 64 -48.27 15.01 16.92
N PRO E 65 -49.06 15.97 17.43
CA PRO E 65 -49.87 16.82 16.55
C PRO E 65 -49.12 18.07 16.10
N GLY E 66 -48.50 18.01 14.92
CA GLY E 66 -47.68 19.12 14.47
C GLY E 66 -48.48 20.36 14.11
N MET E 67 -49.72 20.19 13.67
CA MET E 67 -50.54 21.33 13.27
C MET E 67 -51.34 21.95 14.41
N ASP E 68 -51.51 21.24 15.52
CA ASP E 68 -52.27 21.79 16.63
C ASP E 68 -51.49 22.88 17.35
N GLY E 69 -52.19 23.95 17.73
CA GLY E 69 -51.59 25.02 18.46
C GLY E 69 -51.31 24.64 19.91
N PRO E 70 -50.82 25.61 20.69
CA PRO E 70 -50.43 25.29 22.07
C PRO E 70 -51.62 24.92 22.96
N THR E 71 -52.76 25.57 22.76
CA THR E 71 -53.92 25.28 23.61
C THR E 71 -54.45 23.89 23.38
N ILE E 72 -54.64 23.51 22.11
CA ILE E 72 -55.19 22.19 21.80
C ILE E 72 -54.19 21.09 22.11
N ALA E 73 -52.90 21.34 21.85
CA ALA E 73 -51.89 20.31 22.05
C ALA E 73 -51.77 19.93 23.52
N ARG E 74 -51.77 20.93 24.41
CA ARG E 74 -51.69 20.63 25.84
C ARG E 74 -52.97 19.96 26.35
N ALA E 75 -54.09 20.14 25.65
CA ALA E 75 -55.31 19.45 26.02
C ALA E 75 -55.31 18.00 25.56
N THR E 76 -54.77 17.74 24.37
CA THR E 76 -54.67 16.37 23.88
C THR E 76 -53.63 15.58 24.67
N GLU E 77 -52.55 16.22 25.08
CA GLU E 77 -51.60 15.56 25.97
C GLU E 77 -52.25 15.18 27.28
N ALA E 78 -53.10 16.05 27.83
CA ALA E 78 -53.81 15.73 29.06
C ALA E 78 -54.81 14.60 28.84
N ALA E 79 -55.48 14.60 27.68
CA ALA E 79 -56.46 13.55 27.39
C ALA E 79 -55.79 12.20 27.25
N LEU E 80 -54.67 12.14 26.51
CA LEU E 80 -53.94 10.88 26.36
C LEU E 80 -53.39 10.41 27.70
N ARG E 81 -52.91 11.35 28.53
CA ARG E 81 -52.39 11.00 29.84
C ARG E 81 -53.45 10.33 30.69
N GLY E 82 -54.71 10.75 30.55
CA GLY E 82 -55.84 10.12 31.19
C GLY E 82 -56.31 8.83 30.56
N GLY E 83 -55.67 8.40 29.47
CA GLY E 83 -55.98 7.13 28.87
C GLY E 83 -57.08 7.13 27.82
N VAL E 84 -57.25 8.24 27.10
CA VAL E 84 -58.31 8.29 26.09
C VAL E 84 -57.98 7.31 24.97
N ARG E 85 -59.02 6.65 24.46
CA ARG E 85 -58.88 5.70 23.36
C ARG E 85 -59.54 6.27 22.11
N VAL E 86 -59.10 5.76 20.96
CA VAL E 86 -59.73 6.15 19.70
C VAL E 86 -61.20 5.75 19.70
N ARG E 87 -61.52 4.59 20.28
CA ARG E 87 -62.90 4.14 20.36
C ARG E 87 -63.76 5.10 21.17
N ASP E 88 -63.16 5.85 22.09
CA ASP E 88 -63.92 6.84 22.85
C ASP E 88 -64.43 7.97 21.95
N THR E 89 -63.70 8.28 20.88
CA THR E 89 -64.17 9.28 19.92
C THR E 89 -65.43 8.82 19.20
N LEU E 90 -65.47 7.54 18.81
CA LEU E 90 -66.68 6.99 18.21
C LEU E 90 -67.87 7.09 19.16
N ALA E 91 -67.64 6.85 20.46
CA ALA E 91 -68.71 6.96 21.44
C ALA E 91 -69.22 8.40 21.54
N ALA E 92 -68.35 9.39 21.37
CA ALA E 92 -68.79 10.77 21.41
C ALA E 92 -69.61 11.14 20.18
N VAL E 93 -69.32 10.54 19.03
CA VAL E 93 -70.12 10.78 17.83
C VAL E 93 -71.52 10.22 18.00
N GLU E 94 -71.64 9.06 18.65
CA GLU E 94 -72.95 8.48 18.91
C GLU E 94 -73.76 9.34 19.87
N ALA E 95 -73.10 9.98 20.84
CA ALA E 95 -73.81 10.82 21.79
C ALA E 95 -74.26 12.12 21.15
N ILE E 96 -73.47 12.66 20.21
CA ILE E 96 -73.87 13.89 19.53
C ILE E 96 -74.99 13.62 18.53
N SER E 97 -74.96 12.46 17.87
CA SER E 97 -76.03 12.09 16.97
C SER E 97 -77.34 11.86 17.72
N ILE E 98 -77.26 11.27 18.91
CA ILE E 98 -78.46 11.06 19.71
C ILE E 98 -78.99 12.39 20.23
N ALA E 99 -78.11 13.31 20.56
CA ALA E 99 -78.50 14.63 21.05
C ALA E 99 -79.02 15.55 19.95
N GLY E 100 -79.06 15.08 18.70
CA GLY E 100 -79.60 15.84 17.60
C GLY E 100 -78.56 16.54 16.74
N GLY E 101 -77.37 16.79 17.27
CA GLY E 101 -76.35 17.51 16.54
C GLY E 101 -75.75 16.69 15.42
N ARG E 102 -74.80 17.33 14.72
CA ARG E 102 -74.10 16.73 13.59
C ARG E 102 -72.60 16.77 13.87
N ALA E 103 -71.94 15.63 13.66
CA ALA E 103 -70.55 15.45 14.08
C ALA E 103 -69.68 15.03 12.91
N VAL E 104 -68.48 15.60 12.85
CA VAL E 104 -67.41 15.16 11.98
C VAL E 104 -66.17 14.95 12.85
N VAL E 105 -65.28 14.06 12.41
CA VAL E 105 -64.10 13.69 13.16
C VAL E 105 -62.87 14.30 12.51
N MET E 106 -62.10 15.05 13.30
CA MET E 106 -60.82 15.59 12.87
C MET E 106 -59.71 14.79 13.53
N THR E 107 -58.85 14.17 12.72
CA THR E 107 -57.83 13.29 13.23
C THR E 107 -56.63 13.29 12.30
N TYR E 108 -55.47 13.01 12.87
CA TYR E 108 -54.31 12.69 12.06
C TYR E 108 -54.45 11.28 11.49
N TRP E 109 -53.70 11.00 10.44
CA TRP E 109 -54.01 9.83 9.62
C TRP E 109 -53.48 8.52 10.20
N ASN E 110 -52.48 8.56 11.08
CA ASN E 110 -51.92 7.30 11.57
C ASN E 110 -52.92 6.52 12.43
N PRO E 111 -53.66 7.15 13.35
CA PRO E 111 -54.69 6.39 14.07
C PRO E 111 -55.72 5.75 13.14
N VAL E 112 -56.04 6.40 12.02
CA VAL E 112 -56.96 5.81 11.06
C VAL E 112 -56.33 4.59 10.40
N LEU E 113 -55.06 4.69 10.00
CA LEU E 113 -54.35 3.53 9.47
C LEU E 113 -54.28 2.42 10.50
N ARG E 114 -54.07 2.77 11.76
CA ARG E 114 -54.00 1.76 12.82
C ARG E 114 -55.34 1.06 13.01
N TYR E 115 -56.43 1.83 13.01
CA TYR E 115 -57.76 1.27 13.17
C TYR E 115 -58.17 0.44 11.95
N GLY E 116 -57.68 0.81 10.76
CA GLY E 116 -58.19 0.25 9.52
C GLY E 116 -59.00 1.29 8.79
N VAL E 117 -58.54 1.69 7.59
CA VAL E 117 -59.15 2.81 6.88
C VAL E 117 -60.62 2.50 6.59
N ASP E 118 -60.89 1.35 5.95
CA ASP E 118 -62.27 1.02 5.62
C ASP E 118 -63.08 0.71 6.87
N ALA E 119 -62.44 0.10 7.88
CA ALA E 119 -63.14 -0.22 9.12
C ALA E 119 -63.51 1.05 9.88
N PHE E 120 -62.61 2.03 9.93
CA PHE E 120 -62.91 3.27 10.63
C PHE E 120 -64.01 4.05 9.92
N ALA E 121 -64.03 4.03 8.59
CA ALA E 121 -65.12 4.67 7.86
C ALA E 121 -66.43 3.95 8.11
N ARG E 122 -66.40 2.64 8.31
CA ARG E 122 -67.62 1.88 8.58
C ARG E 122 -68.21 2.26 9.94
N ASP E 123 -67.39 2.19 10.99
CA ASP E 123 -67.90 2.45 12.34
C ASP E 123 -68.25 3.91 12.54
N LEU E 124 -67.56 4.83 11.87
CA LEU E 124 -67.90 6.24 11.98
C LEU E 124 -69.26 6.53 11.34
N ALA E 125 -69.51 5.96 10.17
CA ALA E 125 -70.83 6.10 9.56
C ALA E 125 -71.88 5.37 10.38
N ALA E 126 -71.52 4.22 10.95
CA ALA E 126 -72.47 3.46 11.77
C ALA E 126 -72.84 4.21 13.04
N ALA E 127 -71.94 5.02 13.56
CA ALA E 127 -72.20 5.83 14.75
C ALA E 127 -72.84 7.17 14.42
N GLY E 128 -73.28 7.35 13.18
CA GLY E 128 -73.90 8.59 12.76
C GLY E 128 -72.94 9.69 12.32
N GLY E 129 -71.65 9.40 12.24
CA GLY E 129 -70.71 10.40 11.77
C GLY E 129 -71.00 10.82 10.34
N LEU E 130 -70.58 12.03 10.00
CA LEU E 130 -70.90 12.61 8.70
C LEU E 130 -69.68 12.89 7.83
N GLY E 131 -68.54 13.23 8.42
CA GLY E 131 -67.37 13.58 7.63
C GLY E 131 -66.09 13.29 8.39
N LEU E 132 -64.98 13.60 7.74
CA LEU E 132 -63.65 13.37 8.30
C LEU E 132 -62.74 14.50 7.83
N ILE E 133 -62.14 15.21 8.79
CA ILE E 133 -61.18 16.27 8.49
C ILE E 133 -59.78 15.70 8.67
N THR E 134 -59.00 15.74 7.59
CA THR E 134 -57.70 15.08 7.52
C THR E 134 -56.61 16.12 7.33
N PRO E 135 -56.07 16.69 8.42
CA PRO E 135 -55.08 17.77 8.27
C PRO E 135 -53.70 17.29 7.83
N ASP E 136 -53.39 16.00 7.98
CA ASP E 136 -52.10 15.48 7.53
C ASP E 136 -52.24 14.52 6.36
N LEU E 137 -53.41 14.47 5.72
CA LEU E 137 -53.66 13.62 4.56
C LEU E 137 -53.99 14.51 3.38
N ILE E 138 -53.07 14.59 2.42
CA ILE E 138 -53.31 15.32 1.17
C ILE E 138 -53.99 14.36 0.20
N PRO E 139 -54.66 14.85 -0.85
CA PRO E 139 -55.29 13.92 -1.81
C PRO E 139 -54.30 12.98 -2.47
N ASP E 140 -53.02 13.35 -2.54
CA ASP E 140 -52.02 12.49 -3.17
C ASP E 140 -51.88 11.15 -2.48
N GLU E 141 -52.32 11.04 -1.22
CA GLU E 141 -52.23 9.80 -0.46
C GLU E 141 -53.59 9.28 -0.03
N ALA E 142 -54.68 9.78 -0.60
CA ALA E 142 -56.03 9.48 -0.15
C ALA E 142 -56.72 8.43 -1.02
N GLN E 143 -55.96 7.53 -1.63
CA GLN E 143 -56.58 6.52 -2.49
C GLN E 143 -57.48 5.59 -1.70
N GLN E 144 -57.02 5.14 -0.54
CA GLN E 144 -57.87 4.29 0.31
C GLN E 144 -59.01 5.08 0.94
N TRP E 145 -58.78 6.35 1.25
CA TRP E 145 -59.82 7.14 1.91
C TRP E 145 -60.92 7.53 0.93
N LEU E 146 -60.56 7.83 -0.32
CA LEU E 146 -61.57 8.13 -1.33
C LEU E 146 -62.52 6.95 -1.54
N ALA E 147 -61.98 5.74 -1.58
CA ALA E 147 -62.83 4.56 -1.78
C ALA E 147 -63.67 4.25 -0.56
N ALA E 148 -63.18 4.59 0.63
CA ALA E 148 -63.92 4.30 1.86
C ALA E 148 -65.01 5.33 2.13
N SER E 149 -64.82 6.57 1.67
CA SER E 149 -65.83 7.60 1.85
C SER E 149 -66.98 7.44 0.86
N GLU E 150 -66.68 6.97 -0.36
CA GLU E 150 -67.74 6.72 -1.33
C GLU E 150 -68.57 5.50 -0.93
N GLU E 151 -67.91 4.46 -0.43
CA GLU E 151 -68.63 3.25 -0.04
C GLU E 151 -69.49 3.48 1.20
N HIS E 152 -69.04 4.33 2.12
CA HIS E 152 -69.73 4.53 3.39
C HIS E 152 -70.39 5.91 3.48
N ARG E 153 -70.40 6.68 2.39
CA ARG E 153 -71.11 7.96 2.32
C ARG E 153 -70.65 8.92 3.42
N LEU E 154 -69.35 9.22 3.40
CA LEU E 154 -68.74 10.16 4.34
C LEU E 154 -68.14 11.33 3.57
N ASP E 155 -68.20 12.50 4.18
CA ASP E 155 -67.65 13.71 3.56
C ASP E 155 -66.15 13.81 3.80
N ARG E 156 -65.47 14.43 2.85
CA ARG E 156 -64.01 14.55 2.86
C ARG E 156 -63.65 16.03 2.92
N ILE E 157 -63.27 16.50 4.11
CA ILE E 157 -62.88 17.89 4.32
C ILE E 157 -61.36 17.94 4.26
N PHE E 158 -60.82 18.33 3.13
CA PHE E 158 -59.38 18.58 2.98
C PHE E 158 -59.07 20.03 3.32
N LEU E 159 -57.78 20.31 3.46
CA LEU E 159 -57.31 21.63 3.88
C LEU E 159 -56.56 22.31 2.74
N VAL E 160 -56.78 23.63 2.62
CA VAL E 160 -55.99 24.48 1.74
C VAL E 160 -55.28 25.51 2.60
N ALA E 161 -54.23 26.10 2.03
CA ALA E 161 -53.36 27.02 2.74
C ALA E 161 -53.13 28.27 1.90
N PRO E 162 -52.72 29.37 2.53
CA PRO E 162 -52.39 30.57 1.75
C PRO E 162 -51.27 30.34 0.75
N SER E 163 -50.35 29.42 1.04
CA SER E 163 -49.22 29.14 0.17
C SER E 163 -49.52 28.06 -0.87
N SER E 164 -50.77 27.59 -0.95
CA SER E 164 -51.09 26.54 -1.91
C SER E 164 -50.94 27.05 -3.34
N THR E 165 -50.29 26.25 -4.18
CA THR E 165 -50.18 26.59 -5.58
C THR E 165 -51.55 26.55 -6.24
N PRO E 166 -51.73 27.26 -7.37
CA PRO E 166 -53.01 27.20 -8.06
C PRO E 166 -53.41 25.79 -8.48
N GLU E 167 -52.44 24.97 -8.87
CA GLU E 167 -52.74 23.62 -9.32
C GLU E 167 -53.22 22.74 -8.16
N ARG E 168 -52.52 22.81 -7.03
CA ARG E 168 -52.87 21.94 -5.91
C ARG E 168 -54.17 22.38 -5.24
N LEU E 169 -54.41 23.69 -5.15
CA LEU E 169 -55.66 24.17 -4.60
C LEU E 169 -56.86 23.68 -5.40
N ALA E 170 -56.71 23.63 -6.74
CA ALA E 170 -57.80 23.17 -7.59
C ALA E 170 -58.07 21.69 -7.37
N ALA E 171 -57.01 20.88 -7.27
CA ALA E 171 -57.19 19.45 -7.07
C ALA E 171 -57.68 19.13 -5.67
N THR E 172 -57.28 19.92 -4.67
CA THR E 172 -57.72 19.69 -3.31
C THR E 172 -59.20 20.00 -3.16
N VAL E 173 -59.68 21.08 -3.80
CA VAL E 173 -61.11 21.38 -3.78
C VAL E 173 -61.89 20.33 -4.56
N GLU E 174 -61.32 19.87 -5.69
CA GLU E 174 -62.00 18.90 -6.53
C GLU E 174 -62.24 17.57 -5.79
N ALA E 175 -61.37 17.22 -4.85
CA ALA E 175 -61.44 15.95 -4.15
C ALA E 175 -62.15 16.07 -2.80
N SER E 176 -62.80 17.19 -2.53
CA SER E 176 -63.44 17.42 -1.24
C SER E 176 -64.96 17.32 -1.35
N ARG E 177 -65.58 16.91 -0.26
CA ARG E 177 -67.03 16.93 -0.11
C ARG E 177 -67.38 17.54 1.25
N GLY E 178 -68.54 18.17 1.31
CA GLY E 178 -68.94 18.86 2.52
C GLY E 178 -68.47 20.31 2.52
N PHE E 179 -67.24 20.54 2.94
CA PHE E 179 -66.65 21.87 2.88
C PHE E 179 -65.14 21.75 2.83
N VAL E 180 -64.48 22.87 2.51
CA VAL E 180 -63.03 22.95 2.41
C VAL E 180 -62.52 23.79 3.57
N TYR E 181 -61.56 23.23 4.32
CA TYR E 181 -61.00 23.89 5.49
C TYR E 181 -59.87 24.82 5.02
N ALA E 182 -60.14 26.12 5.06
CA ALA E 182 -59.11 27.13 4.79
C ALA E 182 -58.49 27.54 6.10
N ALA E 183 -57.20 27.20 6.28
CA ALA E 183 -56.52 27.37 7.56
C ALA E 183 -55.46 28.45 7.47
N SER E 184 -55.21 29.10 8.60
CA SER E 184 -54.19 30.14 8.70
C SER E 184 -53.47 30.05 10.05
N SER E 196 -53.04 39.46 7.46
CA SER E 196 -54.40 39.70 7.93
C SER E 196 -55.43 39.37 6.85
N GLN E 197 -55.17 39.84 5.64
CA GLN E 197 -56.05 39.63 4.50
C GLN E 197 -55.94 38.22 3.92
N ALA E 198 -55.23 37.31 4.59
CA ALA E 198 -55.00 35.99 4.02
C ALA E 198 -56.29 35.17 3.99
N ALA E 199 -57.08 35.21 5.05
CA ALA E 199 -58.30 34.40 5.11
C ALA E 199 -59.30 34.74 4.01
N PRO E 200 -59.69 36.00 3.78
CA PRO E 200 -60.63 36.27 2.69
C PRO E 200 -60.05 36.02 1.32
N GLU E 201 -58.76 36.31 1.12
CA GLU E 201 -58.14 36.07 -0.18
C GLU E 201 -58.07 34.58 -0.50
N LEU E 202 -57.88 33.74 0.52
CA LEU E 202 -57.82 32.30 0.28
C LEU E 202 -59.20 31.74 -0.04
N VAL E 203 -60.25 32.24 0.63
CA VAL E 203 -61.60 31.78 0.35
C VAL E 203 -62.01 32.17 -1.06
N GLY E 204 -61.65 33.39 -1.49
CA GLY E 204 -61.96 33.81 -2.85
C GLY E 204 -61.30 32.94 -3.89
N ARG E 205 -60.09 32.46 -3.60
CA ARG E 205 -59.44 31.52 -4.51
C ARG E 205 -60.22 30.22 -4.60
N VAL E 206 -60.85 29.79 -3.52
CA VAL E 206 -61.68 28.60 -3.57
C VAL E 206 -63.01 28.89 -4.25
N LYS E 207 -63.60 30.05 -3.96
CA LYS E 207 -64.87 30.42 -4.59
C LYS E 207 -64.73 30.58 -6.10
N ALA E 208 -63.54 30.95 -6.56
CA ALA E 208 -63.28 31.09 -7.99
C ALA E 208 -63.06 29.77 -8.69
N VAL E 209 -63.17 28.64 -7.99
CA VAL E 209 -62.93 27.33 -8.57
C VAL E 209 -64.16 26.44 -8.40
N SER E 210 -64.85 26.58 -7.27
CA SER E 210 -65.96 25.68 -6.95
C SER E 210 -66.99 26.41 -6.10
N ASP E 211 -68.15 25.79 -5.97
CA ASP E 211 -69.24 26.29 -5.14
C ASP E 211 -69.27 25.64 -3.76
N ILE E 212 -68.33 24.76 -3.47
CA ILE E 212 -68.33 24.02 -2.19
C ILE E 212 -68.20 25.01 -1.04
N PRO E 213 -68.89 24.80 0.08
CA PRO E 213 -68.72 25.70 1.23
C PRO E 213 -67.27 25.74 1.69
N VAL E 214 -66.90 26.86 2.32
CA VAL E 214 -65.54 27.09 2.78
C VAL E 214 -65.59 27.44 4.26
N GLY E 215 -64.91 26.66 5.08
CA GLY E 215 -64.79 26.94 6.51
C GLY E 215 -63.43 27.54 6.80
N VAL E 216 -63.44 28.58 7.64
CA VAL E 216 -62.23 29.33 7.97
C VAL E 216 -61.89 29.11 9.43
N GLY E 217 -60.69 28.61 9.68
CA GLY E 217 -60.17 28.49 11.03
C GLY E 217 -59.09 29.53 11.28
N LEU E 218 -59.48 30.65 11.86
CA LEU E 218 -58.58 31.79 12.05
C LEU E 218 -58.19 31.97 13.51
N GLY E 219 -58.45 30.98 14.36
CA GLY E 219 -58.22 31.16 15.78
C GLY E 219 -59.20 32.15 16.37
N VAL E 220 -60.49 31.94 16.09
CA VAL E 220 -61.52 32.86 16.55
C VAL E 220 -61.61 32.80 18.08
N ARG E 221 -61.71 33.97 18.70
CA ARG E 221 -61.81 34.07 20.16
C ARG E 221 -62.90 35.02 20.64
N SER E 222 -63.62 35.68 19.74
CA SER E 222 -64.65 36.62 20.14
C SER E 222 -65.80 36.59 19.14
N ARG E 223 -66.91 37.24 19.52
CA ARG E 223 -68.05 37.32 18.62
C ARG E 223 -67.77 38.25 17.45
N ALA E 224 -67.07 39.37 17.71
CA ALA E 224 -66.78 40.32 16.65
C ALA E 224 -65.92 39.69 15.56
N GLN E 225 -64.93 38.88 15.94
CA GLN E 225 -64.13 38.17 14.96
C GLN E 225 -64.94 37.11 14.24
N ALA E 226 -65.95 36.54 14.90
CA ALA E 226 -66.81 35.56 14.24
C ALA E 226 -67.68 36.22 13.19
N ALA E 227 -68.22 37.40 13.48
CA ALA E 227 -69.07 38.10 12.52
C ALA E 227 -68.27 38.58 11.31
N GLN E 228 -67.02 38.99 11.53
CA GLN E 228 -66.19 39.46 10.42
C GLN E 228 -65.90 38.32 9.45
N ILE E 229 -65.71 37.11 9.95
CA ILE E 229 -65.39 35.98 9.09
C ILE E 229 -66.65 35.51 8.36
N ALA E 230 -67.82 35.62 9.00
CA ALA E 230 -69.06 35.20 8.37
C ALA E 230 -69.46 36.07 7.19
N GLN E 231 -68.79 37.21 7.00
CA GLN E 231 -69.09 38.06 5.85
C GLN E 231 -68.64 37.41 4.54
N TYR E 232 -67.59 36.59 4.58
CA TYR E 232 -67.03 36.01 3.38
C TYR E 232 -66.88 34.49 3.41
N ALA E 233 -67.08 33.84 4.56
CA ALA E 233 -66.88 32.41 4.70
C ALA E 233 -68.20 31.71 4.99
N ASP E 234 -68.42 30.56 4.35
CA ASP E 234 -69.64 29.78 4.56
C ASP E 234 -69.71 29.20 5.97
N GLY E 235 -68.58 29.06 6.65
CA GLY E 235 -68.56 28.51 8.00
C GLY E 235 -67.42 29.06 8.83
N VAL E 236 -67.69 29.36 10.09
CA VAL E 236 -66.68 29.88 11.01
C VAL E 236 -66.24 28.76 11.94
N ILE E 237 -64.97 28.39 11.87
CA ILE E 237 -64.41 27.27 12.62
C ILE E 237 -63.76 27.82 13.89
N VAL E 238 -64.25 27.39 15.05
CA VAL E 238 -63.71 27.76 16.33
C VAL E 238 -63.33 26.49 17.09
N GLY E 239 -62.15 26.49 17.70
CA GLY E 239 -61.69 25.33 18.43
C GLY E 239 -60.81 25.67 19.62
N SER E 240 -59.81 26.52 19.40
CA SER E 240 -58.87 26.85 20.46
C SER E 240 -59.56 27.59 21.60
N ALA E 241 -60.45 28.53 21.28
CA ALA E 241 -61.18 29.27 22.29
C ALA E 241 -62.23 28.42 23.01
N LEU E 242 -62.73 27.37 22.35
CA LEU E 242 -63.69 26.48 23.02
C LEU E 242 -63.01 25.64 24.09
N VAL E 243 -61.77 25.24 23.85
CA VAL E 243 -61.03 24.48 24.86
C VAL E 243 -60.69 25.37 26.04
N THR E 244 -60.28 26.61 25.79
CA THR E 244 -59.98 27.53 26.88
C THR E 244 -61.22 27.80 27.72
N ALA E 245 -62.38 27.94 27.08
CA ALA E 245 -63.62 28.16 27.82
C ALA E 245 -64.01 26.92 28.63
N LEU E 246 -63.81 25.74 28.07
CA LEU E 246 -64.11 24.51 28.81
C LEU E 246 -63.20 24.34 30.02
N THR E 247 -61.95 24.80 29.92
CA THR E 247 -61.03 24.70 31.04
C THR E 247 -61.53 25.51 32.24
N GLU E 248 -62.13 26.67 31.98
CA GLU E 248 -62.67 27.47 33.07
C GLU E 248 -63.91 26.84 33.69
N GLY E 249 -64.72 26.16 32.87
CA GLY E 249 -65.92 25.53 33.37
C GLY E 249 -66.95 25.30 32.28
N LEU E 250 -67.83 24.32 32.49
CA LEU E 250 -68.89 24.05 31.52
C LEU E 250 -69.83 25.24 31.29
N PRO E 251 -70.20 26.04 32.30
CA PRO E 251 -71.08 27.19 32.00
C PRO E 251 -70.45 28.22 31.10
N ARG E 252 -69.16 28.52 31.28
CA ARG E 252 -68.50 29.51 30.43
C ARG E 252 -68.43 29.05 28.98
N LEU E 253 -68.35 27.73 28.76
CA LEU E 253 -68.36 27.22 27.39
C LEU E 253 -69.70 27.52 26.72
N ARG E 254 -70.81 27.36 27.45
CA ARG E 254 -72.12 27.67 26.88
C ARG E 254 -72.25 29.15 26.56
N ALA E 255 -71.63 30.01 27.38
CA ALA E 255 -71.72 31.45 27.16
C ALA E 255 -71.02 31.85 25.87
N LEU E 256 -69.75 31.46 25.72
CA LEU E 256 -68.99 31.81 24.52
C LEU E 256 -69.64 31.23 23.27
N THR E 257 -70.15 30.01 23.36
CA THR E 257 -70.84 29.41 22.21
C THR E 257 -72.08 30.19 21.83
N GLY E 258 -72.81 30.71 22.83
CA GLY E 258 -73.96 31.55 22.53
C GLY E 258 -73.57 32.86 21.88
N GLU E 259 -72.48 33.48 22.35
CA GLU E 259 -71.99 34.70 21.71
C GLU E 259 -71.54 34.40 20.28
N LEU E 260 -70.82 33.30 20.08
CA LEU E 260 -70.38 32.95 18.73
C LEU E 260 -71.56 32.63 17.83
N ALA E 261 -72.55 31.90 18.36
CA ALA E 261 -73.73 31.56 17.56
C ALA E 261 -74.48 32.81 17.12
N ALA E 262 -74.54 33.82 17.98
CA ALA E 262 -75.10 35.10 17.58
C ALA E 262 -74.15 35.89 16.68
N GLY E 263 -72.87 35.51 16.65
CA GLY E 263 -71.92 36.20 15.79
C GLY E 263 -72.02 35.83 14.34
N VAL E 264 -72.37 34.57 14.04
CA VAL E 264 -72.50 34.15 12.64
C VAL E 264 -73.76 34.70 12.00
N ARG E 265 -74.64 35.33 12.77
CA ARG E 265 -75.89 35.89 12.25
C ARG E 265 -75.82 37.40 12.05
N LEU E 266 -75.26 38.13 13.01
CA LEU E 266 -75.10 39.57 12.90
C LEU E 266 -73.63 39.97 13.02
N PRO F 8 -28.98 6.72 -10.01
CA PRO F 8 -29.55 5.79 -10.99
C PRO F 8 -31.07 5.91 -11.10
N THR F 9 -31.77 4.78 -11.22
CA THR F 9 -33.21 4.84 -11.41
C THR F 9 -33.92 3.57 -10.94
N SER F 10 -33.27 2.41 -11.08
CA SER F 10 -33.95 1.14 -10.87
C SER F 10 -34.48 0.99 -9.44
N HIS F 11 -33.87 1.67 -8.48
CA HIS F 11 -34.27 1.56 -7.08
C HIS F 11 -34.93 2.82 -6.56
N ASP F 12 -35.23 3.78 -7.42
CA ASP F 12 -35.86 5.03 -7.01
C ASP F 12 -37.37 4.88 -6.90
N PRO F 13 -38.02 5.74 -6.13
CA PRO F 13 -39.49 5.69 -6.02
C PRO F 13 -40.14 6.35 -7.24
N ASP F 14 -41.46 6.45 -7.19
CA ASP F 14 -42.21 7.08 -8.28
C ASP F 14 -42.30 8.59 -8.03
N SER F 15 -43.08 9.27 -8.86
CA SER F 15 -43.21 10.73 -8.74
C SER F 15 -43.82 11.13 -7.41
N GLY F 16 -44.61 10.26 -6.81
CA GLY F 16 -45.17 10.50 -5.48
C GLY F 16 -44.27 10.09 -4.34
N GLY F 17 -43.11 9.52 -4.64
CA GLY F 17 -42.17 9.11 -3.60
C GLY F 17 -42.47 7.77 -2.97
N HIS F 18 -43.14 6.87 -3.67
CA HIS F 18 -43.54 5.58 -3.11
C HIS F 18 -42.56 4.49 -3.55
N PHE F 19 -42.07 3.72 -2.59
CA PHE F 19 -41.25 2.56 -2.87
C PHE F 19 -42.13 1.31 -2.92
N GLY F 20 -41.94 0.50 -3.96
CA GLY F 20 -42.63 -0.77 -4.06
C GLY F 20 -44.01 -0.74 -4.67
N GLY F 21 -44.34 0.31 -5.43
CA GLY F 21 -45.58 0.36 -6.17
C GLY F 21 -46.81 0.43 -5.30
N PRO F 22 -47.61 -0.64 -5.28
CA PRO F 22 -48.87 -0.62 -4.52
C PRO F 22 -48.68 -0.66 -3.01
N SER F 23 -47.55 -1.15 -2.51
CA SER F 23 -47.34 -1.20 -1.06
C SER F 23 -47.29 0.20 -0.45
N GLY F 24 -46.77 1.17 -1.19
CA GLY F 24 -46.87 2.55 -0.78
C GLY F 24 -45.90 3.01 0.29
N TRP F 25 -44.72 2.41 0.36
CA TRP F 25 -43.73 2.86 1.32
C TRP F 25 -43.24 4.26 0.97
N GLY F 26 -43.23 5.15 1.95
CA GLY F 26 -42.76 6.50 1.73
C GLY F 26 -43.86 7.53 1.55
N GLY F 27 -43.92 8.13 0.36
CA GLY F 27 -44.95 9.10 0.08
C GLY F 27 -44.70 10.43 0.77
N ARG F 28 -45.78 11.20 0.92
CA ARG F 28 -45.73 12.51 1.57
C ARG F 28 -46.95 12.61 2.48
N TYR F 29 -46.77 12.32 3.77
CA TYR F 29 -47.85 12.47 4.75
C TYR F 29 -47.62 13.76 5.55
N VAL F 30 -47.77 14.87 4.82
CA VAL F 30 -47.56 16.21 5.36
C VAL F 30 -48.82 17.03 5.12
N PRO F 31 -48.99 18.13 5.84
CA PRO F 31 -50.13 19.01 5.56
C PRO F 31 -49.93 19.78 4.26
N GLU F 32 -51.06 20.21 3.68
CA GLU F 32 -51.01 20.97 2.44
C GLU F 32 -50.19 22.25 2.60
N ALA F 33 -50.17 22.83 3.80
CA ALA F 33 -49.42 24.07 4.02
C ALA F 33 -47.94 23.91 3.75
N LEU F 34 -47.44 22.68 3.67
CA LEU F 34 -46.03 22.43 3.43
C LEU F 34 -45.74 21.99 2.00
N MET F 35 -46.75 21.60 1.23
CA MET F 35 -46.53 21.05 -0.10
C MET F 35 -45.90 22.04 -1.05
N ALA F 36 -46.06 23.34 -0.82
CA ALA F 36 -45.43 24.33 -1.68
C ALA F 36 -43.91 24.24 -1.58
N VAL F 37 -43.38 24.23 -0.35
CA VAL F 37 -41.93 24.19 -0.19
C VAL F 37 -41.39 22.78 -0.45
N ILE F 38 -42.22 21.75 -0.27
CA ILE F 38 -41.78 20.39 -0.59
C ILE F 38 -41.55 20.24 -2.09
N GLU F 39 -42.51 20.71 -2.89
CA GLU F 39 -42.34 20.68 -4.34
C GLU F 39 -41.18 21.55 -4.79
N GLU F 40 -40.90 22.62 -4.05
CA GLU F 40 -39.75 23.46 -4.37
C GLU F 40 -38.44 22.71 -4.14
N VAL F 41 -38.34 21.98 -3.04
CA VAL F 41 -37.14 21.17 -2.78
C VAL F 41 -37.02 20.05 -3.80
N THR F 42 -38.15 19.44 -4.18
CA THR F 42 -38.10 18.34 -5.13
C THR F 42 -37.67 18.82 -6.52
N ALA F 43 -38.23 19.94 -6.97
CA ALA F 43 -37.84 20.48 -8.27
C ALA F 43 -36.40 20.94 -8.27
N ALA F 44 -35.94 21.51 -7.16
CA ALA F 44 -34.56 21.96 -7.08
C ALA F 44 -33.58 20.79 -7.06
N TYR F 45 -33.91 19.73 -6.30
CA TYR F 45 -33.00 18.60 -6.22
C TYR F 45 -32.91 17.85 -7.54
N GLN F 46 -34.04 17.71 -8.25
CA GLN F 46 -34.00 17.06 -9.55
C GLN F 46 -33.22 17.87 -10.57
N LYS F 47 -33.23 19.20 -10.43
CA LYS F 47 -32.44 20.04 -11.33
C LYS F 47 -30.95 19.92 -11.04
N GLU F 48 -30.58 19.92 -9.76
CA GLU F 48 -29.18 19.98 -9.36
C GLU F 48 -28.51 18.62 -9.27
N ARG F 49 -29.28 17.53 -9.15
CA ARG F 49 -28.66 16.21 -9.11
C ARG F 49 -28.04 15.81 -10.45
N VAL F 50 -28.43 16.49 -11.53
CA VAL F 50 -27.85 16.26 -12.86
C VAL F 50 -27.02 17.44 -13.32
N SER F 51 -26.81 18.43 -12.45
CA SER F 51 -26.01 19.61 -12.79
C SER F 51 -24.55 19.33 -12.50
N GLN F 52 -23.69 19.51 -13.51
CA GLN F 52 -22.27 19.25 -13.32
C GLN F 52 -21.63 20.24 -12.35
N ASP F 53 -22.13 21.48 -12.33
CA ASP F 53 -21.62 22.45 -11.36
C ASP F 53 -21.88 22.00 -9.94
N PHE F 54 -23.07 21.44 -9.68
CA PHE F 54 -23.41 21.00 -8.33
C PHE F 54 -22.59 19.78 -7.93
N LEU F 55 -22.46 18.80 -8.84
CA LEU F 55 -21.74 17.58 -8.50
C LEU F 55 -20.26 17.85 -8.26
N ASP F 56 -19.68 18.83 -8.95
CA ASP F 56 -18.27 19.14 -8.75
C ASP F 56 -18.04 19.83 -7.42
N ASP F 57 -18.92 20.78 -7.05
CA ASP F 57 -18.81 21.41 -5.75
C ASP F 57 -18.94 20.39 -4.62
N LEU F 58 -19.86 19.43 -4.78
CA LEU F 58 -20.03 18.40 -3.77
C LEU F 58 -18.80 17.52 -3.66
N ASP F 59 -18.27 17.07 -4.79
CA ASP F 59 -17.09 16.22 -4.78
C ASP F 59 -15.87 16.97 -4.24
N ARG F 60 -15.78 18.27 -4.55
CA ARG F 60 -14.65 19.06 -4.06
C ARG F 60 -14.69 19.21 -2.54
N LEU F 61 -15.89 19.47 -1.98
CA LEU F 61 -16.02 19.58 -0.54
C LEU F 61 -15.81 18.24 0.14
N GLN F 62 -16.29 17.16 -0.46
CA GLN F 62 -16.08 15.83 0.11
C GLN F 62 -14.60 15.50 0.22
N ALA F 63 -13.82 15.87 -0.79
CA ALA F 63 -12.41 15.49 -0.82
C ALA F 63 -11.56 16.43 0.03
N ASN F 64 -11.63 17.74 -0.25
CA ASN F 64 -10.72 18.69 0.39
C ASN F 64 -11.18 19.09 1.79
N TYR F 65 -12.48 19.09 2.05
CA TYR F 65 -13.01 19.56 3.33
C TYR F 65 -13.41 18.42 4.26
N ALA F 66 -14.15 17.43 3.75
CA ALA F 66 -14.61 16.34 4.61
C ALA F 66 -13.58 15.22 4.73
N GLY F 67 -12.64 15.13 3.79
CA GLY F 67 -11.59 14.12 3.87
C GLY F 67 -11.89 12.82 3.17
N ARG F 68 -12.79 12.81 2.19
CA ARG F 68 -13.11 11.60 1.47
C ARG F 68 -12.04 11.31 0.41
N PRO F 69 -11.84 10.03 0.03
CA PRO F 69 -12.55 8.84 0.53
C PRO F 69 -12.11 8.42 1.93
N SER F 70 -13.00 7.77 2.66
CA SER F 70 -12.62 7.22 3.96
C SER F 70 -11.98 5.85 3.77
N PRO F 71 -10.97 5.52 4.57
CA PRO F 71 -10.27 4.25 4.37
C PRO F 71 -11.13 3.05 4.75
N LEU F 72 -10.76 1.91 4.18
CA LEU F 72 -11.30 0.61 4.55
C LEU F 72 -10.18 -0.19 5.20
N TYR F 73 -10.40 -0.64 6.43
CA TYR F 73 -9.36 -1.27 7.24
C TYR F 73 -9.79 -2.65 7.66
N GLU F 74 -8.92 -3.64 7.43
CA GLU F 74 -9.18 -5.01 7.88
C GLU F 74 -8.74 -5.14 9.33
N ALA F 75 -9.72 -5.27 10.24
CA ALA F 75 -9.44 -5.42 11.67
C ALA F 75 -9.04 -6.87 11.91
N THR F 76 -7.73 -7.14 11.73
CA THR F 76 -7.23 -8.51 11.83
C THR F 76 -7.29 -9.03 13.27
N ARG F 77 -7.17 -8.15 14.26
CA ARG F 77 -7.22 -8.59 15.64
C ARG F 77 -8.64 -8.92 16.12
N LEU F 78 -9.66 -8.46 15.39
CA LEU F 78 -11.03 -8.83 15.69
C LEU F 78 -11.39 -10.22 15.18
N SER F 79 -10.62 -10.75 14.23
CA SER F 79 -11.01 -11.98 13.55
C SER F 79 -11.19 -13.14 14.52
N GLN F 80 -10.30 -13.26 15.50
CA GLN F 80 -10.41 -14.36 16.45
C GLN F 80 -11.72 -14.31 17.23
N HIS F 81 -12.30 -13.12 17.38
CA HIS F 81 -13.56 -12.94 18.08
C HIS F 81 -14.76 -12.95 17.14
N ALA F 82 -14.57 -13.35 15.88
CA ALA F 82 -15.64 -13.37 14.90
C ALA F 82 -15.61 -14.65 14.09
N GLY F 83 -15.37 -15.78 14.76
CA GLY F 83 -15.30 -17.06 14.07
C GLY F 83 -14.21 -17.13 13.02
N SER F 84 -13.14 -16.36 13.19
CA SER F 84 -12.02 -16.28 12.25
C SER F 84 -12.45 -15.74 10.89
N ALA F 85 -13.59 -15.07 10.81
CA ALA F 85 -13.95 -14.34 9.62
C ALA F 85 -13.13 -13.06 9.52
N ARG F 86 -13.19 -12.41 8.37
CA ARG F 86 -12.39 -11.22 8.09
C ARG F 86 -13.31 -10.00 8.14
N ILE F 87 -13.06 -9.12 9.11
CA ILE F 87 -13.89 -7.93 9.34
C ILE F 87 -13.18 -6.72 8.75
N PHE F 88 -13.80 -6.11 7.74
CA PHE F 88 -13.32 -4.86 7.17
C PHE F 88 -14.18 -3.71 7.70
N LEU F 89 -13.54 -2.62 8.10
CA LEU F 89 -14.22 -1.49 8.71
C LEU F 89 -14.17 -0.30 7.77
N LYS F 90 -15.34 0.11 7.27
CA LYS F 90 -15.45 1.34 6.47
C LYS F 90 -15.39 2.52 7.44
N ARG F 91 -14.28 3.25 7.42
CA ARG F 91 -13.94 4.19 8.49
C ARG F 91 -14.60 5.55 8.25
N GLU F 92 -15.92 5.57 8.40
CA GLU F 92 -16.62 6.85 8.41
C GLU F 92 -16.34 7.65 9.67
N ASP F 93 -15.74 7.02 10.69
CA ASP F 93 -15.36 7.74 11.90
C ASP F 93 -14.26 8.75 11.66
N LEU F 94 -13.55 8.65 10.54
CA LEU F 94 -12.46 9.57 10.21
C LEU F 94 -12.92 10.79 9.42
N ASN F 95 -14.21 10.89 9.12
CA ASN F 95 -14.71 12.06 8.42
C ASN F 95 -14.63 13.29 9.32
N HIS F 96 -14.60 14.46 8.67
CA HIS F 96 -14.72 15.71 9.39
C HIS F 96 -16.04 15.70 10.16
N THR F 97 -15.97 16.03 11.46
CA THR F 97 -17.00 15.97 12.48
C THR F 97 -17.18 14.54 13.02
N GLY F 98 -16.54 13.54 12.42
CA GLY F 98 -16.45 12.23 13.02
C GLY F 98 -17.58 11.27 12.75
N SER F 99 -18.44 11.54 11.76
CA SER F 99 -19.50 10.61 11.43
C SER F 99 -19.84 10.74 9.94
N HIS F 100 -20.84 9.98 9.52
CA HIS F 100 -21.28 9.96 8.14
C HIS F 100 -22.18 11.14 7.82
N ILE F 102 -21.81 14.17 7.86
CA ILE F 102 -21.20 15.27 7.12
C ILE F 102 -21.52 15.15 5.63
N ASN F 103 -21.70 13.92 5.16
CA ASN F 103 -22.08 13.72 3.76
C ASN F 103 -23.47 14.29 3.49
N ASN F 104 -24.38 14.13 4.45
CA ASN F 104 -25.75 14.59 4.26
C ASN F 104 -25.85 16.10 4.30
N VAL F 105 -25.20 16.73 5.30
CA VAL F 105 -25.35 18.16 5.48
C VAL F 105 -24.64 18.93 4.37
N LEU F 106 -23.54 18.40 3.84
CA LEU F 106 -22.85 19.09 2.76
C LEU F 106 -23.72 19.16 1.51
N GLY F 107 -24.41 18.07 1.20
CA GLY F 107 -25.29 18.09 0.03
C GLY F 107 -26.48 19.01 0.21
N GLN F 108 -27.15 18.91 1.36
CA GLN F 108 -28.35 19.71 1.58
C GLN F 108 -28.02 21.19 1.74
N ALA F 109 -26.90 21.51 2.38
CA ALA F 109 -26.51 22.91 2.51
C ALA F 109 -26.16 23.51 1.16
N LEU F 110 -25.48 22.75 0.31
CA LEU F 110 -25.26 23.19 -1.07
C LEU F 110 -26.57 23.44 -1.80
N LEU F 111 -27.53 22.53 -1.63
CA LEU F 111 -28.82 22.68 -2.29
C LEU F 111 -29.56 23.92 -1.78
N ALA F 112 -29.55 24.13 -0.45
CA ALA F 112 -30.18 25.32 0.11
C ALA F 112 -29.58 26.58 -0.48
N ARG F 113 -28.25 26.60 -0.65
CA ARG F 113 -27.59 27.76 -1.26
C ARG F 113 -28.08 27.97 -2.70
N ARG F 114 -28.11 26.89 -3.49
CA ARG F 114 -28.58 26.98 -4.86
C ARG F 114 -30.04 27.44 -4.92
N MET F 115 -30.86 27.03 -3.96
CA MET F 115 -32.27 27.39 -3.95
C MET F 115 -32.52 28.84 -3.59
N GLY F 116 -31.50 29.56 -3.11
CA GLY F 116 -31.70 30.90 -2.63
C GLY F 116 -32.15 31.01 -1.19
N LYS F 117 -32.28 29.89 -0.50
CA LYS F 117 -32.59 29.94 0.93
C LYS F 117 -31.39 30.48 1.70
N THR F 118 -31.68 31.32 2.69
CA THR F 118 -30.65 31.94 3.51
C THR F 118 -30.65 31.44 4.94
N ARG F 119 -31.57 30.52 5.29
CA ARG F 119 -31.75 30.07 6.66
C ARG F 119 -31.95 28.57 6.66
N VAL F 120 -31.18 27.86 7.48
CA VAL F 120 -31.24 26.41 7.56
C VAL F 120 -31.59 26.03 9.00
N ILE F 121 -32.64 25.24 9.15
CA ILE F 121 -33.02 24.69 10.45
C ILE F 121 -32.79 23.19 10.42
N ALA F 122 -32.51 22.62 11.59
CA ALA F 122 -32.26 21.19 11.68
C ALA F 122 -32.59 20.72 13.09
N GLU F 123 -33.06 19.48 13.17
CA GLU F 123 -33.28 18.82 14.44
C GLU F 123 -32.00 18.11 14.88
N THR F 124 -31.97 17.72 16.15
CA THR F 124 -30.87 16.90 16.63
C THR F 124 -31.29 16.24 17.93
N GLY F 125 -30.80 15.02 18.14
CA GLY F 125 -31.05 14.30 19.37
C GLY F 125 -30.10 14.71 20.47
N ALA F 126 -28.90 14.14 20.46
CA ALA F 126 -27.86 14.49 21.43
C ALA F 126 -26.84 15.49 20.89
N GLY F 127 -26.96 15.88 19.62
CA GLY F 127 -26.15 16.96 19.07
C GLY F 127 -25.35 16.62 17.83
N GLN F 128 -25.30 15.37 17.38
CA GLN F 128 -24.44 15.01 16.26
C GLN F 128 -24.86 15.72 14.98
N HIS F 129 -26.13 15.55 14.57
CA HIS F 129 -26.59 16.21 13.36
C HIS F 129 -26.63 17.73 13.52
N GLY F 130 -26.86 18.21 14.75
CA GLY F 130 -26.83 19.64 14.98
C GLY F 130 -25.44 20.23 14.75
N VAL F 131 -24.41 19.54 15.23
CA VAL F 131 -23.05 20.00 15.00
C VAL F 131 -22.70 19.89 13.51
N ALA F 132 -23.10 18.80 12.87
CA ALA F 132 -22.83 18.63 11.45
C ALA F 132 -23.52 19.71 10.62
N THR F 133 -24.79 19.99 10.92
CA THR F 133 -25.52 21.02 10.19
C THR F 133 -24.90 22.39 10.42
N ALA F 134 -24.57 22.71 11.68
CA ALA F 134 -23.90 23.97 11.96
C ALA F 134 -22.56 24.06 11.25
N THR F 135 -21.88 22.92 11.11
CA THR F 135 -20.59 22.91 10.41
C THR F 135 -20.76 23.30 8.95
N ALA F 136 -21.75 22.70 8.28
CA ALA F 136 -21.97 23.02 6.87
C ALA F 136 -22.48 24.44 6.69
N CYS F 137 -23.33 24.91 7.62
CA CYS F 137 -23.84 26.27 7.52
C CYS F 137 -22.74 27.29 7.76
N ALA F 138 -21.83 27.01 8.70
CA ALA F 138 -20.68 27.89 8.89
C ALA F 138 -19.82 27.93 7.64
N LEU F 139 -19.66 26.78 6.97
CA LEU F 139 -18.82 26.72 5.77
C LEU F 139 -19.41 27.54 4.63
N LEU F 140 -20.72 27.45 4.42
CA LEU F 140 -21.35 28.05 3.25
C LEU F 140 -22.01 29.39 3.54
N GLY F 141 -21.85 29.92 4.75
CA GLY F 141 -22.36 31.24 5.08
C GLY F 141 -23.85 31.31 5.37
N LEU F 142 -24.51 30.17 5.57
CA LEU F 142 -25.93 30.14 5.84
C LEU F 142 -26.20 30.28 7.34
N ASP F 143 -27.24 31.05 7.67
CA ASP F 143 -27.68 31.13 9.05
C ASP F 143 -28.31 29.81 9.48
N CYS F 144 -28.11 29.46 10.75
CA CYS F 144 -28.45 28.13 11.24
C CYS F 144 -29.18 28.24 12.57
N VAL F 145 -30.28 27.49 12.69
CA VAL F 145 -31.01 27.33 13.94
C VAL F 145 -31.22 25.85 14.16
N ILE F 146 -30.78 25.35 15.32
CA ILE F 146 -30.86 23.94 15.66
C ILE F 146 -31.95 23.76 16.71
N TYR F 147 -32.83 22.79 16.48
CA TYR F 147 -33.88 22.43 17.43
C TYR F 147 -33.46 21.16 18.17
N MET F 148 -33.40 21.25 19.49
CA MET F 148 -32.92 20.17 20.34
C MET F 148 -33.86 20.03 21.52
N GLY F 149 -34.15 18.78 21.90
CA GLY F 149 -35.06 18.54 23.01
C GLY F 149 -34.49 19.11 24.30
N GLY F 150 -35.38 19.71 25.10
CA GLY F 150 -34.94 20.36 26.34
C GLY F 150 -34.29 19.39 27.30
N ILE F 151 -34.70 18.12 27.29
CA ILE F 151 -34.02 17.12 28.10
C ILE F 151 -32.62 16.89 27.56
N ASP F 152 -32.43 17.01 26.25
CA ASP F 152 -31.12 16.77 25.65
C ASP F 152 -30.20 17.97 25.79
N THR F 153 -30.74 19.19 25.66
CA THR F 153 -29.92 20.38 25.87
C THR F 153 -29.38 20.44 27.29
N ALA F 154 -30.13 19.91 28.26
CA ALA F 154 -29.74 20.03 29.66
C ALA F 154 -28.54 19.16 30.00
N ARG F 155 -28.36 18.04 29.30
CA ARG F 155 -27.26 17.12 29.59
C ARG F 155 -26.28 16.99 28.42
N GLN F 156 -26.32 17.92 27.48
CA GLN F 156 -25.36 17.99 26.37
C GLN F 156 -24.84 19.42 26.23
N ALA F 157 -24.38 20.00 27.34
CA ALA F 157 -23.98 21.40 27.34
C ALA F 157 -22.83 21.68 26.38
N LEU F 158 -21.90 20.72 26.24
CA LEU F 158 -20.75 20.96 25.39
C LEU F 158 -21.14 20.89 23.91
N ASN F 159 -22.06 19.99 23.55
CA ASN F 159 -22.52 19.95 22.16
C ASN F 159 -23.26 21.22 21.78
N VAL F 160 -23.98 21.82 22.74
CA VAL F 160 -24.62 23.11 22.48
C VAL F 160 -23.56 24.19 22.26
N ALA F 161 -22.57 24.25 23.16
CA ALA F 161 -21.48 25.21 22.99
C ALA F 161 -20.74 24.99 21.68
N ARG F 162 -20.66 23.73 21.23
CA ARG F 162 -20.08 23.43 19.93
C ARG F 162 -20.82 24.16 18.82
N MET F 163 -22.15 24.03 18.80
CA MET F 163 -22.96 24.68 17.77
C MET F 163 -22.88 26.19 17.88
N ARG F 164 -22.86 26.72 19.11
CA ARG F 164 -22.72 28.15 19.30
C ARG F 164 -21.38 28.65 18.78
N LEU F 165 -20.30 27.89 19.04
CA LEU F 165 -18.99 28.26 18.50
C LEU F 165 -19.03 28.31 16.98
N LEU F 166 -19.82 27.45 16.36
CA LEU F 166 -19.96 27.40 14.91
C LEU F 166 -20.89 28.49 14.38
N GLY F 167 -21.40 29.38 15.23
CA GLY F 167 -22.22 30.47 14.79
C GLY F 167 -23.71 30.17 14.66
N ALA F 168 -24.16 29.03 15.14
CA ALA F 168 -25.56 28.67 15.06
C ALA F 168 -26.29 29.02 16.35
N GLU F 169 -27.62 29.08 16.26
CA GLU F 169 -28.47 29.29 17.41
C GLU F 169 -29.15 27.99 17.78
N VAL F 170 -29.22 27.70 19.07
CA VAL F 170 -29.82 26.46 19.59
C VAL F 170 -31.10 26.82 20.32
N VAL F 171 -32.20 26.18 19.93
CA VAL F 171 -33.50 26.35 20.56
C VAL F 171 -33.82 25.08 21.33
N ALA F 172 -34.06 25.22 22.63
CA ALA F 172 -34.44 24.07 23.45
C ALA F 172 -35.95 23.90 23.37
N VAL F 173 -36.38 22.71 22.92
CA VAL F 173 -37.80 22.42 22.73
C VAL F 173 -38.34 21.79 24.00
N GLN F 174 -39.46 22.32 24.49
CA GLN F 174 -40.07 21.83 25.72
C GLN F 174 -41.43 21.20 25.50
N THR F 175 -41.91 21.12 24.25
CA THR F 175 -43.17 20.48 23.96
C THR F 175 -43.01 18.95 23.96
N GLY F 176 -44.09 18.26 24.32
CA GLY F 176 -44.10 16.81 24.26
C GLY F 176 -43.11 16.19 25.21
N SER F 177 -42.49 15.09 24.78
CA SER F 177 -41.51 14.38 25.59
C SER F 177 -40.14 15.06 25.61
N LYS F 178 -40.01 16.22 24.97
CA LYS F 178 -38.79 17.05 25.04
C LYS F 178 -37.55 16.29 24.58
N THR F 179 -37.70 15.41 23.60
CA THR F 179 -36.55 14.70 23.05
C THR F 179 -36.51 14.83 21.53
N LEU F 180 -35.91 13.86 20.84
CA LEU F 180 -35.61 14.00 19.42
C LEU F 180 -36.88 14.19 18.59
N LYS F 181 -37.89 13.35 18.80
CA LYS F 181 -39.09 13.43 17.98
C LYS F 181 -39.86 14.72 18.19
N ASP F 182 -39.72 15.36 19.34
CA ASP F 182 -40.37 16.64 19.56
C ASP F 182 -39.59 17.79 18.93
N ALA F 183 -38.27 17.66 18.85
CA ALA F 183 -37.47 18.62 18.11
C ALA F 183 -37.81 18.61 16.62
N ILE F 184 -38.07 17.41 16.09
CA ILE F 184 -38.48 17.30 14.69
C ILE F 184 -39.82 17.98 14.49
N ASN F 185 -40.76 17.75 15.41
CA ASN F 185 -42.08 18.38 15.30
C ASN F 185 -41.97 19.90 15.38
N GLU F 186 -41.03 20.41 16.17
CA GLU F 186 -40.88 21.85 16.32
C GLU F 186 -40.17 22.46 15.12
N ALA F 187 -39.21 21.75 14.53
CA ALA F 187 -38.61 22.22 13.29
C ALA F 187 -39.62 22.16 12.15
N PHE F 188 -40.57 21.24 12.21
CA PHE F 188 -41.63 21.17 11.21
C PHE F 188 -42.50 22.42 11.24
N ARG F 189 -42.89 22.85 12.44
CA ARG F 189 -43.70 24.05 12.57
C ARG F 189 -42.93 25.29 12.13
N ASP F 190 -41.63 25.32 12.40
CA ASP F 190 -40.79 26.43 11.94
C ASP F 190 -40.81 26.51 10.41
N TRP F 191 -40.70 25.37 9.74
CA TRP F 191 -40.64 25.37 8.28
C TRP F 191 -41.95 25.82 7.65
N VAL F 192 -43.08 25.49 8.28
CA VAL F 192 -44.37 25.92 7.76
C VAL F 192 -44.47 27.44 7.78
N ALA F 193 -44.01 28.06 8.87
CA ALA F 193 -44.11 29.50 9.04
C ALA F 193 -43.01 30.28 8.35
N ASN F 194 -41.97 29.62 7.85
CA ASN F 194 -40.81 30.33 7.32
C ASN F 194 -40.31 29.76 6.00
N ALA F 195 -41.15 29.03 5.25
CA ALA F 195 -40.68 28.31 4.08
C ALA F 195 -40.14 29.23 2.98
N ASP F 196 -40.41 30.53 3.05
CA ASP F 196 -39.97 31.43 1.98
C ASP F 196 -38.46 31.56 1.93
N ASN F 197 -37.80 31.54 3.10
CA ASN F 197 -36.37 31.69 3.17
C ASN F 197 -35.66 30.57 3.92
N THR F 198 -36.39 29.64 4.52
CA THR F 198 -35.82 28.61 5.37
C THR F 198 -35.77 27.28 4.65
N TYR F 199 -34.66 26.56 4.83
CA TYR F 199 -34.49 25.20 4.35
C TYR F 199 -34.37 24.26 5.55
N TYR F 200 -35.06 23.13 5.48
CA TYR F 200 -35.03 22.13 6.53
C TYR F 200 -34.03 21.04 6.15
N CYS F 201 -32.92 20.97 6.89
CA CYS F 201 -31.87 19.97 6.66
C CYS F 201 -32.14 18.78 7.56
N PHE F 202 -32.95 17.84 7.04
CA PHE F 202 -33.32 16.66 7.82
C PHE F 202 -32.12 15.72 7.96
N GLY F 203 -32.04 15.07 9.11
CA GLY F 203 -30.84 14.36 9.53
C GLY F 203 -30.74 12.89 9.18
N THR F 204 -31.75 12.30 8.54
CA THR F 204 -31.69 10.87 8.21
C THR F 204 -32.51 10.61 6.95
N ALA F 205 -32.45 9.35 6.50
CA ALA F 205 -33.11 8.95 5.27
C ALA F 205 -34.58 8.62 5.49
N ALA F 206 -35.30 9.54 6.13
CA ALA F 206 -36.74 9.39 6.34
C ALA F 206 -37.41 10.69 5.93
N GLY F 207 -38.63 10.91 6.41
CA GLY F 207 -39.37 12.10 6.10
C GLY F 207 -40.15 11.96 4.81
N PRO F 208 -40.77 13.06 4.37
CA PRO F 208 -41.52 13.02 3.10
C PRO F 208 -40.59 13.08 1.91
N HIS F 209 -41.09 12.58 0.79
CA HIS F 209 -40.41 12.74 -0.48
C HIS F 209 -40.08 14.21 -0.71
N PRO F 210 -38.85 14.54 -1.15
CA PRO F 210 -37.80 13.65 -1.63
C PRO F 210 -36.69 13.33 -0.63
N PHE F 211 -36.90 13.58 0.65
CA PHE F 211 -35.82 13.43 1.62
C PHE F 211 -35.29 12.01 1.76
N PRO F 212 -36.11 10.95 1.82
CA PRO F 212 -35.52 9.61 1.86
C PRO F 212 -34.63 9.30 0.65
N THR F 213 -35.01 9.79 -0.53
CA THR F 213 -34.18 9.56 -1.72
C THR F 213 -33.00 10.53 -1.76
N MET F 214 -33.23 11.80 -1.40
CA MET F 214 -32.16 12.78 -1.44
C MET F 214 -31.06 12.48 -0.44
N VAL F 215 -31.44 12.10 0.78
CA VAL F 215 -30.44 11.77 1.80
C VAL F 215 -29.67 10.52 1.41
N ARG F 216 -30.39 9.51 0.89
CA ARG F 216 -29.71 8.29 0.44
C ARG F 216 -28.70 8.59 -0.66
N ASP F 217 -29.05 9.46 -1.60
CA ASP F 217 -28.13 9.81 -2.68
C ASP F 217 -26.88 10.50 -2.16
N PHE F 218 -27.04 11.34 -1.13
CA PHE F 218 -25.88 12.01 -0.55
C PHE F 218 -24.99 11.06 0.25
N GLN F 219 -25.52 9.91 0.67
CA GLN F 219 -24.75 8.92 1.39
C GLN F 219 -24.31 7.75 0.51
N ARG F 220 -24.76 7.71 -0.75
CA ARG F 220 -24.36 6.63 -1.67
C ARG F 220 -22.85 6.49 -1.78
N ILE F 221 -22.12 7.60 -1.62
CA ILE F 221 -20.67 7.60 -1.83
C ILE F 221 -19.97 6.61 -0.90
N ILE F 222 -20.56 6.33 0.26
CA ILE F 222 -19.97 5.38 1.20
C ILE F 222 -19.85 4.00 0.56
N GLY F 223 -20.98 3.47 0.06
CA GLY F 223 -20.97 2.15 -0.53
C GLY F 223 -20.20 2.08 -1.84
N MET F 224 -20.29 3.14 -2.64
CA MET F 224 -19.52 3.20 -3.89
C MET F 224 -18.03 3.04 -3.61
N GLU F 225 -17.52 3.80 -2.64
CA GLU F 225 -16.11 3.66 -2.24
C GLU F 225 -15.84 2.27 -1.69
N ALA F 226 -16.71 1.80 -0.80
CA ALA F 226 -16.49 0.52 -0.13
C ALA F 226 -16.45 -0.63 -1.14
N ARG F 227 -17.28 -0.57 -2.17
CA ARG F 227 -17.31 -1.64 -3.16
C ARG F 227 -16.03 -1.64 -3.99
N VAL F 228 -15.50 -0.46 -4.32
CA VAL F 228 -14.21 -0.39 -5.01
C VAL F 228 -13.09 -0.84 -4.08
N GLN F 229 -13.18 -0.48 -2.80
CA GLN F 229 -12.09 -0.76 -1.87
C GLN F 229 -12.04 -2.25 -1.50
N ILE F 230 -13.19 -2.87 -1.27
CA ILE F 230 -13.18 -4.27 -0.86
C ILE F 230 -12.71 -5.17 -2.00
N GLN F 231 -12.96 -4.77 -3.25
CA GLN F 231 -12.46 -5.56 -4.38
C GLN F 231 -10.94 -5.41 -4.51
N GLY F 232 -10.41 -4.22 -4.20
CA GLY F 232 -8.98 -4.02 -4.32
C GLY F 232 -8.18 -4.64 -3.20
N GLN F 233 -8.73 -4.71 -1.99
CA GLN F 233 -7.98 -5.23 -0.86
C GLN F 233 -8.22 -6.72 -0.63
N ALA F 234 -9.44 -7.19 -0.83
CA ALA F 234 -9.77 -8.60 -0.63
C ALA F 234 -9.78 -9.41 -1.92
N GLY F 235 -9.89 -8.74 -3.07
CA GLY F 235 -9.90 -9.43 -4.34
C GLY F 235 -11.25 -9.93 -4.79
N ARG F 236 -12.32 -9.56 -4.10
CA ARG F 236 -13.66 -10.01 -4.46
C ARG F 236 -14.69 -9.19 -3.71
N LEU F 237 -15.95 -9.35 -4.09
CA LEU F 237 -17.05 -8.74 -3.37
C LEU F 237 -17.24 -9.43 -2.02
N PRO F 238 -17.67 -8.70 -1.00
CA PRO F 238 -17.78 -9.29 0.34
C PRO F 238 -18.94 -10.28 0.42
N ASP F 239 -18.87 -11.12 1.44
CA ASP F 239 -19.97 -12.04 1.74
C ASP F 239 -21.11 -11.35 2.47
N ALA F 240 -20.85 -10.24 3.14
CA ALA F 240 -21.89 -9.49 3.83
C ALA F 240 -21.42 -8.05 4.02
N VAL F 241 -22.39 -7.14 4.00
CA VAL F 241 -22.18 -5.73 4.32
C VAL F 241 -23.18 -5.37 5.41
N VAL F 242 -22.69 -4.86 6.55
CA VAL F 242 -23.55 -4.60 7.69
C VAL F 242 -23.37 -3.16 8.15
N ALA F 243 -24.41 -2.64 8.81
CA ALA F 243 -24.41 -1.30 9.36
C ALA F 243 -25.53 -1.19 10.37
N CYS F 244 -25.37 -0.25 11.31
CA CYS F 244 -26.43 0.03 12.26
C CYS F 244 -27.51 0.88 11.58
N VAL F 245 -28.73 0.78 12.12
CA VAL F 245 -29.89 1.43 11.51
C VAL F 245 -30.62 2.20 12.60
N GLY F 246 -30.51 3.53 12.57
CA GLY F 246 -31.38 4.38 13.34
C GLY F 246 -32.52 4.86 12.46
N GLY F 247 -32.38 6.06 11.89
CA GLY F 247 -33.27 6.44 10.80
C GLY F 247 -32.94 5.70 9.53
N GLY F 248 -31.69 5.30 9.35
CA GLY F 248 -31.27 4.48 8.24
C GLY F 248 -30.43 5.16 7.17
N SER F 249 -29.78 6.28 7.47
CA SER F 249 -29.04 7.01 6.45
C SER F 249 -27.67 6.38 6.16
N ASN F 250 -26.93 5.98 7.21
CA ASN F 250 -25.63 5.38 6.96
C ASN F 250 -25.76 3.95 6.43
N ALA F 251 -26.82 3.24 6.82
CA ALA F 251 -27.01 1.89 6.31
C ALA F 251 -27.38 1.90 4.84
N ILE F 252 -28.33 2.77 4.46
CA ILE F 252 -28.72 2.86 3.06
C ILE F 252 -27.57 3.40 2.22
N GLY F 253 -26.66 4.15 2.83
CA GLY F 253 -25.55 4.72 2.08
C GLY F 253 -24.51 3.67 1.70
N ILE F 254 -24.26 2.71 2.58
CA ILE F 254 -23.31 1.64 2.26
C ILE F 254 -23.98 0.45 1.59
N PHE F 255 -25.30 0.28 1.75
CA PHE F 255 -25.99 -0.85 1.13
C PHE F 255 -26.18 -0.64 -0.37
N HIS F 256 -26.39 0.59 -0.80
CA HIS F 256 -26.99 0.84 -2.11
C HIS F 256 -26.10 0.33 -3.25
N ALA F 257 -24.78 0.49 -3.11
CA ALA F 257 -23.89 0.05 -4.18
C ALA F 257 -23.90 -1.47 -4.36
N PHE F 258 -24.35 -2.22 -3.35
CA PHE F 258 -24.32 -3.67 -3.40
C PHE F 258 -25.67 -4.30 -3.69
N LEU F 259 -26.70 -3.50 -3.98
CA LEU F 259 -28.06 -4.02 -4.07
C LEU F 259 -28.20 -5.07 -5.16
N ASP F 260 -27.50 -4.89 -6.28
CA ASP F 260 -27.61 -5.78 -7.42
C ASP F 260 -26.51 -6.84 -7.47
N ASP F 261 -25.79 -7.03 -6.37
CA ASP F 261 -24.80 -8.10 -6.30
C ASP F 261 -25.44 -9.30 -5.60
N PRO F 262 -25.75 -10.38 -6.32
CA PRO F 262 -26.60 -11.44 -5.74
C PRO F 262 -25.95 -12.23 -4.62
N GLY F 263 -24.63 -12.17 -4.46
CA GLY F 263 -23.96 -12.92 -3.43
C GLY F 263 -23.64 -12.15 -2.16
N VAL F 264 -23.99 -10.87 -2.11
CA VAL F 264 -23.62 -10.01 -0.99
C VAL F 264 -24.81 -9.89 -0.06
N ARG F 265 -24.70 -10.50 1.12
CA ARG F 265 -25.72 -10.35 2.14
C ARG F 265 -25.71 -8.94 2.71
N LEU F 266 -26.88 -8.42 3.03
CA LEU F 266 -27.02 -7.09 3.60
C LEU F 266 -27.81 -7.21 4.90
N VAL F 267 -27.20 -6.79 6.01
CA VAL F 267 -27.79 -6.91 7.33
C VAL F 267 -27.70 -5.56 8.04
N GLY F 268 -28.84 -5.04 8.46
CA GLY F 268 -28.89 -3.87 9.32
C GLY F 268 -29.22 -4.28 10.74
N PHE F 269 -28.55 -3.66 11.71
CA PHE F 269 -28.70 -4.00 13.11
C PHE F 269 -29.34 -2.84 13.86
N GLU F 270 -30.43 -3.14 14.58
CA GLU F 270 -31.17 -2.15 15.33
C GLU F 270 -30.75 -2.15 16.80
N ALA F 271 -31.16 -1.11 17.52
CA ALA F 271 -30.90 -0.99 18.94
C ALA F 271 -32.00 -1.71 19.71
N ALA F 272 -31.62 -2.78 20.41
CA ALA F 272 -32.57 -3.57 21.19
C ALA F 272 -32.65 -3.14 22.65
N GLY F 273 -31.81 -2.21 23.08
CA GLY F 273 -31.88 -1.73 24.46
C GLY F 273 -31.64 -2.84 25.45
N ASP F 274 -32.57 -2.98 26.41
CA ASP F 274 -32.53 -4.07 27.36
C ASP F 274 -33.02 -5.39 26.77
N GLY F 275 -33.50 -5.37 25.54
CA GLY F 275 -34.10 -6.53 24.92
C GLY F 275 -35.43 -6.19 24.28
N VAL F 276 -35.69 -6.72 23.08
CA VAL F 276 -36.95 -6.43 22.39
C VAL F 276 -38.16 -6.96 23.12
N GLU F 277 -37.97 -7.79 24.14
CA GLU F 277 -39.05 -8.36 24.92
C GLU F 277 -39.33 -7.59 26.21
N THR F 278 -38.64 -6.46 26.43
CA THR F 278 -38.71 -5.75 27.70
C THR F 278 -39.48 -4.44 27.63
N GLY F 279 -39.64 -3.85 26.46
CA GLY F 279 -40.28 -2.56 26.36
C GLY F 279 -39.36 -1.36 26.52
N ARG F 280 -38.05 -1.59 26.65
CA ARG F 280 -37.06 -0.53 26.68
C ARG F 280 -36.08 -0.78 25.54
N HIS F 281 -36.57 -0.62 24.31
CA HIS F 281 -35.78 -0.87 23.11
C HIS F 281 -36.06 0.22 22.08
N ALA F 282 -35.41 0.11 20.93
CA ALA F 282 -35.64 0.99 19.80
C ALA F 282 -35.52 0.22 18.49
N ALA F 283 -35.94 -1.05 18.51
CA ALA F 283 -35.86 -1.94 17.35
C ALA F 283 -37.12 -1.76 16.53
N THR F 284 -37.07 -0.86 15.55
CA THR F 284 -38.27 -0.48 14.82
C THR F 284 -38.77 -1.59 13.91
N PHE F 285 -37.86 -2.26 13.20
CA PHE F 285 -38.30 -3.36 12.33
C PHE F 285 -38.60 -4.63 13.12
N THR F 286 -37.90 -4.85 14.23
CA THR F 286 -38.07 -6.07 15.01
C THR F 286 -39.36 -6.05 15.82
N ALA F 287 -39.74 -4.88 16.38
CA ALA F 287 -40.88 -4.80 17.27
C ALA F 287 -41.89 -3.73 16.90
N GLY F 288 -41.66 -2.96 15.84
CA GLY F 288 -42.58 -1.91 15.43
C GLY F 288 -43.65 -2.41 14.48
N SER F 289 -44.32 -1.45 13.85
CA SER F 289 -45.47 -1.73 13.01
C SER F 289 -45.56 -0.67 11.92
N PRO F 290 -46.13 -1.00 10.76
CA PRO F 290 -46.27 0.00 9.70
C PRO F 290 -47.24 1.11 10.09
N GLY F 291 -46.90 2.33 9.69
CA GLY F 291 -47.74 3.48 9.97
C GLY F 291 -47.14 4.74 9.38
N ALA F 292 -47.88 5.83 9.54
CA ALA F 292 -47.48 7.13 9.03
C ALA F 292 -46.88 7.97 10.15
N PHE F 293 -45.67 8.49 9.91
CA PHE F 293 -44.96 9.22 10.96
C PHE F 293 -43.89 10.10 10.31
N HIS F 294 -43.88 11.38 10.68
CA HIS F 294 -42.87 12.33 10.22
C HIS F 294 -42.81 12.40 8.69
N GLY F 295 -43.98 12.30 8.05
CA GLY F 295 -44.08 12.55 6.64
C GLY F 295 -43.93 11.36 5.72
N SER F 296 -43.81 10.15 6.26
CA SER F 296 -43.66 8.97 5.43
C SER F 296 -44.44 7.82 6.02
N PHE F 297 -44.78 6.86 5.15
CA PHE F 297 -45.35 5.59 5.58
C PHE F 297 -44.22 4.56 5.68
N SER F 298 -43.97 4.08 6.89
CA SER F 298 -42.89 3.14 7.13
C SER F 298 -43.20 2.40 8.43
N TYR F 299 -42.18 1.84 9.06
CA TYR F 299 -42.32 1.21 10.37
C TYR F 299 -42.04 2.22 11.47
N LEU F 300 -42.72 2.04 12.61
CA LEU F 300 -42.46 2.85 13.79
C LEU F 300 -42.97 2.09 15.01
N LEU F 301 -42.53 2.56 16.18
CA LEU F 301 -42.98 2.01 17.46
C LEU F 301 -44.26 2.73 17.87
N GLN F 302 -45.36 1.98 17.94
CA GLN F 302 -46.66 2.59 18.21
C GLN F 302 -47.51 1.62 19.01
N ASP F 303 -48.44 2.17 19.79
CA ASP F 303 -49.32 1.37 20.63
C ASP F 303 -50.53 0.91 19.82
N GLU F 304 -51.56 0.42 20.52
CA GLU F 304 -52.70 -0.20 19.85
C GLU F 304 -53.50 0.82 19.04
N ASP F 305 -53.47 2.08 19.44
CA ASP F 305 -54.24 3.13 18.76
C ASP F 305 -53.42 3.94 17.78
N GLY F 306 -52.15 3.61 17.59
CA GLY F 306 -51.29 4.35 16.69
C GLY F 306 -50.51 5.49 17.30
N GLN F 307 -50.56 5.64 18.62
CA GLN F 307 -49.77 6.67 19.29
C GLN F 307 -48.30 6.24 19.39
N THR F 308 -47.41 7.21 19.27
CA THR F 308 -45.98 6.92 19.26
C THR F 308 -45.52 6.49 20.65
N ILE F 309 -44.69 5.44 20.69
CA ILE F 309 -44.15 4.88 21.93
C ILE F 309 -42.74 5.41 22.13
N GLU F 310 -42.40 5.71 23.38
CA GLU F 310 -41.05 6.13 23.71
C GLU F 310 -40.05 5.00 23.42
N SER F 311 -38.96 5.35 22.76
CA SER F 311 -37.88 4.41 22.49
C SER F 311 -36.77 4.59 23.50
N HIS F 312 -36.02 3.51 23.74
CA HIS F 312 -34.93 3.52 24.69
C HIS F 312 -33.72 2.80 24.12
N SER F 313 -32.53 3.32 24.39
CA SER F 313 -31.28 2.74 23.94
C SER F 313 -30.14 3.44 24.65
N ILE F 314 -29.04 2.71 24.86
CA ILE F 314 -27.87 3.32 25.46
C ILE F 314 -27.21 4.28 24.48
N SER F 315 -27.40 4.07 23.19
CA SER F 315 -26.90 4.97 22.17
C SER F 315 -27.91 6.08 21.91
N ALA F 316 -27.41 7.24 21.50
CA ALA F 316 -28.28 8.36 21.18
C ALA F 316 -28.76 8.34 19.73
N GLY F 317 -27.89 7.94 18.80
CA GLY F 317 -28.24 8.01 17.39
C GLY F 317 -29.30 7.01 16.97
N LEU F 318 -29.42 5.90 17.68
CA LEU F 318 -30.42 4.89 17.36
C LEU F 318 -31.71 5.06 18.16
N ASP F 319 -31.77 6.03 19.07
CA ASP F 319 -32.95 6.27 19.89
C ASP F 319 -33.98 7.10 19.09
N TYR F 320 -34.52 6.45 18.07
CA TYR F 320 -35.53 7.06 17.20
C TYR F 320 -36.62 6.02 16.94
N PRO F 321 -37.88 6.36 17.22
CA PRO F 321 -38.96 5.36 17.08
C PRO F 321 -39.31 5.02 15.64
N GLY F 322 -38.74 5.69 14.65
CA GLY F 322 -39.04 5.45 13.26
C GLY F 322 -37.86 4.89 12.48
N VAL F 323 -38.10 4.67 11.19
CA VAL F 323 -37.09 4.17 10.26
C VAL F 323 -37.47 4.59 8.86
N GLY F 324 -36.46 4.76 8.00
CA GLY F 324 -36.65 5.24 6.65
C GLY F 324 -37.47 4.30 5.79
N PRO F 325 -38.24 4.87 4.86
CA PRO F 325 -39.15 4.04 4.06
C PRO F 325 -38.44 3.17 3.02
N GLU F 326 -37.22 3.50 2.61
CA GLU F 326 -36.54 2.62 1.67
C GLU F 326 -36.10 1.33 2.35
N HIS F 327 -35.71 1.40 3.62
CA HIS F 327 -35.41 0.18 4.37
C HIS F 327 -36.65 -0.69 4.54
N ALA F 328 -37.82 -0.08 4.61
CA ALA F 328 -39.06 -0.86 4.71
C ALA F 328 -39.31 -1.63 3.42
N TRP F 329 -39.00 -1.03 2.27
CA TRP F 329 -39.18 -1.72 1.00
C TRP F 329 -38.12 -2.81 0.81
N LEU F 330 -36.87 -2.51 1.19
CA LEU F 330 -35.82 -3.52 1.08
C LEU F 330 -36.07 -4.69 2.02
N LYS F 331 -36.74 -4.45 3.15
CA LYS F 331 -37.12 -5.55 4.02
C LYS F 331 -38.26 -6.37 3.42
N GLU F 332 -39.28 -5.68 2.87
CA GLU F 332 -40.41 -6.38 2.27
C GLU F 332 -39.97 -7.23 1.08
N ALA F 333 -39.05 -6.70 0.27
CA ALA F 333 -38.55 -7.43 -0.89
C ALA F 333 -37.54 -8.49 -0.52
N GLY F 334 -37.25 -8.69 0.76
CA GLY F 334 -36.32 -9.71 1.17
C GLY F 334 -34.88 -9.45 0.79
N ARG F 335 -34.52 -8.19 0.52
CA ARG F 335 -33.16 -7.92 0.09
C ARG F 335 -32.22 -7.71 1.27
N VAL F 336 -32.72 -7.12 2.36
CA VAL F 336 -31.92 -6.80 3.53
C VAL F 336 -32.55 -7.45 4.76
N ASP F 337 -31.71 -7.94 5.65
CA ASP F 337 -32.13 -8.45 6.95
C ASP F 337 -31.93 -7.38 8.01
N TYR F 338 -32.85 -7.31 8.96
CA TYR F 338 -32.76 -6.36 10.06
C TYR F 338 -32.89 -7.12 11.37
N ARG F 339 -31.82 -7.11 12.17
CA ARG F 339 -31.69 -7.92 13.36
C ARG F 339 -31.37 -7.06 14.57
N PRO F 340 -31.78 -7.47 15.76
CA PRO F 340 -31.58 -6.64 16.96
C PRO F 340 -30.29 -6.94 17.71
N ILE F 341 -29.66 -5.88 18.21
CA ILE F 341 -28.48 -5.95 19.06
C ILE F 341 -28.76 -5.17 20.33
N THR F 342 -28.48 -5.78 21.48
CA THR F 342 -28.81 -5.20 22.77
C THR F 342 -27.69 -4.27 23.26
N ASP F 343 -28.01 -3.52 24.31
CA ASP F 343 -27.02 -2.63 24.92
C ASP F 343 -25.77 -3.39 25.32
N SER F 344 -25.94 -4.56 25.96
CA SER F 344 -24.79 -5.30 26.45
C SER F 344 -23.92 -5.81 25.31
N GLU F 345 -24.53 -6.34 24.25
CA GLU F 345 -23.76 -6.80 23.10
C GLU F 345 -23.00 -5.65 22.46
N ALA F 346 -23.63 -4.47 22.37
CA ALA F 346 -22.98 -3.32 21.76
C ALA F 346 -21.79 -2.83 22.59
N MET F 347 -21.97 -2.77 23.91
CA MET F 347 -20.88 -2.29 24.76
C MET F 347 -19.74 -3.31 24.85
N ASP F 348 -20.05 -4.60 24.71
CA ASP F 348 -19.00 -5.60 24.58
C ASP F 348 -18.18 -5.35 23.32
N ALA F 349 -18.86 -5.17 22.19
CA ALA F 349 -18.18 -4.85 20.96
C ALA F 349 -17.43 -3.53 21.06
N PHE F 350 -18.01 -2.56 21.76
CA PHE F 350 -17.34 -1.29 22.01
C PHE F 350 -15.98 -1.52 22.65
N GLY F 351 -15.97 -2.16 23.83
CA GLY F 351 -14.73 -2.42 24.52
C GLY F 351 -13.78 -3.30 23.73
N LEU F 352 -14.33 -4.23 22.93
CA LEU F 352 -13.50 -5.12 22.15
C LEU F 352 -12.77 -4.37 21.04
N LEU F 353 -13.43 -3.39 20.42
CA LEU F 353 -12.78 -2.62 19.38
C LEU F 353 -11.72 -1.68 19.95
N CYS F 354 -11.88 -1.26 21.20
CA CYS F 354 -10.89 -0.38 21.83
C CYS F 354 -9.60 -1.13 22.12
N ARG F 355 -9.71 -2.33 22.70
CA ARG F 355 -8.51 -3.05 23.12
C ARG F 355 -7.83 -3.78 21.95
N MET F 356 -8.58 -4.14 20.92
CA MET F 356 -8.02 -4.95 19.84
C MET F 356 -7.49 -4.11 18.68
N GLU F 357 -8.18 -3.03 18.32
CA GLU F 357 -7.79 -2.23 17.17
C GLU F 357 -7.44 -0.79 17.53
N GLY F 358 -7.59 -0.39 18.78
CA GLY F 358 -7.32 0.99 19.14
C GLY F 358 -8.28 1.99 18.53
N ILE F 359 -9.46 1.54 18.11
CA ILE F 359 -10.49 2.40 17.55
C ILE F 359 -11.62 2.51 18.56
N ILE F 360 -11.87 3.72 19.03
CA ILE F 360 -12.98 3.96 19.96
C ILE F 360 -14.22 4.29 19.13
N PRO F 361 -15.16 3.37 18.97
CA PRO F 361 -16.29 3.59 18.07
C PRO F 361 -17.44 4.30 18.75
N ALA F 362 -18.30 4.91 17.92
CA ALA F 362 -19.57 5.38 18.42
C ALA F 362 -20.40 4.18 18.88
N ILE F 363 -21.15 4.38 19.97
CA ILE F 363 -21.98 3.29 20.49
C ILE F 363 -22.97 2.82 19.44
N GLU F 364 -23.43 3.74 18.59
CA GLU F 364 -24.25 3.34 17.45
C GLU F 364 -23.49 2.37 16.55
N SER F 365 -22.25 2.73 16.19
CA SER F 365 -21.45 1.87 15.32
C SER F 365 -21.15 0.54 16.00
N ALA F 366 -21.00 0.54 17.33
CA ALA F 366 -20.70 -0.69 18.04
C ALA F 366 -21.82 -1.72 17.90
N HIS F 367 -23.06 -1.26 17.66
CA HIS F 367 -24.13 -2.19 17.34
C HIS F 367 -23.85 -2.95 16.05
N ALA F 368 -23.24 -2.28 15.07
CA ALA F 368 -22.90 -2.95 13.82
C ALA F 368 -21.70 -3.87 14.00
N VAL F 369 -20.76 -3.47 14.85
CA VAL F 369 -19.61 -4.33 15.14
C VAL F 369 -20.05 -5.60 15.85
N ALA F 370 -20.93 -5.45 16.84
CA ALA F 370 -21.45 -6.60 17.57
C ALA F 370 -22.17 -7.57 16.63
N GLY F 371 -22.99 -7.05 15.73
CA GLY F 371 -23.67 -7.91 14.78
C GLY F 371 -22.71 -8.58 13.81
N ALA F 372 -21.61 -7.91 13.48
CA ALA F 372 -20.61 -8.51 12.59
C ALA F 372 -19.90 -9.68 13.27
N LEU F 373 -19.63 -9.56 14.57
CA LEU F 373 -19.02 -10.66 15.30
C LEU F 373 -19.93 -11.87 15.33
N LYS F 374 -21.22 -11.65 15.61
CA LYS F 374 -22.20 -12.74 15.53
C LYS F 374 -22.28 -13.28 14.11
N LEU F 375 -22.27 -12.40 13.11
CA LEU F 375 -22.31 -12.84 11.72
C LEU F 375 -21.05 -13.58 11.32
N GLY F 376 -19.90 -13.21 11.90
CA GLY F 376 -18.67 -13.90 11.58
C GLY F 376 -18.68 -15.35 12.03
N VAL F 377 -19.24 -15.61 13.21
CA VAL F 377 -19.37 -16.98 13.69
C VAL F 377 -20.31 -17.77 12.78
N GLU F 378 -21.35 -17.12 12.27
CA GLU F 378 -22.31 -17.80 11.42
C GLU F 378 -21.72 -18.16 10.07
N LEU F 379 -20.94 -17.25 9.47
CA LEU F 379 -20.47 -17.46 8.11
C LEU F 379 -19.21 -18.31 8.05
N GLY F 380 -18.40 -18.30 9.10
CA GLY F 380 -17.25 -19.19 9.18
C GLY F 380 -15.94 -18.53 8.81
N ARG F 381 -14.88 -19.31 8.92
CA ARG F 381 -13.52 -18.83 8.68
C ARG F 381 -13.37 -18.31 7.27
N GLY F 382 -12.65 -17.19 7.13
CA GLY F 382 -12.34 -16.63 5.84
C GLY F 382 -13.41 -15.74 5.22
N ALA F 383 -14.60 -15.70 5.80
CA ALA F 383 -15.67 -14.88 5.23
C ALA F 383 -15.34 -13.40 5.35
N VAL F 384 -15.68 -12.64 4.31
CA VAL F 384 -15.37 -11.23 4.23
C VAL F 384 -16.62 -10.43 4.57
N ILE F 385 -16.57 -9.68 5.67
CA ILE F 385 -17.69 -8.88 6.15
C ILE F 385 -17.23 -7.43 6.21
N VAL F 386 -17.96 -6.55 5.53
CA VAL F 386 -17.67 -5.12 5.53
C VAL F 386 -18.63 -4.44 6.51
N VAL F 387 -18.08 -3.77 7.51
CA VAL F 387 -18.85 -3.12 8.56
C VAL F 387 -18.72 -1.62 8.39
N ASN F 388 -19.85 -0.93 8.41
CA ASN F 388 -19.87 0.54 8.31
C ASN F 388 -19.62 1.10 9.70
N LEU F 389 -18.39 1.57 9.95
CA LEU F 389 -18.05 2.24 11.20
C LEU F 389 -18.53 3.69 11.08
N SER F 390 -19.78 3.92 11.48
CA SER F 390 -20.46 5.15 11.11
C SER F 390 -19.92 6.37 11.85
N GLY F 391 -19.32 6.19 13.02
CA GLY F 391 -18.84 7.34 13.76
C GLY F 391 -17.86 6.95 14.85
N ARG F 392 -17.11 7.94 15.31
CA ARG F 392 -16.15 7.77 16.39
C ARG F 392 -16.83 7.97 17.74
N GLY F 393 -16.18 7.46 18.79
CA GLY F 393 -16.80 7.41 20.09
C GLY F 393 -16.24 8.36 21.14
N ASP F 394 -15.62 9.45 20.71
CA ASP F 394 -15.19 10.48 21.66
C ASP F 394 -16.37 11.02 22.46
N LYS F 395 -17.53 11.15 21.80
CA LYS F 395 -18.73 11.64 22.48
C LYS F 395 -19.30 10.64 23.46
N ASP F 396 -18.88 9.36 23.39
CA ASP F 396 -19.44 8.32 24.22
C ASP F 396 -18.48 7.81 25.28
N VAL F 397 -17.35 8.49 25.48
CA VAL F 397 -16.34 8.00 26.42
C VAL F 397 -16.89 7.97 27.84
N GLU F 398 -17.61 9.03 28.25
CA GLU F 398 -18.16 9.06 29.60
C GLU F 398 -19.16 7.95 29.82
N THR F 399 -20.02 7.68 28.83
CA THR F 399 -21.00 6.61 28.97
C THR F 399 -20.32 5.26 29.11
N ALA F 400 -19.30 5.00 28.29
CA ALA F 400 -18.63 3.72 28.33
C ALA F 400 -17.77 3.57 29.59
N ALA F 401 -17.16 4.65 30.06
CA ALA F 401 -16.36 4.57 31.28
C ALA F 401 -17.23 4.24 32.47
N LYS F 402 -18.46 4.73 32.50
CA LYS F 402 -19.38 4.38 33.57
C LYS F 402 -19.86 2.94 33.43
N TRP F 403 -20.04 2.47 32.19
CA TRP F 403 -20.49 1.10 31.96
C TRP F 403 -19.47 0.09 32.48
N PHE F 404 -18.20 0.30 32.17
CA PHE F 404 -17.13 -0.60 32.59
C PHE F 404 -16.56 -0.24 33.96
N GLY F 405 -17.15 0.74 34.64
CA GLY F 405 -16.71 1.09 35.98
C GLY F 405 -15.32 1.67 36.06
N LEU F 406 -14.97 2.56 35.13
CA LEU F 406 -13.67 3.21 35.13
C LEU F 406 -13.70 4.60 35.75
N LEU F 407 -14.85 5.03 36.26
CA LEU F 407 -14.98 6.33 36.91
C LEU F 407 -15.46 6.17 38.35
N ALA G 9 50.76 -55.32 15.90
CA ALA G 9 51.25 -55.09 14.55
C ALA G 9 50.11 -55.05 13.54
N SER G 10 50.43 -54.75 12.29
CA SER G 10 49.44 -54.69 11.23
C SER G 10 49.43 -56.00 10.43
N ARG G 11 48.34 -56.20 9.69
CA ARG G 11 48.23 -57.39 8.85
C ARG G 11 49.25 -57.39 7.72
N LEU G 12 49.57 -56.22 7.19
CA LEU G 12 50.56 -56.08 6.13
C LEU G 12 51.96 -55.84 6.65
N GLY G 13 52.14 -55.83 7.97
CA GLY G 13 53.44 -55.69 8.58
C GLY G 13 54.45 -56.69 8.08
N PRO G 14 54.13 -57.99 8.19
CA PRO G 14 55.04 -59.02 7.67
C PRO G 14 55.35 -58.87 6.19
N VAL G 15 54.43 -58.32 5.40
CA VAL G 15 54.64 -58.21 3.96
C VAL G 15 55.77 -57.23 3.66
N PHE G 16 55.68 -56.01 4.22
CA PHE G 16 56.74 -55.04 4.04
C PHE G 16 58.02 -55.44 4.74
N ASP G 17 57.93 -56.29 5.77
CA ASP G 17 59.14 -56.73 6.48
C ASP G 17 60.00 -57.63 5.60
N SER G 18 59.37 -58.60 4.92
CA SER G 18 60.12 -59.44 4.00
C SER G 18 60.54 -58.70 2.74
N CYS G 19 59.97 -57.53 2.47
CA CYS G 19 60.41 -56.71 1.34
C CYS G 19 61.68 -55.95 1.68
N ARG G 20 61.72 -55.31 2.85
CA ARG G 20 62.93 -54.61 3.29
C ARG G 20 64.09 -55.57 3.48
N ALA G 21 63.82 -56.79 3.94
CA ALA G 21 64.88 -57.79 4.12
C ALA G 21 65.45 -58.29 2.79
N ASN G 22 64.82 -57.96 1.67
CA ASN G 22 65.29 -58.39 0.35
C ASN G 22 65.72 -57.21 -0.50
N ASN G 23 65.97 -56.05 0.11
CA ASN G 23 66.46 -54.86 -0.60
C ASN G 23 65.54 -54.48 -1.75
N ARG G 24 64.23 -54.55 -1.51
CA ARG G 24 63.24 -54.22 -2.53
C ARG G 24 62.03 -53.60 -1.87
N ALA G 25 61.18 -52.99 -2.69
CA ALA G 25 59.91 -52.46 -2.25
C ALA G 25 58.78 -53.40 -2.65
N ALA G 26 57.61 -53.17 -2.06
CA ALA G 26 56.45 -54.01 -2.34
C ALA G 26 55.74 -53.57 -3.61
N LEU G 27 55.38 -54.54 -4.45
CA LEU G 27 54.61 -54.28 -5.65
C LEU G 27 53.12 -54.43 -5.34
N ILE G 28 52.38 -53.35 -5.42
CA ILE G 28 50.96 -53.31 -5.08
C ILE G 28 50.18 -53.01 -6.34
N GLY G 29 49.39 -53.98 -6.81
CA GLY G 29 48.66 -53.89 -8.06
C GLY G 29 47.17 -53.78 -7.84
N TYR G 30 46.54 -52.87 -8.58
CA TYR G 30 45.11 -52.61 -8.49
C TYR G 30 44.41 -53.14 -9.74
N LEU G 31 43.19 -53.65 -9.54
CA LEU G 31 42.32 -54.09 -10.62
C LEU G 31 40.88 -53.94 -10.17
N PRO G 32 39.98 -53.47 -11.04
CA PRO G 32 38.56 -53.37 -10.66
C PRO G 32 37.79 -54.65 -10.90
N THR G 33 36.95 -55.00 -9.93
CA THR G 33 36.13 -56.20 -10.03
C THR G 33 35.13 -56.07 -11.16
N GLY G 34 35.02 -57.12 -11.96
CA GLY G 34 34.02 -57.17 -13.01
C GLY G 34 34.43 -56.57 -14.34
N TYR G 35 35.70 -56.25 -14.54
CA TYR G 35 36.15 -55.79 -15.85
C TYR G 35 37.12 -56.79 -16.44
N PRO G 36 36.89 -57.27 -17.68
CA PRO G 36 35.73 -56.94 -18.53
C PRO G 36 34.45 -57.62 -18.04
N ASP G 37 34.61 -58.73 -17.33
CA ASP G 37 33.53 -59.37 -16.61
C ASP G 37 34.09 -59.91 -15.30
N VAL G 38 33.21 -60.42 -14.45
CA VAL G 38 33.60 -60.84 -13.11
C VAL G 38 34.56 -62.03 -13.17
N PRO G 39 34.24 -63.12 -13.89
CA PRO G 39 35.23 -64.22 -13.97
C PRO G 39 36.55 -63.81 -14.61
N ALA G 40 36.50 -62.98 -15.65
CA ALA G 40 37.73 -62.54 -16.30
C ALA G 40 38.58 -61.70 -15.36
N SER G 41 37.95 -60.86 -14.53
CA SER G 41 38.70 -60.02 -13.61
C SER G 41 39.34 -60.86 -12.51
N VAL G 42 38.64 -61.89 -12.03
CA VAL G 42 39.22 -62.77 -11.02
C VAL G 42 40.40 -63.54 -11.60
N ALA G 43 40.27 -64.01 -12.84
CA ALA G 43 41.40 -64.66 -13.50
C ALA G 43 42.57 -63.71 -13.65
N ALA G 44 42.31 -62.41 -13.82
CA ALA G 44 43.39 -61.44 -13.96
C ALA G 44 44.05 -61.15 -12.62
N MET G 45 43.25 -61.10 -11.54
CA MET G 45 43.82 -60.88 -10.22
C MET G 45 44.65 -62.07 -9.76
N THR G 46 44.21 -63.29 -10.10
CA THR G 46 45.02 -64.47 -9.83
C THR G 46 46.33 -64.41 -10.60
N ALA G 47 46.30 -63.88 -11.82
CA ALA G 47 47.52 -63.74 -12.62
C ALA G 47 48.49 -62.77 -11.95
N LEU G 48 47.98 -61.73 -11.30
CA LEU G 48 48.84 -60.79 -10.59
C LEU G 48 49.60 -61.48 -9.48
N VAL G 49 48.94 -62.41 -8.77
CA VAL G 49 49.61 -63.16 -7.71
C VAL G 49 50.70 -64.04 -8.31
N GLU G 50 50.39 -64.72 -9.41
CA GLU G 50 51.36 -65.62 -10.03
C GLU G 50 52.54 -64.85 -10.62
N SER G 51 52.33 -63.63 -11.07
CA SER G 51 53.35 -62.86 -11.76
C SER G 51 54.22 -62.01 -10.84
N GLY G 52 53.96 -62.02 -9.53
CA GLY G 52 54.84 -61.35 -8.60
C GLY G 52 54.29 -60.08 -7.99
N CYS G 53 52.99 -60.06 -7.69
CA CYS G 53 52.40 -58.97 -6.94
C CYS G 53 52.39 -59.34 -5.46
N ASP G 54 52.86 -58.42 -4.62
CA ASP G 54 52.90 -58.68 -3.18
C ASP G 54 51.56 -58.39 -2.53
N ILE G 55 50.93 -57.27 -2.88
CA ILE G 55 49.62 -56.89 -2.37
C ILE G 55 48.71 -56.58 -3.55
N ILE G 56 47.46 -57.02 -3.45
CA ILE G 56 46.46 -56.80 -4.50
C ILE G 56 45.46 -55.77 -3.98
N GLU G 57 45.14 -54.78 -4.82
CA GLU G 57 44.09 -53.81 -4.54
C GLU G 57 42.86 -54.21 -5.36
N VAL G 58 41.88 -54.83 -4.70
CA VAL G 58 40.63 -55.21 -5.35
C VAL G 58 39.68 -54.01 -5.25
N GLY G 59 39.41 -53.37 -6.38
CA GLY G 59 38.58 -52.18 -6.40
C GLY G 59 37.11 -52.51 -6.54
N VAL G 60 36.28 -51.78 -5.78
CA VAL G 60 34.83 -51.90 -5.87
C VAL G 60 34.35 -50.83 -6.84
N PRO G 61 33.81 -51.19 -8.00
CA PRO G 61 33.32 -50.19 -8.94
C PRO G 61 32.21 -49.35 -8.32
N TYR G 62 32.34 -48.03 -8.46
CA TYR G 62 31.37 -47.08 -7.93
C TYR G 62 30.84 -46.22 -9.08
N SER G 63 29.58 -45.81 -8.96
CA SER G 63 28.92 -45.10 -10.04
C SER G 63 29.47 -43.70 -10.25
N ASP G 64 30.08 -43.09 -9.24
CA ASP G 64 30.61 -41.73 -9.34
C ASP G 64 31.99 -41.67 -8.68
N PRO G 65 33.00 -42.29 -9.31
CA PRO G 65 34.34 -42.27 -8.73
C PRO G 65 35.09 -40.98 -9.04
N GLY G 66 35.06 -40.05 -8.09
CA GLY G 66 35.66 -38.74 -8.34
C GLY G 66 37.17 -38.75 -8.28
N MET G 67 37.76 -39.68 -7.56
CA MET G 67 39.20 -39.76 -7.41
C MET G 67 39.87 -40.70 -8.40
N ASP G 68 39.11 -41.29 -9.32
CA ASP G 68 39.65 -42.26 -10.27
C ASP G 68 39.98 -41.58 -11.59
N GLY G 69 41.12 -41.98 -12.18
CA GLY G 69 41.51 -41.49 -13.47
C GLY G 69 40.63 -42.03 -14.57
N PRO G 70 40.89 -41.58 -15.81
CA PRO G 70 39.98 -41.94 -16.91
C PRO G 70 40.02 -43.42 -17.27
N THR G 71 41.18 -44.07 -17.16
CA THR G 71 41.27 -45.48 -17.51
C THR G 71 40.49 -46.34 -16.53
N ILE G 72 40.65 -46.08 -15.23
CA ILE G 72 39.94 -46.86 -14.23
C ILE G 72 38.45 -46.53 -14.22
N ALA G 73 38.11 -45.26 -14.44
CA ALA G 73 36.70 -44.87 -14.43
C ALA G 73 35.93 -45.52 -15.56
N ARG G 74 36.55 -45.65 -16.74
CA ARG G 74 35.86 -46.28 -17.86
C ARG G 74 35.76 -47.80 -17.68
N ALA G 75 36.70 -48.39 -16.95
CA ALA G 75 36.62 -49.82 -16.68
C ALA G 75 35.54 -50.12 -15.64
N THR G 76 35.39 -49.25 -14.63
CA THR G 76 34.33 -49.44 -13.65
C THR G 76 32.97 -49.11 -14.25
N GLU G 77 32.91 -48.20 -15.22
CA GLU G 77 31.67 -47.98 -15.96
C GLU G 77 31.29 -49.23 -16.73
N ALA G 78 32.26 -49.85 -17.40
CA ALA G 78 31.99 -51.09 -18.13
C ALA G 78 31.60 -52.22 -17.17
N ALA G 79 32.29 -52.32 -16.03
CA ALA G 79 31.96 -53.36 -15.06
C ALA G 79 30.55 -53.18 -14.51
N LEU G 80 30.18 -51.94 -14.17
CA LEU G 80 28.82 -51.69 -13.69
C LEU G 80 27.80 -51.95 -14.79
N ARG G 81 28.14 -51.59 -16.03
CA ARG G 81 27.27 -51.90 -17.17
C ARG G 81 27.04 -53.39 -17.28
N GLY G 82 28.05 -54.20 -16.96
CA GLY G 82 27.93 -55.63 -16.96
C GLY G 82 27.20 -56.21 -15.77
N GLY G 83 26.87 -55.39 -14.78
CA GLY G 83 26.09 -55.85 -13.65
C GLY G 83 26.88 -56.30 -12.45
N VAL G 84 28.08 -55.74 -12.23
CA VAL G 84 28.88 -56.16 -11.10
C VAL G 84 28.21 -55.75 -9.79
N ARG G 85 28.38 -56.57 -8.76
CA ARG G 85 27.83 -56.32 -7.44
C ARG G 85 28.96 -56.25 -6.41
N VAL G 86 28.62 -55.69 -5.25
CA VAL G 86 29.63 -55.53 -4.19
C VAL G 86 30.10 -56.90 -3.69
N ARG G 87 29.19 -57.87 -3.62
CA ARG G 87 29.57 -59.21 -3.18
C ARG G 87 30.58 -59.84 -4.13
N ASP G 88 30.59 -59.43 -5.40
CA ASP G 88 31.57 -59.96 -6.34
C ASP G 88 32.99 -59.63 -5.92
N THR G 89 33.19 -58.47 -5.26
CA THR G 89 34.52 -58.10 -4.78
C THR G 89 34.98 -59.04 -3.68
N LEU G 90 34.08 -59.42 -2.77
CA LEU G 90 34.44 -60.36 -1.72
C LEU G 90 34.71 -61.76 -2.27
N ALA G 91 34.09 -62.10 -3.39
CA ALA G 91 34.40 -63.37 -4.05
C ALA G 91 35.80 -63.34 -4.66
N ALA G 92 36.22 -62.19 -5.17
CA ALA G 92 37.57 -62.06 -5.70
C ALA G 92 38.61 -62.10 -4.59
N VAL G 93 38.31 -61.48 -3.46
CA VAL G 93 39.22 -61.53 -2.32
C VAL G 93 39.40 -62.97 -1.85
N GLU G 94 38.32 -63.74 -1.82
CA GLU G 94 38.40 -65.14 -1.43
C GLU G 94 39.21 -65.94 -2.44
N ALA G 95 39.05 -65.65 -3.74
CA ALA G 95 39.82 -66.36 -4.75
C ALA G 95 41.30 -66.00 -4.68
N ILE G 96 41.62 -64.74 -4.39
CA ILE G 96 43.01 -64.32 -4.29
C ILE G 96 43.68 -64.97 -3.08
N SER G 97 42.95 -65.07 -1.96
CA SER G 97 43.52 -65.66 -0.76
C SER G 97 43.84 -67.14 -0.95
N ILE G 98 42.90 -67.88 -1.55
CA ILE G 98 43.09 -69.31 -1.78
C ILE G 98 44.30 -69.58 -2.65
N ALA G 99 44.58 -68.67 -3.59
CA ALA G 99 45.75 -68.79 -4.45
C ALA G 99 47.03 -68.32 -3.78
N GLY G 100 47.00 -68.02 -2.48
CA GLY G 100 48.19 -67.60 -1.78
C GLY G 100 48.51 -66.12 -1.88
N GLY G 101 47.54 -65.29 -2.31
CA GLY G 101 47.78 -63.88 -2.45
C GLY G 101 47.41 -63.09 -1.20
N ARG G 102 47.75 -61.80 -1.24
CA ARG G 102 47.45 -60.87 -0.15
C ARG G 102 46.70 -59.69 -0.74
N ALA G 103 45.45 -59.51 -0.31
CA ALA G 103 44.53 -58.60 -0.97
C ALA G 103 43.93 -57.60 0.01
N VAL G 104 43.82 -56.35 -0.43
CA VAL G 104 43.05 -55.32 0.25
C VAL G 104 42.02 -54.79 -0.73
N VAL G 105 40.96 -54.20 -0.18
CA VAL G 105 39.85 -53.69 -0.97
C VAL G 105 39.91 -52.16 -0.98
N MET G 106 39.82 -51.57 -2.17
CA MET G 106 39.71 -50.13 -2.34
C MET G 106 38.30 -49.80 -2.80
N THR G 107 37.60 -48.97 -2.03
CA THR G 107 36.21 -48.66 -2.31
C THR G 107 35.88 -47.27 -1.79
N TYR G 108 34.91 -46.63 -2.43
CA TYR G 108 34.29 -45.45 -1.87
C TYR G 108 33.36 -45.85 -0.72
N TRP G 109 33.03 -44.87 0.12
CA TRP G 109 32.44 -45.23 1.41
C TRP G 109 30.96 -45.55 1.34
N ASN G 110 30.23 -45.02 0.35
CA ASN G 110 28.79 -45.27 0.31
C ASN G 110 28.44 -46.74 0.12
N PRO G 111 29.09 -47.51 -0.78
CA PRO G 111 28.81 -48.96 -0.81
C PRO G 111 29.05 -49.63 0.53
N VAL G 112 30.02 -49.14 1.31
CA VAL G 112 30.24 -49.70 2.64
C VAL G 112 29.07 -49.36 3.56
N LEU G 113 28.59 -48.11 3.50
CA LEU G 113 27.45 -47.72 4.33
C LEU G 113 26.21 -48.51 3.97
N ARG G 114 25.97 -48.72 2.67
CA ARG G 114 24.81 -49.50 2.23
C ARG G 114 24.93 -50.95 2.68
N TYR G 115 26.12 -51.53 2.53
CA TYR G 115 26.36 -52.89 3.00
C TYR G 115 26.21 -52.98 4.51
N GLY G 116 26.70 -51.98 5.22
CA GLY G 116 26.86 -52.06 6.66
C GLY G 116 28.34 -52.08 7.00
N VAL G 117 28.81 -51.08 7.76
CA VAL G 117 30.23 -50.93 7.99
C VAL G 117 30.77 -52.12 8.78
N ASP G 118 30.05 -52.51 9.84
CA ASP G 118 30.48 -53.67 10.62
C ASP G 118 30.32 -54.96 9.84
N ALA G 119 29.23 -55.09 9.07
CA ALA G 119 29.00 -56.31 8.31
C ALA G 119 30.00 -56.45 7.17
N PHE G 120 30.40 -55.35 6.56
CA PHE G 120 31.37 -55.43 5.46
C PHE G 120 32.75 -55.79 5.98
N ALA G 121 33.15 -55.22 7.11
CA ALA G 121 34.44 -55.57 7.70
C ALA G 121 34.47 -57.04 8.11
N ARG G 122 33.37 -57.54 8.67
CA ARG G 122 33.29 -58.95 9.04
C ARG G 122 33.45 -59.85 7.82
N ASP G 123 32.67 -59.58 6.77
CA ASP G 123 32.72 -60.43 5.58
C ASP G 123 34.01 -60.23 4.81
N LEU G 124 34.61 -59.04 4.86
CA LEU G 124 35.91 -58.84 4.22
C LEU G 124 36.99 -59.64 4.91
N ALA G 125 37.00 -59.63 6.25
CA ALA G 125 37.95 -60.46 6.99
C ALA G 125 37.70 -61.93 6.73
N ALA G 126 36.43 -62.34 6.71
CA ALA G 126 36.09 -63.75 6.49
C ALA G 126 36.49 -64.23 5.10
N ALA G 127 36.73 -63.32 4.17
CA ALA G 127 37.16 -63.68 2.82
C ALA G 127 38.67 -63.72 2.68
N GLY G 128 39.42 -63.42 3.74
CA GLY G 128 40.86 -63.36 3.66
C GLY G 128 41.43 -61.98 3.43
N GLY G 129 40.58 -60.97 3.27
CA GLY G 129 41.09 -59.62 3.06
C GLY G 129 41.85 -59.11 4.26
N LEU G 130 42.83 -58.25 3.99
CA LEU G 130 43.73 -57.77 5.02
C LEU G 130 43.54 -56.30 5.38
N GLY G 131 43.00 -55.49 4.47
CA GLY G 131 42.85 -54.08 4.76
C GLY G 131 41.81 -53.43 3.86
N LEU G 132 41.62 -52.14 4.09
CA LEU G 132 40.65 -51.35 3.33
C LEU G 132 41.25 -49.99 3.04
N ILE G 133 41.30 -49.63 1.76
CA ILE G 133 41.77 -48.32 1.32
C ILE G 133 40.54 -47.45 1.07
N THR G 134 40.45 -46.32 1.77
CA THR G 134 39.26 -45.47 1.77
C THR G 134 39.62 -44.10 1.22
N PRO G 135 39.46 -43.87 -0.08
CA PRO G 135 39.87 -42.59 -0.67
C PRO G 135 38.97 -41.42 -0.31
N ASP G 136 37.67 -41.64 -0.06
CA ASP G 136 36.77 -40.56 0.28
C ASP G 136 36.29 -40.63 1.74
N LEU G 137 37.03 -41.33 2.59
CA LEU G 137 36.75 -41.38 4.02
C LEU G 137 37.96 -40.83 4.75
N ILE G 138 37.80 -39.69 5.41
CA ILE G 138 38.85 -39.09 6.22
C ILE G 138 38.67 -39.58 7.65
N PRO G 139 39.72 -39.54 8.49
CA PRO G 139 39.56 -40.01 9.87
C PRO G 139 38.47 -39.27 10.64
N ASP G 140 38.13 -38.05 10.24
CA ASP G 140 37.09 -37.28 10.92
C ASP G 140 35.71 -37.92 10.80
N GLU G 141 35.50 -38.75 9.78
CA GLU G 141 34.24 -39.46 9.58
C GLU G 141 34.38 -40.97 9.77
N ALA G 142 35.50 -41.42 10.31
CA ALA G 142 35.81 -42.85 10.42
C ALA G 142 35.57 -43.39 11.81
N GLN G 143 34.53 -42.93 12.50
CA GLN G 143 34.25 -43.44 13.84
C GLN G 143 33.80 -44.90 13.77
N GLN G 144 32.81 -45.19 12.93
CA GLN G 144 32.35 -46.57 12.79
C GLN G 144 33.42 -47.45 12.16
N TRP G 145 34.17 -46.90 11.20
CA TRP G 145 35.20 -47.70 10.51
C TRP G 145 36.32 -48.09 11.47
N LEU G 146 36.73 -47.16 12.35
CA LEU G 146 37.79 -47.47 13.30
C LEU G 146 37.39 -48.61 14.22
N ALA G 147 36.13 -48.62 14.67
CA ALA G 147 35.67 -49.68 15.56
C ALA G 147 35.68 -51.03 14.86
N ALA G 148 35.13 -51.09 13.66
CA ALA G 148 35.13 -52.34 12.90
C ALA G 148 36.54 -52.73 12.47
N SER G 149 37.41 -51.75 12.23
CA SER G 149 38.79 -52.06 11.85
C SER G 149 39.50 -52.83 12.95
N GLU G 150 39.27 -52.46 14.22
CA GLU G 150 39.92 -53.15 15.33
C GLU G 150 39.22 -54.46 15.67
N GLU G 151 37.88 -54.47 15.65
CA GLU G 151 37.13 -55.67 16.03
C GLU G 151 37.44 -56.85 15.12
N HIS G 152 37.74 -56.59 13.85
CA HIS G 152 37.95 -57.65 12.87
C HIS G 152 39.40 -57.72 12.40
N ARG G 153 40.30 -56.97 13.00
CA ARG G 153 41.74 -57.00 12.68
C ARG G 153 41.97 -56.73 11.19
N LEU G 154 41.61 -55.52 10.76
CA LEU G 154 41.79 -55.09 9.39
C LEU G 154 42.65 -53.83 9.36
N ASP G 155 43.56 -53.76 8.39
CA ASP G 155 44.33 -52.54 8.19
C ASP G 155 43.44 -51.45 7.60
N ARG G 156 43.74 -50.21 7.97
CA ARG G 156 43.01 -49.04 7.46
C ARG G 156 44.03 -48.14 6.78
N ILE G 157 43.96 -48.08 5.46
CA ILE G 157 44.90 -47.31 4.65
C ILE G 157 44.22 -45.99 4.30
N PHE G 158 44.55 -44.94 5.04
CA PHE G 158 44.07 -43.60 4.71
C PHE G 158 45.03 -42.94 3.72
N LEU G 159 44.52 -41.93 3.03
CA LEU G 159 45.29 -41.22 2.02
C LEU G 159 45.79 -39.88 2.56
N VAL G 160 46.96 -39.46 2.06
CA VAL G 160 47.49 -38.13 2.29
C VAL G 160 47.81 -37.51 0.93
N ALA G 161 47.90 -36.20 0.92
CA ALA G 161 48.09 -35.44 -0.31
C ALA G 161 49.20 -34.41 -0.13
N PRO G 162 49.78 -33.92 -1.23
CA PRO G 162 50.80 -32.86 -1.10
C PRO G 162 50.27 -31.59 -0.44
N SER G 163 48.95 -31.40 -0.39
CA SER G 163 48.37 -30.21 0.22
C SER G 163 47.95 -30.42 1.67
N SER G 164 48.16 -31.62 2.21
CA SER G 164 47.76 -31.90 3.59
C SER G 164 48.51 -31.00 4.56
N THR G 165 47.77 -30.38 5.48
CA THR G 165 48.39 -29.56 6.49
C THR G 165 49.17 -30.44 7.48
N PRO G 166 50.20 -29.89 8.13
CA PRO G 166 50.95 -30.70 9.11
C PRO G 166 50.07 -31.30 10.19
N GLU G 167 49.09 -30.55 10.70
CA GLU G 167 48.18 -31.10 11.70
C GLU G 167 47.35 -32.23 11.12
N ARG G 168 46.92 -32.11 9.87
CA ARG G 168 46.09 -33.14 9.27
C ARG G 168 46.91 -34.34 8.82
N LEU G 169 48.12 -34.11 8.29
CA LEU G 169 48.97 -35.23 7.89
C LEU G 169 49.34 -36.08 9.09
N ALA G 170 49.72 -35.45 10.20
CA ALA G 170 50.05 -36.22 11.40
C ALA G 170 48.84 -36.97 11.92
N ALA G 171 47.67 -36.33 11.92
CA ALA G 171 46.47 -37.00 12.40
C ALA G 171 46.06 -38.14 11.47
N THR G 172 46.24 -37.96 10.16
CA THR G 172 45.87 -39.01 9.22
C THR G 172 46.83 -40.19 9.29
N VAL G 173 48.12 -39.92 9.48
CA VAL G 173 49.10 -41.00 9.63
C VAL G 173 48.89 -41.72 10.96
N GLU G 174 48.57 -40.97 12.00
CA GLU G 174 48.31 -41.58 13.30
C GLU G 174 47.12 -42.54 13.23
N ALA G 175 46.11 -42.21 12.42
CA ALA G 175 44.93 -43.05 12.30
C ALA G 175 45.15 -44.25 11.38
N SER G 176 46.20 -44.23 10.56
CA SER G 176 46.41 -45.30 9.60
C SER G 176 47.06 -46.51 10.28
N ARG G 177 46.87 -47.66 9.65
CA ARG G 177 47.47 -48.92 10.10
C ARG G 177 47.67 -49.80 8.88
N GLY G 178 48.85 -50.38 8.75
CA GLY G 178 49.19 -51.16 7.57
C GLY G 178 50.15 -50.42 6.66
N PHE G 179 49.64 -49.43 5.93
CA PHE G 179 50.49 -48.50 5.20
C PHE G 179 49.66 -47.26 4.87
N VAL G 180 50.36 -46.19 4.50
CA VAL G 180 49.74 -44.91 4.16
C VAL G 180 49.80 -44.74 2.65
N TYR G 181 48.66 -44.42 2.05
CA TYR G 181 48.58 -44.16 0.61
C TYR G 181 48.94 -42.70 0.37
N ALA G 182 49.95 -42.47 -0.46
CA ALA G 182 50.39 -41.12 -0.83
C ALA G 182 50.08 -40.92 -2.30
N ALA G 183 49.00 -40.20 -2.60
CA ALA G 183 48.52 -40.00 -3.96
C ALA G 183 48.85 -38.59 -4.43
N SER G 184 49.16 -38.46 -5.71
CA SER G 184 49.47 -37.16 -6.30
C SER G 184 48.70 -36.96 -7.60
N SER G 196 56.54 -32.15 -9.85
CA SER G 196 57.41 -33.25 -10.23
C SER G 196 57.92 -34.01 -9.00
N GLN G 197 58.64 -33.29 -8.14
CA GLN G 197 59.22 -33.86 -6.93
C GLN G 197 58.27 -33.81 -5.73
N ALA G 198 56.97 -33.68 -5.97
CA ALA G 198 56.02 -33.62 -4.87
C ALA G 198 55.79 -34.97 -4.21
N ALA G 199 56.02 -36.07 -4.94
CA ALA G 199 55.80 -37.39 -4.37
C ALA G 199 56.85 -37.75 -3.32
N PRO G 200 58.16 -37.63 -3.58
CA PRO G 200 59.12 -37.95 -2.50
C PRO G 200 59.08 -36.97 -1.35
N GLU G 201 58.72 -35.71 -1.61
CA GLU G 201 58.58 -34.74 -0.52
C GLU G 201 57.43 -35.12 0.42
N LEU G 202 56.36 -35.67 -0.14
CA LEU G 202 55.23 -36.12 0.68
C LEU G 202 55.63 -37.34 1.52
N VAL G 203 56.45 -38.23 0.95
CA VAL G 203 56.92 -39.40 1.69
C VAL G 203 57.82 -38.98 2.84
N GLY G 204 58.62 -37.92 2.63
CA GLY G 204 59.47 -37.44 3.71
C GLY G 204 58.69 -36.88 4.87
N ARG G 205 57.56 -36.21 4.58
CA ARG G 205 56.73 -35.67 5.65
C ARG G 205 56.12 -36.77 6.50
N VAL G 206 55.80 -37.92 5.89
CA VAL G 206 55.23 -39.03 6.64
C VAL G 206 56.30 -39.71 7.48
N LYS G 207 57.46 -39.99 6.87
CA LYS G 207 58.54 -40.67 7.58
C LYS G 207 59.13 -39.82 8.68
N ALA G 208 58.88 -38.50 8.68
CA ALA G 208 59.36 -37.63 9.74
C ALA G 208 58.48 -37.66 10.97
N VAL G 209 57.31 -38.30 10.91
CA VAL G 209 56.42 -38.37 12.08
C VAL G 209 56.03 -39.80 12.45
N SER G 210 56.25 -40.79 11.59
CA SER G 210 55.88 -42.16 11.90
C SER G 210 56.68 -43.12 11.05
N ASP G 211 56.82 -44.36 11.53
CA ASP G 211 57.59 -45.39 10.86
C ASP G 211 56.71 -46.35 10.06
N ILE G 212 55.48 -45.94 9.75
CA ILE G 212 54.53 -46.76 9.00
C ILE G 212 55.01 -46.83 7.55
N PRO G 213 54.84 -47.97 6.87
CA PRO G 213 55.18 -48.02 5.45
C PRO G 213 54.33 -47.06 4.65
N VAL G 214 54.88 -46.60 3.52
CA VAL G 214 54.23 -45.62 2.65
C VAL G 214 54.13 -46.21 1.25
N GLY G 215 52.93 -46.19 0.68
CA GLY G 215 52.72 -46.58 -0.70
C GLY G 215 52.56 -45.34 -1.57
N VAL G 216 53.07 -45.42 -2.79
CA VAL G 216 53.05 -44.30 -3.73
C VAL G 216 52.50 -44.78 -5.05
N GLY G 217 51.45 -44.11 -5.52
CA GLY G 217 50.88 -44.40 -6.82
C GLY G 217 50.64 -43.14 -7.63
N LEU G 218 51.54 -42.85 -8.58
CA LEU G 218 51.43 -41.65 -9.41
C LEU G 218 51.25 -42.01 -10.89
N GLY G 219 50.73 -43.20 -11.19
CA GLY G 219 50.58 -43.61 -12.57
C GLY G 219 51.83 -44.28 -13.12
N VAL G 220 52.37 -45.25 -12.37
CA VAL G 220 53.52 -46.00 -12.84
C VAL G 220 53.17 -46.71 -14.13
N ARG G 221 54.13 -46.75 -15.06
CA ARG G 221 53.83 -47.18 -16.42
C ARG G 221 54.83 -48.19 -16.96
N SER G 222 56.08 -48.13 -16.49
CA SER G 222 57.14 -48.99 -17.01
C SER G 222 58.01 -49.49 -15.87
N ARG G 223 58.94 -50.38 -16.22
CA ARG G 223 59.84 -50.94 -15.22
C ARG G 223 60.76 -49.87 -14.64
N ALA G 224 61.19 -48.93 -15.47
CA ALA G 224 62.08 -47.86 -15.00
C ALA G 224 61.35 -46.95 -14.01
N GLN G 225 60.08 -46.66 -14.27
CA GLN G 225 59.31 -45.82 -13.35
C GLN G 225 59.09 -46.51 -12.02
N ALA G 226 58.92 -47.84 -12.02
CA ALA G 226 58.72 -48.55 -10.76
C ALA G 226 59.96 -48.48 -9.89
N ALA G 227 61.14 -48.49 -10.50
CA ALA G 227 62.39 -48.41 -9.73
C ALA G 227 62.61 -47.01 -9.16
N GLN G 228 62.19 -45.97 -9.89
CA GLN G 228 62.36 -44.61 -9.38
C GLN G 228 61.57 -44.41 -8.09
N ILE G 229 60.33 -44.92 -8.04
CA ILE G 229 59.52 -44.79 -6.82
C ILE G 229 60.08 -45.70 -5.73
N ALA G 230 60.49 -46.91 -6.09
CA ALA G 230 61.01 -47.86 -5.12
C ALA G 230 62.28 -47.36 -4.42
N GLN G 231 62.90 -46.30 -4.92
CA GLN G 231 64.09 -45.76 -4.28
C GLN G 231 63.74 -45.10 -2.95
N TYR G 232 62.51 -44.62 -2.78
CA TYR G 232 62.12 -43.93 -1.55
C TYR G 232 60.80 -44.42 -0.94
N ALA G 233 59.99 -45.17 -1.67
CA ALA G 233 58.69 -45.60 -1.18
C ALA G 233 58.72 -47.06 -0.77
N ASP G 234 57.99 -47.39 0.30
CA ASP G 234 57.93 -48.77 0.76
C ASP G 234 57.07 -49.63 -0.14
N GLY G 235 56.14 -49.03 -0.87
CA GLY G 235 55.28 -49.76 -1.79
C GLY G 235 55.03 -48.99 -3.06
N VAL G 236 55.06 -49.68 -4.20
CA VAL G 236 54.79 -49.08 -5.50
C VAL G 236 53.39 -49.49 -5.92
N ILE G 237 52.50 -48.51 -6.04
CA ILE G 237 51.09 -48.74 -6.36
C ILE G 237 50.91 -48.55 -7.86
N VAL G 238 50.41 -49.59 -8.54
CA VAL G 238 50.15 -49.57 -9.97
C VAL G 238 48.69 -49.90 -10.18
N GLY G 239 47.99 -49.05 -10.94
CA GLY G 239 46.57 -49.27 -11.18
C GLY G 239 46.18 -49.08 -12.63
N SER G 240 46.31 -47.85 -13.15
CA SER G 240 45.86 -47.56 -14.50
C SER G 240 46.63 -48.37 -15.53
N ALA G 241 47.90 -48.68 -15.28
CA ALA G 241 48.68 -49.44 -16.25
C ALA G 241 48.24 -50.88 -16.34
N LEU G 242 47.80 -51.48 -15.23
CA LEU G 242 47.37 -52.87 -15.25
C LEU G 242 46.01 -53.02 -15.94
N VAL G 243 45.15 -52.01 -15.83
CA VAL G 243 43.86 -52.06 -16.52
C VAL G 243 44.05 -51.98 -18.03
N THR G 244 44.94 -51.10 -18.48
CA THR G 244 45.22 -51.00 -19.91
C THR G 244 45.83 -52.29 -20.44
N ALA G 245 46.75 -52.90 -19.67
CA ALA G 245 47.34 -54.16 -20.10
C ALA G 245 46.29 -55.25 -20.19
N LEU G 246 45.33 -55.26 -19.26
CA LEU G 246 44.28 -56.27 -19.29
C LEU G 246 43.35 -56.09 -20.48
N THR G 247 43.20 -54.85 -20.96
CA THR G 247 42.36 -54.61 -22.14
C THR G 247 42.98 -55.25 -23.38
N GLU G 248 44.30 -55.13 -23.54
CA GLU G 248 44.97 -55.77 -24.66
C GLU G 248 44.91 -57.29 -24.56
N GLY G 249 45.02 -57.82 -23.34
CA GLY G 249 44.95 -59.25 -23.14
C GLY G 249 45.56 -59.65 -21.82
N LEU G 250 45.21 -60.85 -21.39
CA LEU G 250 45.74 -61.42 -20.15
C LEU G 250 47.25 -61.67 -20.22
N PRO G 251 47.79 -62.16 -21.34
CA PRO G 251 49.26 -62.33 -21.40
C PRO G 251 50.04 -61.03 -21.24
N ARG G 252 49.50 -59.90 -21.72
CA ARG G 252 50.20 -58.63 -21.51
C ARG G 252 50.18 -58.20 -20.06
N LEU G 253 49.15 -58.58 -19.32
CA LEU G 253 49.08 -58.23 -17.90
C LEU G 253 50.21 -58.89 -17.12
N ARG G 254 50.43 -60.19 -17.33
CA ARG G 254 51.51 -60.86 -16.64
C ARG G 254 52.87 -60.41 -17.16
N ALA G 255 52.96 -60.00 -18.42
CA ALA G 255 54.21 -59.47 -18.95
C ALA G 255 54.54 -58.11 -18.32
N LEU G 256 53.55 -57.23 -18.22
CA LEU G 256 53.78 -55.93 -17.60
C LEU G 256 54.03 -56.07 -16.10
N THR G 257 53.27 -56.95 -15.44
CA THR G 257 53.51 -57.20 -14.02
C THR G 257 54.90 -57.80 -13.80
N GLY G 258 55.37 -58.63 -14.73
CA GLY G 258 56.72 -59.15 -14.62
C GLY G 258 57.77 -58.07 -14.71
N GLU G 259 57.58 -57.11 -15.61
CA GLU G 259 58.50 -55.98 -15.69
C GLU G 259 58.43 -55.12 -14.44
N LEU G 260 57.23 -54.91 -13.90
CA LEU G 260 57.08 -54.12 -12.69
C LEU G 260 57.67 -54.84 -11.49
N ALA G 261 57.59 -56.17 -11.44
CA ALA G 261 58.18 -56.91 -10.34
C ALA G 261 59.69 -56.85 -10.36
N ALA G 262 60.28 -56.68 -11.54
CA ALA G 262 61.74 -56.55 -11.64
C ALA G 262 62.21 -55.14 -11.31
N GLY G 263 61.35 -54.13 -11.50
CA GLY G 263 61.74 -52.77 -11.20
C GLY G 263 61.83 -52.49 -9.71
N VAL G 264 60.98 -53.13 -8.91
CA VAL G 264 60.96 -52.85 -7.47
C VAL G 264 62.15 -53.46 -6.75
N ARG G 265 62.86 -54.41 -7.37
CA ARG G 265 64.05 -54.99 -6.76
C ARG G 265 65.31 -54.18 -7.05
N LEU G 266 65.30 -53.36 -8.09
CA LEU G 266 66.46 -52.54 -8.43
C LEU G 266 66.65 -51.41 -7.42
N THR H 9 22.44 -19.92 14.96
CA THR H 9 23.41 -20.83 15.56
C THR H 9 22.69 -21.90 16.39
N SER H 10 21.38 -21.70 16.58
CA SER H 10 20.59 -22.67 17.35
C SER H 10 20.32 -23.93 16.54
N HIS H 11 20.14 -23.81 15.23
CA HIS H 11 19.92 -24.95 14.35
C HIS H 11 21.17 -25.33 13.55
N ASP H 12 22.34 -24.83 13.96
CA ASP H 12 23.57 -25.06 13.23
C ASP H 12 24.18 -26.41 13.60
N PRO H 13 25.01 -26.97 12.72
CA PRO H 13 25.68 -28.24 13.02
C PRO H 13 26.88 -28.00 13.92
N ASP H 14 27.54 -29.10 14.30
CA ASP H 14 28.74 -29.00 15.10
C ASP H 14 29.92 -28.61 14.21
N SER H 15 31.11 -28.54 14.83
CA SER H 15 32.30 -28.12 14.09
C SER H 15 32.60 -29.03 12.92
N GLY H 16 32.22 -30.31 13.01
CA GLY H 16 32.38 -31.23 11.90
C GLY H 16 31.32 -31.13 10.83
N GLY H 17 30.29 -30.32 11.06
CA GLY H 17 29.21 -30.17 10.09
C GLY H 17 28.13 -31.22 10.17
N HIS H 18 27.84 -31.75 11.35
CA HIS H 18 26.84 -32.80 11.53
C HIS H 18 25.58 -32.22 12.17
N PHE H 19 24.44 -32.44 11.52
CA PHE H 19 23.15 -32.06 12.07
C PHE H 19 22.58 -33.22 12.87
N GLY H 20 22.14 -32.94 14.09
CA GLY H 20 21.47 -33.94 14.89
C GLY H 20 22.35 -34.89 15.65
N GLY H 21 23.65 -34.61 15.76
CA GLY H 21 24.55 -35.37 16.61
C GLY H 21 24.77 -36.79 16.16
N PRO H 22 24.20 -37.76 16.90
CA PRO H 22 24.42 -39.17 16.56
C PRO H 22 23.87 -39.60 15.21
N SER H 23 22.90 -38.87 14.65
CA SER H 23 22.40 -39.21 13.32
C SER H 23 23.50 -39.05 12.28
N GLY H 24 24.24 -37.96 12.34
CA GLY H 24 25.35 -37.74 11.46
C GLY H 24 25.02 -37.14 10.10
N TRP H 25 23.91 -36.41 9.99
CA TRP H 25 23.56 -35.78 8.72
C TRP H 25 24.61 -34.73 8.36
N GLY H 26 25.13 -34.81 7.15
CA GLY H 26 26.11 -33.86 6.66
C GLY H 26 27.53 -34.39 6.79
N GLY H 27 28.39 -33.63 7.44
CA GLY H 27 29.78 -34.01 7.60
C GLY H 27 30.62 -33.57 6.41
N ARG H 28 31.73 -34.29 6.22
CA ARG H 28 32.66 -34.04 5.11
C ARG H 28 33.07 -35.40 4.56
N TYR H 29 32.37 -35.87 3.54
CA TYR H 29 32.72 -37.12 2.87
C TYR H 29 33.48 -36.79 1.58
N VAL H 30 34.70 -36.31 1.78
CA VAL H 30 35.58 -35.85 0.71
C VAL H 30 36.94 -36.50 0.91
N PRO H 31 37.78 -36.50 -0.12
CA PRO H 31 39.15 -36.98 0.07
C PRO H 31 40.00 -35.97 0.84
N GLU H 32 41.11 -36.48 1.38
CA GLU H 32 42.04 -35.63 2.11
C GLU H 32 42.62 -34.54 1.21
N ALA H 33 42.72 -34.82 -0.09
CA ALA H 33 43.29 -33.85 -1.02
C ALA H 33 42.49 -32.56 -1.10
N LEU H 34 41.26 -32.55 -0.60
CA LEU H 34 40.40 -31.38 -0.65
C LEU H 34 40.18 -30.75 0.72
N MET H 35 40.75 -31.32 1.78
CA MET H 35 40.46 -30.82 3.13
C MET H 35 41.18 -29.51 3.44
N ALA H 36 42.29 -29.24 2.77
CA ALA H 36 43.01 -27.99 3.03
C ALA H 36 42.19 -26.79 2.56
N VAL H 37 41.60 -26.89 1.36
CA VAL H 37 40.82 -25.78 0.83
C VAL H 37 39.46 -25.69 1.51
N ILE H 38 38.95 -26.81 2.03
CA ILE H 38 37.67 -26.78 2.74
C ILE H 38 37.84 -26.13 4.10
N GLU H 39 38.91 -26.47 4.82
CA GLU H 39 39.20 -25.77 6.07
C GLU H 39 39.48 -24.30 5.82
N GLU H 40 40.02 -23.96 4.65
CA GLU H 40 40.29 -22.57 4.31
C GLU H 40 38.98 -21.80 4.06
N VAL H 41 38.03 -22.45 3.39
CA VAL H 41 36.73 -21.81 3.15
C VAL H 41 35.94 -21.69 4.45
N THR H 42 36.01 -22.71 5.30
CA THR H 42 35.30 -22.66 6.58
C THR H 42 35.85 -21.55 7.48
N ALA H 43 37.18 -21.42 7.54
CA ALA H 43 37.77 -20.35 8.33
C ALA H 43 37.43 -18.99 7.76
N ALA H 44 37.45 -18.86 6.44
CA ALA H 44 37.12 -17.59 5.81
C ALA H 44 35.66 -17.23 6.03
N TYR H 45 34.76 -18.21 5.94
CA TYR H 45 33.34 -17.92 6.13
C TYR H 45 33.06 -17.53 7.58
N GLN H 46 33.60 -18.28 8.54
CA GLN H 46 33.38 -17.94 9.94
C GLN H 46 34.00 -16.60 10.32
N LYS H 47 34.96 -16.11 9.54
CA LYS H 47 35.54 -14.80 9.80
C LYS H 47 34.70 -13.67 9.22
N GLU H 48 34.24 -13.83 7.97
CA GLU H 48 33.43 -12.82 7.33
C GLU H 48 31.96 -12.90 7.72
N ARG H 49 31.52 -14.02 8.31
CA ARG H 49 30.14 -14.15 8.77
C ARG H 49 29.80 -13.07 9.80
N VAL H 50 30.79 -12.57 10.53
CA VAL H 50 30.58 -11.59 11.58
C VAL H 50 31.25 -10.26 11.26
N SER H 51 31.88 -10.11 10.11
CA SER H 51 32.48 -8.85 9.71
C SER H 51 31.39 -7.92 9.18
N GLN H 52 31.33 -6.70 9.72
CA GLN H 52 30.30 -5.76 9.30
C GLN H 52 30.53 -5.27 7.88
N ASP H 53 31.80 -5.17 7.46
CA ASP H 53 32.09 -4.77 6.08
C ASP H 53 31.54 -5.80 5.09
N PHE H 54 31.61 -7.08 5.45
CA PHE H 54 31.09 -8.12 4.58
C PHE H 54 29.56 -8.07 4.53
N LEU H 55 28.92 -7.95 5.69
CA LEU H 55 27.46 -7.89 5.73
C LEU H 55 26.94 -6.63 5.04
N ASP H 56 27.70 -5.53 5.10
CA ASP H 56 27.27 -4.31 4.44
C ASP H 56 27.43 -4.41 2.93
N ASP H 57 28.52 -5.02 2.48
CA ASP H 57 28.69 -5.24 1.04
C ASP H 57 27.60 -6.14 0.49
N LEU H 58 27.25 -7.21 1.22
CA LEU H 58 26.22 -8.13 0.77
C LEU H 58 24.85 -7.44 0.72
N ASP H 59 24.55 -6.63 1.73
CA ASP H 59 23.24 -5.98 1.78
C ASP H 59 23.09 -4.95 0.66
N ARG H 60 24.16 -4.23 0.33
CA ARG H 60 24.11 -3.29 -0.78
C ARG H 60 23.85 -3.99 -2.11
N LEU H 61 24.53 -5.12 -2.34
CA LEU H 61 24.32 -5.86 -3.58
C LEU H 61 22.91 -6.45 -3.64
N GLN H 62 22.44 -7.04 -2.53
CA GLN H 62 21.10 -7.61 -2.50
C GLN H 62 20.05 -6.55 -2.83
N ALA H 63 20.23 -5.34 -2.32
CA ALA H 63 19.21 -4.30 -2.48
C ALA H 63 19.34 -3.60 -3.83
N ASN H 64 20.52 -3.06 -4.13
CA ASN H 64 20.67 -2.20 -5.30
C ASN H 64 20.94 -2.99 -6.57
N TYR H 65 21.52 -4.19 -6.46
CA TYR H 65 21.89 -4.97 -7.63
C TYR H 65 20.90 -6.11 -7.92
N ALA H 66 20.51 -6.87 -6.89
CA ALA H 66 19.64 -8.01 -7.08
C ALA H 66 18.16 -7.67 -7.01
N GLY H 67 17.81 -6.52 -6.44
CA GLY H 67 16.42 -6.10 -6.36
C GLY H 67 15.71 -6.51 -5.09
N ARG H 68 16.41 -7.00 -4.08
CA ARG H 68 15.78 -7.34 -2.83
C ARG H 68 15.31 -6.07 -2.10
N PRO H 69 14.25 -6.16 -1.29
CA PRO H 69 13.47 -7.38 -1.02
C PRO H 69 12.50 -7.73 -2.14
N SER H 70 12.20 -9.02 -2.28
CA SER H 70 11.21 -9.45 -3.23
C SER H 70 9.81 -9.33 -2.61
N PRO H 71 8.79 -9.09 -3.41
CA PRO H 71 7.46 -8.84 -2.87
C PRO H 71 6.76 -10.13 -2.47
N LEU H 72 5.74 -9.97 -1.63
CA LEU H 72 4.81 -11.03 -1.27
C LEU H 72 3.45 -10.67 -1.83
N TYR H 73 2.96 -11.48 -2.77
CA TYR H 73 1.72 -11.20 -3.48
C TYR H 73 0.68 -12.24 -3.14
N GLU H 74 -0.53 -11.78 -2.79
CA GLU H 74 -1.66 -12.66 -2.52
C GLU H 74 -2.36 -12.96 -3.83
N ALA H 75 -2.22 -14.19 -4.32
CA ALA H 75 -2.84 -14.61 -5.57
C ALA H 75 -4.30 -14.96 -5.29
N THR H 76 -5.14 -13.91 -5.33
CA THR H 76 -6.54 -14.08 -4.97
C THR H 76 -7.31 -14.92 -6.00
N ARG H 77 -6.91 -14.86 -7.27
CA ARG H 77 -7.59 -15.64 -8.29
C ARG H 77 -7.21 -17.11 -8.27
N LEU H 78 -6.18 -17.49 -7.51
CA LEU H 78 -5.89 -18.89 -7.26
C LEU H 78 -6.73 -19.48 -6.14
N SER H 79 -7.38 -18.63 -5.34
CA SER H 79 -8.05 -19.09 -4.13
C SER H 79 -9.14 -20.11 -4.45
N GLN H 80 -9.95 -19.83 -5.48
CA GLN H 80 -11.03 -20.73 -5.84
C GLN H 80 -10.54 -22.12 -6.25
N HIS H 81 -9.26 -22.25 -6.60
CA HIS H 81 -8.67 -23.54 -6.95
C HIS H 81 -7.85 -24.15 -5.81
N ALA H 82 -7.79 -23.48 -4.67
CA ALA H 82 -7.05 -23.97 -3.50
C ALA H 82 -8.00 -24.16 -2.31
N GLY H 83 -9.23 -24.59 -2.59
CA GLY H 83 -10.21 -24.76 -1.54
C GLY H 83 -10.55 -23.49 -0.80
N SER H 84 -10.52 -22.34 -1.50
CA SER H 84 -10.80 -21.02 -0.94
C SER H 84 -9.77 -20.61 0.11
N ALA H 85 -8.61 -21.28 0.14
CA ALA H 85 -7.52 -20.81 0.99
C ALA H 85 -6.88 -19.58 0.36
N ARG H 86 -5.97 -18.95 1.12
CA ARG H 86 -5.31 -17.72 0.70
C ARG H 86 -3.85 -18.04 0.39
N ILE H 87 -3.49 -17.93 -0.88
CA ILE H 87 -2.15 -18.27 -1.36
C ILE H 87 -1.35 -16.99 -1.53
N PHE H 88 -0.26 -16.87 -0.78
CA PHE H 88 0.70 -15.78 -0.91
C PHE H 88 1.95 -16.31 -1.59
N LEU H 89 2.43 -15.58 -2.60
CA LEU H 89 3.57 -15.99 -3.40
C LEU H 89 4.78 -15.14 -3.05
N LYS H 90 5.82 -15.78 -2.54
CA LYS H 90 7.10 -15.12 -2.31
C LYS H 90 7.82 -15.01 -3.65
N ARG H 91 7.90 -13.79 -4.18
CA ARG H 91 8.24 -13.56 -5.59
C ARG H 91 9.75 -13.50 -5.79
N GLU H 92 10.40 -14.66 -5.64
CA GLU H 92 11.81 -14.76 -5.99
C GLU H 92 12.02 -14.70 -7.50
N ASP H 93 10.97 -14.92 -8.28
CA ASP H 93 11.07 -14.82 -9.74
C ASP H 93 11.43 -13.41 -10.21
N LEU H 94 11.23 -12.41 -9.35
CA LEU H 94 11.52 -11.02 -9.69
C LEU H 94 12.95 -10.62 -9.37
N ASN H 95 13.77 -11.54 -8.88
CA ASN H 95 15.17 -11.22 -8.62
C ASN H 95 15.94 -11.04 -9.92
N HIS H 96 17.07 -10.34 -9.84
CA HIS H 96 18.06 -10.36 -10.90
C HIS H 96 18.45 -11.80 -11.20
N THR H 97 18.57 -12.10 -12.49
CA THR H 97 18.75 -13.42 -13.11
C THR H 97 17.49 -14.30 -13.04
N GLY H 98 16.49 -13.96 -12.24
CA GLY H 98 15.21 -14.63 -12.34
C GLY H 98 14.94 -15.73 -11.33
N SER H 99 15.79 -15.91 -10.32
CA SER H 99 15.56 -16.97 -9.34
C SER H 99 16.25 -16.59 -8.04
N HIS H 100 16.08 -17.46 -7.04
CA HIS H 100 16.66 -17.29 -5.72
C HIS H 100 18.16 -17.52 -5.72
N ILE H 102 20.52 -16.17 -7.14
CA ILE H 102 21.35 -14.97 -7.10
C ILE H 102 21.76 -14.67 -5.66
N ASN H 103 20.91 -15.08 -4.71
CA ASN H 103 21.24 -14.88 -3.30
C ASN H 103 22.48 -15.66 -2.90
N ASN H 104 22.59 -16.90 -3.37
CA ASN H 104 23.72 -17.74 -2.98
C ASN H 104 25.01 -17.28 -3.65
N VAL H 105 24.96 -16.95 -4.94
CA VAL H 105 26.18 -16.66 -5.67
C VAL H 105 26.75 -15.29 -5.28
N LEU H 106 25.90 -14.36 -4.83
CA LEU H 106 26.41 -13.08 -4.38
C LEU H 106 27.23 -13.23 -3.09
N GLY H 107 26.77 -14.10 -2.18
CA GLY H 107 27.52 -14.30 -0.96
C GLY H 107 28.82 -15.05 -1.17
N GLN H 108 28.78 -16.09 -2.03
CA GLN H 108 29.99 -16.89 -2.25
C GLN H 108 31.01 -16.15 -3.10
N ALA H 109 30.56 -15.36 -4.07
CA ALA H 109 31.51 -14.60 -4.88
C ALA H 109 32.18 -13.50 -4.07
N LEU H 110 31.43 -12.84 -3.20
CA LEU H 110 32.04 -11.90 -2.26
C LEU H 110 33.06 -12.60 -1.38
N LEU H 111 32.73 -13.80 -0.89
CA LEU H 111 33.66 -14.55 -0.06
C LEU H 111 34.90 -14.95 -0.84
N ALA H 112 34.73 -15.36 -2.10
CA ALA H 112 35.87 -15.79 -2.91
C ALA H 112 36.86 -14.66 -3.11
N ARG H 113 36.38 -13.43 -3.23
CA ARG H 113 37.29 -12.30 -3.39
C ARG H 113 37.89 -11.88 -2.06
N ARG H 114 37.17 -12.09 -0.95
CA ARG H 114 37.76 -11.88 0.36
C ARG H 114 38.90 -12.86 0.62
N MET H 115 38.80 -14.08 0.08
CA MET H 115 39.82 -15.10 0.29
C MET H 115 41.05 -14.89 -0.57
N GLY H 116 40.96 -14.09 -1.63
CA GLY H 116 42.05 -13.95 -2.56
C GLY H 116 41.99 -14.89 -3.74
N LYS H 117 40.92 -15.68 -3.87
CA LYS H 117 40.75 -16.52 -5.04
C LYS H 117 40.45 -15.66 -6.27
N THR H 118 41.07 -16.00 -7.38
CA THR H 118 40.89 -15.29 -8.63
C THR H 118 40.06 -16.06 -9.65
N ARG H 119 39.66 -17.29 -9.32
CA ARG H 119 38.98 -18.18 -10.26
C ARG H 119 37.82 -18.85 -9.53
N VAL H 120 36.67 -18.92 -10.18
CA VAL H 120 35.46 -19.51 -9.61
C VAL H 120 34.93 -20.54 -10.58
N ILE H 121 34.69 -21.76 -10.08
CA ILE H 121 34.06 -22.80 -10.87
C ILE H 121 32.69 -23.10 -10.27
N ALA H 122 31.79 -23.61 -11.11
CA ALA H 122 30.45 -23.92 -10.67
C ALA H 122 29.83 -24.95 -11.60
N GLU H 123 28.98 -25.79 -11.04
CA GLU H 123 28.21 -26.75 -11.80
C GLU H 123 26.92 -26.11 -12.30
N THR H 124 26.24 -26.81 -13.21
CA THR H 124 24.92 -26.38 -13.64
C THR H 124 24.25 -27.52 -14.40
N GLY H 125 22.92 -27.58 -14.30
CA GLY H 125 22.15 -28.53 -15.05
C GLY H 125 21.76 -27.99 -16.41
N ALA H 126 20.57 -27.41 -16.51
CA ALA H 126 20.14 -26.74 -17.73
C ALA H 126 20.69 -25.32 -17.86
N GLY H 127 21.28 -24.76 -16.80
CA GLY H 127 22.00 -23.50 -16.95
C GLY H 127 21.72 -22.39 -15.96
N GLN H 128 20.76 -22.57 -15.05
CA GLN H 128 20.36 -21.47 -14.18
C GLN H 128 21.50 -21.07 -13.23
N HIS H 129 22.05 -22.04 -12.50
CA HIS H 129 23.11 -21.72 -11.55
C HIS H 129 24.38 -21.27 -12.26
N GLY H 130 24.62 -21.78 -13.47
CA GLY H 130 25.77 -21.32 -14.24
C GLY H 130 25.64 -19.87 -14.65
N VAL H 131 24.44 -19.46 -15.04
CA VAL H 131 24.21 -18.06 -15.41
C VAL H 131 24.33 -17.16 -14.18
N ALA H 132 23.81 -17.61 -13.04
CA ALA H 132 23.92 -16.82 -11.82
C ALA H 132 25.37 -16.65 -11.41
N THR H 133 26.15 -17.74 -11.45
CA THR H 133 27.55 -17.67 -11.08
C THR H 133 28.32 -16.75 -12.02
N ALA H 134 28.10 -16.90 -13.33
CA ALA H 134 28.74 -16.00 -14.29
C ALA H 134 28.33 -14.55 -14.06
N THR H 135 27.06 -14.34 -13.70
CA THR H 135 26.59 -12.99 -13.40
C THR H 135 27.37 -12.38 -12.25
N ALA H 136 27.51 -13.12 -11.14
CA ALA H 136 28.25 -12.61 -10.00
C ALA H 136 29.73 -12.44 -10.30
N CYS H 137 30.29 -13.34 -11.11
CA CYS H 137 31.71 -13.26 -11.43
C CYS H 137 32.01 -12.06 -12.32
N ALA H 138 31.14 -11.77 -13.29
CA ALA H 138 31.31 -10.57 -14.10
C ALA H 138 31.21 -9.32 -13.23
N LEU H 139 30.28 -9.32 -12.27
CA LEU H 139 30.09 -8.16 -11.42
C LEU H 139 31.33 -7.87 -10.57
N LEU H 140 32.00 -8.92 -10.09
CA LEU H 140 33.11 -8.78 -9.16
C LEU H 140 34.47 -9.01 -9.82
N GLY H 141 34.51 -9.21 -11.13
CA GLY H 141 35.77 -9.38 -11.84
C GLY H 141 36.52 -10.64 -11.49
N LEU H 142 35.84 -11.79 -11.57
CA LEU H 142 36.42 -13.08 -11.27
C LEU H 142 36.38 -13.96 -12.52
N ASP H 143 37.49 -14.65 -12.79
CA ASP H 143 37.49 -15.66 -13.83
C ASP H 143 36.51 -16.78 -13.49
N CYS H 144 35.64 -17.10 -14.43
CA CYS H 144 34.54 -18.03 -14.18
C CYS H 144 34.58 -19.16 -15.19
N VAL H 145 34.47 -20.39 -14.69
CA VAL H 145 34.40 -21.59 -15.51
C VAL H 145 33.18 -22.39 -15.05
N ILE H 146 32.26 -22.64 -15.97
CA ILE H 146 31.04 -23.37 -15.67
C ILE H 146 31.15 -24.78 -16.23
N TYR H 147 30.79 -25.77 -15.43
CA TYR H 147 30.76 -27.17 -15.84
C TYR H 147 29.30 -27.59 -16.05
N MET H 148 29.02 -28.13 -17.23
CA MET H 148 27.66 -28.45 -17.63
C MET H 148 27.64 -29.79 -18.35
N GLY H 149 26.61 -30.60 -18.07
CA GLY H 149 26.53 -31.91 -18.67
C GLY H 149 26.43 -31.83 -20.19
N GLY H 150 27.15 -32.73 -20.87
CA GLY H 150 27.16 -32.70 -22.32
C GLY H 150 25.80 -32.86 -22.94
N ILE H 151 24.91 -33.61 -22.29
CA ILE H 151 23.52 -33.71 -22.76
C ILE H 151 22.82 -32.37 -22.60
N ASP H 152 23.20 -31.58 -21.59
CA ASP H 152 22.53 -30.31 -21.34
C ASP H 152 23.07 -29.20 -22.24
N THR H 153 24.37 -29.19 -22.52
CA THR H 153 24.93 -28.19 -23.42
C THR H 153 24.37 -28.32 -24.83
N ALA H 154 23.99 -29.53 -25.23
CA ALA H 154 23.52 -29.75 -26.58
C ALA H 154 22.13 -29.20 -26.81
N ARG H 155 21.29 -29.14 -25.77
CA ARG H 155 19.93 -28.66 -25.90
C ARG H 155 19.66 -27.37 -25.13
N GLN H 156 20.71 -26.69 -24.66
CA GLN H 156 20.59 -25.41 -23.97
C GLN H 156 21.56 -24.40 -24.56
N ALA H 157 21.51 -24.23 -25.88
CA ALA H 157 22.50 -23.40 -26.57
C ALA H 157 22.41 -21.94 -26.15
N LEU H 158 21.21 -21.46 -25.79
CA LEU H 158 21.06 -20.05 -25.44
C LEU H 158 21.59 -19.76 -24.03
N ASN H 159 21.38 -20.68 -23.09
CA ASN H 159 21.94 -20.48 -21.76
C ASN H 159 23.47 -20.51 -21.80
N VAL H 160 24.04 -21.34 -22.66
CA VAL H 160 25.48 -21.34 -22.85
C VAL H 160 25.95 -19.98 -23.34
N ALA H 161 25.30 -19.47 -24.40
CA ALA H 161 25.62 -18.15 -24.91
C ALA H 161 25.39 -17.07 -23.85
N ARG H 162 24.42 -17.28 -22.96
CA ARG H 162 24.17 -16.33 -21.88
C ARG H 162 25.38 -16.22 -20.97
N MET H 163 25.87 -17.36 -20.45
CA MET H 163 27.10 -17.36 -19.66
C MET H 163 28.27 -16.86 -20.49
N ARG H 164 28.27 -17.17 -21.78
N ARG H 164 28.28 -17.16 -21.78
CA ARG H 164 29.33 -16.74 -22.68
CA ARG H 164 29.39 -16.72 -22.62
C ARG H 164 29.39 -15.22 -22.77
C ARG H 164 29.40 -15.21 -22.80
N LEU H 165 28.22 -14.59 -22.94
CA LEU H 165 28.17 -13.13 -23.02
C LEU H 165 28.63 -12.49 -21.71
N LEU H 166 28.41 -13.18 -20.58
CA LEU H 166 28.81 -12.67 -19.27
C LEU H 166 30.31 -12.79 -19.02
N GLY H 167 31.07 -13.38 -19.94
CA GLY H 167 32.50 -13.48 -19.81
C GLY H 167 33.02 -14.75 -19.19
N ALA H 168 32.18 -15.77 -19.02
CA ALA H 168 32.59 -17.03 -18.43
C ALA H 168 32.89 -18.07 -19.50
N GLU H 169 33.71 -19.03 -19.14
CA GLU H 169 33.94 -20.19 -19.99
C GLU H 169 33.00 -21.32 -19.57
N VAL H 170 32.60 -22.12 -20.55
CA VAL H 170 31.68 -23.23 -20.33
C VAL H 170 32.34 -24.50 -20.86
N VAL H 171 32.42 -25.52 -20.01
CA VAL H 171 33.01 -26.81 -20.35
C VAL H 171 31.91 -27.86 -20.35
N ALA H 172 31.77 -28.58 -21.45
CA ALA H 172 30.81 -29.67 -21.56
C ALA H 172 31.44 -30.95 -21.02
N VAL H 173 30.76 -31.58 -20.07
CA VAL H 173 31.25 -32.79 -19.44
C VAL H 173 30.65 -33.99 -20.17
N GLN H 174 31.52 -34.84 -20.73
CA GLN H 174 31.09 -36.01 -21.46
C GLN H 174 31.33 -37.31 -20.69
N THR H 175 31.80 -37.23 -19.45
CA THR H 175 31.98 -38.42 -18.62
C THR H 175 30.69 -38.73 -17.87
N GLY H 176 30.57 -39.98 -17.44
CA GLY H 176 29.37 -40.42 -16.74
C GLY H 176 28.14 -40.31 -17.62
N SER H 177 27.01 -40.02 -16.98
CA SER H 177 25.75 -39.86 -17.69
C SER H 177 25.62 -38.49 -18.35
N LYS H 178 26.65 -37.65 -18.29
CA LYS H 178 26.71 -36.38 -19.01
C LYS H 178 25.59 -35.43 -18.58
N THR H 179 25.37 -35.32 -17.26
CA THR H 179 24.29 -34.48 -16.76
C THR H 179 24.78 -33.78 -15.48
N LEU H 180 23.83 -33.19 -14.74
CA LEU H 180 24.17 -32.38 -13.59
C LEU H 180 25.01 -33.14 -12.57
N LYS H 181 24.64 -34.39 -12.29
CA LYS H 181 25.41 -35.20 -11.35
C LYS H 181 26.87 -35.31 -11.77
N ASP H 182 27.12 -35.48 -13.06
CA ASP H 182 28.48 -35.63 -13.55
C ASP H 182 29.19 -34.30 -13.69
N ALA H 183 28.45 -33.21 -13.90
CA ALA H 183 29.08 -31.89 -13.92
C ALA H 183 29.64 -31.53 -12.56
N ILE H 184 28.93 -31.90 -11.49
CA ILE H 184 29.44 -31.69 -10.14
C ILE H 184 30.71 -32.50 -9.91
N ASN H 185 30.74 -33.74 -10.41
CA ASN H 185 31.93 -34.57 -10.26
C ASN H 185 33.12 -33.96 -10.96
N GLU H 186 32.90 -33.29 -12.09
CA GLU H 186 34.01 -32.70 -12.84
C GLU H 186 34.50 -31.41 -12.19
N ALA H 187 33.59 -30.60 -11.66
CA ALA H 187 34.00 -29.43 -10.89
C ALA H 187 34.75 -29.86 -9.63
N PHE H 188 34.39 -31.01 -9.07
CA PHE H 188 35.13 -31.56 -7.94
C PHE H 188 36.58 -31.83 -8.32
N ARG H 189 36.81 -32.53 -9.42
CA ARG H 189 38.16 -32.84 -9.85
C ARG H 189 38.94 -31.57 -10.18
N ASP H 190 38.27 -30.58 -10.79
CA ASP H 190 38.91 -29.29 -11.06
C ASP H 190 39.36 -28.64 -9.76
N TRP H 191 38.50 -28.63 -8.75
CA TRP H 191 38.82 -27.97 -7.49
C TRP H 191 39.98 -28.66 -6.79
N VAL H 192 40.07 -29.98 -6.91
CA VAL H 192 41.18 -30.72 -6.29
C VAL H 192 42.51 -30.25 -6.86
N ALA H 193 42.57 -30.03 -8.17
CA ALA H 193 43.82 -29.70 -8.83
C ALA H 193 44.16 -28.22 -8.74
N ASN H 194 43.15 -27.34 -8.63
CA ASN H 194 43.37 -25.91 -8.70
C ASN H 194 42.97 -25.18 -7.42
N ALA H 195 42.94 -25.88 -6.28
CA ALA H 195 42.44 -25.28 -5.05
C ALA H 195 43.26 -24.08 -4.58
N ASP H 196 44.44 -23.84 -5.15
CA ASP H 196 45.25 -22.71 -4.72
C ASP H 196 44.60 -21.38 -5.07
N ASN H 197 44.05 -21.27 -6.28
CA ASN H 197 43.47 -20.02 -6.77
C ASN H 197 41.99 -20.12 -7.10
N THR H 198 41.35 -21.26 -6.87
CA THR H 198 39.99 -21.50 -7.32
C THR H 198 39.06 -21.71 -6.13
N TYR H 199 37.87 -21.12 -6.23
CA TYR H 199 36.78 -21.33 -5.28
C TYR H 199 35.63 -22.03 -5.98
N TYR H 200 35.04 -23.02 -5.32
CA TYR H 200 33.91 -23.77 -5.86
C TYR H 200 32.62 -23.16 -5.35
N CYS H 201 31.90 -22.47 -6.23
CA CYS H 201 30.62 -21.85 -5.89
C CYS H 201 29.52 -22.88 -6.10
N PHE H 202 29.23 -23.65 -5.05
CA PHE H 202 28.22 -24.70 -5.13
C PHE H 202 26.82 -24.09 -5.17
N GLY H 203 25.92 -24.76 -5.90
CA GLY H 203 24.64 -24.20 -6.27
C GLY H 203 23.43 -24.60 -5.45
N THR H 204 23.61 -25.35 -4.36
CA THR H 204 22.48 -25.73 -3.53
C THR H 204 22.97 -26.02 -2.12
N ALA H 205 22.03 -26.26 -1.21
CA ALA H 205 22.33 -26.44 0.20
C ALA H 205 22.76 -27.88 0.51
N ALA H 206 23.73 -28.38 -0.23
CA ALA H 206 24.28 -29.71 0.01
C ALA H 206 25.80 -29.60 -0.08
N GLY H 207 26.46 -30.72 -0.30
CA GLY H 207 27.90 -30.77 -0.30
C GLY H 207 28.45 -30.92 1.11
N PRO H 208 29.77 -30.84 1.25
CA PRO H 208 30.38 -30.98 2.57
C PRO H 208 30.32 -29.68 3.35
N HIS H 209 30.47 -29.82 4.67
CA HIS H 209 30.59 -28.66 5.54
C HIS H 209 31.70 -27.75 5.01
N PRO H 210 31.48 -26.43 4.96
CA PRO H 210 30.34 -25.69 5.50
C PRO H 210 29.27 -25.32 4.47
N PHE H 211 29.26 -25.97 3.31
CA PHE H 211 28.39 -25.54 2.22
C PHE H 211 26.90 -25.66 2.56
N PRO H 212 26.40 -26.75 3.15
CA PRO H 212 24.96 -26.77 3.50
C PRO H 212 24.57 -25.65 4.45
N THR H 213 25.43 -25.30 5.40
CA THR H 213 25.12 -24.21 6.32
C THR H 213 25.31 -22.85 5.65
N MET H 214 26.40 -22.70 4.89
CA MET H 214 26.72 -21.41 4.26
C MET H 214 25.64 -21.01 3.25
N VAL H 215 25.25 -21.95 2.39
CA VAL H 215 24.23 -21.64 1.38
C VAL H 215 22.91 -21.31 2.04
N ARG H 216 22.52 -22.06 3.07
CA ARG H 216 21.31 -21.76 3.81
C ARG H 216 21.37 -20.35 4.40
N ASP H 217 22.50 -19.98 4.99
CA ASP H 217 22.65 -18.65 5.55
C ASP H 217 22.49 -17.56 4.49
N PHE H 218 22.95 -17.84 3.26
CA PHE H 218 22.79 -16.86 2.19
C PHE H 218 21.36 -16.82 1.67
N GLN H 219 20.62 -17.91 1.79
CA GLN H 219 19.21 -17.94 1.40
C GLN H 219 18.27 -17.55 2.54
N ARG H 220 18.80 -17.37 3.75
CA ARG H 220 17.95 -17.06 4.90
C ARG H 220 17.13 -15.79 4.69
N ILE H 221 17.62 -14.87 3.84
CA ILE H 221 16.96 -13.59 3.67
C ILE H 221 15.56 -13.77 3.09
N ILE H 222 15.33 -14.85 2.35
CA ILE H 222 14.00 -15.14 1.80
C ILE H 222 12.99 -15.30 2.94
N GLY H 223 13.31 -16.19 3.89
CA GLY H 223 12.37 -16.45 4.98
C GLY H 223 12.24 -15.28 5.94
N MET H 224 13.35 -14.58 6.20
CA MET H 224 13.30 -13.41 7.07
C MET H 224 12.36 -12.35 6.52
N GLU H 225 12.50 -12.04 5.22
CA GLU H 225 11.59 -11.10 4.58
C GLU H 225 10.16 -11.61 4.61
N ALA H 226 9.97 -12.87 4.19
CA ALA H 226 8.62 -13.41 4.06
C ALA H 226 7.89 -13.46 5.39
N ARG H 227 8.62 -13.63 6.49
CA ARG H 227 7.97 -13.66 7.81
C ARG H 227 7.50 -12.28 8.23
N VAL H 228 8.31 -11.26 7.94
CA VAL H 228 7.89 -9.88 8.21
C VAL H 228 6.74 -9.49 7.29
N GLN H 229 6.80 -9.90 6.03
CA GLN H 229 5.80 -9.48 5.05
C GLN H 229 4.44 -10.11 5.33
N ILE H 230 4.42 -11.38 5.73
CA ILE H 230 3.15 -12.07 5.91
C ILE H 230 2.40 -11.54 7.12
N GLN H 231 3.12 -11.13 8.18
CA GLN H 231 2.47 -10.53 9.33
C GLN H 231 1.93 -9.15 9.01
N GLY H 232 2.56 -8.44 8.07
CA GLY H 232 2.08 -7.13 7.70
C GLY H 232 0.84 -7.16 6.84
N GLN H 233 0.77 -8.12 5.92
CA GLN H 233 -0.33 -8.19 4.97
C GLN H 233 -1.50 -9.03 5.46
N ALA H 234 -1.24 -10.06 6.27
CA ALA H 234 -2.30 -10.93 6.78
C ALA H 234 -2.60 -10.72 8.25
N GLY H 235 -1.73 -10.04 9.00
CA GLY H 235 -1.96 -9.81 10.40
C GLY H 235 -1.58 -10.95 11.31
N ARG H 236 -0.98 -12.01 10.78
CA ARG H 236 -0.59 -13.16 11.59
C ARG H 236 0.42 -14.00 10.83
N LEU H 237 1.05 -14.92 11.54
CA LEU H 237 1.92 -15.89 10.90
C LEU H 237 1.08 -16.85 10.05
N PRO H 238 1.68 -17.43 9.01
CA PRO H 238 0.90 -18.28 8.11
C PRO H 238 0.56 -19.62 8.74
N ASP H 239 -0.45 -20.27 8.16
CA ASP H 239 -0.77 -21.64 8.54
C ASP H 239 0.19 -22.64 7.95
N ALA H 240 0.87 -22.29 6.86
CA ALA H 240 1.83 -23.18 6.23
C ALA H 240 2.76 -22.37 5.34
N VAL H 241 3.99 -22.86 5.21
CA VAL H 241 4.96 -22.32 4.27
C VAL H 241 5.48 -23.49 3.43
N VAL H 242 5.30 -23.40 2.11
CA VAL H 242 5.66 -24.50 1.22
C VAL H 242 6.70 -24.01 0.22
N ALA H 243 7.45 -24.98 -0.32
CA ALA H 243 8.46 -24.72 -1.34
C ALA H 243 8.82 -26.03 -2.02
N CYS H 244 9.42 -25.92 -3.20
CA CYS H 244 9.90 -27.09 -3.92
C CYS H 244 11.32 -27.42 -3.48
N VAL H 245 11.65 -28.71 -3.48
CA VAL H 245 12.91 -29.21 -2.96
C VAL H 245 13.59 -30.01 -4.06
N GLY H 246 14.70 -29.48 -4.57
CA GLY H 246 15.65 -30.21 -5.40
C GLY H 246 16.87 -30.57 -4.59
N GLY H 247 17.86 -29.68 -4.57
CA GLY H 247 18.93 -29.80 -3.58
C GLY H 247 18.54 -29.22 -2.24
N GLY H 248 17.66 -28.21 -2.24
CA GLY H 248 17.07 -27.71 -1.01
C GLY H 248 17.37 -26.27 -0.64
N SER H 249 17.98 -25.50 -1.55
CA SER H 249 18.45 -24.17 -1.17
C SER H 249 17.29 -23.19 -0.98
N ASN H 250 16.37 -23.13 -1.94
CA ASN H 250 15.28 -22.16 -1.81
C ASN H 250 14.28 -22.59 -0.74
N ALA H 251 14.12 -23.89 -0.51
CA ALA H 251 13.22 -24.35 0.55
C ALA H 251 13.78 -24.01 1.92
N ILE H 252 15.04 -24.37 2.18
CA ILE H 252 15.63 -24.09 3.48
C ILE H 252 15.74 -22.60 3.72
N GLY H 253 15.85 -21.80 2.65
CA GLY H 253 15.95 -20.37 2.82
C GLY H 253 14.67 -19.75 3.35
N ILE H 254 13.53 -20.22 2.87
CA ILE H 254 12.25 -19.70 3.34
C ILE H 254 11.76 -20.42 4.60
N PHE H 255 12.23 -21.64 4.84
CA PHE H 255 11.77 -22.40 6.01
C PHE H 255 12.39 -21.88 7.30
N HIS H 256 13.61 -21.32 7.23
CA HIS H 256 14.43 -21.19 8.43
C HIS H 256 13.84 -20.18 9.41
N ALA H 257 13.32 -19.06 8.92
CA ALA H 257 12.78 -18.05 9.81
C ALA H 257 11.54 -18.53 10.56
N PHE H 258 10.87 -19.57 10.05
CA PHE H 258 9.65 -20.09 10.66
C PHE H 258 9.87 -21.32 11.52
N LEU H 259 11.12 -21.76 11.68
CA LEU H 259 11.37 -23.05 12.31
C LEU H 259 10.88 -23.11 13.75
N ASP H 260 10.92 -21.99 14.47
CA ASP H 260 10.53 -21.95 15.87
C ASP H 260 9.14 -21.38 16.08
N ASP H 261 8.28 -21.40 15.05
CA ASP H 261 6.91 -20.96 15.18
C ASP H 261 6.01 -22.18 15.29
N PRO H 262 5.34 -22.39 16.42
CA PRO H 262 4.65 -23.68 16.65
C PRO H 262 3.51 -23.97 15.68
N GLY H 263 2.81 -22.96 15.20
CA GLY H 263 1.65 -23.19 14.36
C GLY H 263 1.91 -23.24 12.88
N VAL H 264 3.14 -23.03 12.43
CA VAL H 264 3.45 -22.89 11.01
C VAL H 264 3.87 -24.24 10.46
N ARG H 265 3.06 -24.81 9.57
CA ARG H 265 3.43 -26.03 8.88
C ARG H 265 4.47 -25.74 7.81
N LEU H 266 5.43 -26.65 7.67
CA LEU H 266 6.48 -26.53 6.66
C LEU H 266 6.44 -27.77 5.78
N VAL H 267 6.14 -27.59 4.50
CA VAL H 267 6.00 -28.70 3.55
C VAL H 267 6.88 -28.41 2.34
N GLY H 268 7.82 -29.31 2.07
CA GLY H 268 8.61 -29.26 0.85
C GLY H 268 8.10 -30.28 -0.15
N PHE H 269 7.96 -29.84 -1.39
CA PHE H 269 7.43 -30.68 -2.47
C PHE H 269 8.56 -31.03 -3.44
N GLU H 270 8.75 -32.32 -3.67
CA GLU H 270 9.81 -32.81 -4.55
C GLU H 270 9.22 -33.38 -5.83
N ALA H 271 10.07 -33.50 -6.85
CA ALA H 271 9.64 -33.90 -8.18
C ALA H 271 9.38 -35.40 -8.22
N ALA H 272 8.16 -35.79 -8.58
CA ALA H 272 7.78 -37.18 -8.70
C ALA H 272 7.79 -37.68 -10.14
N GLY H 273 8.11 -36.82 -11.10
CA GLY H 273 8.21 -37.25 -12.49
C GLY H 273 6.92 -37.86 -13.00
N ASP H 274 7.03 -39.02 -13.64
CA ASP H 274 5.87 -39.75 -14.11
C ASP H 274 5.10 -40.42 -12.98
N GLY H 275 5.64 -40.43 -11.77
CA GLY H 275 5.03 -41.09 -10.63
C GLY H 275 6.09 -41.84 -9.87
N VAL H 276 5.91 -41.93 -8.55
CA VAL H 276 6.88 -42.62 -7.72
C VAL H 276 6.89 -44.11 -8.01
N GLU H 277 5.77 -44.66 -8.48
CA GLU H 277 5.65 -46.08 -8.77
C GLU H 277 6.24 -46.48 -10.12
N THR H 278 6.91 -45.55 -10.82
CA THR H 278 7.39 -45.81 -12.16
C THR H 278 8.90 -45.80 -12.31
N GLY H 279 9.65 -45.46 -11.26
CA GLY H 279 11.09 -45.41 -11.37
C GLY H 279 11.63 -44.26 -12.22
N ARG H 280 10.77 -43.41 -12.74
CA ARG H 280 11.16 -42.22 -13.50
C ARG H 280 10.73 -41.00 -12.69
N HIS H 281 11.48 -40.72 -11.63
CA HIS H 281 11.14 -39.64 -10.71
C HIS H 281 12.42 -39.02 -10.17
N ALA H 282 12.26 -38.07 -9.25
CA ALA H 282 13.37 -37.44 -8.54
C ALA H 282 13.01 -37.22 -7.07
N ALA H 283 12.10 -38.05 -6.54
CA ALA H 283 11.59 -37.90 -5.18
C ALA H 283 12.58 -38.53 -4.21
N THR H 284 13.51 -37.71 -3.73
CA THR H 284 14.61 -38.23 -2.92
C THR H 284 14.13 -38.70 -1.54
N PHE H 285 13.21 -37.96 -0.92
CA PHE H 285 12.72 -38.38 0.39
C PHE H 285 11.64 -39.45 0.28
N THR H 286 10.82 -39.41 -0.77
CA THR H 286 9.73 -40.36 -0.91
C THR H 286 10.22 -41.76 -1.22
N ALA H 287 11.29 -41.87 -2.02
CA ALA H 287 11.76 -43.17 -2.50
C ALA H 287 13.26 -43.42 -2.29
N GLY H 288 14.00 -42.48 -1.70
CA GLY H 288 15.42 -42.65 -1.49
C GLY H 288 15.74 -43.21 -0.13
N SER H 289 17.03 -43.23 0.20
CA SER H 289 17.53 -43.81 1.43
C SER H 289 18.78 -43.05 1.85
N PRO H 290 19.16 -43.14 3.13
CA PRO H 290 20.39 -42.47 3.57
C PRO H 290 21.63 -43.03 2.91
N GLY H 291 22.61 -42.16 2.71
CA GLY H 291 23.87 -42.57 2.11
C GLY H 291 24.79 -41.37 1.95
N ALA H 292 26.05 -41.67 1.63
CA ALA H 292 27.07 -40.66 1.43
C ALA H 292 27.18 -40.33 -0.05
N PHE H 293 26.97 -39.05 -0.39
CA PHE H 293 26.98 -38.64 -1.78
C PHE H 293 27.33 -37.16 -1.86
N HIS H 294 28.26 -36.82 -2.74
CA HIS H 294 28.67 -35.43 -2.99
C HIS H 294 29.11 -34.73 -1.69
N GLY H 295 29.82 -35.46 -0.85
CA GLY H 295 30.46 -34.88 0.31
C GLY H 295 29.62 -34.76 1.56
N SER H 296 28.42 -35.33 1.58
CA SER H 296 27.56 -35.24 2.77
C SER H 296 26.82 -36.55 2.96
N PHE H 297 26.43 -36.81 4.20
CA PHE H 297 25.53 -37.92 4.51
C PHE H 297 24.11 -37.38 4.55
N SER H 298 23.28 -37.84 3.62
CA SER H 298 21.91 -37.37 3.49
C SER H 298 21.11 -38.47 2.77
N TYR H 299 20.01 -38.07 2.13
CA TYR H 299 19.20 -38.98 1.34
C TYR H 299 19.62 -38.87 -0.12
N LEU H 300 19.58 -40.01 -0.83
CA LEU H 300 19.80 -40.01 -2.27
C LEU H 300 19.11 -41.22 -2.88
N LEU H 301 18.92 -41.16 -4.19
CA LEU H 301 18.35 -42.26 -4.96
C LEU H 301 19.47 -43.23 -5.30
N GLN H 302 19.44 -44.42 -4.72
CA GLN H 302 20.50 -45.41 -4.90
C GLN H 302 19.89 -46.80 -4.98
N ASP H 303 20.65 -47.73 -5.57
CA ASP H 303 20.21 -49.11 -5.68
C ASP H 303 20.63 -49.89 -4.44
N GLU H 304 20.52 -51.22 -4.48
CA GLU H 304 20.77 -52.03 -3.30
C GLU H 304 22.24 -52.02 -2.88
N ASP H 305 23.16 -51.71 -3.80
CA ASP H 305 24.58 -51.67 -3.48
C ASP H 305 25.08 -50.29 -3.11
N GLY H 306 24.26 -49.27 -3.25
CA GLY H 306 24.68 -47.91 -3.02
C GLY H 306 25.12 -47.14 -4.25
N GLN H 307 24.78 -47.62 -5.44
CA GLN H 307 25.10 -46.90 -6.68
C GLN H 307 24.02 -45.86 -6.97
N THR H 308 24.45 -44.67 -7.39
CA THR H 308 23.52 -43.60 -7.70
C THR H 308 22.68 -43.98 -8.92
N ILE H 309 21.36 -43.95 -8.78
CA ILE H 309 20.47 -44.23 -9.90
C ILE H 309 20.08 -42.91 -10.55
N GLU H 310 19.66 -42.99 -11.81
CA GLU H 310 19.33 -41.79 -12.56
C GLU H 310 17.97 -41.25 -12.11
N SER H 311 17.87 -39.93 -12.04
CA SER H 311 16.62 -39.25 -11.72
C SER H 311 16.00 -38.65 -12.97
N HIS H 312 14.67 -38.59 -12.99
CA HIS H 312 13.93 -38.06 -14.13
C HIS H 312 12.87 -37.08 -13.63
N SER H 313 12.79 -35.92 -14.29
CA SER H 313 11.76 -34.94 -14.00
C SER H 313 11.63 -34.00 -15.17
N ILE H 314 10.42 -33.46 -15.36
CA ILE H 314 10.24 -32.44 -16.38
C ILE H 314 10.88 -31.13 -15.95
N SER H 315 11.17 -30.98 -14.66
CA SER H 315 11.98 -29.87 -14.17
C SER H 315 13.46 -30.20 -14.29
N ALA H 316 14.26 -29.17 -14.55
CA ALA H 316 15.70 -29.33 -14.55
C ALA H 316 16.30 -29.11 -13.16
N GLY H 317 15.74 -28.16 -12.40
CA GLY H 317 16.28 -27.84 -11.09
C GLY H 317 15.98 -28.87 -10.03
N LEU H 318 14.91 -29.64 -10.19
CA LEU H 318 14.58 -30.74 -9.30
C LEU H 318 15.11 -32.07 -9.80
N ASP H 319 15.71 -32.10 -10.98
CA ASP H 319 16.29 -33.31 -11.57
C ASP H 319 17.67 -33.53 -10.93
N TYR H 320 17.65 -34.05 -9.70
CA TYR H 320 18.87 -34.27 -8.94
C TYR H 320 18.64 -35.43 -7.97
N PRO H 321 19.54 -36.42 -7.93
CA PRO H 321 19.28 -37.61 -7.12
C PRO H 321 19.45 -37.39 -5.62
N GLY H 322 20.10 -36.29 -5.20
CA GLY H 322 20.37 -36.05 -3.80
C GLY H 322 19.52 -34.96 -3.19
N VAL H 323 19.87 -34.60 -1.96
CA VAL H 323 19.17 -33.57 -1.21
C VAL H 323 20.07 -33.13 -0.06
N GLY H 324 19.89 -31.89 0.39
CA GLY H 324 20.70 -31.32 1.44
C GLY H 324 20.53 -32.02 2.77
N PRO H 325 21.61 -32.06 3.56
CA PRO H 325 21.55 -32.80 4.83
C PRO H 325 20.70 -32.14 5.90
N GLU H 326 20.56 -30.81 5.90
CA GLU H 326 19.73 -30.17 6.90
C GLU H 326 18.26 -30.51 6.69
N HIS H 327 17.84 -30.75 5.44
CA HIS H 327 16.49 -31.23 5.20
C HIS H 327 16.29 -32.64 5.72
N ALA H 328 17.31 -33.50 5.58
CA ALA H 328 17.24 -34.84 6.13
C ALA H 328 17.14 -34.79 7.65
N TRP H 329 17.77 -33.81 8.29
CA TRP H 329 17.64 -33.64 9.73
C TRP H 329 16.23 -33.17 10.10
N LEU H 330 15.71 -32.18 9.37
CA LEU H 330 14.37 -31.68 9.65
C LEU H 330 13.30 -32.73 9.37
N LYS H 331 13.55 -33.62 8.42
CA LYS H 331 12.61 -34.71 8.19
C LYS H 331 12.59 -35.69 9.36
N GLU H 332 13.77 -36.05 9.87
CA GLU H 332 13.84 -36.93 11.03
C GLU H 332 13.22 -36.30 12.26
N ALA H 333 13.47 -35.00 12.47
CA ALA H 333 12.93 -34.30 13.62
C ALA H 333 11.43 -34.05 13.52
N GLY H 334 10.81 -34.34 12.37
CA GLY H 334 9.38 -34.14 12.23
C GLY H 334 8.96 -32.71 12.08
N ARG H 335 9.89 -31.81 11.77
CA ARG H 335 9.56 -30.40 11.63
C ARG H 335 9.03 -30.07 10.24
N VAL H 336 9.56 -30.71 9.21
CA VAL H 336 9.15 -30.47 7.84
C VAL H 336 8.69 -31.79 7.23
N ASP H 337 7.57 -31.73 6.51
CA ASP H 337 7.08 -32.87 5.75
C ASP H 337 7.43 -32.70 4.27
N TYR H 338 7.73 -33.81 3.61
CA TYR H 338 8.16 -33.80 2.22
C TYR H 338 7.25 -34.70 1.41
N ARG H 339 6.49 -34.12 0.48
CA ARG H 339 5.49 -34.80 -0.31
C ARG H 339 5.82 -34.72 -1.80
N PRO H 340 5.44 -35.72 -2.58
CA PRO H 340 5.75 -35.72 -4.01
C PRO H 340 4.68 -35.04 -4.86
N ILE H 341 5.15 -34.41 -5.93
CA ILE H 341 4.30 -33.77 -6.92
C ILE H 341 4.74 -34.26 -8.30
N THR H 342 3.79 -34.74 -9.09
CA THR H 342 4.10 -35.33 -10.38
C THR H 342 4.25 -34.26 -11.46
N ASP H 343 4.77 -34.68 -12.61
CA ASP H 343 4.88 -33.78 -13.76
C ASP H 343 3.53 -33.16 -14.11
N SER H 344 2.50 -34.00 -14.23
CA SER H 344 1.18 -33.51 -14.61
C SER H 344 0.65 -32.50 -13.62
N GLU H 345 0.78 -32.78 -12.32
CA GLU H 345 0.31 -31.85 -11.30
C GLU H 345 1.01 -30.50 -11.41
N ALA H 346 2.31 -30.51 -11.69
CA ALA H 346 3.07 -29.27 -11.77
C ALA H 346 2.67 -28.46 -13.00
N MET H 347 2.41 -29.13 -14.12
CA MET H 347 2.06 -28.42 -15.35
C MET H 347 0.65 -27.85 -15.26
N ASP H 348 -0.27 -28.53 -14.58
CA ASP H 348 -1.59 -27.95 -14.35
C ASP H 348 -1.48 -26.67 -13.52
N ALA H 349 -0.62 -26.68 -12.51
CA ALA H 349 -0.38 -25.46 -11.73
C ALA H 349 0.33 -24.41 -12.57
N PHE H 350 1.23 -24.83 -13.45
CA PHE H 350 1.92 -23.90 -14.34
C PHE H 350 0.92 -23.10 -15.16
N GLY H 351 0.06 -23.79 -15.93
CA GLY H 351 -0.90 -23.09 -16.76
C GLY H 351 -1.93 -22.33 -15.94
N LEU H 352 -2.34 -22.89 -14.81
CA LEU H 352 -3.31 -22.19 -13.96
C LEU H 352 -2.74 -20.87 -13.46
N LEU H 353 -1.48 -20.86 -13.06
CA LEU H 353 -0.86 -19.62 -12.61
C LEU H 353 -0.74 -18.62 -13.75
N CYS H 354 -0.59 -19.10 -14.98
CA CYS H 354 -0.51 -18.21 -16.14
C CYS H 354 -1.87 -17.57 -16.42
N ARG H 355 -2.93 -18.37 -16.41
CA ARG H 355 -4.25 -17.87 -16.76
C ARG H 355 -4.89 -17.07 -15.64
N MET H 356 -4.54 -17.34 -14.38
CA MET H 356 -5.21 -16.70 -13.26
C MET H 356 -4.49 -15.45 -12.77
N GLU H 357 -3.16 -15.48 -12.70
CA GLU H 357 -2.41 -14.37 -12.14
C GLU H 357 -1.46 -13.70 -13.12
N GLY H 358 -1.31 -14.23 -14.33
CA GLY H 358 -0.38 -13.64 -15.28
C GLY H 358 1.08 -13.83 -14.92
N ILE H 359 1.38 -14.77 -14.04
CA ILE H 359 2.76 -15.07 -13.65
C ILE H 359 3.17 -16.37 -14.29
N ILE H 360 4.27 -16.35 -15.04
CA ILE H 360 4.78 -17.57 -15.66
C ILE H 360 5.87 -18.14 -14.75
N PRO H 361 5.57 -19.22 -14.03
CA PRO H 361 6.52 -19.74 -13.04
C PRO H 361 7.49 -20.73 -13.65
N ALA H 362 8.68 -20.81 -13.03
CA ALA H 362 9.57 -21.90 -13.35
C ALA H 362 8.90 -23.23 -13.05
N ILE H 363 9.14 -24.22 -13.91
CA ILE H 363 8.49 -25.52 -13.72
C ILE H 363 8.86 -26.12 -12.37
N GLU H 364 10.04 -25.79 -11.86
CA GLU H 364 10.39 -26.15 -10.48
C GLU H 364 9.40 -25.52 -9.51
N SER H 365 9.19 -24.21 -9.62
CA SER H 365 8.30 -23.52 -8.69
C SER H 365 6.86 -24.01 -8.82
N ALA H 366 6.45 -24.43 -10.02
CA ALA H 366 5.09 -24.91 -10.21
C ALA H 366 4.80 -26.17 -9.41
N HIS H 367 5.84 -26.92 -9.02
CA HIS H 367 5.64 -28.04 -8.10
C HIS H 367 5.18 -27.54 -6.74
N ALA H 368 5.73 -26.41 -6.28
CA ALA H 368 5.30 -25.84 -5.01
C ALA H 368 3.88 -25.31 -5.11
N VAL H 369 3.54 -24.65 -6.22
CA VAL H 369 2.20 -24.12 -6.39
C VAL H 369 1.18 -25.26 -6.42
N ALA H 370 1.50 -26.33 -7.16
CA ALA H 370 0.60 -27.48 -7.23
C ALA H 370 0.38 -28.08 -5.85
N GLY H 371 1.44 -28.22 -5.06
CA GLY H 371 1.28 -28.71 -3.70
C GLY H 371 0.50 -27.76 -2.82
N ALA H 372 0.63 -26.46 -3.05
CA ALA H 372 -0.14 -25.49 -2.27
C ALA H 372 -1.62 -25.62 -2.55
N LEU H 373 -1.99 -25.88 -3.80
CA LEU H 373 -3.38 -26.08 -4.14
C LEU H 373 -3.96 -27.31 -3.42
N LYS H 374 -3.21 -28.40 -3.41
CA LYS H 374 -3.64 -29.59 -2.67
C LYS H 374 -3.71 -29.32 -1.18
N LEU H 375 -2.77 -28.53 -0.65
CA LEU H 375 -2.75 -28.24 0.78
C LEU H 375 -3.86 -27.27 1.16
N GLY H 376 -4.19 -26.32 0.28
CA GLY H 376 -5.29 -25.41 0.57
C GLY H 376 -6.62 -26.11 0.67
N VAL H 377 -6.82 -27.16 -0.14
CA VAL H 377 -8.03 -27.97 -0.03
C VAL H 377 -8.08 -28.68 1.31
N GLU H 378 -6.92 -29.10 1.82
CA GLU H 378 -6.86 -29.77 3.11
C GLU H 378 -7.19 -28.82 4.25
N LEU H 379 -6.61 -27.62 4.23
CA LEU H 379 -6.73 -26.71 5.36
C LEU H 379 -8.02 -25.90 5.35
N GLY H 380 -8.68 -25.77 4.20
CA GLY H 380 -9.98 -25.13 4.14
C GLY H 380 -9.91 -23.63 3.88
N ARG H 381 -11.10 -23.04 3.88
CA ARG H 381 -11.24 -21.61 3.57
C ARG H 381 -10.54 -20.76 4.62
N GLY H 382 -9.88 -19.70 4.16
CA GLY H 382 -9.24 -18.74 5.04
C GLY H 382 -7.83 -19.09 5.46
N ALA H 383 -7.37 -20.30 5.17
CA ALA H 383 -6.01 -20.70 5.56
C ALA H 383 -4.98 -19.90 4.78
N VAL H 384 -3.93 -19.48 5.47
CA VAL H 384 -2.86 -18.66 4.88
C VAL H 384 -1.68 -19.57 4.57
N ILE H 385 -1.33 -19.64 3.28
CA ILE H 385 -0.22 -20.47 2.80
C ILE H 385 0.74 -19.56 2.05
N VAL H 386 1.99 -19.53 2.50
CA VAL H 386 3.04 -18.83 1.77
C VAL H 386 3.77 -19.84 0.90
N VAL H 387 3.90 -19.51 -0.39
CA VAL H 387 4.55 -20.37 -1.38
C VAL H 387 5.78 -19.65 -1.89
N ASN H 388 6.92 -20.36 -1.88
CA ASN H 388 8.15 -19.79 -2.41
C ASN H 388 8.15 -19.96 -3.92
N LEU H 389 7.91 -18.87 -4.64
CA LEU H 389 7.98 -18.88 -6.11
C LEU H 389 9.44 -18.67 -6.47
N SER H 390 10.18 -19.77 -6.58
CA SER H 390 11.64 -19.71 -6.63
C SER H 390 12.14 -19.02 -7.90
N GLY H 391 11.47 -19.23 -9.03
CA GLY H 391 11.95 -18.66 -10.28
C GLY H 391 10.84 -18.41 -11.27
N ARG H 392 11.17 -17.66 -12.31
CA ARG H 392 10.26 -17.37 -13.40
C ARG H 392 10.43 -18.40 -14.52
N GLY H 393 9.36 -18.60 -15.28
CA GLY H 393 9.33 -19.66 -16.26
C GLY H 393 9.59 -19.26 -17.69
N ASP H 394 10.34 -18.18 -17.89
CA ASP H 394 10.75 -17.81 -19.25
C ASP H 394 11.59 -18.91 -19.88
N LYS H 395 12.49 -19.52 -19.09
CA LYS H 395 13.31 -20.62 -19.59
C LYS H 395 12.47 -21.84 -19.97
N ASP H 396 11.23 -21.92 -19.50
CA ASP H 396 10.40 -23.12 -19.66
C ASP H 396 9.23 -22.90 -20.60
N VAL H 397 9.18 -21.77 -21.31
CA VAL H 397 8.04 -21.49 -22.18
C VAL H 397 7.94 -22.52 -23.30
N GLU H 398 9.07 -22.92 -23.87
CA GLU H 398 9.04 -23.89 -24.96
C GLU H 398 8.62 -25.27 -24.46
N THR H 399 9.10 -25.67 -23.28
CA THR H 399 8.68 -26.95 -22.71
C THR H 399 7.18 -26.95 -22.42
N ALA H 400 6.67 -25.84 -21.86
CA ALA H 400 5.25 -25.77 -21.53
C ALA H 400 4.39 -25.66 -22.78
N ALA H 401 4.90 -25.02 -23.84
CA ALA H 401 4.13 -24.90 -25.07
C ALA H 401 3.92 -26.26 -25.71
N LYS H 402 4.97 -27.09 -25.76
CA LYS H 402 4.82 -28.46 -26.26
C LYS H 402 3.81 -29.23 -25.42
N TRP H 403 3.84 -29.04 -24.10
CA TRP H 403 2.96 -29.78 -23.20
C TRP H 403 1.49 -29.53 -23.53
N PHE H 404 1.12 -28.27 -23.67
CA PHE H 404 -0.26 -27.89 -23.95
C PHE H 404 -0.57 -27.84 -25.44
N GLY H 405 0.37 -28.25 -26.29
CA GLY H 405 0.11 -28.29 -27.72
C GLY H 405 -0.13 -26.94 -28.35
N LEU H 406 0.58 -25.91 -27.89
CA LEU H 406 0.48 -24.57 -28.45
C LEU H 406 1.55 -24.29 -29.49
N LEU H 407 2.14 -25.33 -30.07
CA LEU H 407 3.30 -25.21 -30.95
C LEU H 407 3.04 -26.03 -32.21
N GLY H 408 3.16 -25.38 -33.37
CA GLY H 408 2.98 -26.06 -34.64
C GLY H 408 2.28 -25.22 -35.69
#